data_2LUD
#
_entry.id   2LUD
#
_entity_poly.entity_id   1
_entity_poly.type   'polypeptide(L)'
_entity_poly.pdbx_seq_one_letter_code
;VKTLDVLRGELRGQREAFLSEIIKSDGPFTILQLVGYLRVVDTDLLLKVDSTKVDEAGKKVKAYLEKIGIRGDSVEAALD
NLMIKVYEITKGTVESSAQGTDSEELKTLLLKFSEDLKAEQELHSEAKGGEALLSSMKTQHDELLKKFAALTPTFLTSED
ISGYLTVPEYGAPMNAAKWAKVEGMIHGKLESSEVPANLKALVAELIELRAQMMALLYGPIGHH
;
_entity_poly.pdbx_strand_id   A
#
# COMPACT_ATOMS: atom_id res chain seq x y z
N VAL A 1 24.41 -11.06 9.58
CA VAL A 1 23.40 -10.53 10.48
C VAL A 1 22.21 -10.06 9.64
N LYS A 2 21.00 -10.40 10.10
CA LYS A 2 19.74 -10.10 9.42
C LYS A 2 19.62 -10.73 8.05
N THR A 3 18.99 -11.85 8.01
CA THR A 3 18.70 -12.53 6.78
C THR A 3 17.23 -12.25 6.44
N LEU A 4 16.70 -12.89 5.40
CA LEU A 4 15.34 -12.65 4.92
C LEU A 4 14.32 -12.84 6.06
N ASP A 5 14.50 -13.90 6.84
CA ASP A 5 13.60 -14.20 8.00
C ASP A 5 13.60 -13.07 8.99
N VAL A 6 14.75 -12.52 9.21
CA VAL A 6 14.90 -11.46 10.16
C VAL A 6 14.29 -10.20 9.61
N LEU A 7 14.48 -9.99 8.33
CA LEU A 7 13.86 -8.88 7.63
C LEU A 7 12.33 -9.01 7.70
N ARG A 8 11.83 -10.25 7.54
CA ARG A 8 10.41 -10.56 7.73
C ARG A 8 9.99 -10.15 9.12
N GLY A 9 10.82 -10.48 10.09
CA GLY A 9 10.56 -10.15 11.48
C GLY A 9 10.52 -8.65 11.67
N GLU A 10 11.49 -7.98 11.06
CA GLU A 10 11.58 -6.52 11.12
C GLU A 10 10.39 -5.88 10.47
N LEU A 11 9.97 -6.43 9.34
CA LEU A 11 8.81 -5.95 8.62
C LEU A 11 7.61 -6.02 9.47
N ARG A 12 7.44 -7.13 10.13
CA ARG A 12 6.32 -7.30 11.01
C ARG A 12 6.41 -6.31 12.16
N GLY A 13 7.57 -6.24 12.78
CA GLY A 13 7.81 -5.31 13.88
C GLY A 13 7.53 -3.88 13.48
N GLN A 14 8.02 -3.49 12.32
CA GLN A 14 7.82 -2.17 11.75
C GLN A 14 6.34 -1.89 11.55
N ARG A 15 5.62 -2.82 10.95
CA ARG A 15 4.21 -2.59 10.67
C ARG A 15 3.38 -2.64 11.92
N GLU A 16 3.76 -3.49 12.87
CA GLU A 16 3.09 -3.53 14.15
C GLU A 16 3.31 -2.23 14.89
N ALA A 17 4.52 -1.70 14.79
CA ALA A 17 4.84 -0.43 15.40
C ALA A 17 4.04 0.66 14.73
N PHE A 18 3.90 0.54 13.41
CA PHE A 18 3.13 1.49 12.64
C PHE A 18 1.68 1.43 13.06
N LEU A 19 1.16 0.23 13.11
CA LEU A 19 -0.18 -0.08 13.56
C LEU A 19 -0.41 0.46 14.99
N SER A 20 0.61 0.32 15.83
CA SER A 20 0.57 0.84 17.19
C SER A 20 0.52 2.38 17.18
N GLU A 21 1.18 2.98 16.21
CA GLU A 21 1.14 4.41 16.02
C GLU A 21 -0.25 4.80 15.64
N ILE A 22 -0.85 4.00 14.79
CA ILE A 22 -2.15 4.27 14.26
C ILE A 22 -3.22 4.18 15.37
N ILE A 23 -3.25 3.06 16.10
CA ILE A 23 -4.21 2.88 17.19
C ILE A 23 -3.97 3.91 18.32
N LYS A 24 -2.72 4.34 18.50
CA LYS A 24 -2.40 5.37 19.48
C LYS A 24 -2.81 6.76 18.99
N SER A 25 -2.80 6.96 17.69
CA SER A 25 -3.17 8.23 17.13
C SER A 25 -4.68 8.43 17.18
N ASP A 26 -5.07 9.62 17.47
CA ASP A 26 -6.46 10.00 17.48
C ASP A 26 -6.62 11.23 16.59
N GLY A 27 -5.49 11.72 16.12
CA GLY A 27 -5.44 12.93 15.37
C GLY A 27 -4.91 12.71 13.96
N PRO A 28 -4.24 13.73 13.39
CA PRO A 28 -3.77 13.72 11.99
C PRO A 28 -2.77 12.63 11.61
N PHE A 29 -2.74 12.36 10.32
CA PHE A 29 -1.85 11.41 9.70
C PHE A 29 -1.29 12.06 8.47
N THR A 30 -0.08 11.75 8.14
CA THR A 30 0.54 12.30 6.95
C THR A 30 0.23 11.37 5.76
N ILE A 31 0.29 11.88 4.52
CA ILE A 31 0.03 11.05 3.32
C ILE A 31 0.95 9.82 3.28
N LEU A 32 2.23 10.01 3.60
CA LEU A 32 3.20 8.92 3.65
C LEU A 32 2.76 7.89 4.69
N GLN A 33 2.17 8.39 5.74
CA GLN A 33 1.72 7.58 6.84
C GLN A 33 0.40 6.87 6.50
N LEU A 34 -0.43 7.55 5.74
CA LEU A 34 -1.70 7.00 5.29
C LEU A 34 -1.41 5.86 4.33
N VAL A 35 -0.55 6.13 3.35
CA VAL A 35 -0.18 5.12 2.39
C VAL A 35 0.65 4.03 3.09
N GLY A 36 1.35 4.44 4.13
CA GLY A 36 2.09 3.50 4.94
C GLY A 36 1.16 2.50 5.58
N TYR A 37 0.03 2.98 6.12
CA TYR A 37 -0.97 2.12 6.72
C TYR A 37 -1.61 1.28 5.66
N LEU A 38 -1.74 1.85 4.48
CA LEU A 38 -2.25 1.14 3.34
C LEU A 38 -1.31 -0.02 3.01
N ARG A 39 -0.01 0.17 3.22
CA ARG A 39 0.91 -0.91 2.97
C ARG A 39 0.91 -1.88 4.17
N VAL A 40 0.60 -1.36 5.40
CA VAL A 40 0.41 -2.22 6.56
C VAL A 40 -0.65 -3.24 6.22
N VAL A 41 -1.84 -2.75 5.84
CA VAL A 41 -2.94 -3.64 5.50
C VAL A 41 -2.65 -4.48 4.24
N ASP A 42 -1.89 -3.89 3.30
CA ASP A 42 -1.40 -4.57 2.08
C ASP A 42 -0.78 -5.90 2.42
N THR A 43 0.22 -5.88 3.26
CA THR A 43 0.87 -7.11 3.59
C THR A 43 0.31 -7.80 4.86
N ASP A 44 -0.37 -7.08 5.73
CA ASP A 44 -0.92 -7.72 6.91
C ASP A 44 -2.22 -8.48 6.63
N LEU A 45 -2.79 -8.23 5.43
CA LEU A 45 -3.90 -9.03 4.91
C LEU A 45 -3.44 -10.46 4.72
N LEU A 46 -2.43 -10.65 3.88
CA LEU A 46 -1.93 -11.98 3.62
C LEU A 46 -1.15 -12.57 4.79
N LEU A 47 -0.60 -11.71 5.65
CA LEU A 47 -0.02 -12.20 6.91
C LEU A 47 -1.12 -12.63 7.89
N LYS A 48 -2.38 -12.34 7.53
CA LYS A 48 -3.57 -12.80 8.26
C LYS A 48 -3.56 -12.32 9.70
N VAL A 49 -3.30 -11.03 9.87
CA VAL A 49 -3.17 -10.42 11.18
C VAL A 49 -4.56 -10.10 11.81
N ASP A 50 -4.54 -9.79 13.11
CA ASP A 50 -5.72 -9.42 13.92
C ASP A 50 -6.56 -8.39 13.22
N SER A 51 -7.68 -8.86 12.80
CA SER A 51 -8.60 -8.10 12.01
C SER A 51 -9.27 -7.01 12.85
N THR A 52 -9.39 -7.27 14.12
CA THR A 52 -10.01 -6.33 15.00
C THR A 52 -9.04 -5.22 15.38
N LYS A 53 -7.78 -5.57 15.63
CA LYS A 53 -6.78 -4.58 15.96
C LYS A 53 -6.54 -3.66 14.77
N VAL A 54 -6.56 -4.23 13.58
CA VAL A 54 -6.42 -3.42 12.38
C VAL A 54 -7.72 -2.60 12.14
N ASP A 55 -8.85 -3.16 12.55
CA ASP A 55 -10.16 -2.46 12.46
C ASP A 55 -10.16 -1.26 13.38
N GLU A 56 -9.66 -1.47 14.58
CA GLU A 56 -9.57 -0.44 15.60
C GLU A 56 -8.67 0.70 15.18
N ALA A 57 -7.48 0.37 14.73
CA ALA A 57 -6.56 1.38 14.26
C ALA A 57 -7.16 2.10 13.06
N GLY A 58 -7.79 1.33 12.20
CA GLY A 58 -8.46 1.87 11.06
C GLY A 58 -9.65 2.73 11.45
N LYS A 59 -10.23 2.44 12.59
CA LYS A 59 -11.35 3.18 13.10
C LYS A 59 -10.85 4.54 13.55
N LYS A 60 -9.65 4.57 14.10
CA LYS A 60 -9.01 5.85 14.46
C LYS A 60 -8.70 6.64 13.18
N VAL A 61 -8.33 5.92 12.13
CA VAL A 61 -8.12 6.53 10.81
C VAL A 61 -9.43 7.14 10.30
N LYS A 62 -10.50 6.34 10.35
CA LYS A 62 -11.84 6.78 9.95
C LYS A 62 -12.24 7.98 10.78
N ALA A 63 -11.91 7.94 12.05
CA ALA A 63 -12.18 9.00 13.00
C ALA A 63 -11.55 10.30 12.55
N TYR A 64 -10.27 10.25 12.20
CA TYR A 64 -9.55 11.43 11.70
C TYR A 64 -10.19 11.96 10.42
N LEU A 65 -10.34 11.06 9.50
CA LEU A 65 -10.88 11.35 8.20
C LEU A 65 -12.26 11.97 8.34
N GLU A 66 -13.11 11.37 9.11
CA GLU A 66 -14.46 11.86 9.28
C GLU A 66 -14.45 13.14 10.16
N LYS A 67 -13.38 13.30 10.96
CA LYS A 67 -13.18 14.48 11.79
C LYS A 67 -13.01 15.71 10.89
N ILE A 68 -12.26 15.55 9.80
CA ILE A 68 -12.16 16.66 8.84
C ILE A 68 -13.41 16.66 7.96
N GLY A 69 -14.00 15.50 7.84
CA GLY A 69 -15.28 15.38 7.16
C GLY A 69 -15.20 14.53 5.93
N ILE A 70 -14.39 13.53 5.99
CA ILE A 70 -14.29 12.59 4.94
C ILE A 70 -14.96 11.31 5.37
N ARG A 71 -16.02 11.01 4.68
CA ARG A 71 -16.81 9.85 4.99
C ARG A 71 -16.28 8.61 4.28
N GLY A 72 -16.16 7.54 5.02
CA GLY A 72 -15.68 6.31 4.49
C GLY A 72 -16.22 5.16 5.31
N ASP A 73 -16.76 4.15 4.65
CA ASP A 73 -17.41 3.00 5.31
C ASP A 73 -16.48 2.30 6.27
N SER A 74 -15.33 1.97 5.79
CA SER A 74 -14.31 1.30 6.55
C SER A 74 -13.02 1.62 5.84
N VAL A 75 -11.90 1.15 6.36
CA VAL A 75 -10.59 1.53 5.82
C VAL A 75 -10.38 1.21 4.36
N GLU A 76 -10.85 0.08 3.90
CA GLU A 76 -10.69 -0.28 2.50
C GLU A 76 -11.35 0.77 1.62
N ALA A 77 -12.57 1.14 1.98
CA ALA A 77 -13.36 2.08 1.19
C ALA A 77 -12.86 3.49 1.41
N ALA A 78 -12.42 3.76 2.62
CA ALA A 78 -11.92 5.08 2.99
C ALA A 78 -10.61 5.37 2.27
N LEU A 79 -9.72 4.40 2.29
CA LEU A 79 -8.43 4.54 1.65
C LEU A 79 -8.57 4.58 0.16
N ASP A 80 -9.46 3.75 -0.34
CA ASP A 80 -9.85 3.77 -1.78
C ASP A 80 -10.30 5.17 -2.18
N ASN A 81 -11.12 5.73 -1.32
CA ASN A 81 -11.68 7.08 -1.47
C ASN A 81 -10.55 8.09 -1.51
N LEU A 82 -9.68 8.01 -0.50
CA LEU A 82 -8.52 8.89 -0.36
C LEU A 82 -7.60 8.81 -1.54
N MET A 83 -7.37 7.60 -1.99
CA MET A 83 -6.52 7.38 -3.19
C MET A 83 -7.08 8.16 -4.37
N ILE A 84 -8.38 7.98 -4.61
CA ILE A 84 -9.06 8.71 -5.67
C ILE A 84 -8.92 10.22 -5.41
N LYS A 85 -9.14 10.62 -4.17
CA LYS A 85 -9.05 12.03 -3.77
C LYS A 85 -7.67 12.64 -3.91
N VAL A 86 -6.64 11.90 -3.63
CA VAL A 86 -5.29 12.40 -3.80
C VAL A 86 -5.00 12.60 -5.28
N TYR A 87 -5.22 11.54 -6.06
CA TYR A 87 -4.92 11.61 -7.48
C TYR A 87 -5.84 12.54 -8.23
N GLU A 88 -6.98 12.77 -7.63
CA GLU A 88 -7.93 13.78 -8.09
C GLU A 88 -7.19 15.13 -8.14
N ILE A 89 -6.45 15.41 -7.06
CA ILE A 89 -5.75 16.66 -6.92
C ILE A 89 -4.50 16.64 -7.81
N THR A 90 -3.71 15.60 -7.64
CA THR A 90 -2.47 15.40 -8.32
C THR A 90 -2.61 15.46 -9.86
N LYS A 91 -3.62 14.81 -10.42
CA LYS A 91 -3.76 14.75 -11.86
C LYS A 91 -4.90 15.58 -12.41
N GLY A 92 -5.73 16.14 -11.55
CA GLY A 92 -6.82 16.98 -12.02
C GLY A 92 -7.98 16.17 -12.52
N THR A 93 -8.04 14.93 -12.09
CA THR A 93 -9.08 14.02 -12.46
C THR A 93 -10.36 14.43 -11.70
N VAL A 94 -11.52 14.20 -12.28
CA VAL A 94 -12.75 14.50 -11.57
C VAL A 94 -13.10 13.33 -10.67
N GLU A 95 -13.93 13.57 -9.68
CA GLU A 95 -14.31 12.55 -8.74
C GLU A 95 -15.19 11.51 -9.41
N SER A 96 -14.86 10.25 -9.21
CA SER A 96 -15.70 9.18 -9.66
C SER A 96 -16.92 9.14 -8.71
N SER A 97 -16.69 8.73 -7.47
CA SER A 97 -17.68 8.69 -6.42
C SER A 97 -16.91 8.63 -5.11
N ALA A 98 -17.32 9.40 -4.13
CA ALA A 98 -16.63 9.42 -2.85
C ALA A 98 -17.63 9.46 -1.68
N GLN A 99 -18.92 9.38 -2.02
CA GLN A 99 -20.10 9.34 -1.09
C GLN A 99 -20.28 10.57 -0.17
N GLY A 100 -19.21 11.27 0.13
CA GLY A 100 -19.29 12.46 0.93
C GLY A 100 -18.81 13.64 0.14
N THR A 101 -19.34 14.80 0.44
CA THR A 101 -18.98 16.00 -0.25
C THR A 101 -17.70 16.61 0.31
N ASP A 102 -17.01 17.36 -0.51
CA ASP A 102 -15.76 17.97 -0.13
C ASP A 102 -16.04 19.34 0.41
N SER A 103 -14.98 20.05 0.64
CA SER A 103 -14.98 21.41 0.98
C SER A 103 -13.57 21.86 0.64
N GLU A 104 -13.33 23.13 0.46
CA GLU A 104 -12.06 23.61 -0.05
C GLU A 104 -10.90 23.25 0.87
N GLU A 105 -11.11 23.40 2.15
CA GLU A 105 -10.12 23.06 3.14
C GLU A 105 -9.84 21.56 3.18
N LEU A 106 -10.81 20.75 2.74
CA LEU A 106 -10.60 19.30 2.72
C LEU A 106 -9.71 19.00 1.56
N LYS A 107 -9.94 19.70 0.47
CA LYS A 107 -9.13 19.52 -0.68
C LYS A 107 -7.76 20.14 -0.45
N THR A 108 -7.68 21.10 0.46
CA THR A 108 -6.40 21.67 0.86
C THR A 108 -5.63 20.63 1.71
N LEU A 109 -6.38 19.82 2.42
CA LEU A 109 -5.81 18.72 3.17
C LEU A 109 -5.30 17.67 2.17
N LEU A 110 -6.08 17.43 1.12
CA LEU A 110 -5.72 16.47 0.08
C LEU A 110 -4.56 17.02 -0.71
N LEU A 111 -4.48 18.30 -0.71
CA LEU A 111 -3.45 19.06 -1.34
C LEU A 111 -2.16 18.89 -0.60
N LYS A 112 -2.20 18.94 0.72
CA LYS A 112 -1.02 18.66 1.49
C LYS A 112 -0.59 17.25 1.23
N PHE A 113 -1.53 16.36 1.17
CA PHE A 113 -1.23 14.98 0.93
C PHE A 113 -0.56 14.78 -0.43
N SER A 114 -1.17 15.32 -1.43
CA SER A 114 -0.65 15.19 -2.77
C SER A 114 0.72 15.86 -2.93
N GLU A 115 0.85 17.07 -2.40
CA GLU A 115 2.08 17.82 -2.50
C GLU A 115 3.18 17.30 -1.58
N ASP A 116 2.80 16.77 -0.44
CA ASP A 116 3.77 16.23 0.51
C ASP A 116 4.38 14.99 -0.09
N LEU A 117 3.50 14.17 -0.65
CA LEU A 117 3.89 12.95 -1.32
C LEU A 117 4.77 13.30 -2.52
N LYS A 118 4.40 14.35 -3.24
CA LYS A 118 5.13 14.85 -4.41
C LYS A 118 6.55 15.32 -3.99
N ALA A 119 6.63 15.98 -2.86
CA ALA A 119 7.88 16.50 -2.35
C ALA A 119 8.79 15.39 -1.88
N GLU A 120 8.26 14.50 -1.06
CA GLU A 120 9.03 13.37 -0.56
C GLU A 120 9.44 12.48 -1.75
N GLN A 121 8.57 12.48 -2.76
CA GLN A 121 8.76 11.74 -4.00
C GLN A 121 10.05 12.16 -4.67
N GLU A 122 10.15 13.43 -5.01
CA GLU A 122 11.35 13.91 -5.70
C GLU A 122 12.57 13.93 -4.80
N LEU A 123 12.35 14.18 -3.52
CA LEU A 123 13.41 14.20 -2.54
C LEU A 123 14.12 12.85 -2.51
N HIS A 124 13.32 11.80 -2.37
CA HIS A 124 13.85 10.46 -2.34
C HIS A 124 14.37 10.07 -3.73
N SER A 125 13.70 10.57 -4.79
CA SER A 125 14.13 10.33 -6.17
C SER A 125 15.54 10.86 -6.42
N GLU A 126 15.90 11.91 -5.72
CA GLU A 126 17.24 12.39 -5.79
C GLU A 126 18.15 11.58 -4.86
N ALA A 127 17.85 11.66 -3.57
CA ALA A 127 18.68 11.07 -2.50
C ALA A 127 19.02 9.59 -2.72
N LYS A 128 18.09 8.81 -3.20
CA LYS A 128 18.32 7.40 -3.41
C LYS A 128 18.24 7.00 -4.86
N GLY A 129 18.15 7.97 -5.75
CA GLY A 129 17.99 7.67 -7.17
C GLY A 129 16.67 6.97 -7.46
N GLY A 130 15.65 7.77 -7.70
CA GLY A 130 14.29 7.29 -7.90
C GLY A 130 14.17 6.30 -9.02
N GLU A 131 14.70 6.65 -10.18
CA GLU A 131 14.65 5.77 -11.34
C GLU A 131 15.39 4.46 -11.09
N ALA A 132 16.47 4.54 -10.35
CA ALA A 132 17.27 3.37 -10.02
C ALA A 132 16.50 2.46 -9.10
N LEU A 133 15.94 3.04 -8.05
CA LEU A 133 15.14 2.32 -7.07
C LEU A 133 13.94 1.68 -7.76
N LEU A 134 13.27 2.48 -8.58
CA LEU A 134 12.09 2.03 -9.32
C LEU A 134 12.44 0.89 -10.28
N SER A 135 13.64 0.95 -10.86
CA SER A 135 14.10 -0.12 -11.72
C SER A 135 14.29 -1.41 -10.93
N SER A 136 14.83 -1.29 -9.71
CA SER A 136 15.00 -2.44 -8.84
C SER A 136 13.62 -3.01 -8.48
N MET A 137 12.71 -2.10 -8.14
CA MET A 137 11.32 -2.42 -7.80
C MET A 137 10.68 -3.24 -8.91
N LYS A 138 10.70 -2.66 -10.11
CA LYS A 138 10.10 -3.22 -11.30
C LYS A 138 10.68 -4.59 -11.61
N THR A 139 11.98 -4.69 -11.55
CA THR A 139 12.68 -5.89 -11.93
C THR A 139 12.36 -7.05 -10.98
N GLN A 140 12.47 -6.80 -9.72
CA GLN A 140 12.26 -7.80 -8.73
C GLN A 140 10.79 -8.23 -8.65
N HIS A 141 9.90 -7.27 -8.84
CA HIS A 141 8.49 -7.56 -8.83
C HIS A 141 8.11 -8.26 -10.13
N ASP A 142 8.83 -7.95 -11.21
CA ASP A 142 8.63 -8.63 -12.48
C ASP A 142 9.01 -10.07 -12.33
N GLU A 143 10.20 -10.29 -11.78
CA GLU A 143 10.76 -11.60 -11.46
C GLU A 143 9.72 -12.45 -10.77
N LEU A 144 9.22 -11.90 -9.68
CA LEU A 144 8.21 -12.53 -8.88
C LEU A 144 6.97 -12.91 -9.72
N LEU A 145 6.29 -11.92 -10.30
CA LEU A 145 5.04 -12.19 -11.04
C LEU A 145 5.22 -13.09 -12.23
N LYS A 146 6.34 -12.98 -12.82
CA LYS A 146 6.76 -13.81 -13.91
C LYS A 146 6.79 -15.27 -13.47
N LYS A 147 7.41 -15.53 -12.33
CA LYS A 147 7.40 -16.86 -11.76
C LYS A 147 6.00 -17.33 -11.33
N PHE A 148 5.16 -16.40 -10.89
CA PHE A 148 3.76 -16.69 -10.52
C PHE A 148 2.95 -17.09 -11.74
N ALA A 149 3.28 -16.51 -12.88
CA ALA A 149 2.56 -16.78 -14.10
C ALA A 149 3.18 -17.96 -14.82
N ALA A 150 4.42 -18.23 -14.50
CA ALA A 150 5.12 -19.33 -15.11
C ALA A 150 4.82 -20.61 -14.38
N LEU A 151 4.59 -20.50 -13.10
CA LEU A 151 4.34 -21.67 -12.31
C LEU A 151 2.86 -21.98 -12.25
N THR A 152 2.57 -23.24 -12.34
CA THR A 152 1.25 -23.75 -12.23
C THR A 152 1.14 -24.59 -10.96
N PRO A 153 -0.03 -24.63 -10.33
CA PRO A 153 -1.20 -23.92 -10.79
C PRO A 153 -1.20 -22.46 -10.33
N THR A 154 -1.60 -21.58 -11.21
CA THR A 154 -1.63 -20.20 -10.89
C THR A 154 -3.09 -19.76 -10.74
N PHE A 155 -3.32 -18.83 -9.86
CA PHE A 155 -4.66 -18.35 -9.61
C PHE A 155 -4.78 -16.90 -10.03
N LEU A 156 -3.73 -16.39 -10.61
CA LEU A 156 -3.72 -15.04 -11.04
C LEU A 156 -4.12 -14.97 -12.48
N THR A 157 -4.39 -13.81 -12.90
CA THR A 157 -4.84 -13.57 -14.23
C THR A 157 -3.84 -12.76 -15.06
N SER A 158 -4.09 -12.69 -16.36
CA SER A 158 -3.18 -12.13 -17.33
C SER A 158 -3.04 -10.58 -17.32
N GLU A 159 -2.30 -10.10 -18.34
CA GLU A 159 -1.98 -8.69 -18.52
C GLU A 159 -3.22 -7.82 -18.71
N ASP A 160 -4.32 -8.47 -19.07
CA ASP A 160 -5.62 -7.80 -19.17
C ASP A 160 -5.96 -7.13 -17.88
N ILE A 161 -5.68 -7.80 -16.78
CA ILE A 161 -6.08 -7.27 -15.53
C ILE A 161 -4.93 -6.58 -14.89
N SER A 162 -3.73 -7.13 -15.08
CA SER A 162 -2.53 -6.59 -14.49
C SER A 162 -1.99 -5.38 -15.30
N GLY A 163 -2.90 -4.63 -15.90
CA GLY A 163 -2.56 -3.46 -16.65
C GLY A 163 -2.44 -2.27 -15.74
N TYR A 164 -1.63 -2.40 -14.73
CA TYR A 164 -1.39 -1.39 -13.74
C TYR A 164 -0.02 -1.60 -13.15
N LEU A 165 0.53 -0.57 -12.57
CA LEU A 165 1.84 -0.65 -11.97
C LEU A 165 1.71 -1.23 -10.58
N THR A 166 2.13 -2.48 -10.43
CA THR A 166 2.09 -3.16 -9.15
C THR A 166 2.97 -2.43 -8.14
N VAL A 167 4.15 -2.12 -8.58
CA VAL A 167 5.07 -1.32 -7.85
C VAL A 167 5.28 -0.02 -8.60
N PRO A 168 4.49 0.99 -8.27
CA PRO A 168 4.54 2.25 -8.95
C PRO A 168 5.50 3.22 -8.30
N GLU A 169 5.53 4.41 -8.82
CA GLU A 169 6.33 5.45 -8.27
C GLU A 169 5.67 5.93 -6.98
N TYR A 170 6.47 6.61 -6.15
CA TYR A 170 6.09 7.12 -4.82
C TYR A 170 4.68 7.69 -4.79
N GLY A 171 4.31 8.34 -5.88
CA GLY A 171 3.01 8.96 -5.96
C GLY A 171 2.38 8.76 -7.30
N ALA A 172 2.47 7.55 -7.83
CA ALA A 172 1.87 7.24 -9.11
C ALA A 172 0.61 6.41 -8.91
N PRO A 173 -0.40 6.61 -9.77
CA PRO A 173 -1.67 5.91 -9.69
C PRO A 173 -1.53 4.38 -9.77
N MET A 174 -2.25 3.70 -8.93
CA MET A 174 -2.22 2.26 -8.83
C MET A 174 -3.66 1.84 -8.60
N ASN A 175 -4.10 0.74 -9.18
CA ASN A 175 -5.49 0.35 -9.05
C ASN A 175 -5.69 -0.53 -7.83
N ALA A 176 -6.10 0.11 -6.75
CA ALA A 176 -6.25 -0.53 -5.45
C ALA A 176 -7.34 -1.60 -5.46
N ALA A 177 -8.36 -1.42 -6.29
CA ALA A 177 -9.47 -2.35 -6.34
C ALA A 177 -9.04 -3.69 -6.93
N LYS A 178 -8.41 -3.64 -8.09
CA LYS A 178 -7.98 -4.84 -8.78
C LYS A 178 -6.87 -5.50 -7.99
N TRP A 179 -6.01 -4.67 -7.38
CA TRP A 179 -4.98 -5.16 -6.47
C TRP A 179 -5.63 -5.91 -5.31
N ALA A 180 -6.65 -5.32 -4.69
CA ALA A 180 -7.37 -5.94 -3.58
C ALA A 180 -8.02 -7.25 -4.02
N LYS A 181 -8.39 -7.34 -5.28
CA LYS A 181 -8.92 -8.56 -5.83
C LYS A 181 -7.86 -9.66 -5.91
N VAL A 182 -6.70 -9.35 -6.51
CA VAL A 182 -5.65 -10.35 -6.63
C VAL A 182 -5.06 -10.73 -5.27
N GLU A 183 -4.80 -9.73 -4.44
CA GLU A 183 -4.32 -9.93 -3.08
C GLU A 183 -5.36 -10.70 -2.27
N GLY A 184 -6.62 -10.39 -2.54
CA GLY A 184 -7.72 -11.07 -1.91
C GLY A 184 -7.72 -12.54 -2.26
N MET A 185 -7.39 -12.85 -3.51
CA MET A 185 -7.28 -14.23 -3.92
C MET A 185 -6.06 -14.89 -3.30
N ILE A 186 -4.98 -14.14 -3.15
CA ILE A 186 -3.78 -14.65 -2.48
C ILE A 186 -4.13 -15.02 -1.04
N HIS A 187 -4.79 -14.11 -0.36
CA HIS A 187 -5.24 -14.31 1.01
C HIS A 187 -6.21 -15.49 1.05
N GLY A 188 -7.07 -15.55 0.06
CA GLY A 188 -8.07 -16.60 -0.07
C GLY A 188 -7.45 -17.97 -0.24
N LYS A 189 -6.31 -17.99 -0.86
CA LYS A 189 -5.54 -19.18 -1.05
C LYS A 189 -4.68 -19.48 0.18
N LEU A 190 -4.25 -18.44 0.82
CA LEU A 190 -3.38 -18.56 1.98
C LEU A 190 -4.20 -18.90 3.24
N GLU A 191 -5.50 -18.81 3.11
CA GLU A 191 -6.41 -19.30 4.14
C GLU A 191 -6.96 -20.69 3.74
N SER A 192 -6.43 -21.25 2.66
CA SER A 192 -6.90 -22.53 2.19
C SER A 192 -6.01 -23.63 2.81
N SER A 193 -6.39 -24.88 2.66
CA SER A 193 -5.68 -25.98 3.27
C SER A 193 -4.51 -26.48 2.40
N GLU A 194 -4.37 -25.92 1.22
CA GLU A 194 -3.31 -26.33 0.32
C GLU A 194 -2.04 -25.61 0.68
N VAL A 195 -1.02 -26.35 0.96
CA VAL A 195 0.26 -25.79 1.30
C VAL A 195 1.31 -26.12 0.22
N PRO A 196 1.64 -25.15 -0.63
CA PRO A 196 2.68 -25.31 -1.62
C PRO A 196 4.05 -24.96 -1.03
N ALA A 197 5.10 -25.30 -1.73
CA ALA A 197 6.42 -24.99 -1.29
C ALA A 197 7.00 -23.86 -2.11
N ASN A 198 7.37 -24.15 -3.36
CA ASN A 198 7.99 -23.15 -4.23
C ASN A 198 7.04 -22.01 -4.54
N LEU A 199 5.80 -22.35 -4.86
CA LEU A 199 4.76 -21.35 -5.13
C LEU A 199 4.56 -20.44 -3.92
N LYS A 200 4.47 -21.05 -2.75
CA LYS A 200 4.26 -20.28 -1.53
C LYS A 200 5.50 -19.47 -1.18
N ALA A 201 6.66 -19.99 -1.55
CA ALA A 201 7.92 -19.30 -1.35
C ALA A 201 7.93 -18.05 -2.19
N LEU A 202 7.45 -18.17 -3.43
CA LEU A 202 7.32 -17.04 -4.34
C LEU A 202 6.38 -16.03 -3.75
N VAL A 203 5.26 -16.53 -3.23
CA VAL A 203 4.28 -15.70 -2.52
C VAL A 203 4.96 -14.96 -1.38
N ALA A 204 5.68 -15.68 -0.56
CA ALA A 204 6.41 -15.09 0.55
C ALA A 204 7.41 -14.06 0.08
N GLU A 205 8.15 -14.35 -1.01
CA GLU A 205 9.14 -13.42 -1.51
C GLU A 205 8.45 -12.18 -2.05
N LEU A 206 7.29 -12.37 -2.63
CA LEU A 206 6.47 -11.29 -3.16
C LEU A 206 6.06 -10.37 -2.01
N ILE A 207 5.65 -11.00 -0.94
CA ILE A 207 5.18 -10.34 0.27
C ILE A 207 6.31 -9.54 0.88
N GLU A 208 7.34 -10.24 1.21
CA GLU A 208 8.48 -9.69 1.88
C GLU A 208 9.21 -8.65 1.05
N LEU A 209 9.35 -8.89 -0.25
CA LEU A 209 10.02 -7.95 -1.13
C LEU A 209 9.19 -6.69 -1.25
N ARG A 210 7.88 -6.83 -1.51
CA ARG A 210 7.00 -5.68 -1.69
C ARG A 210 6.93 -4.83 -0.42
N ALA A 211 6.95 -5.51 0.71
CA ALA A 211 6.91 -4.86 2.00
C ALA A 211 8.17 -4.03 2.22
N GLN A 212 9.33 -4.66 2.02
CA GLN A 212 10.62 -3.97 2.11
C GLN A 212 10.68 -2.84 1.13
N MET A 213 10.19 -3.13 -0.06
CA MET A 213 10.27 -2.24 -1.19
C MET A 213 9.54 -0.94 -0.89
N MET A 214 8.30 -1.07 -0.49
CA MET A 214 7.48 0.08 -0.11
C MET A 214 7.95 0.73 1.16
N ALA A 215 8.51 -0.03 2.06
CA ALA A 215 9.04 0.55 3.28
C ALA A 215 10.17 1.47 2.96
N LEU A 216 11.00 1.01 2.05
CA LEU A 216 12.09 1.77 1.55
C LEU A 216 11.56 2.94 0.73
N LEU A 217 10.63 2.63 -0.18
CA LEU A 217 10.01 3.59 -1.11
C LEU A 217 9.41 4.80 -0.38
N TYR A 218 8.72 4.54 0.70
CA TYR A 218 8.06 5.58 1.44
C TYR A 218 8.89 6.04 2.64
N GLY A 219 10.16 5.74 2.60
CA GLY A 219 11.05 6.16 3.63
C GLY A 219 11.42 7.62 3.47
N PRO A 220 11.16 8.47 4.50
CA PRO A 220 11.46 9.92 4.44
C PRO A 220 12.91 10.19 4.09
N ILE A 221 13.13 11.09 3.12
CA ILE A 221 14.44 11.48 2.56
C ILE A 221 15.06 10.32 1.78
N GLY A 222 15.31 9.28 2.49
CA GLY A 222 15.96 8.11 2.02
C GLY A 222 16.66 7.53 3.21
N HIS A 223 15.85 7.31 4.25
CA HIS A 223 16.30 6.91 5.58
C HIS A 223 16.84 8.08 6.36
N HIS A 224 16.97 7.89 7.64
CA HIS A 224 17.43 8.94 8.50
C HIS A 224 18.89 8.75 8.77
N VAL A 1 24.19 -7.43 7.77
CA VAL A 1 23.80 -8.81 8.07
C VAL A 1 22.33 -8.84 8.44
N LYS A 2 21.53 -9.18 7.47
CA LYS A 2 20.11 -9.30 7.63
C LYS A 2 19.60 -10.49 6.85
N THR A 3 19.26 -11.49 7.58
CA THR A 3 18.75 -12.72 7.10
C THR A 3 17.24 -12.57 6.82
N LEU A 4 16.66 -13.47 6.01
CA LEU A 4 15.22 -13.45 5.67
C LEU A 4 14.33 -13.35 6.91
N ASP A 5 14.58 -14.20 7.88
CA ASP A 5 13.79 -14.22 9.12
C ASP A 5 13.98 -12.95 9.91
N VAL A 6 15.15 -12.40 9.78
CA VAL A 6 15.50 -11.16 10.44
C VAL A 6 14.75 -10.03 9.79
N LEU A 7 14.76 -10.00 8.46
CA LEU A 7 14.00 -9.04 7.68
C LEU A 7 12.53 -9.13 8.07
N ARG A 8 12.01 -10.35 8.10
CA ARG A 8 10.65 -10.62 8.51
C ARG A 8 10.38 -10.13 9.91
N GLY A 9 11.36 -10.28 10.79
CA GLY A 9 11.22 -9.87 12.16
C GLY A 9 11.17 -8.38 12.28
N GLU A 10 12.05 -7.71 11.55
CA GLU A 10 12.10 -6.27 11.54
C GLU A 10 10.82 -5.71 10.94
N LEU A 11 10.38 -6.32 9.86
CA LEU A 11 9.17 -5.91 9.18
C LEU A 11 7.99 -6.12 10.07
N ARG A 12 7.96 -7.26 10.73
CA ARG A 12 6.90 -7.57 11.69
C ARG A 12 6.86 -6.48 12.75
N GLY A 13 8.05 -6.11 13.22
CA GLY A 13 8.19 -5.04 14.19
C GLY A 13 7.72 -3.71 13.66
N GLN A 14 8.12 -3.36 12.43
CA GLN A 14 7.70 -2.11 11.77
C GLN A 14 6.18 -2.02 11.70
N ARG A 15 5.57 -3.06 11.13
CA ARG A 15 4.11 -3.15 10.98
C ARG A 15 3.45 -3.02 12.35
N GLU A 16 3.98 -3.80 13.31
CA GLU A 16 3.49 -3.84 14.69
C GLU A 16 3.55 -2.48 15.35
N ALA A 17 4.72 -1.88 15.36
CA ALA A 17 4.95 -0.60 15.99
C ALA A 17 4.09 0.47 15.36
N PHE A 18 4.02 0.44 14.03
CA PHE A 18 3.26 1.40 13.28
C PHE A 18 1.79 1.26 13.65
N LEU A 19 1.30 0.05 13.57
CA LEU A 19 -0.08 -0.31 13.93
C LEU A 19 -0.39 0.12 15.37
N SER A 20 0.56 -0.09 16.27
CA SER A 20 0.41 0.32 17.65
C SER A 20 0.24 1.84 17.74
N GLU A 21 0.99 2.56 16.90
CA GLU A 21 0.89 3.99 16.87
C GLU A 21 -0.45 4.40 16.33
N ILE A 22 -0.93 3.66 15.36
CA ILE A 22 -2.18 4.00 14.73
C ILE A 22 -3.37 3.78 15.69
N ILE A 23 -3.39 2.63 16.36
CA ILE A 23 -4.43 2.31 17.32
C ILE A 23 -4.34 3.25 18.56
N LYS A 24 -3.13 3.75 18.83
CA LYS A 24 -2.91 4.67 19.92
C LYS A 24 -3.22 6.13 19.48
N SER A 25 -3.16 6.38 18.19
CA SER A 25 -3.45 7.71 17.66
C SER A 25 -4.94 7.93 17.45
N ASP A 26 -5.29 9.10 17.00
CA ASP A 26 -6.68 9.51 16.79
C ASP A 26 -6.73 10.75 15.89
N GLY A 27 -5.74 11.61 16.08
CA GLY A 27 -5.67 12.87 15.37
C GLY A 27 -5.08 12.77 13.97
N PRO A 28 -4.42 13.84 13.51
CA PRO A 28 -3.88 13.93 12.15
C PRO A 28 -2.88 12.83 11.76
N PHE A 29 -2.88 12.52 10.49
CA PHE A 29 -1.98 11.57 9.89
C PHE A 29 -1.51 12.21 8.60
N THR A 30 -0.39 11.80 8.10
CA THR A 30 0.08 12.30 6.83
C THR A 30 -0.31 11.31 5.75
N ILE A 31 -0.01 11.63 4.51
CA ILE A 31 -0.29 10.70 3.42
C ILE A 31 0.72 9.54 3.49
N LEU A 32 1.95 9.82 3.96
CA LEU A 32 2.94 8.77 4.12
C LEU A 32 2.53 7.86 5.26
N GLN A 33 1.92 8.43 6.28
CA GLN A 33 1.39 7.64 7.37
C GLN A 33 0.20 6.81 6.91
N LEU A 34 -0.64 7.43 6.09
CA LEU A 34 -1.83 6.78 5.57
C LEU A 34 -1.45 5.58 4.68
N VAL A 35 -0.57 5.82 3.73
CA VAL A 35 -0.16 4.75 2.84
C VAL A 35 0.85 3.82 3.55
N GLY A 36 1.46 4.33 4.60
CA GLY A 36 2.30 3.52 5.44
C GLY A 36 1.47 2.50 6.16
N TYR A 37 0.33 2.95 6.63
CA TYR A 37 -0.64 2.11 7.24
C TYR A 37 -1.23 1.17 6.22
N LEU A 38 -1.32 1.63 4.99
CA LEU A 38 -1.74 0.77 3.90
C LEU A 38 -0.75 -0.40 3.79
N ARG A 39 0.55 -0.09 3.93
CA ARG A 39 1.60 -1.13 3.96
C ARG A 39 1.31 -2.07 5.10
N VAL A 40 0.91 -1.50 6.24
CA VAL A 40 0.55 -2.27 7.41
C VAL A 40 -0.59 -3.23 7.11
N VAL A 41 -1.75 -2.72 6.68
CA VAL A 41 -2.93 -3.60 6.43
C VAL A 41 -2.66 -4.65 5.34
N ASP A 42 -1.98 -4.22 4.29
CA ASP A 42 -1.60 -5.08 3.18
C ASP A 42 -0.76 -6.25 3.67
N THR A 43 0.32 -5.94 4.34
CA THR A 43 1.18 -6.99 4.78
C THR A 43 0.65 -7.66 6.05
N ASP A 44 -0.28 -7.01 6.72
CA ASP A 44 -0.99 -7.59 7.89
C ASP A 44 -1.70 -8.82 7.45
N LEU A 45 -2.41 -8.70 6.37
CA LEU A 45 -3.12 -9.80 5.80
C LEU A 45 -2.13 -10.90 5.36
N LEU A 46 -1.18 -10.48 4.53
CA LEU A 46 -0.16 -11.35 3.92
C LEU A 46 0.70 -12.09 4.96
N LEU A 47 1.01 -11.44 6.06
CA LEU A 47 1.86 -12.02 7.07
C LEU A 47 0.98 -12.73 8.13
N LYS A 48 -0.34 -12.58 8.02
CA LYS A 48 -1.29 -13.15 8.99
C LYS A 48 -1.14 -12.52 10.37
N VAL A 49 -1.34 -11.24 10.39
CA VAL A 49 -1.33 -10.43 11.59
C VAL A 49 -2.80 -10.19 11.95
N ASP A 50 -3.08 -9.65 13.12
CA ASP A 50 -4.45 -9.46 13.58
C ASP A 50 -5.17 -8.33 12.86
N SER A 51 -5.96 -8.73 11.95
CA SER A 51 -6.71 -7.86 11.08
C SER A 51 -7.84 -7.12 11.82
N THR A 52 -8.18 -7.55 13.01
CA THR A 52 -9.21 -6.86 13.74
C THR A 52 -8.58 -5.67 14.45
N LYS A 53 -7.31 -5.78 14.79
CA LYS A 53 -6.61 -4.67 15.37
C LYS A 53 -6.27 -3.69 14.29
N VAL A 54 -6.00 -4.23 13.12
CA VAL A 54 -5.77 -3.41 11.98
C VAL A 54 -7.12 -2.73 11.56
N ASP A 55 -8.24 -3.38 11.89
CA ASP A 55 -9.57 -2.81 11.68
C ASP A 55 -9.79 -1.61 12.57
N GLU A 56 -9.56 -1.81 13.85
CA GLU A 56 -9.72 -0.74 14.86
C GLU A 56 -8.82 0.47 14.59
N ALA A 57 -7.57 0.21 14.28
CA ALA A 57 -6.67 1.29 13.96
C ALA A 57 -7.09 1.94 12.63
N GLY A 58 -7.57 1.11 11.71
CA GLY A 58 -8.12 1.60 10.47
C GLY A 58 -9.33 2.46 10.71
N LYS A 59 -10.06 2.15 11.77
CA LYS A 59 -11.20 2.91 12.18
C LYS A 59 -10.76 4.28 12.66
N LYS A 60 -9.66 4.33 13.40
CA LYS A 60 -9.08 5.63 13.82
C LYS A 60 -8.67 6.47 12.60
N VAL A 61 -8.15 5.79 11.61
CA VAL A 61 -7.79 6.39 10.34
C VAL A 61 -9.05 6.95 9.65
N LYS A 62 -10.06 6.09 9.56
CA LYS A 62 -11.38 6.44 9.02
C LYS A 62 -11.96 7.62 9.78
N ALA A 63 -11.85 7.56 11.09
CA ALA A 63 -12.33 8.58 12.00
C ALA A 63 -11.76 9.93 11.62
N TYR A 64 -10.45 9.99 11.49
CA TYR A 64 -9.75 11.21 11.12
C TYR A 64 -10.28 11.73 9.78
N LEU A 65 -10.23 10.86 8.79
CA LEU A 65 -10.63 11.15 7.45
C LEU A 65 -12.08 11.61 7.39
N GLU A 66 -12.96 10.90 8.03
CA GLU A 66 -14.37 11.21 7.96
C GLU A 66 -14.67 12.44 8.83
N LYS A 67 -13.79 12.76 9.76
CA LYS A 67 -13.96 13.93 10.58
C LYS A 67 -13.60 15.20 9.82
N ILE A 68 -12.59 15.12 8.93
CA ILE A 68 -12.32 16.27 8.06
C ILE A 68 -13.46 16.37 7.05
N GLY A 69 -14.04 15.23 6.77
CA GLY A 69 -15.19 15.15 5.93
C GLY A 69 -14.94 14.36 4.69
N ILE A 70 -14.13 13.34 4.83
CA ILE A 70 -13.86 12.42 3.79
C ILE A 70 -14.35 11.07 4.22
N ARG A 71 -15.43 10.69 3.66
CA ARG A 71 -16.09 9.47 4.08
C ARG A 71 -15.59 8.24 3.33
N GLY A 72 -15.71 7.11 3.99
CA GLY A 72 -15.36 5.83 3.45
C GLY A 72 -15.85 4.77 4.41
N ASP A 73 -16.15 3.58 3.91
CA ASP A 73 -16.66 2.49 4.76
C ASP A 73 -15.63 2.02 5.79
N SER A 74 -14.60 1.36 5.32
CA SER A 74 -13.56 0.89 6.19
C SER A 74 -12.23 1.45 5.69
N VAL A 75 -11.13 1.04 6.30
CA VAL A 75 -9.81 1.56 5.97
C VAL A 75 -9.45 1.41 4.47
N GLU A 76 -9.82 0.29 3.85
CA GLU A 76 -9.45 0.05 2.46
C GLU A 76 -10.30 0.91 1.52
N ALA A 77 -11.53 1.15 1.92
CA ALA A 77 -12.45 1.95 1.15
C ALA A 77 -12.06 3.41 1.25
N ALA A 78 -11.71 3.81 2.45
CA ALA A 78 -11.30 5.17 2.73
C ALA A 78 -10.02 5.49 1.95
N LEU A 79 -9.11 4.55 1.95
CA LEU A 79 -7.85 4.66 1.24
C LEU A 79 -8.15 4.80 -0.25
N ASP A 80 -8.99 3.90 -0.76
CA ASP A 80 -9.37 3.90 -2.20
C ASP A 80 -9.97 5.24 -2.59
N ASN A 81 -10.90 5.69 -1.77
CA ASN A 81 -11.57 6.98 -1.94
C ASN A 81 -10.57 8.12 -2.00
N LEU A 82 -9.62 8.15 -1.06
CA LEU A 82 -8.71 9.25 -1.03
C LEU A 82 -7.70 9.15 -2.14
N MET A 83 -7.36 7.92 -2.51
CA MET A 83 -6.41 7.64 -3.51
C MET A 83 -6.90 8.15 -4.83
N ILE A 84 -8.09 7.75 -5.19
CA ILE A 84 -8.68 8.15 -6.43
C ILE A 84 -8.89 9.68 -6.43
N LYS A 85 -9.33 10.22 -5.29
CA LYS A 85 -9.45 11.69 -5.13
C LYS A 85 -8.11 12.42 -5.32
N VAL A 86 -7.00 11.84 -4.87
CA VAL A 86 -5.69 12.46 -5.11
C VAL A 86 -5.39 12.44 -6.60
N TYR A 87 -5.59 11.30 -7.22
CA TYR A 87 -5.33 11.19 -8.65
C TYR A 87 -6.30 12.00 -9.47
N GLU A 88 -7.44 12.26 -8.91
CA GLU A 88 -8.43 13.20 -9.49
C GLU A 88 -7.75 14.59 -9.66
N ILE A 89 -6.95 14.97 -8.67
CA ILE A 89 -6.26 16.25 -8.68
C ILE A 89 -5.11 16.17 -9.67
N THR A 90 -4.42 15.07 -9.58
CA THR A 90 -3.26 14.76 -10.37
C THR A 90 -3.59 14.71 -11.88
N LYS A 91 -4.64 13.99 -12.25
CA LYS A 91 -5.04 13.91 -13.64
C LYS A 91 -5.77 15.18 -14.06
N GLY A 92 -6.48 15.78 -13.13
CA GLY A 92 -7.16 17.02 -13.42
C GLY A 92 -8.56 16.78 -13.95
N THR A 93 -9.13 15.68 -13.53
CA THR A 93 -10.46 15.30 -13.93
C THR A 93 -10.91 14.16 -13.03
N VAL A 94 -12.20 13.90 -13.00
CA VAL A 94 -12.73 12.85 -12.15
C VAL A 94 -12.51 11.47 -12.77
N GLU A 95 -11.93 10.58 -12.01
CA GLU A 95 -11.68 9.23 -12.43
C GLU A 95 -12.98 8.42 -12.29
N SER A 96 -13.32 8.15 -11.04
CA SER A 96 -14.52 7.45 -10.68
C SER A 96 -14.66 7.62 -9.17
N SER A 97 -14.19 8.77 -8.71
CA SER A 97 -14.10 9.13 -7.32
C SER A 97 -15.39 9.75 -6.80
N ALA A 98 -16.36 9.94 -7.71
CA ALA A 98 -17.61 10.62 -7.41
C ALA A 98 -17.35 12.07 -6.96
N GLN A 99 -18.36 12.74 -6.55
CA GLN A 99 -18.21 14.09 -6.05
C GLN A 99 -18.08 14.04 -4.55
N GLY A 100 -19.13 13.59 -3.90
CA GLY A 100 -19.10 13.47 -2.48
C GLY A 100 -19.36 14.79 -1.81
N THR A 101 -18.32 15.41 -1.33
CA THR A 101 -18.45 16.65 -0.62
C THR A 101 -17.10 17.38 -0.51
N ASP A 102 -16.16 17.08 -1.42
CA ASP A 102 -14.83 17.71 -1.35
C ASP A 102 -14.92 19.21 -1.54
N SER A 103 -14.70 19.91 -0.47
CA SER A 103 -14.71 21.34 -0.45
C SER A 103 -13.26 21.81 -0.51
N GLU A 104 -13.02 23.11 -0.47
CA GLU A 104 -11.67 23.63 -0.63
C GLU A 104 -10.72 23.14 0.44
N GLU A 105 -11.15 23.14 1.68
CA GLU A 105 -10.30 22.69 2.76
C GLU A 105 -10.00 21.18 2.65
N LEU A 106 -10.92 20.45 2.02
CA LEU A 106 -10.73 19.01 1.87
C LEU A 106 -9.68 18.76 0.84
N LYS A 107 -9.82 19.42 -0.28
CA LYS A 107 -8.88 19.25 -1.33
C LYS A 107 -7.55 19.90 -0.99
N THR A 108 -7.55 20.96 -0.19
CA THR A 108 -6.30 21.56 0.27
C THR A 108 -5.55 20.55 1.14
N LEU A 109 -6.27 19.79 1.96
CA LEU A 109 -5.64 18.78 2.77
C LEU A 109 -5.13 17.65 1.87
N LEU A 110 -5.89 17.34 0.82
CA LEU A 110 -5.48 16.30 -0.14
C LEU A 110 -4.25 16.78 -0.92
N LEU A 111 -4.21 18.07 -1.15
CA LEU A 111 -3.07 18.72 -1.79
C LEU A 111 -1.84 18.64 -0.93
N LYS A 112 -2.01 18.83 0.37
CA LYS A 112 -0.91 18.70 1.32
C LYS A 112 -0.42 17.31 1.27
N PHE A 113 -1.33 16.37 1.13
CA PHE A 113 -1.00 15.00 1.01
C PHE A 113 -0.22 14.75 -0.26
N SER A 114 -0.75 15.17 -1.37
CA SER A 114 -0.04 14.99 -2.63
C SER A 114 1.36 15.67 -2.62
N GLU A 115 1.43 16.85 -1.98
CA GLU A 115 2.67 17.57 -1.78
C GLU A 115 3.58 16.74 -0.91
N ASP A 116 3.04 16.33 0.23
CA ASP A 116 3.74 15.59 1.27
C ASP A 116 4.40 14.35 0.66
N LEU A 117 3.55 13.60 -0.02
CA LEU A 117 3.88 12.34 -0.68
C LEU A 117 4.99 12.56 -1.71
N LYS A 118 4.71 13.39 -2.68
CA LYS A 118 5.58 13.51 -3.80
C LYS A 118 6.87 14.22 -3.45
N ALA A 119 6.80 15.25 -2.61
CA ALA A 119 8.00 15.99 -2.26
C ALA A 119 8.95 15.17 -1.43
N GLU A 120 8.42 14.40 -0.48
CA GLU A 120 9.27 13.55 0.34
C GLU A 120 9.85 12.44 -0.56
N GLN A 121 9.05 12.01 -1.52
CA GLN A 121 9.48 10.93 -2.37
C GLN A 121 10.43 11.36 -3.45
N GLU A 122 10.32 12.57 -3.93
CA GLU A 122 11.28 13.04 -4.90
C GLU A 122 12.57 13.49 -4.23
N LEU A 123 12.45 13.84 -2.95
CA LEU A 123 13.61 14.07 -2.10
C LEU A 123 14.39 12.75 -2.09
N HIS A 124 13.65 11.67 -1.87
CA HIS A 124 14.23 10.35 -1.90
C HIS A 124 14.60 9.87 -3.29
N SER A 125 13.88 10.29 -4.31
CA SER A 125 14.21 9.87 -5.64
C SER A 125 15.56 10.45 -6.04
N GLU A 126 15.89 11.60 -5.51
CA GLU A 126 17.22 12.10 -5.70
C GLU A 126 18.20 11.38 -4.78
N ALA A 127 18.00 11.53 -3.48
CA ALA A 127 18.91 11.04 -2.44
C ALA A 127 19.20 9.55 -2.52
N LYS A 128 18.20 8.77 -2.78
CA LYS A 128 18.33 7.33 -2.77
C LYS A 128 18.56 6.78 -4.18
N GLY A 129 18.41 7.62 -5.18
CA GLY A 129 18.45 7.12 -6.55
C GLY A 129 17.14 6.41 -6.86
N GLY A 130 16.09 7.20 -6.87
CA GLY A 130 14.74 6.73 -7.02
C GLY A 130 14.51 5.87 -8.20
N GLU A 131 14.92 6.31 -9.38
CA GLU A 131 14.75 5.56 -10.61
C GLU A 131 15.39 4.17 -10.53
N ALA A 132 16.53 4.09 -9.86
CA ALA A 132 17.24 2.83 -9.69
C ALA A 132 16.46 1.91 -8.76
N LEU A 133 15.99 2.45 -7.65
CA LEU A 133 15.20 1.67 -6.70
C LEU A 133 13.81 1.34 -7.26
N LEU A 134 13.29 2.22 -8.08
CA LEU A 134 12.03 2.02 -8.76
C LEU A 134 12.18 0.89 -9.76
N SER A 135 13.27 0.92 -10.49
CA SER A 135 13.57 -0.09 -11.48
C SER A 135 13.75 -1.46 -10.80
N SER A 136 14.50 -1.51 -9.72
CA SER A 136 14.71 -2.77 -9.02
C SER A 136 13.40 -3.29 -8.40
N MET A 137 12.63 -2.39 -7.80
CA MET A 137 11.32 -2.74 -7.23
C MET A 137 10.41 -3.28 -8.32
N LYS A 138 10.37 -2.55 -9.43
CA LYS A 138 9.56 -2.91 -10.56
C LYS A 138 9.97 -4.26 -11.09
N THR A 139 11.25 -4.41 -11.37
CA THR A 139 11.77 -5.63 -11.95
C THR A 139 11.50 -6.86 -11.06
N GLN A 140 11.68 -6.68 -9.77
CA GLN A 140 11.48 -7.76 -8.82
C GLN A 140 10.02 -8.18 -8.80
N HIS A 141 9.15 -7.20 -8.69
CA HIS A 141 7.72 -7.45 -8.66
C HIS A 141 7.25 -7.97 -10.01
N ASP A 142 7.85 -7.45 -11.07
CA ASP A 142 7.55 -7.82 -12.44
C ASP A 142 7.91 -9.27 -12.67
N GLU A 143 9.08 -9.65 -12.15
CA GLU A 143 9.57 -11.01 -12.18
C GLU A 143 8.59 -11.91 -11.46
N LEU A 144 8.31 -11.54 -10.22
CA LEU A 144 7.39 -12.29 -9.41
C LEU A 144 6.04 -12.45 -10.08
N LEU A 145 5.52 -11.37 -10.58
CA LEU A 145 4.21 -11.33 -11.20
C LEU A 145 4.17 -12.26 -12.44
N LYS A 146 5.21 -12.23 -13.26
CA LYS A 146 5.25 -13.07 -14.41
C LYS A 146 5.42 -14.52 -14.00
N LYS A 147 6.11 -14.73 -12.90
CA LYS A 147 6.25 -16.07 -12.33
C LYS A 147 4.88 -16.60 -11.90
N PHE A 148 4.08 -15.73 -11.29
CA PHE A 148 2.70 -16.03 -10.87
C PHE A 148 1.86 -16.39 -12.09
N ALA A 149 2.09 -15.68 -13.18
CA ALA A 149 1.33 -15.87 -14.40
C ALA A 149 1.87 -17.02 -15.24
N ALA A 150 3.08 -17.42 -14.94
CA ALA A 150 3.72 -18.52 -15.62
C ALA A 150 3.44 -19.82 -14.89
N LEU A 151 3.38 -19.74 -13.58
CA LEU A 151 3.14 -20.88 -12.76
C LEU A 151 1.71 -21.33 -12.87
N THR A 152 1.54 -22.60 -12.97
CA THR A 152 0.26 -23.18 -13.07
C THR A 152 -0.03 -23.98 -11.80
N PRO A 153 -1.23 -23.86 -11.26
CA PRO A 153 -2.27 -23.03 -11.84
C PRO A 153 -2.14 -21.55 -11.45
N THR A 154 -2.42 -20.69 -12.39
CA THR A 154 -2.37 -19.28 -12.16
C THR A 154 -3.65 -18.85 -11.44
N PHE A 155 -3.51 -18.50 -10.18
CA PHE A 155 -4.66 -18.14 -9.35
C PHE A 155 -5.14 -16.73 -9.64
N LEU A 156 -4.38 -15.98 -10.42
CA LEU A 156 -4.70 -14.63 -10.67
C LEU A 156 -5.73 -14.46 -11.76
N THR A 157 -6.16 -13.25 -11.88
CA THR A 157 -7.17 -12.83 -12.79
C THR A 157 -6.53 -11.92 -13.87
N SER A 158 -7.30 -11.54 -14.86
CA SER A 158 -6.81 -10.87 -16.06
C SER A 158 -6.10 -9.52 -15.80
N GLU A 159 -5.10 -9.27 -16.62
CA GLU A 159 -4.25 -8.09 -16.56
C GLU A 159 -5.05 -6.83 -16.88
N ASP A 160 -6.17 -7.04 -17.53
CA ASP A 160 -7.10 -5.95 -17.85
C ASP A 160 -7.74 -5.42 -16.59
N ILE A 161 -8.04 -6.29 -15.63
CA ILE A 161 -8.68 -5.80 -14.42
C ILE A 161 -7.60 -5.33 -13.49
N SER A 162 -6.46 -5.97 -13.60
CA SER A 162 -5.26 -5.61 -12.88
C SER A 162 -4.56 -4.44 -13.60
N GLY A 163 -5.36 -3.52 -14.15
CA GLY A 163 -4.84 -2.41 -14.91
C GLY A 163 -4.40 -1.26 -14.03
N TYR A 164 -3.33 -1.48 -13.34
CA TYR A 164 -2.75 -0.54 -12.41
C TYR A 164 -1.35 -0.99 -12.13
N LEU A 165 -0.53 -0.11 -11.63
CA LEU A 165 0.82 -0.49 -11.28
C LEU A 165 0.86 -0.92 -9.84
N THR A 166 1.08 -2.20 -9.62
CA THR A 166 1.14 -2.80 -8.29
C THR A 166 2.28 -2.18 -7.49
N VAL A 167 3.37 -1.94 -8.18
CA VAL A 167 4.46 -1.18 -7.68
C VAL A 167 4.55 0.09 -8.51
N PRO A 168 3.86 1.13 -8.09
CA PRO A 168 3.76 2.34 -8.85
C PRO A 168 4.96 3.26 -8.71
N GLU A 169 4.87 4.29 -9.46
CA GLU A 169 5.83 5.34 -9.53
C GLU A 169 5.28 6.45 -8.68
N TYR A 170 6.12 7.38 -8.27
CA TYR A 170 5.78 8.50 -7.39
C TYR A 170 4.56 9.31 -7.88
N GLY A 171 4.25 9.22 -9.17
CA GLY A 171 3.10 9.91 -9.70
C GLY A 171 2.17 8.99 -10.49
N ALA A 172 2.32 7.68 -10.31
CA ALA A 172 1.45 6.73 -11.02
C ALA A 172 0.30 6.27 -10.14
N PRO A 173 -0.89 6.09 -10.72
CA PRO A 173 -2.08 5.68 -9.97
C PRO A 173 -2.09 4.20 -9.56
N MET A 174 -2.82 3.92 -8.48
CA MET A 174 -2.94 2.58 -7.94
C MET A 174 -4.38 2.38 -7.51
N ASN A 175 -4.94 1.23 -7.82
CA ASN A 175 -6.36 0.97 -7.56
C ASN A 175 -6.52 0.12 -6.32
N ALA A 176 -6.94 0.76 -5.24
CA ALA A 176 -7.01 0.11 -3.93
C ALA A 176 -8.15 -0.89 -3.81
N ALA A 177 -9.32 -0.58 -4.35
CA ALA A 177 -10.45 -1.51 -4.28
C ALA A 177 -10.22 -2.75 -5.14
N LYS A 178 -9.60 -2.56 -6.29
CA LYS A 178 -9.31 -3.67 -7.18
C LYS A 178 -8.23 -4.52 -6.51
N TRP A 179 -7.27 -3.82 -5.93
CA TRP A 179 -6.21 -4.42 -5.14
C TRP A 179 -6.82 -5.22 -4.01
N ALA A 180 -7.83 -4.66 -3.35
CA ALA A 180 -8.53 -5.33 -2.26
C ALA A 180 -9.16 -6.64 -2.74
N LYS A 181 -9.72 -6.64 -3.94
CA LYS A 181 -10.27 -7.87 -4.51
C LYS A 181 -9.18 -8.94 -4.68
N VAL A 182 -8.08 -8.58 -5.33
CA VAL A 182 -6.99 -9.53 -5.56
C VAL A 182 -6.28 -9.90 -4.27
N GLU A 183 -6.23 -8.95 -3.36
CA GLU A 183 -5.75 -9.11 -1.99
C GLU A 183 -6.51 -10.25 -1.32
N GLY A 184 -7.83 -10.22 -1.46
CA GLY A 184 -8.66 -11.28 -0.92
C GLY A 184 -8.34 -12.61 -1.57
N MET A 185 -8.17 -12.58 -2.89
CA MET A 185 -7.80 -13.78 -3.66
C MET A 185 -6.47 -14.36 -3.16
N ILE A 186 -5.46 -13.50 -3.10
CA ILE A 186 -4.13 -13.85 -2.65
C ILE A 186 -4.15 -14.46 -1.27
N HIS A 187 -4.83 -13.83 -0.35
CA HIS A 187 -4.92 -14.30 1.04
C HIS A 187 -5.57 -15.66 1.10
N GLY A 188 -6.66 -15.80 0.37
CA GLY A 188 -7.39 -17.05 0.35
C GLY A 188 -6.51 -18.18 -0.12
N LYS A 189 -5.69 -17.89 -1.08
CA LYS A 189 -4.76 -18.84 -1.62
C LYS A 189 -3.57 -19.04 -0.70
N LEU A 190 -3.09 -17.96 -0.15
CA LEU A 190 -1.94 -17.92 0.73
C LEU A 190 -2.16 -18.80 1.95
N GLU A 191 -3.39 -18.88 2.40
CA GLU A 191 -3.65 -19.68 3.58
C GLU A 191 -4.33 -21.00 3.25
N SER A 192 -4.20 -21.44 2.02
CA SER A 192 -4.72 -22.73 1.65
C SER A 192 -3.82 -23.82 2.26
N SER A 193 -4.42 -24.96 2.61
CA SER A 193 -3.73 -26.09 3.25
C SER A 193 -2.43 -26.44 2.52
N GLU A 194 -2.54 -26.60 1.23
CA GLU A 194 -1.40 -26.87 0.40
C GLU A 194 -1.45 -25.99 -0.80
N VAL A 195 -0.96 -24.84 -0.66
CA VAL A 195 -0.83 -23.93 -1.76
C VAL A 195 0.50 -24.28 -2.44
N PRO A 196 0.53 -24.34 -3.81
CA PRO A 196 1.74 -24.62 -4.59
C PRO A 196 3.01 -24.03 -3.96
N ALA A 197 3.97 -24.89 -3.70
CA ALA A 197 5.18 -24.55 -2.94
C ALA A 197 5.97 -23.39 -3.55
N ASN A 198 6.19 -23.45 -4.85
CA ASN A 198 6.95 -22.40 -5.52
C ASN A 198 6.18 -21.12 -5.50
N LEU A 199 4.87 -21.24 -5.66
CA LEU A 199 3.99 -20.10 -5.67
C LEU A 199 4.04 -19.41 -4.33
N LYS A 200 3.92 -20.19 -3.26
CA LYS A 200 3.96 -19.66 -1.89
C LYS A 200 5.28 -18.93 -1.65
N ALA A 201 6.38 -19.50 -2.14
CA ALA A 201 7.69 -18.88 -2.02
C ALA A 201 7.74 -17.56 -2.78
N LEU A 202 7.16 -17.54 -3.98
CA LEU A 202 7.10 -16.32 -4.79
C LEU A 202 6.28 -15.28 -4.08
N VAL A 203 5.15 -15.72 -3.55
CA VAL A 203 4.27 -14.85 -2.76
C VAL A 203 5.03 -14.26 -1.59
N ALA A 204 5.75 -15.09 -0.85
CA ALA A 204 6.56 -14.64 0.29
C ALA A 204 7.64 -13.66 -0.17
N GLU A 205 8.24 -13.90 -1.35
CA GLU A 205 9.21 -12.95 -1.88
C GLU A 205 8.54 -11.62 -2.17
N LEU A 206 7.33 -11.68 -2.69
CA LEU A 206 6.55 -10.49 -2.98
C LEU A 206 6.21 -9.77 -1.67
N ILE A 207 5.84 -10.55 -0.66
CA ILE A 207 5.42 -10.02 0.63
C ILE A 207 6.55 -9.18 1.22
N GLU A 208 7.63 -9.85 1.50
CA GLU A 208 8.76 -9.23 2.14
C GLU A 208 9.46 -8.18 1.27
N LEU A 209 9.76 -8.50 0.03
CA LEU A 209 10.48 -7.55 -0.83
C LEU A 209 9.64 -6.34 -1.17
N ARG A 210 8.38 -6.54 -1.52
CA ARG A 210 7.56 -5.41 -1.89
C ARG A 210 7.20 -4.59 -0.63
N ALA A 211 7.22 -5.25 0.55
CA ALA A 211 6.99 -4.55 1.80
C ALA A 211 8.11 -3.59 2.05
N GLN A 212 9.33 -4.09 1.97
CA GLN A 212 10.52 -3.28 2.19
C GLN A 212 10.60 -2.17 1.18
N MET A 213 10.25 -2.47 -0.05
CA MET A 213 10.32 -1.48 -1.09
C MET A 213 9.36 -0.35 -0.85
N MET A 214 8.15 -0.67 -0.48
CA MET A 214 7.17 0.35 -0.11
C MET A 214 7.50 1.02 1.21
N ALA A 215 8.22 0.34 2.06
CA ALA A 215 8.62 0.93 3.33
C ALA A 215 9.62 2.02 3.04
N LEU A 216 10.46 1.75 2.10
CA LEU A 216 11.42 2.67 1.62
C LEU A 216 10.73 3.77 0.79
N LEU A 217 9.89 3.35 -0.17
CA LEU A 217 9.14 4.23 -1.07
C LEU A 217 8.34 5.27 -0.28
N TYR A 218 7.70 4.81 0.77
CA TYR A 218 6.87 5.68 1.59
C TYR A 218 7.54 5.99 2.91
N GLY A 219 8.82 5.98 2.91
CA GLY A 219 9.54 6.26 4.12
C GLY A 219 10.20 7.63 4.09
N PRO A 220 9.64 8.63 4.82
CA PRO A 220 10.25 9.96 4.94
C PRO A 220 11.66 9.89 5.53
N ILE A 221 12.51 10.86 5.19
CA ILE A 221 13.86 10.89 5.68
C ILE A 221 13.87 11.10 7.19
N GLY A 222 14.19 10.05 7.89
CA GLY A 222 14.09 10.04 9.31
C GLY A 222 12.69 9.61 9.64
N HIS A 223 11.83 10.56 9.92
CA HIS A 223 10.43 10.29 10.13
C HIS A 223 9.67 11.62 10.21
N HIS A 224 8.43 11.62 9.80
CA HIS A 224 7.62 12.81 9.79
C HIS A 224 6.66 12.75 10.98
N VAL A 1 23.49 -10.90 11.22
CA VAL A 1 23.20 -11.93 10.22
C VAL A 1 21.85 -11.65 9.60
N LYS A 2 21.54 -12.29 8.50
CA LYS A 2 20.25 -12.16 7.91
C LYS A 2 19.71 -13.52 7.55
N THR A 3 18.50 -13.73 7.90
CA THR A 3 17.80 -14.96 7.64
C THR A 3 16.31 -14.63 7.70
N LEU A 4 15.44 -15.65 7.53
CA LEU A 4 13.98 -15.44 7.54
C LEU A 4 13.53 -14.68 8.76
N ASP A 5 14.04 -15.10 9.91
CA ASP A 5 13.70 -14.50 11.20
C ASP A 5 14.00 -13.03 11.21
N VAL A 6 15.18 -12.71 10.76
CA VAL A 6 15.63 -11.36 10.71
C VAL A 6 14.76 -10.55 9.78
N LEU A 7 14.53 -11.09 8.59
CA LEU A 7 13.74 -10.41 7.59
C LEU A 7 12.36 -10.11 8.11
N ARG A 8 11.65 -11.11 8.59
CA ARG A 8 10.30 -10.83 9.05
C ARG A 8 10.32 -10.06 10.37
N GLY A 9 11.45 -10.13 11.09
CA GLY A 9 11.56 -9.40 12.32
C GLY A 9 11.66 -7.92 12.05
N GLU A 10 12.44 -7.57 11.05
CA GLU A 10 12.63 -6.19 10.64
C GLU A 10 11.33 -5.64 10.09
N LEU A 11 10.73 -6.43 9.21
CA LEU A 11 9.49 -6.08 8.55
C LEU A 11 8.38 -5.88 9.55
N ARG A 12 8.25 -6.85 10.44
CA ARG A 12 7.26 -6.77 11.47
C ARG A 12 7.53 -5.58 12.35
N GLY A 13 8.77 -5.41 12.79
CA GLY A 13 9.14 -4.31 13.67
C GLY A 13 8.69 -2.97 13.14
N GLN A 14 8.98 -2.72 11.88
CA GLN A 14 8.60 -1.47 11.25
C GLN A 14 7.07 -1.33 11.17
N ARG A 15 6.38 -2.39 10.73
CA ARG A 15 4.91 -2.31 10.58
C ARG A 15 4.22 -2.26 11.96
N GLU A 16 4.81 -2.95 12.94
CA GLU A 16 4.27 -3.08 14.30
C GLU A 16 4.30 -1.70 14.93
N ALA A 17 5.43 -1.03 14.79
CA ALA A 17 5.59 0.31 15.29
C ALA A 17 4.62 1.24 14.58
N PHE A 18 4.50 1.06 13.26
CA PHE A 18 3.59 1.88 12.46
C PHE A 18 2.18 1.73 12.98
N LEU A 19 1.73 0.49 13.06
CA LEU A 19 0.42 0.11 13.57
C LEU A 19 0.17 0.73 14.94
N SER A 20 1.16 0.65 15.80
CA SER A 20 1.07 1.22 17.14
C SER A 20 0.85 2.73 17.06
N GLU A 21 1.56 3.40 16.15
CA GLU A 21 1.44 4.83 15.98
C GLU A 21 0.10 5.19 15.44
N ILE A 22 -0.43 4.31 14.62
CA ILE A 22 -1.72 4.54 14.02
C ILE A 22 -2.80 4.52 15.09
N ILE A 23 -2.77 3.49 15.91
CA ILE A 23 -3.71 3.37 17.01
C ILE A 23 -3.51 4.48 18.06
N LYS A 24 -2.28 4.94 18.22
CA LYS A 24 -1.96 6.03 19.14
C LYS A 24 -2.43 7.38 18.58
N SER A 25 -2.49 7.49 17.29
CA SER A 25 -2.90 8.73 16.66
C SER A 25 -4.42 8.82 16.57
N ASP A 26 -4.92 9.98 16.89
CA ASP A 26 -6.35 10.27 16.77
C ASP A 26 -6.47 11.61 16.05
N GLY A 27 -5.33 12.06 15.56
CA GLY A 27 -5.25 13.35 14.93
C GLY A 27 -4.83 13.27 13.48
N PRO A 28 -4.17 14.31 12.97
CA PRO A 28 -3.78 14.41 11.55
C PRO A 28 -2.72 13.38 11.12
N PHE A 29 -3.05 12.65 10.07
CA PHE A 29 -2.14 11.69 9.45
C PHE A 29 -1.60 12.33 8.20
N THR A 30 -0.41 11.99 7.79
CA THR A 30 0.13 12.54 6.57
C THR A 30 -0.19 11.62 5.39
N ILE A 31 0.08 12.08 4.18
CA ILE A 31 -0.16 11.27 2.99
C ILE A 31 0.77 10.05 2.97
N LEU A 32 2.03 10.27 3.35
CA LEU A 32 2.99 9.19 3.43
C LEU A 32 2.61 8.23 4.53
N GLN A 33 2.07 8.77 5.62
CA GLN A 33 1.64 7.96 6.73
C GLN A 33 0.40 7.13 6.33
N LEU A 34 -0.46 7.72 5.52
CA LEU A 34 -1.66 7.07 5.00
C LEU A 34 -1.25 5.87 4.15
N VAL A 35 -0.33 6.12 3.21
CA VAL A 35 0.13 5.07 2.33
C VAL A 35 0.94 4.01 3.12
N GLY A 36 1.60 4.46 4.17
CA GLY A 36 2.30 3.57 5.05
C GLY A 36 1.34 2.62 5.72
N TYR A 37 0.20 3.15 6.16
CA TYR A 37 -0.83 2.34 6.76
C TYR A 37 -1.40 1.39 5.73
N LEU A 38 -1.45 1.84 4.51
CA LEU A 38 -1.86 1.00 3.40
C LEU A 38 -0.93 -0.21 3.32
N ARG A 39 0.37 0.03 3.49
CA ARG A 39 1.38 -1.04 3.52
C ARG A 39 1.15 -1.91 4.80
N VAL A 40 0.64 -1.28 5.87
CA VAL A 40 0.26 -2.02 7.07
C VAL A 40 -0.89 -3.01 6.78
N VAL A 41 -2.02 -2.51 6.27
CA VAL A 41 -3.18 -3.40 5.97
C VAL A 41 -2.79 -4.47 4.94
N ASP A 42 -1.91 -4.08 4.05
CA ASP A 42 -1.23 -4.94 3.08
C ASP A 42 -0.57 -6.12 3.82
N THR A 43 0.31 -5.83 4.75
CA THR A 43 1.02 -6.88 5.45
C THR A 43 0.10 -7.62 6.46
N ASP A 44 -0.90 -6.92 7.00
CA ASP A 44 -1.83 -7.53 7.94
C ASP A 44 -2.69 -8.56 7.28
N LEU A 45 -3.03 -8.37 6.01
CA LEU A 45 -3.76 -9.37 5.27
C LEU A 45 -2.83 -10.54 4.94
N LEU A 46 -1.72 -10.22 4.27
CA LEU A 46 -0.74 -11.22 3.82
C LEU A 46 -0.25 -12.14 4.92
N LEU A 47 0.09 -11.58 6.05
CA LEU A 47 0.62 -12.38 7.15
C LEU A 47 -0.45 -12.81 8.13
N LYS A 48 -1.72 -12.54 7.80
CA LYS A 48 -2.88 -12.93 8.63
C LYS A 48 -2.72 -12.42 10.06
N VAL A 49 -2.62 -11.14 10.21
CA VAL A 49 -2.45 -10.53 11.50
C VAL A 49 -3.84 -10.20 12.08
N ASP A 50 -3.90 -9.90 13.37
CA ASP A 50 -5.13 -9.60 14.10
C ASP A 50 -5.98 -8.56 13.42
N SER A 51 -7.12 -9.02 12.99
CA SER A 51 -8.09 -8.24 12.29
C SER A 51 -8.69 -7.17 13.20
N THR A 52 -8.62 -7.40 14.49
CA THR A 52 -9.14 -6.46 15.43
C THR A 52 -8.13 -5.32 15.67
N LYS A 53 -6.85 -5.61 15.49
CA LYS A 53 -5.83 -4.59 15.63
C LYS A 53 -5.85 -3.70 14.43
N VAL A 54 -5.97 -4.32 13.26
CA VAL A 54 -6.07 -3.55 12.04
C VAL A 54 -7.39 -2.74 12.07
N ASP A 55 -8.43 -3.36 12.62
CA ASP A 55 -9.74 -2.73 12.82
C ASP A 55 -9.61 -1.45 13.62
N GLU A 56 -8.99 -1.56 14.77
CA GLU A 56 -8.74 -0.41 15.65
C GLU A 56 -7.91 0.68 14.99
N ALA A 57 -6.82 0.29 14.40
CA ALA A 57 -5.95 1.25 13.74
C ALA A 57 -6.71 1.98 12.61
N GLY A 58 -7.42 1.21 11.82
CA GLY A 58 -8.18 1.75 10.73
C GLY A 58 -9.30 2.62 11.22
N LYS A 59 -9.81 2.29 12.37
CA LYS A 59 -10.88 3.02 13.03
C LYS A 59 -10.38 4.41 13.42
N LYS A 60 -9.14 4.48 13.90
CA LYS A 60 -8.49 5.75 14.21
C LYS A 60 -8.28 6.58 12.92
N VAL A 61 -7.93 5.88 11.86
CA VAL A 61 -7.78 6.49 10.54
C VAL A 61 -9.13 7.03 10.07
N LYS A 62 -10.17 6.21 10.23
CA LYS A 62 -11.55 6.56 9.89
C LYS A 62 -12.02 7.74 10.72
N ALA A 63 -11.58 7.78 11.95
CA ALA A 63 -11.86 8.87 12.86
C ALA A 63 -11.35 10.18 12.27
N TYR A 64 -10.07 10.19 11.93
CA TYR A 64 -9.45 11.33 11.25
C TYR A 64 -10.18 11.65 9.93
N LEU A 65 -10.36 10.60 9.16
CA LEU A 65 -11.05 10.61 7.88
C LEU A 65 -12.38 11.39 7.97
N GLU A 66 -13.25 10.98 8.87
CA GLU A 66 -14.55 11.63 8.99
C GLU A 66 -14.41 12.99 9.67
N LYS A 67 -13.33 13.17 10.45
CA LYS A 67 -13.05 14.44 11.11
C LYS A 67 -12.83 15.52 10.04
N ILE A 68 -12.07 15.19 8.99
CA ILE A 68 -11.85 16.14 7.90
C ILE A 68 -13.08 16.20 7.02
N GLY A 69 -13.84 15.13 7.07
CA GLY A 69 -15.14 15.13 6.44
C GLY A 69 -15.24 14.15 5.34
N ILE A 70 -14.58 13.04 5.51
CA ILE A 70 -14.62 11.99 4.55
C ILE A 70 -15.27 10.78 5.16
N ARG A 71 -16.28 10.32 4.51
CA ARG A 71 -17.05 9.19 5.00
C ARG A 71 -16.62 7.90 4.29
N GLY A 72 -16.71 6.80 5.01
CA GLY A 72 -16.34 5.50 4.48
C GLY A 72 -16.45 4.45 5.57
N ASP A 73 -17.09 3.34 5.27
CA ASP A 73 -17.30 2.28 6.26
C ASP A 73 -16.10 1.39 6.46
N SER A 74 -15.41 1.05 5.41
CA SER A 74 -14.30 0.19 5.51
C SER A 74 -13.07 0.96 5.09
N VAL A 75 -11.95 0.67 5.71
CA VAL A 75 -10.75 1.41 5.41
C VAL A 75 -10.26 1.18 4.00
N GLU A 76 -10.50 0.00 3.47
CA GLU A 76 -10.11 -0.29 2.12
C GLU A 76 -10.92 0.59 1.14
N ALA A 77 -12.21 0.79 1.44
CA ALA A 77 -13.05 1.60 0.59
C ALA A 77 -12.75 3.06 0.82
N ALA A 78 -12.46 3.40 2.06
CA ALA A 78 -12.08 4.76 2.45
C ALA A 78 -10.78 5.20 1.75
N LEU A 79 -9.80 4.34 1.76
CA LEU A 79 -8.52 4.62 1.12
C LEU A 79 -8.66 4.68 -0.37
N ASP A 80 -9.44 3.77 -0.92
CA ASP A 80 -9.76 3.77 -2.37
C ASP A 80 -10.40 5.10 -2.75
N ASN A 81 -11.27 5.55 -1.86
CA ASN A 81 -12.00 6.82 -1.98
C ASN A 81 -11.00 7.96 -2.06
N LEU A 82 -10.12 7.99 -1.06
CA LEU A 82 -9.09 9.03 -0.93
C LEU A 82 -8.23 9.06 -2.15
N MET A 83 -7.82 7.90 -2.55
CA MET A 83 -6.97 7.68 -3.65
C MET A 83 -7.54 8.32 -4.91
N ILE A 84 -8.81 8.01 -5.20
CA ILE A 84 -9.48 8.58 -6.35
C ILE A 84 -9.53 10.11 -6.22
N LYS A 85 -9.82 10.58 -5.03
CA LYS A 85 -9.88 12.01 -4.74
C LYS A 85 -8.52 12.70 -4.95
N VAL A 86 -7.44 12.02 -4.60
CA VAL A 86 -6.10 12.59 -4.81
C VAL A 86 -5.81 12.70 -6.30
N TYR A 87 -5.98 11.61 -7.02
CA TYR A 87 -5.69 11.60 -8.44
C TYR A 87 -6.69 12.40 -9.22
N GLU A 88 -7.84 12.66 -8.63
CA GLU A 88 -8.79 13.63 -9.17
C GLU A 88 -8.05 14.95 -9.36
N ILE A 89 -7.32 15.35 -8.33
CA ILE A 89 -6.62 16.61 -8.33
C ILE A 89 -5.41 16.53 -9.25
N THR A 90 -4.56 15.57 -8.96
CA THR A 90 -3.32 15.37 -9.63
C THR A 90 -3.46 15.00 -11.13
N LYS A 91 -4.30 14.05 -11.45
CA LYS A 91 -4.37 13.55 -12.81
C LYS A 91 -5.74 13.83 -13.48
N GLY A 92 -6.71 14.35 -12.72
CA GLY A 92 -8.01 14.58 -13.30
C GLY A 92 -8.78 13.29 -13.45
N THR A 93 -8.59 12.40 -12.51
CA THR A 93 -9.22 11.11 -12.57
C THR A 93 -10.56 11.12 -11.86
N VAL A 94 -11.58 11.08 -12.65
CA VAL A 94 -12.96 11.03 -12.20
C VAL A 94 -13.67 9.90 -12.92
N GLU A 95 -13.97 8.84 -12.21
CA GLU A 95 -14.61 7.69 -12.80
C GLU A 95 -15.46 6.96 -11.73
N SER A 96 -15.66 7.59 -10.61
CA SER A 96 -16.33 6.94 -9.50
C SER A 96 -16.98 7.97 -8.61
N SER A 97 -17.85 7.52 -7.74
CA SER A 97 -18.51 8.40 -6.82
C SER A 97 -17.53 8.85 -5.73
N ALA A 98 -17.15 7.91 -4.85
CA ALA A 98 -16.23 8.14 -3.72
C ALA A 98 -16.76 9.22 -2.75
N GLN A 99 -16.59 10.45 -3.12
CA GLN A 99 -17.03 11.60 -2.38
C GLN A 99 -17.20 12.70 -3.41
N GLY A 100 -18.42 12.92 -3.81
CA GLY A 100 -18.71 13.89 -4.84
C GLY A 100 -18.70 15.27 -4.32
N THR A 101 -19.51 15.52 -3.35
CA THR A 101 -19.53 16.80 -2.74
C THR A 101 -18.46 16.85 -1.66
N ASP A 102 -17.25 17.08 -2.08
CA ASP A 102 -16.16 17.18 -1.17
C ASP A 102 -15.88 18.62 -0.90
N SER A 103 -15.72 18.93 0.34
CA SER A 103 -15.58 20.29 0.77
C SER A 103 -14.13 20.77 0.70
N GLU A 104 -13.96 22.04 1.00
CA GLU A 104 -12.68 22.71 0.99
C GLU A 104 -11.69 22.04 1.92
N GLU A 105 -12.21 21.43 2.97
CA GLU A 105 -11.42 20.70 3.92
C GLU A 105 -10.70 19.57 3.21
N LEU A 106 -11.42 18.91 2.32
CA LEU A 106 -10.84 17.78 1.65
C LEU A 106 -9.90 18.25 0.63
N LYS A 107 -10.31 19.20 -0.19
CA LYS A 107 -9.41 19.72 -1.16
C LYS A 107 -8.14 20.34 -0.57
N THR A 108 -8.23 20.98 0.57
CA THR A 108 -7.03 21.49 1.23
C THR A 108 -6.13 20.30 1.65
N LEU A 109 -6.75 19.24 2.14
CA LEU A 109 -6.01 18.05 2.53
C LEU A 109 -5.45 17.33 1.32
N LEU A 110 -6.19 17.27 0.25
CA LEU A 110 -5.76 16.60 -0.96
C LEU A 110 -4.58 17.33 -1.54
N LEU A 111 -4.65 18.63 -1.46
CA LEU A 111 -3.60 19.48 -1.93
C LEU A 111 -2.37 19.38 -1.08
N LYS A 112 -2.55 19.31 0.23
CA LYS A 112 -1.44 19.12 1.10
C LYS A 112 -0.84 17.81 0.79
N PHE A 113 -1.66 16.80 0.74
CA PHE A 113 -1.21 15.43 0.56
C PHE A 113 -0.43 15.25 -0.70
N SER A 114 -0.95 15.74 -1.77
CA SER A 114 -0.27 15.64 -3.03
C SER A 114 1.10 16.40 -3.03
N GLU A 115 1.12 17.64 -2.50
CA GLU A 115 2.38 18.41 -2.47
C GLU A 115 3.34 17.87 -1.40
N ASP A 116 2.74 17.36 -0.33
CA ASP A 116 3.43 16.79 0.84
C ASP A 116 4.19 15.59 0.39
N LEU A 117 3.46 14.68 -0.28
CA LEU A 117 4.01 13.46 -0.81
C LEU A 117 5.10 13.82 -1.76
N LYS A 118 4.76 14.58 -2.80
CA LYS A 118 5.71 14.92 -3.87
C LYS A 118 7.05 15.43 -3.32
N ALA A 119 7.00 16.45 -2.49
CA ALA A 119 8.23 17.09 -2.04
C ALA A 119 9.02 16.26 -1.05
N GLU A 120 8.37 15.69 -0.06
CA GLU A 120 9.08 14.92 0.94
C GLU A 120 9.64 13.67 0.28
N GLN A 121 8.89 13.15 -0.67
CA GLN A 121 9.20 11.90 -1.29
C GLN A 121 10.28 12.08 -2.33
N GLU A 122 10.35 13.24 -2.98
CA GLU A 122 11.42 13.44 -3.93
C GLU A 122 12.70 13.81 -3.22
N LEU A 123 12.57 14.46 -2.05
CA LEU A 123 13.73 14.73 -1.21
C LEU A 123 14.36 13.40 -0.83
N HIS A 124 13.50 12.45 -0.53
CA HIS A 124 13.91 11.08 -0.29
C HIS A 124 14.42 10.37 -1.60
N SER A 125 13.58 10.38 -2.63
CA SER A 125 13.80 9.62 -3.85
C SER A 125 15.13 9.93 -4.50
N GLU A 126 15.43 11.19 -4.69
CA GLU A 126 16.61 11.55 -5.44
C GLU A 126 17.87 11.17 -4.67
N ALA A 127 17.82 11.34 -3.35
CA ALA A 127 18.94 10.99 -2.48
C ALA A 127 19.22 9.50 -2.54
N LYS A 128 18.17 8.71 -2.57
CA LYS A 128 18.32 7.26 -2.69
C LYS A 128 18.40 6.77 -4.14
N GLY A 129 18.46 7.70 -5.10
CA GLY A 129 18.50 7.29 -6.50
C GLY A 129 17.18 6.65 -6.91
N GLY A 130 16.18 7.48 -7.07
CA GLY A 130 14.82 7.05 -7.33
C GLY A 130 14.67 6.21 -8.58
N GLU A 131 15.41 6.54 -9.61
CA GLU A 131 15.33 5.78 -10.84
C GLU A 131 15.91 4.37 -10.63
N ALA A 132 17.01 4.30 -9.91
CA ALA A 132 17.68 3.03 -9.64
C ALA A 132 16.81 2.16 -8.75
N LEU A 133 16.20 2.79 -7.77
CA LEU A 133 15.32 2.12 -6.83
C LEU A 133 14.06 1.63 -7.57
N LEU A 134 13.54 2.46 -8.44
CA LEU A 134 12.37 2.11 -9.23
C LEU A 134 12.68 0.91 -10.11
N SER A 135 13.83 0.96 -10.76
CA SER A 135 14.26 -0.11 -11.64
C SER A 135 14.43 -1.43 -10.89
N SER A 136 15.02 -1.39 -9.69
CA SER A 136 15.20 -2.60 -8.91
C SER A 136 13.86 -3.15 -8.46
N MET A 137 13.01 -2.27 -7.99
CA MET A 137 11.67 -2.59 -7.55
C MET A 137 10.87 -3.24 -8.67
N LYS A 138 10.82 -2.57 -9.81
CA LYS A 138 10.09 -3.06 -10.96
C LYS A 138 10.62 -4.39 -11.43
N THR A 139 11.93 -4.55 -11.48
CA THR A 139 12.54 -5.75 -11.99
C THR A 139 12.24 -6.96 -11.11
N GLN A 140 12.35 -6.78 -9.83
CA GLN A 140 12.13 -7.87 -8.92
C GLN A 140 10.66 -8.24 -8.82
N HIS A 141 9.79 -7.24 -8.85
CA HIS A 141 8.37 -7.48 -8.84
C HIS A 141 7.95 -8.10 -10.17
N ASP A 142 8.65 -7.72 -11.23
CA ASP A 142 8.43 -8.26 -12.56
C ASP A 142 8.78 -9.73 -12.60
N GLU A 143 9.92 -10.04 -11.98
CA GLU A 143 10.39 -11.41 -11.84
C GLU A 143 9.32 -12.23 -11.14
N LEU A 144 8.89 -11.73 -10.03
CA LEU A 144 7.86 -12.35 -9.24
C LEU A 144 6.57 -12.55 -10.05
N LEU A 145 6.02 -11.48 -10.60
CA LEU A 145 4.76 -11.57 -11.37
C LEU A 145 4.88 -12.50 -12.56
N LYS A 146 6.05 -12.51 -13.17
CA LYS A 146 6.35 -13.45 -14.23
C LYS A 146 6.16 -14.86 -13.72
N LYS A 147 6.71 -15.14 -12.57
CA LYS A 147 6.56 -16.43 -11.93
C LYS A 147 5.11 -16.76 -11.57
N PHE A 148 4.34 -15.76 -11.20
CA PHE A 148 2.90 -15.96 -10.93
C PHE A 148 2.12 -16.23 -12.21
N ALA A 149 2.56 -15.63 -13.29
CA ALA A 149 1.91 -15.79 -14.58
C ALA A 149 2.35 -17.09 -15.22
N ALA A 150 3.50 -17.55 -14.81
CA ALA A 150 4.03 -18.81 -15.25
C ALA A 150 3.44 -19.93 -14.44
N LEU A 151 3.13 -19.62 -13.20
CA LEU A 151 2.56 -20.53 -12.25
C LEU A 151 1.21 -21.01 -12.72
N THR A 152 1.01 -22.26 -12.59
CA THR A 152 -0.19 -22.90 -12.94
C THR A 152 -0.79 -23.51 -11.67
N PRO A 153 -2.08 -23.29 -11.42
CA PRO A 153 -2.93 -22.52 -12.30
C PRO A 153 -2.77 -21.00 -12.08
N THR A 154 -2.84 -20.25 -13.15
CA THR A 154 -2.71 -18.83 -13.07
C THR A 154 -4.04 -18.24 -12.59
N PHE A 155 -4.10 -17.94 -11.31
CA PHE A 155 -5.31 -17.40 -10.72
C PHE A 155 -5.36 -15.89 -10.85
N LEU A 156 -4.30 -15.31 -11.33
CA LEU A 156 -4.25 -13.90 -11.50
C LEU A 156 -4.56 -13.57 -12.95
N THR A 157 -4.51 -12.33 -13.26
CA THR A 157 -4.79 -11.85 -14.57
C THR A 157 -3.84 -10.69 -14.86
N SER A 158 -3.53 -10.50 -16.11
CA SER A 158 -2.58 -9.51 -16.56
C SER A 158 -3.07 -8.03 -16.44
N GLU A 159 -2.24 -7.14 -17.00
CA GLU A 159 -2.42 -5.67 -17.03
C GLU A 159 -3.77 -5.22 -17.57
N ASP A 160 -4.48 -6.11 -18.26
CA ASP A 160 -5.82 -5.82 -18.76
C ASP A 160 -6.70 -5.42 -17.61
N ILE A 161 -6.50 -6.08 -16.48
CA ILE A 161 -7.25 -5.75 -15.31
C ILE A 161 -6.36 -4.96 -14.38
N SER A 162 -5.08 -5.30 -14.33
CA SER A 162 -4.12 -4.57 -13.58
C SER A 162 -3.66 -3.30 -14.32
N GLY A 163 -4.58 -2.37 -14.51
CA GLY A 163 -4.27 -1.11 -15.17
C GLY A 163 -3.74 -0.10 -14.20
N TYR A 164 -2.72 -0.51 -13.49
CA TYR A 164 -2.10 0.23 -12.43
C TYR A 164 -0.69 -0.28 -12.30
N LEU A 165 0.15 0.46 -11.63
CA LEU A 165 1.46 -0.03 -11.35
C LEU A 165 1.41 -0.66 -9.99
N THR A 166 1.76 -1.93 -9.93
CA THR A 166 1.71 -2.67 -8.69
C THR A 166 2.66 -2.07 -7.67
N VAL A 167 3.78 -1.68 -8.17
CA VAL A 167 4.78 -0.98 -7.44
C VAL A 167 5.06 0.28 -8.23
N PRO A 168 4.40 1.35 -7.86
CA PRO A 168 4.37 2.53 -8.65
C PRO A 168 5.57 3.45 -8.51
N GLU A 169 5.54 4.42 -9.35
CA GLU A 169 6.47 5.49 -9.43
C GLU A 169 6.02 6.50 -8.41
N TYR A 170 6.94 7.31 -7.96
CA TYR A 170 6.70 8.33 -6.94
C TYR A 170 5.55 9.30 -7.33
N GLY A 171 5.15 9.28 -8.59
CA GLY A 171 4.04 10.06 -9.06
C GLY A 171 3.16 9.28 -10.02
N ALA A 172 2.84 8.03 -9.68
CA ALA A 172 1.98 7.21 -10.53
C ALA A 172 0.79 6.68 -9.74
N PRO A 173 -0.38 6.52 -10.40
CA PRO A 173 -1.59 6.04 -9.75
C PRO A 173 -1.59 4.53 -9.46
N MET A 174 -2.37 4.15 -8.48
CA MET A 174 -2.53 2.79 -8.07
C MET A 174 -4.02 2.57 -7.85
N ASN A 175 -4.52 1.39 -8.13
CA ASN A 175 -5.94 1.10 -7.95
C ASN A 175 -6.13 0.34 -6.66
N ALA A 176 -6.45 1.06 -5.60
CA ALA A 176 -6.51 0.49 -4.24
C ALA A 176 -7.47 -0.70 -4.10
N ALA A 177 -8.74 -0.50 -4.42
CA ALA A 177 -9.73 -1.56 -4.28
C ALA A 177 -9.48 -2.72 -5.22
N LYS A 178 -9.05 -2.42 -6.43
CA LYS A 178 -8.77 -3.42 -7.45
C LYS A 178 -7.66 -4.34 -6.97
N TRP A 179 -6.61 -3.73 -6.46
CA TRP A 179 -5.48 -4.41 -5.87
C TRP A 179 -5.95 -5.29 -4.71
N ALA A 180 -6.80 -4.73 -3.85
CA ALA A 180 -7.36 -5.46 -2.71
C ALA A 180 -8.17 -6.70 -3.17
N LYS A 181 -8.88 -6.59 -4.29
CA LYS A 181 -9.63 -7.74 -4.81
C LYS A 181 -8.70 -8.83 -5.33
N VAL A 182 -7.70 -8.45 -6.12
CA VAL A 182 -6.79 -9.46 -6.67
C VAL A 182 -5.94 -10.11 -5.59
N GLU A 183 -5.52 -9.33 -4.64
CA GLU A 183 -4.77 -9.85 -3.52
C GLU A 183 -5.69 -10.57 -2.56
N GLY A 184 -6.97 -10.22 -2.60
CA GLY A 184 -7.96 -10.98 -1.90
C GLY A 184 -7.99 -12.39 -2.42
N MET A 185 -7.89 -12.53 -3.74
CA MET A 185 -7.77 -13.84 -4.37
C MET A 185 -6.48 -14.52 -3.92
N ILE A 186 -5.38 -13.74 -3.87
CA ILE A 186 -4.10 -14.24 -3.36
C ILE A 186 -4.23 -14.81 -1.95
N HIS A 187 -4.83 -14.04 -1.07
CA HIS A 187 -5.07 -14.44 0.31
C HIS A 187 -5.96 -15.67 0.36
N GLY A 188 -6.96 -15.66 -0.49
CA GLY A 188 -7.89 -16.76 -0.60
C GLY A 188 -7.18 -18.05 -0.98
N LYS A 189 -6.28 -17.92 -1.91
CA LYS A 189 -5.44 -19.00 -2.37
C LYS A 189 -4.46 -19.41 -1.29
N LEU A 190 -3.86 -18.41 -0.68
CA LEU A 190 -2.88 -18.58 0.40
C LEU A 190 -3.51 -19.41 1.54
N GLU A 191 -4.81 -19.28 1.67
CA GLU A 191 -5.58 -20.03 2.63
C GLU A 191 -5.95 -21.41 2.13
N SER A 192 -6.21 -21.54 0.85
CA SER A 192 -6.67 -22.80 0.30
C SER A 192 -6.27 -22.99 -1.18
N SER A 193 -5.02 -23.36 -1.41
CA SER A 193 -4.60 -23.63 -2.76
C SER A 193 -3.87 -24.97 -2.80
N GLU A 194 -2.85 -25.11 -1.95
CA GLU A 194 -2.04 -26.30 -1.88
C GLU A 194 -1.05 -26.14 -0.73
N VAL A 195 -0.56 -27.24 -0.22
CA VAL A 195 0.46 -27.28 0.81
C VAL A 195 1.78 -26.69 0.22
N PRO A 196 2.54 -25.87 1.03
CA PRO A 196 3.81 -25.20 0.66
C PRO A 196 4.54 -25.79 -0.54
N ALA A 197 4.52 -25.03 -1.62
CA ALA A 197 5.11 -25.42 -2.88
C ALA A 197 5.64 -24.16 -3.54
N ASN A 198 5.86 -24.22 -4.85
CA ASN A 198 6.35 -23.05 -5.61
C ASN A 198 5.46 -21.86 -5.40
N LEU A 199 4.14 -22.09 -5.44
CA LEU A 199 3.16 -21.04 -5.22
C LEU A 199 3.37 -20.31 -3.89
N LYS A 200 3.64 -21.06 -2.85
CA LYS A 200 3.85 -20.49 -1.51
C LYS A 200 5.16 -19.73 -1.49
N ALA A 201 6.17 -20.27 -2.15
CA ALA A 201 7.48 -19.63 -2.22
C ALA A 201 7.40 -18.31 -2.98
N LEU A 202 6.61 -18.30 -4.03
CA LEU A 202 6.42 -17.11 -4.84
C LEU A 202 5.68 -16.07 -4.05
N VAL A 203 4.62 -16.49 -3.39
CA VAL A 203 3.82 -15.61 -2.54
C VAL A 203 4.68 -15.05 -1.42
N ALA A 204 5.43 -15.90 -0.77
CA ALA A 204 6.29 -15.49 0.32
C ALA A 204 7.38 -14.53 -0.15
N GLU A 205 7.95 -14.77 -1.35
CA GLU A 205 8.96 -13.86 -1.85
C GLU A 205 8.33 -12.58 -2.31
N LEU A 206 7.11 -12.66 -2.82
CA LEU A 206 6.35 -11.50 -3.21
C LEU A 206 6.14 -10.66 -1.99
N ILE A 207 5.66 -11.28 -0.94
CA ILE A 207 5.45 -10.65 0.35
C ILE A 207 6.72 -10.03 0.89
N GLU A 208 7.74 -10.85 0.99
CA GLU A 208 9.08 -10.42 1.42
C GLU A 208 9.53 -9.16 0.67
N LEU A 209 9.53 -9.26 -0.67
CA LEU A 209 9.94 -8.16 -1.53
C LEU A 209 9.01 -6.98 -1.30
N ARG A 210 7.72 -7.20 -1.43
CA ARG A 210 6.65 -6.20 -1.22
C ARG A 210 6.90 -5.37 0.05
N ALA A 211 7.14 -6.07 1.12
CA ALA A 211 7.31 -5.47 2.41
C ALA A 211 8.53 -4.60 2.43
N GLN A 212 9.67 -5.19 2.12
CA GLN A 212 10.95 -4.50 2.12
C GLN A 212 10.97 -3.36 1.14
N MET A 213 10.45 -3.62 -0.03
CA MET A 213 10.56 -2.73 -1.15
C MET A 213 9.71 -1.51 -0.96
N MET A 214 8.51 -1.69 -0.47
CA MET A 214 7.62 -0.57 -0.22
C MET A 214 8.06 0.18 1.02
N ALA A 215 8.58 -0.55 2.01
CA ALA A 215 9.10 0.09 3.24
C ALA A 215 10.25 1.00 2.89
N LEU A 216 11.02 0.59 1.92
CA LEU A 216 12.09 1.37 1.41
C LEU A 216 11.59 2.46 0.46
N LEU A 217 10.60 2.12 -0.38
CA LEU A 217 10.01 3.06 -1.34
C LEU A 217 9.44 4.26 -0.61
N TYR A 218 8.81 4.00 0.50
CA TYR A 218 8.21 5.04 1.31
C TYR A 218 9.01 5.28 2.57
N GLY A 219 10.28 4.93 2.53
CA GLY A 219 11.17 5.12 3.68
C GLY A 219 11.34 6.58 4.02
N PRO A 220 10.73 7.06 5.12
CA PRO A 220 10.72 8.48 5.45
C PRO A 220 12.10 9.01 5.74
N ILE A 221 12.49 10.04 5.02
CA ILE A 221 13.75 10.68 5.21
C ILE A 221 13.82 11.36 6.58
N GLY A 222 14.55 10.74 7.48
CA GLY A 222 14.72 11.29 8.79
C GLY A 222 14.48 10.27 9.88
N HIS A 223 13.23 9.93 10.10
CA HIS A 223 12.86 9.02 11.18
C HIS A 223 11.56 8.31 10.81
N HIS A 224 11.38 7.13 11.36
CA HIS A 224 10.15 6.40 11.20
C HIS A 224 9.79 5.77 12.53
N VAL A 1 22.98 -14.03 9.49
CA VAL A 1 22.46 -13.86 8.14
C VAL A 1 21.00 -13.48 8.23
N LYS A 2 20.57 -12.44 7.51
CA LYS A 2 19.16 -12.14 7.54
C LYS A 2 18.45 -12.94 6.47
N THR A 3 17.81 -13.98 6.89
CA THR A 3 17.14 -14.86 6.00
C THR A 3 15.66 -14.48 5.96
N LEU A 4 14.86 -15.27 5.27
CA LEU A 4 13.44 -15.02 5.04
C LEU A 4 12.71 -14.70 6.33
N ASP A 5 12.92 -15.52 7.36
CA ASP A 5 12.25 -15.32 8.65
C ASP A 5 12.63 -14.02 9.29
N VAL A 6 13.86 -13.64 9.12
CA VAL A 6 14.38 -12.45 9.74
C VAL A 6 13.82 -11.23 9.03
N LEU A 7 13.82 -11.29 7.71
CA LEU A 7 13.21 -10.25 6.89
C LEU A 7 11.73 -10.12 7.28
N ARG A 8 11.09 -11.27 7.36
CA ARG A 8 9.70 -11.42 7.81
C ARG A 8 9.49 -10.76 9.17
N GLY A 9 10.44 -11.01 10.08
CA GLY A 9 10.37 -10.47 11.41
C GLY A 9 10.55 -8.97 11.43
N GLU A 10 11.47 -8.49 10.61
CA GLU A 10 11.70 -7.06 10.47
C GLU A 10 10.48 -6.37 9.92
N LEU A 11 9.87 -7.00 8.92
CA LEU A 11 8.66 -6.52 8.31
C LEU A 11 7.57 -6.47 9.34
N ARG A 12 7.49 -7.54 10.13
CA ARG A 12 6.52 -7.61 11.22
C ARG A 12 6.71 -6.45 12.18
N GLY A 13 7.95 -6.23 12.59
CA GLY A 13 8.24 -5.14 13.51
C GLY A 13 7.74 -3.82 12.99
N GLN A 14 7.98 -3.56 11.71
CA GLN A 14 7.53 -2.32 11.10
C GLN A 14 6.00 -2.22 11.02
N ARG A 15 5.34 -3.24 10.47
CA ARG A 15 3.87 -3.23 10.31
C ARG A 15 3.16 -3.18 11.65
N GLU A 16 3.63 -3.94 12.61
CA GLU A 16 2.97 -4.08 13.86
C GLU A 16 3.18 -2.84 14.72
N ALA A 17 4.36 -2.21 14.60
CA ALA A 17 4.60 -0.95 15.29
C ALA A 17 3.72 0.12 14.67
N PHE A 18 3.60 0.06 13.35
CA PHE A 18 2.78 0.99 12.60
C PHE A 18 1.35 0.88 13.07
N LEU A 19 0.87 -0.34 13.08
CA LEU A 19 -0.46 -0.69 13.55
C LEU A 19 -0.69 -0.20 14.99
N SER A 20 0.31 -0.37 15.87
CA SER A 20 0.16 0.13 17.23
C SER A 20 0.02 1.66 17.26
N GLU A 21 0.74 2.35 16.37
CA GLU A 21 0.64 3.80 16.28
C GLU A 21 -0.75 4.16 15.88
N ILE A 22 -1.29 3.38 14.95
CA ILE A 22 -2.60 3.66 14.45
C ILE A 22 -3.66 3.42 15.54
N ILE A 23 -3.53 2.32 16.27
CA ILE A 23 -4.49 2.00 17.33
C ILE A 23 -4.34 2.97 18.53
N LYS A 24 -3.21 3.64 18.62
CA LYS A 24 -3.04 4.63 19.67
C LYS A 24 -3.42 6.03 19.22
N SER A 25 -3.42 6.27 17.92
CA SER A 25 -3.76 7.59 17.42
C SER A 25 -5.21 7.73 17.04
N ASP A 26 -5.82 8.75 17.54
CA ASP A 26 -7.18 9.12 17.19
C ASP A 26 -7.17 10.52 16.60
N GLY A 27 -5.96 11.00 16.35
CA GLY A 27 -5.76 12.32 15.85
C GLY A 27 -5.19 12.35 14.44
N PRO A 28 -4.40 13.39 14.11
CA PRO A 28 -3.84 13.60 12.76
C PRO A 28 -2.88 12.51 12.30
N PHE A 29 -3.11 12.03 11.11
CA PHE A 29 -2.24 11.09 10.45
C PHE A 29 -1.57 11.82 9.30
N THR A 30 -0.41 11.36 8.94
CA THR A 30 0.34 11.95 7.85
C THR A 30 -0.04 11.23 6.52
N ILE A 31 0.04 11.93 5.39
CA ILE A 31 -0.28 11.35 4.07
C ILE A 31 0.53 10.06 3.78
N LEU A 32 1.83 10.18 3.92
CA LEU A 32 2.76 9.11 3.63
C LEU A 32 2.50 7.95 4.60
N GLN A 33 2.08 8.32 5.79
CA GLN A 33 1.77 7.41 6.87
C GLN A 33 0.47 6.65 6.56
N LEU A 34 -0.45 7.32 5.91
CA LEU A 34 -1.72 6.72 5.56
C LEU A 34 -1.47 5.70 4.45
N VAL A 35 -0.64 6.07 3.49
CA VAL A 35 -0.26 5.15 2.40
C VAL A 35 0.51 3.96 3.01
N GLY A 36 1.29 4.27 4.04
CA GLY A 36 1.97 3.27 4.79
C GLY A 36 0.99 2.29 5.41
N TYR A 37 -0.09 2.82 6.00
CA TYR A 37 -1.13 2.00 6.61
C TYR A 37 -1.79 1.12 5.57
N LEU A 38 -1.92 1.65 4.40
CA LEU A 38 -2.46 0.91 3.28
C LEU A 38 -1.57 -0.32 3.02
N ARG A 39 -0.26 -0.11 2.96
CA ARG A 39 0.66 -1.23 2.77
C ARG A 39 0.67 -2.13 4.04
N VAL A 40 0.37 -1.52 5.23
CA VAL A 40 0.22 -2.28 6.44
C VAL A 40 -0.95 -3.24 6.34
N VAL A 41 -2.16 -2.72 6.08
CA VAL A 41 -3.37 -3.58 5.97
C VAL A 41 -3.19 -4.63 4.87
N ASP A 42 -2.47 -4.22 3.83
CA ASP A 42 -2.05 -5.05 2.73
C ASP A 42 -1.32 -6.30 3.24
N THR A 43 -0.22 -6.09 3.96
CA THR A 43 0.53 -7.22 4.47
C THR A 43 -0.14 -7.86 5.71
N ASP A 44 -0.90 -7.07 6.46
CA ASP A 44 -1.63 -7.55 7.65
C ASP A 44 -2.67 -8.57 7.29
N LEU A 45 -3.22 -8.44 6.09
CA LEU A 45 -4.15 -9.43 5.55
C LEU A 45 -3.41 -10.77 5.38
N LEU A 46 -2.23 -10.71 4.76
CA LEU A 46 -1.41 -11.91 4.51
C LEU A 46 -0.91 -12.52 5.81
N LEU A 47 -0.65 -11.68 6.79
CA LEU A 47 -0.25 -12.16 8.10
C LEU A 47 -1.45 -12.64 8.91
N LYS A 48 -2.66 -12.35 8.40
CA LYS A 48 -3.93 -12.80 9.00
C LYS A 48 -4.06 -12.26 10.44
N VAL A 49 -3.78 -10.98 10.57
CA VAL A 49 -3.79 -10.31 11.87
C VAL A 49 -5.21 -10.16 12.43
N ASP A 50 -5.27 -9.74 13.70
CA ASP A 50 -6.54 -9.48 14.40
C ASP A 50 -7.41 -8.52 13.62
N SER A 51 -8.56 -9.02 13.28
CA SER A 51 -9.55 -8.29 12.54
C SER A 51 -10.01 -7.08 13.34
N THR A 52 -10.06 -7.21 14.64
CA THR A 52 -10.50 -6.10 15.45
C THR A 52 -9.38 -5.04 15.59
N LYS A 53 -8.11 -5.45 15.54
CA LYS A 53 -7.01 -4.49 15.59
C LYS A 53 -7.05 -3.63 14.36
N VAL A 54 -7.14 -4.29 13.21
CA VAL A 54 -7.17 -3.58 11.95
C VAL A 54 -8.44 -2.72 11.84
N ASP A 55 -9.54 -3.29 12.27
CA ASP A 55 -10.85 -2.63 12.21
C ASP A 55 -10.88 -1.36 13.03
N GLU A 56 -10.43 -1.46 14.28
CA GLU A 56 -10.41 -0.29 15.15
C GLU A 56 -9.37 0.73 14.73
N ALA A 57 -8.20 0.28 14.32
CA ALA A 57 -7.14 1.18 13.89
C ALA A 57 -7.59 1.92 12.64
N GLY A 58 -8.16 1.19 11.71
CA GLY A 58 -8.67 1.79 10.51
C GLY A 58 -9.84 2.70 10.82
N LYS A 59 -10.58 2.37 11.85
CA LYS A 59 -11.69 3.18 12.28
C LYS A 59 -11.18 4.49 12.88
N LYS A 60 -9.99 4.47 13.46
CA LYS A 60 -9.34 5.68 13.94
C LYS A 60 -8.87 6.51 12.75
N VAL A 61 -8.49 5.82 11.70
CA VAL A 61 -8.18 6.46 10.42
C VAL A 61 -9.45 7.19 9.93
N LYS A 62 -10.56 6.45 9.88
CA LYS A 62 -11.87 6.99 9.52
C LYS A 62 -12.24 8.14 10.44
N ALA A 63 -11.90 7.98 11.71
CA ALA A 63 -12.15 8.96 12.74
C ALA A 63 -11.49 10.28 12.41
N TYR A 64 -10.20 10.24 12.11
CA TYR A 64 -9.46 11.44 11.73
C TYR A 64 -10.07 12.08 10.50
N LEU A 65 -10.23 11.28 9.49
CA LEU A 65 -10.77 11.70 8.25
C LEU A 65 -12.14 12.34 8.43
N GLU A 66 -13.03 11.66 9.11
CA GLU A 66 -14.38 12.13 9.28
C GLU A 66 -14.43 13.30 10.29
N LYS A 67 -13.36 13.42 11.08
CA LYS A 67 -13.18 14.53 12.01
C LYS A 67 -12.92 15.81 11.22
N ILE A 68 -12.09 15.71 10.15
CA ILE A 68 -11.87 16.88 9.28
C ILE A 68 -13.06 17.03 8.34
N GLY A 69 -13.74 15.92 8.11
CA GLY A 69 -14.98 15.91 7.36
C GLY A 69 -14.91 15.10 6.08
N ILE A 70 -14.16 14.03 6.15
CA ILE A 70 -14.04 13.06 5.08
C ILE A 70 -14.59 11.75 5.56
N ARG A 71 -15.71 11.40 5.05
CA ARG A 71 -16.34 10.20 5.50
C ARG A 71 -16.11 9.07 4.53
N GLY A 72 -16.05 7.88 5.05
CA GLY A 72 -15.90 6.70 4.28
C GLY A 72 -16.68 5.61 4.92
N ASP A 73 -17.27 4.75 4.14
CA ASP A 73 -18.13 3.68 4.66
C ASP A 73 -17.31 2.59 5.30
N SER A 74 -16.19 2.31 4.69
CA SER A 74 -15.31 1.28 5.16
C SER A 74 -13.89 1.84 5.20
N VAL A 75 -12.99 1.18 5.93
CA VAL A 75 -11.63 1.69 6.06
C VAL A 75 -10.88 1.58 4.75
N GLU A 76 -11.08 0.47 4.08
CA GLU A 76 -10.44 0.24 2.81
C GLU A 76 -11.04 1.14 1.73
N ALA A 77 -12.31 1.49 1.92
CA ALA A 77 -13.01 2.37 1.00
C ALA A 77 -12.57 3.80 1.24
N ALA A 78 -12.23 4.11 2.48
CA ALA A 78 -11.69 5.39 2.85
C ALA A 78 -10.34 5.56 2.20
N LEU A 79 -9.55 4.50 2.25
CA LEU A 79 -8.25 4.46 1.59
C LEU A 79 -8.42 4.62 0.10
N ASP A 80 -9.39 3.91 -0.47
CA ASP A 80 -9.74 4.06 -1.90
C ASP A 80 -10.09 5.50 -2.21
N ASN A 81 -10.81 6.14 -1.30
CA ASN A 81 -11.25 7.53 -1.43
C ASN A 81 -10.03 8.41 -1.48
N LEU A 82 -9.17 8.24 -0.48
CA LEU A 82 -7.94 9.01 -0.35
C LEU A 82 -7.06 8.84 -1.55
N MET A 83 -6.95 7.61 -1.99
CA MET A 83 -6.17 7.28 -3.19
C MET A 83 -6.65 8.07 -4.35
N ILE A 84 -7.94 7.94 -4.66
CA ILE A 84 -8.52 8.64 -5.77
C ILE A 84 -8.35 10.15 -5.61
N LYS A 85 -8.53 10.66 -4.40
CA LYS A 85 -8.36 12.08 -4.10
C LYS A 85 -6.95 12.58 -4.40
N VAL A 86 -5.95 11.75 -4.14
CA VAL A 86 -4.57 12.10 -4.44
C VAL A 86 -4.36 12.03 -5.95
N TYR A 87 -4.82 10.95 -6.56
CA TYR A 87 -4.64 10.74 -7.99
C TYR A 87 -5.39 11.75 -8.79
N GLU A 88 -6.47 12.27 -8.22
CA GLU A 88 -7.16 13.42 -8.81
C GLU A 88 -6.16 14.52 -9.04
N ILE A 89 -5.37 14.82 -8.02
CA ILE A 89 -4.42 15.93 -8.08
C ILE A 89 -3.32 15.60 -9.07
N THR A 90 -2.86 14.38 -8.99
CA THR A 90 -1.82 13.85 -9.83
C THR A 90 -2.21 13.91 -11.36
N LYS A 91 -3.45 13.60 -11.68
CA LYS A 91 -3.91 13.64 -13.08
C LYS A 91 -4.39 15.05 -13.46
N GLY A 92 -4.93 15.75 -12.50
CA GLY A 92 -5.48 17.06 -12.69
C GLY A 92 -6.71 17.18 -11.84
N THR A 93 -7.77 16.53 -12.27
CA THR A 93 -8.99 16.37 -11.49
C THR A 93 -9.80 15.23 -12.11
N VAL A 94 -9.67 14.05 -11.58
CA VAL A 94 -10.37 12.86 -12.09
C VAL A 94 -10.70 11.93 -10.95
N GLU A 95 -11.95 11.92 -10.58
CA GLU A 95 -12.43 11.03 -9.54
C GLU A 95 -12.95 9.78 -10.25
N SER A 96 -12.07 8.82 -10.38
CA SER A 96 -12.35 7.59 -11.10
C SER A 96 -13.40 6.71 -10.41
N SER A 97 -13.11 6.23 -9.21
CA SER A 97 -14.03 5.35 -8.51
C SER A 97 -13.81 5.43 -6.99
N ALA A 98 -14.53 6.31 -6.36
CA ALA A 98 -14.49 6.45 -4.92
C ALA A 98 -15.78 7.05 -4.41
N GLN A 99 -16.22 8.15 -5.04
CA GLN A 99 -17.37 8.95 -4.61
C GLN A 99 -17.03 9.62 -3.27
N GLY A 100 -16.46 10.80 -3.36
CA GLY A 100 -15.99 11.48 -2.19
C GLY A 100 -16.56 12.86 -2.06
N THR A 101 -17.03 13.16 -0.90
CA THR A 101 -17.59 14.42 -0.58
C THR A 101 -16.54 15.30 0.12
N ASP A 102 -16.20 16.42 -0.47
CA ASP A 102 -15.18 17.29 0.08
C ASP A 102 -15.48 18.75 -0.18
N SER A 103 -14.98 19.59 0.69
CA SER A 103 -15.11 21.02 0.60
C SER A 103 -13.70 21.62 0.57
N GLU A 104 -13.57 22.94 0.55
CA GLU A 104 -12.28 23.60 0.34
C GLU A 104 -11.21 23.24 1.35
N GLU A 105 -11.54 23.28 2.64
CA GLU A 105 -10.54 22.94 3.68
C GLU A 105 -10.06 21.53 3.50
N LEU A 106 -10.96 20.71 2.99
CA LEU A 106 -10.69 19.31 2.78
C LEU A 106 -9.76 19.14 1.62
N LYS A 107 -10.05 19.83 0.52
CA LYS A 107 -9.20 19.76 -0.64
C LYS A 107 -7.82 20.28 -0.31
N THR A 108 -7.77 21.39 0.41
CA THR A 108 -6.51 21.98 0.81
C THR A 108 -5.69 21.00 1.69
N LEU A 109 -6.38 20.25 2.56
CA LEU A 109 -5.73 19.25 3.39
C LEU A 109 -5.13 18.16 2.46
N LEU A 110 -5.93 17.74 1.49
CA LEU A 110 -5.54 16.70 0.53
C LEU A 110 -4.40 17.20 -0.35
N LEU A 111 -4.43 18.48 -0.63
CA LEU A 111 -3.40 19.15 -1.42
C LEU A 111 -2.07 19.11 -0.73
N LYS A 112 -2.04 19.45 0.56
CA LYS A 112 -0.79 19.44 1.28
C LYS A 112 -0.34 18.04 1.45
N PHE A 113 -1.27 17.14 1.56
CA PHE A 113 -0.96 15.74 1.62
C PHE A 113 -0.27 15.28 0.36
N SER A 114 -0.86 15.56 -0.76
CA SER A 114 -0.30 15.16 -2.01
C SER A 114 1.02 15.90 -2.30
N GLU A 115 1.10 17.16 -1.89
CA GLU A 115 2.31 17.96 -2.07
C GLU A 115 3.43 17.46 -1.14
N ASP A 116 3.05 17.15 0.07
CA ASP A 116 3.98 16.64 1.09
C ASP A 116 4.63 15.36 0.55
N LEU A 117 3.76 14.48 0.04
CA LEU A 117 4.14 13.22 -0.57
C LEU A 117 5.05 13.51 -1.75
N LYS A 118 4.63 14.45 -2.62
CA LYS A 118 5.41 14.89 -3.80
C LYS A 118 6.84 15.28 -3.40
N ALA A 119 6.95 16.03 -2.32
CA ALA A 119 8.23 16.49 -1.84
C ALA A 119 9.12 15.34 -1.46
N GLU A 120 8.61 14.46 -0.60
CA GLU A 120 9.37 13.29 -0.16
C GLU A 120 9.72 12.44 -1.38
N GLN A 121 8.80 12.42 -2.32
CA GLN A 121 8.84 11.60 -3.51
C GLN A 121 10.00 11.98 -4.39
N GLU A 122 10.02 13.20 -4.86
CA GLU A 122 11.05 13.59 -5.78
C GLU A 122 12.38 13.86 -5.11
N LEU A 123 12.37 14.14 -3.82
CA LEU A 123 13.62 14.35 -3.14
C LEU A 123 14.31 12.97 -2.96
N HIS A 124 13.54 11.93 -2.62
CA HIS A 124 14.12 10.58 -2.51
C HIS A 124 14.49 10.08 -3.91
N SER A 125 13.64 10.41 -4.87
CA SER A 125 13.83 10.05 -6.28
C SER A 125 15.13 10.71 -6.80
N GLU A 126 15.49 11.83 -6.21
CA GLU A 126 16.74 12.45 -6.49
C GLU A 126 17.86 11.68 -5.74
N ALA A 127 17.74 11.70 -4.41
CA ALA A 127 18.74 11.17 -3.47
C ALA A 127 19.26 9.78 -3.82
N LYS A 128 18.37 8.82 -3.90
CA LYS A 128 18.80 7.45 -4.12
C LYS A 128 18.81 7.11 -5.62
N GLY A 129 18.34 8.04 -6.45
CA GLY A 129 18.19 7.71 -7.85
C GLY A 129 16.91 6.93 -8.05
N GLY A 130 15.84 7.64 -8.20
CA GLY A 130 14.53 7.07 -8.32
C GLY A 130 14.35 6.24 -9.54
N GLU A 131 14.96 6.65 -10.63
CA GLU A 131 14.86 5.90 -11.87
C GLU A 131 15.60 4.58 -11.74
N ALA A 132 16.71 4.63 -11.02
CA ALA A 132 17.49 3.44 -10.73
C ALA A 132 16.70 2.52 -9.82
N LEU A 133 16.15 3.08 -8.76
CA LEU A 133 15.31 2.35 -7.81
C LEU A 133 14.12 1.72 -8.51
N LEU A 134 13.48 2.49 -9.37
CA LEU A 134 12.33 2.03 -10.12
C LEU A 134 12.72 0.88 -11.04
N SER A 135 13.91 0.97 -11.62
CA SER A 135 14.43 -0.09 -12.45
C SER A 135 14.59 -1.37 -11.62
N SER A 136 15.16 -1.24 -10.43
CA SER A 136 15.32 -2.38 -9.53
C SER A 136 13.94 -2.93 -9.15
N MET A 137 13.07 -2.00 -8.77
CA MET A 137 11.71 -2.29 -8.33
C MET A 137 10.96 -3.08 -9.39
N LYS A 138 10.95 -2.56 -10.62
CA LYS A 138 10.27 -3.20 -11.72
C LYS A 138 10.86 -4.54 -12.01
N THR A 139 12.16 -4.60 -12.09
CA THR A 139 12.85 -5.82 -12.45
C THR A 139 12.60 -6.96 -11.45
N GLN A 140 12.64 -6.64 -10.20
CA GLN A 140 12.46 -7.62 -9.16
C GLN A 140 11.00 -8.05 -9.06
N HIS A 141 10.09 -7.10 -9.22
CA HIS A 141 8.66 -7.40 -9.22
C HIS A 141 8.33 -8.18 -10.49
N ASP A 142 9.04 -7.87 -11.55
CA ASP A 142 8.87 -8.54 -12.84
C ASP A 142 9.34 -9.96 -12.73
N GLU A 143 10.48 -10.14 -12.06
CA GLU A 143 11.03 -11.44 -11.74
C GLU A 143 9.99 -12.27 -11.04
N LEU A 144 9.43 -11.69 -10.00
CA LEU A 144 8.39 -12.31 -9.22
C LEU A 144 7.22 -12.72 -10.10
N LEU A 145 6.65 -11.78 -10.83
CA LEU A 145 5.51 -12.05 -11.73
C LEU A 145 5.83 -13.13 -12.74
N LYS A 146 7.01 -13.05 -13.29
CA LYS A 146 7.53 -14.07 -14.19
C LYS A 146 7.50 -15.44 -13.50
N LYS A 147 7.96 -15.48 -12.27
CA LYS A 147 7.96 -16.69 -11.45
C LYS A 147 6.57 -17.25 -11.21
N PHE A 148 5.60 -16.39 -10.97
CA PHE A 148 4.22 -16.82 -10.78
C PHE A 148 3.62 -17.29 -12.09
N ALA A 149 4.12 -16.75 -13.19
CA ALA A 149 3.67 -17.15 -14.51
C ALA A 149 4.33 -18.45 -14.92
N ALA A 150 5.52 -18.64 -14.41
CA ALA A 150 6.31 -19.83 -14.68
C ALA A 150 5.81 -20.98 -13.84
N LEU A 151 5.28 -20.63 -12.69
CA LEU A 151 4.68 -21.56 -11.80
C LEU A 151 3.29 -21.91 -12.28
N THR A 152 2.90 -23.12 -12.01
CA THR A 152 1.60 -23.57 -12.28
C THR A 152 0.87 -23.73 -10.95
N PRO A 153 -0.31 -23.14 -10.81
CA PRO A 153 -0.92 -22.30 -11.82
C PRO A 153 -0.42 -20.85 -11.74
N THR A 154 -0.61 -20.09 -12.80
CA THR A 154 -0.31 -18.69 -12.77
C THR A 154 -1.42 -18.01 -12.01
N PHE A 155 -1.13 -17.71 -10.77
CA PHE A 155 -2.12 -17.23 -9.86
C PHE A 155 -2.36 -15.72 -9.96
N LEU A 156 -1.42 -14.99 -10.52
CA LEU A 156 -1.57 -13.58 -10.60
C LEU A 156 -2.42 -13.16 -11.76
N THR A 157 -2.84 -11.97 -11.69
CA THR A 157 -3.75 -11.39 -12.62
C THR A 157 -3.00 -10.59 -13.70
N SER A 158 -3.30 -10.90 -14.94
CA SER A 158 -2.67 -10.28 -16.10
C SER A 158 -2.95 -8.75 -16.18
N GLU A 159 -2.11 -8.04 -16.94
CA GLU A 159 -2.13 -6.56 -17.04
C GLU A 159 -3.46 -6.01 -17.60
N ASP A 160 -4.23 -6.85 -18.30
CA ASP A 160 -5.53 -6.41 -18.85
C ASP A 160 -6.58 -6.28 -17.78
N ILE A 161 -6.40 -6.97 -16.67
CA ILE A 161 -7.37 -6.90 -15.61
C ILE A 161 -6.79 -6.12 -14.45
N SER A 162 -5.52 -6.30 -14.22
CA SER A 162 -4.78 -5.48 -13.33
C SER A 162 -4.44 -4.18 -14.08
N GLY A 163 -5.47 -3.37 -14.33
CA GLY A 163 -5.32 -2.11 -15.06
C GLY A 163 -4.71 -1.01 -14.22
N TYR A 164 -3.69 -1.37 -13.51
CA TYR A 164 -2.94 -0.51 -12.65
C TYR A 164 -1.56 -1.06 -12.65
N LEU A 165 -0.61 -0.22 -12.49
CA LEU A 165 0.76 -0.65 -12.46
C LEU A 165 1.04 -1.11 -11.07
N THR A 166 1.17 -2.43 -10.87
CA THR A 166 1.44 -2.97 -9.55
C THR A 166 2.78 -2.47 -9.04
N VAL A 167 3.72 -2.42 -9.94
CA VAL A 167 4.93 -1.73 -9.72
C VAL A 167 4.78 -0.39 -10.46
N PRO A 168 4.37 0.64 -9.74
CA PRO A 168 3.99 1.87 -10.33
C PRO A 168 5.09 2.89 -10.42
N GLU A 169 4.74 3.95 -11.02
CA GLU A 169 5.54 5.10 -11.14
C GLU A 169 4.94 6.07 -10.13
N TYR A 170 5.67 7.10 -9.81
CA TYR A 170 5.25 8.09 -8.81
C TYR A 170 3.88 8.71 -9.12
N GLY A 171 3.52 8.71 -10.38
CA GLY A 171 2.25 9.27 -10.77
C GLY A 171 1.30 8.21 -11.30
N ALA A 172 1.47 6.99 -10.86
CA ALA A 172 0.62 5.90 -11.28
C ALA A 172 -0.20 5.41 -10.10
N PRO A 173 -1.41 4.90 -10.32
CA PRO A 173 -2.30 4.53 -9.25
C PRO A 173 -2.12 3.12 -8.68
N MET A 174 -2.03 3.08 -7.36
CA MET A 174 -2.07 1.84 -6.62
C MET A 174 -3.52 1.57 -6.28
N ASN A 175 -4.17 0.76 -7.10
CA ASN A 175 -5.57 0.42 -6.89
C ASN A 175 -5.70 -0.41 -5.61
N ALA A 176 -6.16 0.24 -4.56
CA ALA A 176 -6.30 -0.37 -3.24
C ALA A 176 -7.29 -1.53 -3.25
N ALA A 177 -8.41 -1.34 -3.93
CA ALA A 177 -9.42 -2.38 -4.03
C ALA A 177 -8.88 -3.61 -4.76
N LYS A 178 -8.14 -3.39 -5.84
CA LYS A 178 -7.60 -4.49 -6.61
C LYS A 178 -6.49 -5.16 -5.86
N TRP A 179 -5.73 -4.38 -5.10
CA TRP A 179 -4.76 -4.96 -4.17
C TRP A 179 -5.45 -5.90 -3.21
N ALA A 180 -6.46 -5.40 -2.53
CA ALA A 180 -7.23 -6.21 -1.57
C ALA A 180 -7.84 -7.44 -2.24
N LYS A 181 -8.15 -7.30 -3.52
CA LYS A 181 -8.67 -8.40 -4.31
C LYS A 181 -7.60 -9.46 -4.56
N VAL A 182 -6.45 -9.06 -5.10
CA VAL A 182 -5.39 -10.02 -5.42
C VAL A 182 -4.77 -10.62 -4.16
N GLU A 183 -4.52 -9.78 -3.20
CA GLU A 183 -4.00 -10.20 -1.92
C GLU A 183 -5.07 -11.01 -1.19
N GLY A 184 -6.33 -10.66 -1.45
CA GLY A 184 -7.44 -11.43 -0.93
C GLY A 184 -7.45 -12.83 -1.49
N MET A 185 -7.07 -12.97 -2.77
CA MET A 185 -6.95 -14.29 -3.39
C MET A 185 -5.86 -15.07 -2.66
N ILE A 186 -4.72 -14.39 -2.45
CA ILE A 186 -3.59 -14.95 -1.68
C ILE A 186 -4.03 -15.39 -0.29
N HIS A 187 -4.70 -14.52 0.41
CA HIS A 187 -5.23 -14.79 1.74
C HIS A 187 -6.19 -15.97 1.69
N GLY A 188 -6.99 -15.98 0.65
CA GLY A 188 -7.95 -17.03 0.40
C GLY A 188 -7.30 -18.38 0.16
N LYS A 189 -6.13 -18.34 -0.42
CA LYS A 189 -5.35 -19.53 -0.66
C LYS A 189 -4.57 -19.90 0.59
N LEU A 190 -4.13 -18.90 1.31
CA LEU A 190 -3.42 -19.04 2.54
C LEU A 190 -4.29 -19.63 3.66
N GLU A 191 -5.59 -19.50 3.52
CA GLU A 191 -6.53 -20.15 4.45
C GLU A 191 -7.02 -21.48 3.88
N SER A 192 -6.54 -21.84 2.71
CA SER A 192 -7.01 -23.01 2.01
C SER A 192 -5.97 -24.15 2.13
N SER A 193 -6.23 -25.24 1.43
CA SER A 193 -5.44 -26.45 1.47
C SER A 193 -4.21 -26.41 0.57
N GLU A 194 -3.77 -25.22 0.20
CA GLU A 194 -2.64 -25.07 -0.70
C GLU A 194 -1.36 -25.47 -0.02
N VAL A 195 -0.46 -26.04 -0.77
CA VAL A 195 0.83 -26.42 -0.25
C VAL A 195 1.82 -25.28 -0.51
N PRO A 196 2.23 -24.55 0.52
CA PRO A 196 3.10 -23.43 0.36
C PRO A 196 4.56 -23.84 0.18
N ALA A 197 4.93 -24.15 -1.04
CA ALA A 197 6.32 -24.47 -1.33
C ALA A 197 6.94 -23.41 -2.23
N ASN A 198 6.85 -23.60 -3.53
CA ASN A 198 7.43 -22.66 -4.49
C ASN A 198 6.62 -21.38 -4.45
N LEU A 199 5.32 -21.55 -4.39
CA LEU A 199 4.38 -20.46 -4.25
C LEU A 199 4.71 -19.65 -3.00
N LYS A 200 5.03 -20.34 -1.90
CA LYS A 200 5.39 -19.67 -0.64
C LYS A 200 6.60 -18.81 -0.84
N ALA A 201 7.60 -19.35 -1.53
CA ALA A 201 8.83 -18.62 -1.80
C ALA A 201 8.53 -17.35 -2.57
N LEU A 202 7.71 -17.50 -3.58
CA LEU A 202 7.33 -16.40 -4.45
C LEU A 202 6.53 -15.36 -3.70
N VAL A 203 5.53 -15.80 -2.97
CA VAL A 203 4.69 -14.92 -2.19
C VAL A 203 5.50 -14.18 -1.14
N ALA A 204 6.35 -14.90 -0.43
CA ALA A 204 7.18 -14.30 0.60
C ALA A 204 8.16 -13.30 0.00
N GLU A 205 8.71 -13.61 -1.19
CA GLU A 205 9.58 -12.65 -1.84
C GLU A 205 8.80 -11.46 -2.36
N LEU A 206 7.57 -11.72 -2.80
CA LEU A 206 6.66 -10.67 -3.23
C LEU A 206 6.37 -9.73 -2.08
N ILE A 207 6.06 -10.32 -0.93
CA ILE A 207 5.80 -9.61 0.31
C ILE A 207 7.00 -8.72 0.64
N GLU A 208 8.13 -9.36 0.80
CA GLU A 208 9.39 -8.75 1.21
C GLU A 208 9.80 -7.62 0.22
N LEU A 209 9.80 -7.95 -1.07
CA LEU A 209 10.22 -7.01 -2.09
C LEU A 209 9.25 -5.84 -2.22
N ARG A 210 7.94 -6.12 -2.27
CA ARG A 210 6.94 -5.06 -2.44
C ARG A 210 6.93 -4.15 -1.22
N ALA A 211 7.21 -4.73 -0.05
CA ALA A 211 7.27 -3.99 1.19
C ALA A 211 8.40 -3.01 1.11
N GLN A 212 9.61 -3.54 0.83
CA GLN A 212 10.80 -2.72 0.69
C GLN A 212 10.61 -1.65 -0.34
N MET A 213 10.04 -2.02 -1.45
CA MET A 213 9.90 -1.13 -2.56
C MET A 213 9.01 0.03 -2.28
N MET A 214 7.92 -0.20 -1.61
CA MET A 214 7.06 0.90 -1.22
C MET A 214 7.68 1.66 -0.06
N ALA A 215 8.42 0.97 0.77
CA ALA A 215 9.08 1.59 1.92
C ALA A 215 10.19 2.51 1.45
N LEU A 216 10.68 2.22 0.29
CA LEU A 216 11.64 3.04 -0.39
C LEU A 216 10.93 4.12 -1.21
N LEU A 217 9.89 3.70 -1.92
CA LEU A 217 9.06 4.58 -2.78
C LEU A 217 8.47 5.73 -1.97
N TYR A 218 8.19 5.44 -0.73
CA TYR A 218 7.63 6.38 0.21
C TYR A 218 8.57 6.51 1.40
N GLY A 219 9.82 6.31 1.15
CA GLY A 219 10.80 6.26 2.21
C GLY A 219 11.32 7.61 2.69
N PRO A 220 12.28 7.59 3.62
CA PRO A 220 12.88 8.79 4.16
C PRO A 220 13.96 9.33 3.22
N ILE A 221 14.42 10.50 3.52
CA ILE A 221 15.45 11.10 2.74
C ILE A 221 16.79 10.64 3.28
N GLY A 222 17.49 9.87 2.48
CA GLY A 222 18.78 9.34 2.87
C GLY A 222 19.33 8.48 1.78
N HIS A 223 19.98 7.40 2.12
CA HIS A 223 20.52 6.50 1.12
C HIS A 223 20.27 5.07 1.56
N HIS A 224 19.36 4.44 0.91
CA HIS A 224 18.98 3.08 1.20
C HIS A 224 19.19 2.28 -0.05
N VAL A 1 25.05 -12.05 6.88
CA VAL A 1 24.14 -11.75 7.98
C VAL A 1 22.92 -11.04 7.39
N LYS A 2 21.78 -11.20 8.03
CA LYS A 2 20.51 -10.59 7.64
C LYS A 2 19.94 -11.16 6.36
N THR A 3 19.09 -12.11 6.53
CA THR A 3 18.41 -12.80 5.45
C THR A 3 16.94 -12.38 5.46
N LEU A 4 16.10 -13.02 4.63
CA LEU A 4 14.66 -12.74 4.53
C LEU A 4 14.01 -12.70 5.88
N ASP A 5 14.31 -13.67 6.72
CA ASP A 5 13.73 -13.78 8.07
C ASP A 5 14.04 -12.54 8.88
N VAL A 6 15.22 -12.04 8.68
CA VAL A 6 15.68 -10.92 9.42
C VAL A 6 15.05 -9.66 8.89
N LEU A 7 15.03 -9.54 7.57
CA LEU A 7 14.37 -8.42 6.90
C LEU A 7 12.92 -8.40 7.34
N ARG A 8 12.29 -9.56 7.29
CA ARG A 8 10.93 -9.78 7.74
C ARG A 8 10.77 -9.37 9.18
N GLY A 9 11.75 -9.69 10.00
CA GLY A 9 11.72 -9.32 11.40
C GLY A 9 11.84 -7.82 11.60
N GLU A 10 12.68 -7.19 10.82
CA GLU A 10 12.84 -5.75 10.87
C GLU A 10 11.57 -5.07 10.40
N LEU A 11 11.01 -5.61 9.33
CA LEU A 11 9.78 -5.15 8.77
C LEU A 11 8.66 -5.34 9.75
N ARG A 12 8.69 -6.47 10.44
CA ARG A 12 7.76 -6.73 11.55
C ARG A 12 7.79 -5.60 12.54
N GLY A 13 8.99 -5.26 13.00
CA GLY A 13 9.16 -4.16 13.94
C GLY A 13 8.57 -2.87 13.40
N GLN A 14 8.77 -2.63 12.11
CA GLN A 14 8.24 -1.45 11.43
C GLN A 14 6.70 -1.50 11.37
N ARG A 15 6.13 -2.61 10.93
CA ARG A 15 4.67 -2.77 10.78
C ARG A 15 3.98 -2.69 12.12
N GLU A 16 4.59 -3.31 13.11
CA GLU A 16 4.06 -3.33 14.45
C GLU A 16 4.19 -1.96 15.09
N ALA A 17 5.26 -1.25 14.77
CA ALA A 17 5.44 0.13 15.25
C ALA A 17 4.36 0.99 14.63
N PHE A 18 4.12 0.77 13.35
CA PHE A 18 3.10 1.46 12.60
C PHE A 18 1.76 1.28 13.27
N LEU A 19 1.35 0.03 13.39
CA LEU A 19 0.10 -0.35 14.04
C LEU A 19 -0.02 0.28 15.45
N SER A 20 1.08 0.28 16.20
CA SER A 20 1.13 0.87 17.53
C SER A 20 0.79 2.37 17.46
N GLU A 21 1.39 3.06 16.50
CA GLU A 21 1.19 4.46 16.34
C GLU A 21 -0.20 4.75 15.87
N ILE A 22 -0.74 3.86 15.07
CA ILE A 22 -2.05 4.09 14.54
C ILE A 22 -3.10 3.93 15.62
N ILE A 23 -2.98 2.87 16.42
CA ILE A 23 -3.92 2.65 17.49
C ILE A 23 -3.79 3.73 18.59
N LYS A 24 -2.59 4.29 18.74
CA LYS A 24 -2.39 5.39 19.68
C LYS A 24 -2.97 6.69 19.14
N SER A 25 -2.87 6.90 17.85
CA SER A 25 -3.27 8.16 17.26
C SER A 25 -4.74 8.18 16.90
N ASP A 26 -5.40 9.24 17.26
CA ASP A 26 -6.81 9.43 16.97
C ASP A 26 -6.92 10.81 16.32
N GLY A 27 -5.78 11.26 15.83
CA GLY A 27 -5.65 12.57 15.27
C GLY A 27 -5.00 12.56 13.91
N PRO A 28 -4.26 13.64 13.55
CA PRO A 28 -3.66 13.80 12.20
C PRO A 28 -2.68 12.70 11.80
N PHE A 29 -2.68 12.39 10.52
CA PHE A 29 -1.80 11.39 9.93
C PHE A 29 -1.09 12.00 8.74
N THR A 30 -0.03 11.37 8.32
CA THR A 30 0.72 11.84 7.17
C THR A 30 0.39 10.96 5.96
N ILE A 31 0.42 11.53 4.75
CA ILE A 31 0.14 10.79 3.49
C ILE A 31 1.00 9.52 3.36
N LEU A 32 2.28 9.65 3.66
CA LEU A 32 3.22 8.53 3.61
C LEU A 32 2.79 7.46 4.61
N GLN A 33 2.29 7.91 5.72
CA GLN A 33 1.82 7.06 6.80
C GLN A 33 0.48 6.41 6.47
N LEU A 34 -0.29 7.09 5.65
CA LEU A 34 -1.59 6.60 5.23
C LEU A 34 -1.38 5.43 4.28
N VAL A 35 -0.51 5.63 3.29
CA VAL A 35 -0.24 4.57 2.34
C VAL A 35 0.61 3.47 3.03
N GLY A 36 1.36 3.88 4.02
CA GLY A 36 2.08 2.94 4.84
C GLY A 36 1.10 2.06 5.61
N TYR A 37 -0.02 2.64 6.03
CA TYR A 37 -1.05 1.90 6.70
C TYR A 37 -1.72 0.98 5.72
N LEU A 38 -1.79 1.42 4.48
CA LEU A 38 -2.26 0.56 3.41
C LEU A 38 -1.39 -0.70 3.34
N ARG A 39 -0.07 -0.50 3.45
CA ARG A 39 0.88 -1.61 3.49
C ARG A 39 0.53 -2.48 4.72
N VAL A 40 0.25 -1.83 5.87
CA VAL A 40 -0.14 -2.53 7.09
C VAL A 40 -1.39 -3.43 6.87
N VAL A 41 -2.42 -2.88 6.23
CA VAL A 41 -3.63 -3.65 6.00
C VAL A 41 -3.50 -4.63 4.83
N ASP A 42 -2.52 -4.42 3.99
CA ASP A 42 -2.26 -5.31 2.87
C ASP A 42 -1.68 -6.59 3.42
N THR A 43 -0.69 -6.44 4.29
CA THR A 43 -0.09 -7.56 4.94
C THR A 43 -1.07 -8.14 5.95
N ASP A 44 -1.98 -7.31 6.46
CA ASP A 44 -3.08 -7.77 7.30
C ASP A 44 -3.90 -8.83 6.61
N LEU A 45 -4.34 -8.52 5.40
CA LEU A 45 -5.13 -9.47 4.64
C LEU A 45 -4.25 -10.68 4.28
N LEU A 46 -3.16 -10.39 3.61
CA LEU A 46 -2.21 -11.36 3.09
C LEU A 46 -1.71 -12.39 4.14
N LEU A 47 -1.42 -11.95 5.33
CA LEU A 47 -0.88 -12.83 6.35
C LEU A 47 -2.03 -13.32 7.24
N LYS A 48 -3.17 -12.65 7.14
CA LYS A 48 -4.33 -12.85 7.99
C LYS A 48 -3.97 -12.51 9.45
N VAL A 49 -3.59 -11.25 9.63
CA VAL A 49 -3.12 -10.70 10.91
C VAL A 49 -4.35 -10.32 11.78
N ASP A 50 -4.12 -9.99 13.08
CA ASP A 50 -5.20 -9.61 14.04
C ASP A 50 -6.22 -8.64 13.47
N SER A 51 -7.35 -9.19 13.18
CA SER A 51 -8.46 -8.52 12.59
C SER A 51 -9.00 -7.40 13.51
N THR A 52 -8.90 -7.59 14.80
CA THR A 52 -9.44 -6.60 15.70
C THR A 52 -8.46 -5.42 15.85
N LYS A 53 -7.16 -5.70 15.76
CA LYS A 53 -6.16 -4.63 15.86
C LYS A 53 -6.32 -3.73 14.67
N VAL A 54 -6.43 -4.34 13.49
CA VAL A 54 -6.60 -3.55 12.27
C VAL A 54 -7.94 -2.85 12.22
N ASP A 55 -8.97 -3.50 12.76
CA ASP A 55 -10.32 -2.91 12.83
C ASP A 55 -10.26 -1.63 13.62
N GLU A 56 -9.68 -1.71 14.81
CA GLU A 56 -9.55 -0.56 15.69
C GLU A 56 -8.64 0.52 15.11
N ALA A 57 -7.47 0.14 14.66
CA ALA A 57 -6.53 1.11 14.11
C ALA A 57 -7.10 1.77 12.85
N GLY A 58 -7.76 0.98 12.00
CA GLY A 58 -8.36 1.52 10.81
C GLY A 58 -9.52 2.40 11.15
N LYS A 59 -10.18 2.08 12.23
CA LYS A 59 -11.30 2.83 12.74
C LYS A 59 -10.82 4.21 13.17
N LYS A 60 -9.63 4.27 13.78
CA LYS A 60 -9.00 5.56 14.13
C LYS A 60 -8.62 6.34 12.88
N VAL A 61 -8.14 5.63 11.87
CA VAL A 61 -7.83 6.24 10.58
C VAL A 61 -9.10 6.84 9.97
N LYS A 62 -10.14 6.02 9.88
CA LYS A 62 -11.43 6.44 9.35
C LYS A 62 -11.98 7.60 10.17
N ALA A 63 -11.73 7.55 11.48
CA ALA A 63 -12.11 8.59 12.41
C ALA A 63 -11.49 9.90 11.99
N TYR A 64 -10.19 9.88 11.71
CA TYR A 64 -9.47 11.07 11.26
C TYR A 64 -10.13 11.64 10.03
N LEU A 65 -10.30 10.76 9.04
CA LEU A 65 -10.92 11.15 7.81
C LEU A 65 -12.30 11.74 8.04
N GLU A 66 -13.10 11.06 8.80
CA GLU A 66 -14.46 11.52 9.09
C GLU A 66 -14.43 12.85 9.91
N LYS A 67 -13.37 13.07 10.70
CA LYS A 67 -13.20 14.32 11.44
C LYS A 67 -12.92 15.49 10.51
N ILE A 68 -12.12 15.26 9.47
CA ILE A 68 -11.92 16.33 8.48
C ILE A 68 -13.16 16.44 7.61
N GLY A 69 -13.88 15.34 7.55
CA GLY A 69 -15.18 15.32 6.92
C GLY A 69 -15.24 14.42 5.73
N ILE A 70 -14.52 13.35 5.81
CA ILE A 70 -14.49 12.37 4.77
C ILE A 70 -15.15 11.09 5.21
N ARG A 71 -16.27 10.79 4.60
CA ARG A 71 -17.01 9.60 4.90
C ARG A 71 -16.60 8.47 3.97
N GLY A 72 -16.48 7.29 4.52
CA GLY A 72 -16.11 6.15 3.74
C GLY A 72 -16.89 4.95 4.18
N ASP A 73 -16.92 3.94 3.34
CA ASP A 73 -17.64 2.68 3.64
C ASP A 73 -16.88 1.88 4.68
N SER A 74 -15.78 1.34 4.25
CA SER A 74 -14.90 0.60 5.08
C SER A 74 -13.53 1.21 4.93
N VAL A 75 -12.56 0.77 5.68
CA VAL A 75 -11.25 1.39 5.63
C VAL A 75 -10.55 1.16 4.29
N GLU A 76 -10.80 0.04 3.68
CA GLU A 76 -10.25 -0.30 2.38
C GLU A 76 -10.88 0.60 1.32
N ALA A 77 -12.14 0.91 1.52
CA ALA A 77 -12.90 1.73 0.60
C ALA A 77 -12.55 3.19 0.79
N ALA A 78 -12.31 3.56 2.04
CA ALA A 78 -11.89 4.91 2.38
C ALA A 78 -10.53 5.16 1.78
N LEU A 79 -9.66 4.18 1.92
CA LEU A 79 -8.34 4.20 1.33
C LEU A 79 -8.45 4.39 -0.17
N ASP A 80 -9.33 3.62 -0.79
CA ASP A 80 -9.55 3.72 -2.25
C ASP A 80 -10.01 5.11 -2.62
N ASN A 81 -10.95 5.62 -1.84
CA ASN A 81 -11.52 6.96 -2.01
C ASN A 81 -10.40 8.00 -1.99
N LEU A 82 -9.52 7.85 -1.01
CA LEU A 82 -8.38 8.74 -0.85
C LEU A 82 -7.45 8.61 -2.02
N MET A 83 -7.19 7.39 -2.41
CA MET A 83 -6.35 7.10 -3.59
C MET A 83 -6.87 7.82 -4.79
N ILE A 84 -8.15 7.62 -5.07
CA ILE A 84 -8.82 8.26 -6.18
C ILE A 84 -8.64 9.76 -6.14
N LYS A 85 -8.84 10.34 -4.98
CA LYS A 85 -8.72 11.79 -4.84
C LYS A 85 -7.29 12.30 -4.93
N VAL A 86 -6.33 11.52 -4.46
CA VAL A 86 -4.93 11.90 -4.62
C VAL A 86 -4.56 11.84 -6.09
N TYR A 87 -4.93 10.74 -6.75
CA TYR A 87 -4.64 10.58 -8.16
C TYR A 87 -5.36 11.61 -8.98
N GLU A 88 -6.53 12.00 -8.54
CA GLU A 88 -7.30 13.06 -9.17
C GLU A 88 -6.49 14.39 -9.20
N ILE A 89 -5.67 14.61 -8.17
CA ILE A 89 -4.84 15.82 -8.10
C ILE A 89 -3.62 15.63 -8.99
N THR A 90 -3.09 14.43 -8.94
CA THR A 90 -1.93 14.00 -9.65
C THR A 90 -2.18 14.00 -11.19
N LYS A 91 -3.33 13.54 -11.59
CA LYS A 91 -3.73 13.49 -12.98
C LYS A 91 -4.29 14.84 -13.41
N GLY A 92 -4.91 15.55 -12.48
CA GLY A 92 -5.40 16.88 -12.75
C GLY A 92 -6.74 16.85 -13.42
N THR A 93 -7.47 15.83 -13.18
CA THR A 93 -8.75 15.66 -13.77
C THR A 93 -9.54 14.74 -12.86
N VAL A 94 -10.85 14.85 -12.92
CA VAL A 94 -11.72 14.08 -12.06
C VAL A 94 -11.65 12.58 -12.35
N GLU A 95 -11.53 11.81 -11.30
CA GLU A 95 -11.47 10.37 -11.41
C GLU A 95 -12.83 9.75 -11.15
N SER A 96 -13.04 8.57 -11.66
CA SER A 96 -14.32 7.92 -11.58
C SER A 96 -14.59 7.33 -10.19
N SER A 97 -15.36 8.07 -9.42
CA SER A 97 -15.87 7.72 -8.10
C SER A 97 -16.88 8.78 -7.74
N ALA A 98 -17.94 8.39 -7.10
CA ALA A 98 -18.99 9.33 -6.76
C ALA A 98 -18.83 9.87 -5.36
N GLN A 99 -18.03 10.91 -5.22
CA GLN A 99 -17.88 11.59 -3.94
C GLN A 99 -18.98 12.64 -3.93
N GLY A 100 -19.03 13.41 -5.01
CA GLY A 100 -20.11 14.34 -5.20
C GLY A 100 -19.79 15.79 -4.90
N THR A 101 -18.63 16.06 -4.32
CA THR A 101 -18.28 17.42 -3.95
C THR A 101 -16.81 17.46 -3.49
N ASP A 102 -16.35 18.60 -3.05
CA ASP A 102 -15.05 18.74 -2.45
C ASP A 102 -15.15 19.66 -1.26
N SER A 103 -14.68 19.17 -0.14
CA SER A 103 -14.65 19.91 1.08
C SER A 103 -13.36 20.72 1.13
N GLU A 104 -13.36 21.81 1.87
CA GLU A 104 -12.19 22.64 1.96
C GLU A 104 -11.12 21.93 2.78
N GLU A 105 -11.60 21.20 3.76
CA GLU A 105 -10.73 20.41 4.60
C GLU A 105 -10.10 19.33 3.73
N LEU A 106 -10.90 18.82 2.81
CA LEU A 106 -10.49 17.76 1.92
C LEU A 106 -9.44 18.26 0.96
N LYS A 107 -9.72 19.37 0.32
CA LYS A 107 -8.80 19.90 -0.65
C LYS A 107 -7.49 20.34 -0.01
N THR A 108 -7.56 20.97 1.16
CA THR A 108 -6.35 21.39 1.84
C THR A 108 -5.52 20.16 2.25
N LEU A 109 -6.18 19.11 2.69
CA LEU A 109 -5.49 17.91 3.07
C LEU A 109 -4.97 17.14 1.88
N LEU A 110 -5.72 17.15 0.79
CA LEU A 110 -5.30 16.43 -0.41
C LEU A 110 -4.07 17.08 -0.96
N LEU A 111 -4.04 18.39 -0.87
CA LEU A 111 -2.94 19.15 -1.33
C LEU A 111 -1.72 18.98 -0.45
N LYS A 112 -1.90 18.99 0.86
CA LYS A 112 -0.76 18.75 1.74
C LYS A 112 -0.24 17.37 1.53
N PHE A 113 -1.14 16.44 1.38
CA PHE A 113 -0.77 15.07 1.20
C PHE A 113 0.01 14.86 -0.08
N SER A 114 -0.52 15.34 -1.15
CA SER A 114 0.14 15.20 -2.42
C SER A 114 1.49 15.96 -2.47
N GLU A 115 1.52 17.19 -1.94
CA GLU A 115 2.72 17.99 -1.93
C GLU A 115 3.76 17.44 -0.96
N ASP A 116 3.29 16.91 0.17
CA ASP A 116 4.20 16.35 1.18
C ASP A 116 4.89 15.14 0.60
N LEU A 117 4.05 14.27 -0.01
CA LEU A 117 4.50 13.06 -0.66
C LEU A 117 5.52 13.43 -1.70
N LYS A 118 5.14 14.32 -2.61
CA LYS A 118 6.00 14.78 -3.68
C LYS A 118 7.34 15.32 -3.16
N ALA A 119 7.31 16.03 -2.05
CA ALA A 119 8.52 16.60 -1.48
C ALA A 119 9.50 15.52 -1.01
N GLU A 120 9.02 14.56 -0.24
CA GLU A 120 9.90 13.50 0.24
C GLU A 120 10.25 12.58 -0.93
N GLN A 121 9.36 12.57 -1.91
CA GLN A 121 9.49 11.78 -3.12
C GLN A 121 10.72 12.21 -3.85
N GLU A 122 10.77 13.48 -4.21
CA GLU A 122 11.88 14.03 -4.95
C GLU A 122 13.15 14.00 -4.12
N LEU A 123 13.02 14.23 -2.81
CA LEU A 123 14.17 14.16 -1.92
C LEU A 123 14.81 12.77 -1.96
N HIS A 124 14.00 11.75 -1.77
CA HIS A 124 14.45 10.36 -1.78
C HIS A 124 14.94 9.98 -3.19
N SER A 125 14.13 10.32 -4.19
CA SER A 125 14.38 9.98 -5.58
C SER A 125 15.73 10.51 -6.06
N GLU A 126 16.11 11.70 -5.66
CA GLU A 126 17.38 12.18 -6.11
C GLU A 126 18.53 11.43 -5.44
N ALA A 127 18.60 11.56 -4.12
CA ALA A 127 19.71 11.03 -3.32
C ALA A 127 19.93 9.53 -3.50
N LYS A 128 18.86 8.78 -3.58
CA LYS A 128 18.96 7.33 -3.68
C LYS A 128 18.99 6.89 -5.16
N GLY A 129 18.52 7.75 -6.05
CA GLY A 129 18.37 7.32 -7.43
C GLY A 129 17.02 6.65 -7.66
N GLY A 130 16.05 7.46 -8.02
CA GLY A 130 14.69 7.02 -8.18
C GLY A 130 14.50 6.01 -9.28
N GLU A 131 15.26 6.15 -10.33
CA GLU A 131 15.17 5.21 -11.43
C GLU A 131 15.66 3.82 -11.05
N ALA A 132 16.69 3.76 -10.22
CA ALA A 132 17.22 2.51 -9.73
C ALA A 132 16.25 1.89 -8.75
N LEU A 133 15.66 2.75 -7.94
CA LEU A 133 14.65 2.32 -6.97
C LEU A 133 13.47 1.72 -7.71
N LEU A 134 13.00 2.44 -8.73
CA LEU A 134 11.86 2.02 -9.54
C LEU A 134 12.19 0.74 -10.30
N SER A 135 13.42 0.63 -10.73
CA SER A 135 13.90 -0.53 -11.43
C SER A 135 13.91 -1.74 -10.52
N SER A 136 14.37 -1.58 -9.28
CA SER A 136 14.50 -2.69 -8.39
C SER A 136 13.12 -3.20 -8.02
N MET A 137 12.27 -2.27 -7.61
CA MET A 137 10.94 -2.57 -7.16
C MET A 137 10.11 -3.21 -8.26
N LYS A 138 10.09 -2.61 -9.46
CA LYS A 138 9.29 -3.14 -10.52
C LYS A 138 9.83 -4.40 -11.05
N THR A 139 11.09 -4.45 -11.36
CA THR A 139 11.61 -5.60 -12.03
C THR A 139 11.53 -6.84 -11.16
N GLN A 140 11.74 -6.68 -9.88
CA GLN A 140 11.63 -7.83 -9.05
C GLN A 140 10.18 -8.21 -8.85
N HIS A 141 9.33 -7.24 -8.60
CA HIS A 141 7.89 -7.54 -8.40
C HIS A 141 7.29 -8.10 -9.69
N ASP A 142 7.73 -7.58 -10.81
CA ASP A 142 7.28 -8.03 -12.12
C ASP A 142 7.78 -9.43 -12.38
N GLU A 143 8.99 -9.70 -11.90
CA GLU A 143 9.54 -11.03 -11.98
C GLU A 143 8.75 -11.98 -11.10
N LEU A 144 8.39 -11.54 -9.91
CA LEU A 144 7.57 -12.35 -9.03
C LEU A 144 6.32 -12.78 -9.77
N LEU A 145 5.64 -11.81 -10.34
CA LEU A 145 4.41 -12.05 -11.11
C LEU A 145 4.67 -13.03 -12.26
N LYS A 146 5.82 -12.88 -12.90
CA LYS A 146 6.26 -13.80 -13.95
C LYS A 146 6.30 -15.22 -13.38
N LYS A 147 6.88 -15.35 -12.20
CA LYS A 147 6.94 -16.63 -11.51
C LYS A 147 5.55 -17.20 -11.24
N PHE A 148 4.63 -16.36 -10.80
CA PHE A 148 3.24 -16.77 -10.52
C PHE A 148 2.48 -17.14 -11.80
N ALA A 149 2.87 -16.53 -12.89
CA ALA A 149 2.21 -16.77 -14.16
C ALA A 149 2.81 -17.99 -14.84
N ALA A 150 4.02 -18.30 -14.47
CA ALA A 150 4.70 -19.45 -14.98
C ALA A 150 4.33 -20.67 -14.15
N LEU A 151 4.17 -20.45 -12.87
CA LEU A 151 3.85 -21.47 -11.92
C LEU A 151 2.38 -21.78 -11.95
N THR A 152 2.07 -23.02 -11.87
CA THR A 152 0.74 -23.46 -11.74
C THR A 152 0.51 -23.80 -10.27
N PRO A 153 -0.69 -23.56 -9.75
CA PRO A 153 -1.79 -23.07 -10.52
C PRO A 153 -1.77 -21.54 -10.67
N THR A 154 -1.93 -21.09 -11.89
CA THR A 154 -1.95 -19.69 -12.17
C THR A 154 -3.37 -19.17 -11.91
N PHE A 155 -3.53 -18.49 -10.80
CA PHE A 155 -4.82 -17.93 -10.45
C PHE A 155 -4.88 -16.44 -10.76
N LEU A 156 -3.74 -15.85 -11.06
CA LEU A 156 -3.67 -14.46 -11.31
C LEU A 156 -4.17 -14.12 -12.69
N THR A 157 -4.58 -12.92 -12.80
CA THR A 157 -5.21 -12.39 -13.97
C THR A 157 -4.22 -11.72 -14.91
N SER A 158 -4.69 -11.38 -16.08
CA SER A 158 -3.86 -10.79 -17.10
C SER A 158 -3.74 -9.26 -16.93
N GLU A 159 -2.68 -8.73 -17.54
CA GLU A 159 -2.29 -7.30 -17.52
C GLU A 159 -3.39 -6.38 -18.06
N ASP A 160 -4.33 -6.95 -18.79
CA ASP A 160 -5.47 -6.21 -19.29
C ASP A 160 -6.38 -5.73 -18.20
N ILE A 161 -6.54 -6.54 -17.17
CA ILE A 161 -7.39 -6.12 -16.08
C ILE A 161 -6.50 -5.52 -15.01
N SER A 162 -5.34 -6.12 -14.85
CA SER A 162 -4.32 -5.66 -13.96
C SER A 162 -3.51 -4.54 -14.63
N GLY A 163 -4.21 -3.64 -15.31
CA GLY A 163 -3.57 -2.54 -16.01
C GLY A 163 -3.24 -1.41 -15.06
N TYR A 164 -2.34 -1.71 -14.18
CA TYR A 164 -1.85 -0.85 -13.18
C TYR A 164 -0.50 -1.38 -12.78
N LEU A 165 0.28 -0.59 -12.15
CA LEU A 165 1.56 -1.04 -11.70
C LEU A 165 1.38 -1.56 -10.28
N THR A 166 1.84 -2.77 -10.01
CA THR A 166 1.71 -3.37 -8.70
C THR A 166 2.55 -2.59 -7.69
N VAL A 167 3.65 -2.11 -8.18
CA VAL A 167 4.52 -1.22 -7.50
C VAL A 167 4.67 -0.02 -8.43
N PRO A 168 3.86 1.00 -8.22
CA PRO A 168 3.78 2.11 -9.13
C PRO A 168 4.91 3.12 -9.00
N GLU A 169 4.88 4.03 -9.91
CA GLU A 169 5.80 5.09 -10.00
C GLU A 169 5.22 6.23 -9.21
N TYR A 170 6.07 7.16 -8.83
CA TYR A 170 5.71 8.34 -8.06
C TYR A 170 4.52 9.08 -8.69
N GLY A 171 4.42 9.01 -10.00
CA GLY A 171 3.35 9.66 -10.69
C GLY A 171 2.54 8.68 -11.52
N ALA A 172 2.27 7.52 -10.96
CA ALA A 172 1.46 6.53 -11.66
C ALA A 172 0.31 6.09 -10.77
N PRO A 173 -0.90 5.94 -11.32
CA PRO A 173 -2.05 5.52 -10.55
C PRO A 173 -2.12 4.01 -10.38
N MET A 174 -2.60 3.59 -9.24
CA MET A 174 -2.80 2.19 -8.99
C MET A 174 -4.26 1.98 -8.63
N ASN A 175 -4.78 0.82 -8.92
CA ASN A 175 -6.19 0.55 -8.69
C ASN A 175 -6.38 -0.24 -7.44
N ALA A 176 -6.68 0.45 -6.34
CA ALA A 176 -6.78 -0.13 -5.02
C ALA A 176 -7.82 -1.25 -4.90
N ALA A 177 -9.03 -1.01 -5.40
CA ALA A 177 -10.10 -2.00 -5.28
C ALA A 177 -9.81 -3.27 -6.12
N LYS A 178 -9.29 -3.06 -7.32
CA LYS A 178 -8.96 -4.16 -8.24
C LYS A 178 -7.81 -4.96 -7.66
N TRP A 179 -6.87 -4.23 -7.12
CA TRP A 179 -5.75 -4.83 -6.41
C TRP A 179 -6.27 -5.64 -5.23
N ALA A 180 -7.21 -5.07 -4.49
CA ALA A 180 -7.82 -5.76 -3.36
C ALA A 180 -8.55 -7.03 -3.81
N LYS A 181 -9.06 -7.04 -5.04
CA LYS A 181 -9.68 -8.24 -5.60
C LYS A 181 -8.65 -9.33 -5.84
N VAL A 182 -7.54 -8.97 -6.48
CA VAL A 182 -6.50 -9.97 -6.74
C VAL A 182 -5.80 -10.38 -5.43
N GLU A 183 -5.65 -9.41 -4.54
CA GLU A 183 -5.14 -9.59 -3.18
C GLU A 183 -6.07 -10.58 -2.48
N GLY A 184 -7.36 -10.41 -2.73
CA GLY A 184 -8.40 -11.27 -2.22
C GLY A 184 -8.26 -12.68 -2.72
N MET A 185 -7.85 -12.83 -3.97
CA MET A 185 -7.57 -14.17 -4.52
C MET A 185 -6.41 -14.79 -3.76
N ILE A 186 -5.38 -13.98 -3.51
CA ILE A 186 -4.23 -14.40 -2.68
C ILE A 186 -4.70 -14.82 -1.28
N HIS A 187 -5.52 -14.00 -0.67
CA HIS A 187 -6.09 -14.26 0.64
C HIS A 187 -6.91 -15.54 0.62
N GLY A 188 -7.65 -15.72 -0.45
CA GLY A 188 -8.46 -16.91 -0.64
C GLY A 188 -7.59 -18.15 -0.70
N LYS A 189 -6.47 -18.02 -1.35
CA LYS A 189 -5.51 -19.08 -1.45
C LYS A 189 -4.80 -19.27 -0.12
N LEU A 190 -4.55 -18.18 0.57
CA LEU A 190 -3.92 -18.19 1.88
C LEU A 190 -4.87 -18.82 2.93
N GLU A 191 -6.13 -18.82 2.61
CA GLU A 191 -7.14 -19.50 3.41
C GLU A 191 -7.22 -20.95 3.03
N SER A 192 -6.79 -21.23 1.85
CA SER A 192 -6.85 -22.55 1.33
C SER A 192 -5.75 -23.41 1.98
N SER A 193 -5.79 -24.69 1.72
CA SER A 193 -4.89 -25.67 2.33
C SER A 193 -3.53 -25.72 1.60
N GLU A 194 -3.12 -24.61 1.03
CA GLU A 194 -1.86 -24.54 0.31
C GLU A 194 -0.67 -24.62 1.24
N VAL A 195 0.16 -25.57 0.96
CA VAL A 195 1.31 -25.90 1.78
C VAL A 195 2.50 -25.02 1.37
N PRO A 196 3.30 -24.51 2.33
CA PRO A 196 4.50 -23.73 2.04
C PRO A 196 5.45 -24.46 1.07
N ALA A 197 5.58 -23.90 -0.10
CA ALA A 197 6.41 -24.42 -1.17
C ALA A 197 6.80 -23.24 -2.04
N ASN A 198 7.07 -23.47 -3.34
CA ASN A 198 7.51 -22.40 -4.26
C ASN A 198 6.56 -21.21 -4.23
N LEU A 199 5.27 -21.48 -4.38
CA LEU A 199 4.24 -20.45 -4.41
C LEU A 199 4.29 -19.56 -3.16
N LYS A 200 4.34 -20.19 -2.00
CA LYS A 200 4.36 -19.47 -0.75
C LYS A 200 5.67 -18.69 -0.59
N ALA A 201 6.76 -19.23 -1.12
CA ALA A 201 8.06 -18.58 -1.08
C ALA A 201 8.04 -17.35 -1.98
N LEU A 202 7.40 -17.47 -3.13
CA LEU A 202 7.24 -16.35 -4.05
C LEU A 202 6.44 -15.27 -3.39
N VAL A 203 5.38 -15.68 -2.73
CA VAL A 203 4.54 -14.77 -1.99
C VAL A 203 5.38 -14.06 -0.93
N ALA A 204 6.16 -14.83 -0.18
CA ALA A 204 7.05 -14.29 0.85
C ALA A 204 8.08 -13.32 0.28
N GLU A 205 8.63 -13.62 -0.89
CA GLU A 205 9.58 -12.69 -1.50
C GLU A 205 8.88 -11.41 -1.88
N LEU A 206 7.67 -11.55 -2.39
CA LEU A 206 6.84 -10.44 -2.79
C LEU A 206 6.49 -9.62 -1.54
N ILE A 207 6.21 -10.31 -0.41
CA ILE A 207 5.85 -9.70 0.87
C ILE A 207 6.95 -8.76 1.30
N GLU A 208 8.11 -9.33 1.48
CA GLU A 208 9.28 -8.61 1.93
C GLU A 208 9.71 -7.52 0.95
N LEU A 209 9.59 -7.79 -0.33
CA LEU A 209 9.91 -6.82 -1.36
C LEU A 209 8.99 -5.61 -1.24
N ARG A 210 7.70 -5.87 -1.38
CA ARG A 210 6.64 -4.87 -1.35
C ARG A 210 6.72 -4.03 -0.07
N ALA A 211 7.07 -4.70 1.02
CA ALA A 211 7.19 -4.06 2.31
C ALA A 211 8.31 -3.07 2.30
N GLN A 212 9.50 -3.54 1.97
CA GLN A 212 10.70 -2.72 1.95
C GLN A 212 10.55 -1.58 0.96
N MET A 213 10.06 -1.92 -0.22
CA MET A 213 10.02 -0.95 -1.29
C MET A 213 9.06 0.15 -1.00
N MET A 214 7.88 -0.17 -0.53
CA MET A 214 6.90 0.84 -0.13
C MET A 214 7.31 1.59 1.11
N ALA A 215 8.00 0.92 2.01
CA ALA A 215 8.45 1.57 3.23
C ALA A 215 9.47 2.64 2.89
N LEU A 216 10.24 2.35 1.88
CA LEU A 216 11.20 3.28 1.37
C LEU A 216 10.52 4.32 0.46
N LEU A 217 9.60 3.85 -0.38
CA LEU A 217 8.82 4.68 -1.31
C LEU A 217 8.07 5.78 -0.57
N TYR A 218 7.64 5.44 0.62
CA TYR A 218 6.90 6.34 1.46
C TYR A 218 7.65 6.62 2.73
N GLY A 219 8.93 6.47 2.67
CA GLY A 219 9.74 6.67 3.81
C GLY A 219 10.79 7.72 3.55
N PRO A 220 11.15 8.52 4.58
CA PRO A 220 12.18 9.53 4.44
C PRO A 220 13.52 8.91 4.05
N ILE A 221 14.21 9.59 3.15
CA ILE A 221 15.45 9.13 2.49
C ILE A 221 16.46 8.35 3.39
N GLY A 222 17.13 9.02 4.31
CA GLY A 222 18.14 8.34 5.10
C GLY A 222 18.03 8.66 6.56
N HIS A 223 16.83 8.97 6.96
CA HIS A 223 16.51 9.33 8.32
C HIS A 223 15.03 9.33 8.42
N HIS A 224 14.51 9.76 9.53
CA HIS A 224 13.09 9.91 9.70
C HIS A 224 12.84 11.29 10.25
N VAL A 1 25.02 -10.81 6.39
CA VAL A 1 24.14 -10.01 7.23
C VAL A 1 22.72 -10.00 6.66
N LYS A 2 21.73 -9.87 7.56
CA LYS A 2 20.31 -9.84 7.28
C LYS A 2 19.78 -10.90 6.32
N THR A 3 19.23 -11.93 6.88
CA THR A 3 18.58 -12.96 6.11
C THR A 3 17.07 -12.64 6.06
N LEU A 4 16.30 -13.49 5.41
CA LEU A 4 14.84 -13.30 5.22
C LEU A 4 14.14 -13.02 6.53
N ASP A 5 14.38 -13.86 7.54
CA ASP A 5 13.75 -13.70 8.85
C ASP A 5 14.03 -12.35 9.43
N VAL A 6 15.25 -11.93 9.27
CA VAL A 6 15.70 -10.70 9.84
C VAL A 6 15.05 -9.54 9.14
N LEU A 7 15.07 -9.58 7.81
CA LEU A 7 14.41 -8.56 6.98
C LEU A 7 12.93 -8.50 7.32
N ARG A 8 12.33 -9.66 7.43
CA ARG A 8 10.94 -9.81 7.77
C ARG A 8 10.69 -9.28 9.18
N GLY A 9 11.67 -9.46 10.05
CA GLY A 9 11.60 -8.95 11.40
C GLY A 9 11.76 -7.43 11.44
N GLU A 10 12.59 -6.92 10.56
CA GLU A 10 12.80 -5.47 10.41
C GLU A 10 11.47 -4.82 10.01
N LEU A 11 10.85 -5.46 9.04
CA LEU A 11 9.56 -5.06 8.52
C LEU A 11 8.54 -5.15 9.61
N ARG A 12 8.50 -6.30 10.27
CA ARG A 12 7.59 -6.57 11.35
C ARG A 12 7.72 -5.54 12.45
N GLY A 13 8.96 -5.23 12.84
CA GLY A 13 9.22 -4.25 13.87
C GLY A 13 8.67 -2.88 13.53
N GLN A 14 9.01 -2.39 12.33
CA GLN A 14 8.55 -1.08 11.87
C GLN A 14 7.01 -1.06 11.81
N ARG A 15 6.47 -2.07 11.17
CA ARG A 15 5.04 -2.23 10.97
C ARG A 15 4.26 -2.40 12.29
N GLU A 16 4.87 -3.09 13.24
CA GLU A 16 4.27 -3.29 14.56
C GLU A 16 4.16 -1.96 15.27
N ALA A 17 5.27 -1.23 15.30
CA ALA A 17 5.30 0.08 15.95
C ALA A 17 4.34 1.03 15.24
N PHE A 18 4.23 0.85 13.93
CA PHE A 18 3.37 1.65 13.10
C PHE A 18 1.92 1.43 13.51
N LEU A 19 1.51 0.17 13.50
CA LEU A 19 0.16 -0.23 13.87
C LEU A 19 -0.18 0.27 15.28
N SER A 20 0.78 0.14 16.18
CA SER A 20 0.62 0.61 17.52
C SER A 20 0.45 2.14 17.59
N GLU A 21 1.13 2.87 16.69
CA GLU A 21 1.01 4.28 16.60
C GLU A 21 -0.38 4.61 16.13
N ILE A 22 -0.88 3.83 15.20
CA ILE A 22 -2.19 4.08 14.62
C ILE A 22 -3.29 3.88 15.65
N ILE A 23 -3.25 2.76 16.37
CA ILE A 23 -4.25 2.48 17.39
C ILE A 23 -4.13 3.49 18.56
N LYS A 24 -2.93 4.01 18.76
CA LYS A 24 -2.69 5.04 19.75
C LYS A 24 -3.29 6.37 19.30
N SER A 25 -3.20 6.63 18.01
CA SER A 25 -3.65 7.87 17.40
C SER A 25 -5.19 8.00 17.35
N ASP A 26 -5.62 9.15 16.84
CA ASP A 26 -7.03 9.56 16.77
C ASP A 26 -7.13 10.94 16.12
N GLY A 27 -6.08 11.72 16.30
CA GLY A 27 -6.00 13.04 15.72
C GLY A 27 -5.44 12.99 14.30
N PRO A 28 -4.74 14.04 13.85
CA PRO A 28 -4.22 14.13 12.47
C PRO A 28 -3.26 13.00 12.09
N PHE A 29 -3.20 12.73 10.81
CA PHE A 29 -2.31 11.73 10.24
C PHE A 29 -1.58 12.38 9.09
N THR A 30 -0.58 11.72 8.58
CA THR A 30 0.22 12.25 7.51
C THR A 30 0.03 11.39 6.25
N ILE A 31 0.14 11.98 5.06
CA ILE A 31 -0.04 11.25 3.80
C ILE A 31 0.93 10.03 3.68
N LEU A 32 2.21 10.25 3.95
CA LEU A 32 3.21 9.18 3.90
C LEU A 32 2.93 8.14 4.98
N GLN A 33 2.41 8.62 6.09
CA GLN A 33 2.11 7.78 7.22
C GLN A 33 0.84 6.94 6.90
N LEU A 34 -0.05 7.52 6.11
CA LEU A 34 -1.25 6.85 5.63
C LEU A 34 -0.83 5.70 4.71
N VAL A 35 0.11 5.99 3.82
CA VAL A 35 0.62 4.99 2.90
C VAL A 35 1.34 3.88 3.71
N GLY A 36 1.98 4.29 4.79
CA GLY A 36 2.59 3.36 5.70
C GLY A 36 1.56 2.42 6.31
N TYR A 37 0.40 2.96 6.68
CA TYR A 37 -0.68 2.15 7.23
C TYR A 37 -1.23 1.24 6.17
N LEU A 38 -1.23 1.71 4.95
CA LEU A 38 -1.61 0.91 3.81
C LEU A 38 -0.69 -0.34 3.75
N ARG A 39 0.60 -0.10 3.96
CA ARG A 39 1.58 -1.18 4.03
C ARG A 39 1.22 -2.13 5.20
N VAL A 40 0.84 -1.52 6.34
CA VAL A 40 0.41 -2.26 7.52
C VAL A 40 -0.78 -3.19 7.21
N VAL A 41 -1.88 -2.63 6.69
CA VAL A 41 -3.10 -3.43 6.39
C VAL A 41 -2.85 -4.47 5.31
N ASP A 42 -1.93 -4.15 4.40
CA ASP A 42 -1.47 -5.06 3.36
C ASP A 42 -0.92 -6.32 4.02
N THR A 43 0.03 -6.13 4.93
CA THR A 43 0.59 -7.26 5.61
C THR A 43 -0.37 -7.89 6.66
N ASP A 44 -1.29 -7.08 7.24
CA ASP A 44 -2.31 -7.62 8.17
C ASP A 44 -3.16 -8.65 7.51
N LEU A 45 -3.57 -8.35 6.28
CA LEU A 45 -4.37 -9.26 5.49
C LEU A 45 -3.63 -10.57 5.26
N LEU A 46 -2.50 -10.51 4.59
CA LEU A 46 -1.75 -11.70 4.20
C LEU A 46 -1.31 -12.58 5.38
N LEU A 47 -0.98 -11.98 6.50
CA LEU A 47 -0.51 -12.77 7.67
C LEU A 47 -1.66 -13.10 8.65
N LYS A 48 -2.90 -12.77 8.26
CA LYS A 48 -4.11 -13.01 9.08
C LYS A 48 -3.95 -12.49 10.50
N VAL A 49 -3.53 -11.26 10.63
CA VAL A 49 -3.32 -10.66 11.93
C VAL A 49 -4.70 -10.26 12.51
N ASP A 50 -4.75 -9.90 13.81
CA ASP A 50 -6.00 -9.55 14.51
C ASP A 50 -6.89 -8.65 13.71
N SER A 51 -8.03 -9.16 13.44
CA SER A 51 -9.06 -8.51 12.73
C SER A 51 -9.51 -7.26 13.49
N THR A 52 -9.45 -7.34 14.81
CA THR A 52 -9.85 -6.24 15.61
C THR A 52 -8.76 -5.15 15.64
N LYS A 53 -7.49 -5.53 15.47
CA LYS A 53 -6.42 -4.53 15.44
C LYS A 53 -6.54 -3.72 14.19
N VAL A 54 -6.68 -4.44 13.06
CA VAL A 54 -6.80 -3.80 11.76
C VAL A 54 -8.08 -2.95 11.69
N ASP A 55 -9.15 -3.48 12.26
CA ASP A 55 -10.44 -2.80 12.30
C ASP A 55 -10.35 -1.54 13.10
N GLU A 56 -9.91 -1.66 14.33
CA GLU A 56 -9.78 -0.54 15.25
C GLU A 56 -8.86 0.56 14.77
N ALA A 57 -7.69 0.21 14.30
CA ALA A 57 -6.78 1.21 13.81
C ALA A 57 -7.37 1.87 12.56
N GLY A 58 -8.03 1.05 11.73
CA GLY A 58 -8.74 1.55 10.57
C GLY A 58 -9.86 2.50 10.97
N LYS A 59 -10.51 2.22 12.11
CA LYS A 59 -11.55 3.09 12.67
C LYS A 59 -10.96 4.44 12.94
N LYS A 60 -9.83 4.45 13.63
CA LYS A 60 -9.12 5.69 13.98
C LYS A 60 -8.73 6.49 12.74
N VAL A 61 -8.30 5.79 11.72
CA VAL A 61 -7.94 6.41 10.46
C VAL A 61 -9.18 7.03 9.80
N LYS A 62 -10.25 6.24 9.69
CA LYS A 62 -11.48 6.73 9.07
C LYS A 62 -12.08 7.85 9.92
N ALA A 63 -11.88 7.73 11.22
CA ALA A 63 -12.32 8.73 12.18
C ALA A 63 -11.74 10.06 11.83
N TYR A 64 -10.41 10.10 11.71
CA TYR A 64 -9.70 11.32 11.34
C TYR A 64 -10.20 11.85 10.02
N LEU A 65 -10.24 10.97 9.05
CA LEU A 65 -10.67 11.28 7.74
C LEU A 65 -12.08 11.88 7.75
N GLU A 66 -12.99 11.26 8.45
CA GLU A 66 -14.37 11.73 8.49
C GLU A 66 -14.47 13.04 9.30
N LYS A 67 -13.51 13.26 10.21
CA LYS A 67 -13.42 14.51 10.94
C LYS A 67 -13.10 15.65 9.99
N ILE A 68 -12.18 15.43 9.04
CA ILE A 68 -11.93 16.48 8.03
C ILE A 68 -13.08 16.46 7.03
N GLY A 69 -13.73 15.32 6.93
CA GLY A 69 -14.95 15.19 6.17
C GLY A 69 -14.84 14.23 5.02
N ILE A 70 -13.95 13.30 5.15
CA ILE A 70 -13.77 12.26 4.19
C ILE A 70 -14.34 10.99 4.74
N ARG A 71 -15.44 10.61 4.18
CA ARG A 71 -16.19 9.49 4.69
C ARG A 71 -15.83 8.16 4.07
N GLY A 72 -16.44 7.14 4.61
CA GLY A 72 -16.23 5.80 4.18
C GLY A 72 -16.81 4.87 5.20
N ASP A 73 -16.60 3.60 5.03
CA ASP A 73 -17.09 2.58 5.96
C ASP A 73 -15.96 1.80 6.59
N SER A 74 -15.00 1.42 5.79
CA SER A 74 -13.90 0.63 6.26
C SER A 74 -12.60 1.22 5.75
N VAL A 75 -11.49 0.82 6.40
CA VAL A 75 -10.15 1.28 6.05
C VAL A 75 -9.82 1.00 4.57
N GLU A 76 -10.22 -0.18 4.09
CA GLU A 76 -9.94 -0.59 2.71
C GLU A 76 -10.55 0.41 1.73
N ALA A 77 -11.80 0.77 1.98
CA ALA A 77 -12.56 1.64 1.10
C ALA A 77 -12.14 3.09 1.28
N ALA A 78 -11.79 3.44 2.50
CA ALA A 78 -11.36 4.79 2.83
C ALA A 78 -10.03 5.11 2.16
N LEU A 79 -9.09 4.20 2.25
CA LEU A 79 -7.78 4.35 1.62
C LEU A 79 -7.90 4.34 0.13
N ASP A 80 -8.75 3.44 -0.35
CA ASP A 80 -9.11 3.38 -1.78
C ASP A 80 -9.62 4.74 -2.25
N ASN A 81 -10.46 5.35 -1.42
CA ASN A 81 -11.07 6.66 -1.67
C ASN A 81 -9.99 7.71 -1.76
N LEU A 82 -9.08 7.66 -0.80
CA LEU A 82 -7.94 8.59 -0.74
C LEU A 82 -7.09 8.48 -1.98
N MET A 83 -6.86 7.26 -2.40
CA MET A 83 -6.11 6.99 -3.64
C MET A 83 -6.80 7.68 -4.81
N ILE A 84 -8.13 7.51 -4.87
CA ILE A 84 -8.95 8.18 -5.87
C ILE A 84 -8.75 9.69 -5.76
N LYS A 85 -8.84 10.21 -4.55
CA LYS A 85 -8.71 11.65 -4.27
C LYS A 85 -7.37 12.24 -4.69
N VAL A 86 -6.30 11.50 -4.52
CA VAL A 86 -4.99 11.98 -4.92
C VAL A 86 -4.90 11.99 -6.45
N TYR A 87 -5.23 10.87 -7.05
CA TYR A 87 -5.14 10.74 -8.49
C TYR A 87 -6.19 11.52 -9.21
N GLU A 88 -7.21 11.88 -8.49
CA GLU A 88 -8.25 12.80 -8.92
C GLU A 88 -7.57 14.12 -9.31
N ILE A 89 -6.55 14.48 -8.54
CA ILE A 89 -5.77 15.68 -8.77
C ILE A 89 -4.79 15.40 -9.88
N THR A 90 -4.05 14.31 -9.71
CA THR A 90 -3.02 13.89 -10.63
C THR A 90 -3.54 13.75 -12.08
N LYS A 91 -4.67 13.09 -12.27
CA LYS A 91 -5.25 12.93 -13.59
C LYS A 91 -6.16 14.10 -13.94
N GLY A 92 -6.82 14.69 -12.95
CA GLY A 92 -7.66 15.81 -13.23
C GLY A 92 -9.13 15.43 -13.24
N THR A 93 -9.43 14.20 -13.58
CA THR A 93 -10.78 13.72 -13.62
C THR A 93 -10.84 12.22 -13.30
N VAL A 94 -11.73 11.85 -12.40
CA VAL A 94 -11.99 10.47 -12.03
C VAL A 94 -13.24 10.45 -11.16
N GLU A 95 -14.08 9.46 -11.34
CA GLU A 95 -15.31 9.39 -10.58
C GLU A 95 -15.08 8.80 -9.20
N SER A 96 -15.75 9.37 -8.23
CA SER A 96 -15.69 8.87 -6.91
C SER A 96 -16.85 7.92 -6.69
N SER A 97 -16.64 6.64 -6.97
CA SER A 97 -17.66 5.64 -6.73
C SER A 97 -17.71 5.29 -5.24
N ALA A 98 -16.67 5.72 -4.54
CA ALA A 98 -16.61 5.63 -3.11
C ALA A 98 -17.30 6.84 -2.55
N GLN A 99 -17.69 6.80 -1.30
CA GLN A 99 -18.36 7.93 -0.69
C GLN A 99 -17.33 8.98 -0.31
N GLY A 100 -17.06 9.89 -1.20
CA GLY A 100 -16.06 10.87 -0.95
C GLY A 100 -16.41 12.21 -1.51
N THR A 101 -17.46 12.78 -1.01
CA THR A 101 -17.86 14.07 -1.41
C THR A 101 -17.12 15.10 -0.54
N ASP A 102 -16.02 15.60 -1.05
CA ASP A 102 -15.17 16.50 -0.30
C ASP A 102 -15.53 17.96 -0.60
N SER A 103 -14.88 18.86 0.11
CA SER A 103 -15.08 20.28 -0.02
C SER A 103 -13.71 21.00 -0.02
N GLU A 104 -13.73 22.33 -0.05
CA GLU A 104 -12.51 23.16 -0.20
C GLU A 104 -11.42 22.87 0.84
N GLU A 105 -11.77 22.85 2.14
CA GLU A 105 -10.78 22.56 3.20
C GLU A 105 -10.16 21.19 2.98
N LEU A 106 -10.96 20.31 2.43
CA LEU A 106 -10.58 18.93 2.26
C LEU A 106 -9.66 18.83 1.08
N LYS A 107 -10.01 19.50 -0.01
CA LYS A 107 -9.12 19.59 -1.16
C LYS A 107 -7.80 20.19 -0.76
N THR A 108 -7.83 21.26 0.03
CA THR A 108 -6.60 21.89 0.48
C THR A 108 -5.73 20.90 1.26
N LEU A 109 -6.35 20.09 2.11
CA LEU A 109 -5.58 19.14 2.86
C LEU A 109 -5.09 18.01 1.96
N LEU A 110 -5.88 17.64 0.96
CA LEU A 110 -5.51 16.60 0.01
C LEU A 110 -4.37 17.10 -0.86
N LEU A 111 -4.37 18.38 -1.11
CA LEU A 111 -3.31 19.04 -1.82
C LEU A 111 -2.06 19.09 -1.00
N LYS A 112 -2.18 19.30 0.30
CA LYS A 112 -1.03 19.26 1.15
C LYS A 112 -0.49 17.87 1.17
N PHE A 113 -1.38 16.91 1.25
CA PHE A 113 -1.00 15.52 1.27
C PHE A 113 -0.25 15.12 0.02
N SER A 114 -0.83 15.39 -1.10
CA SER A 114 -0.22 15.06 -2.35
C SER A 114 1.16 15.76 -2.53
N GLU A 115 1.22 17.04 -2.21
CA GLU A 115 2.46 17.79 -2.35
C GLU A 115 3.48 17.47 -1.24
N ASP A 116 2.98 17.11 -0.07
CA ASP A 116 3.81 16.69 1.08
C ASP A 116 4.60 15.48 0.65
N LEU A 117 3.84 14.51 0.13
CA LEU A 117 4.37 13.29 -0.40
C LEU A 117 5.32 13.62 -1.53
N LYS A 118 4.80 14.30 -2.55
CA LYS A 118 5.55 14.64 -3.76
C LYS A 118 6.90 15.31 -3.45
N ALA A 119 6.91 16.21 -2.48
CA ALA A 119 8.14 16.91 -2.15
C ALA A 119 9.13 16.05 -1.39
N GLU A 120 8.69 15.40 -0.32
CA GLU A 120 9.60 14.54 0.42
C GLU A 120 10.03 13.34 -0.41
N GLN A 121 9.17 12.96 -1.31
CA GLN A 121 9.44 11.80 -2.14
C GLN A 121 10.37 12.11 -3.27
N GLU A 122 10.29 13.32 -3.82
CA GLU A 122 11.26 13.69 -4.84
C GLU A 122 12.61 13.91 -4.19
N LEU A 123 12.60 14.37 -2.92
CA LEU A 123 13.82 14.51 -2.14
C LEU A 123 14.49 13.14 -2.07
N HIS A 124 13.72 12.13 -1.68
CA HIS A 124 14.21 10.75 -1.61
C HIS A 124 14.63 10.24 -3.01
N SER A 125 13.79 10.53 -4.00
CA SER A 125 14.00 10.12 -5.38
C SER A 125 15.34 10.62 -5.92
N GLU A 126 15.74 11.78 -5.50
CA GLU A 126 17.00 12.31 -5.92
C GLU A 126 18.13 11.63 -5.14
N ALA A 127 18.10 11.82 -3.84
CA ALA A 127 19.16 11.43 -2.93
C ALA A 127 19.45 9.94 -2.92
N LYS A 128 18.47 9.12 -3.21
CA LYS A 128 18.70 7.68 -3.21
C LYS A 128 18.64 7.11 -4.62
N GLY A 129 18.32 7.94 -5.59
CA GLY A 129 18.16 7.42 -6.94
C GLY A 129 16.90 6.61 -7.05
N GLY A 130 15.79 7.31 -7.02
CA GLY A 130 14.48 6.72 -7.05
C GLY A 130 14.22 5.91 -8.29
N GLU A 131 14.81 6.31 -9.40
CA GLU A 131 14.65 5.58 -10.64
C GLU A 131 15.31 4.20 -10.61
N ALA A 132 16.43 4.11 -9.93
CA ALA A 132 17.13 2.85 -9.79
C ALA A 132 16.44 1.98 -8.76
N LEU A 133 15.95 2.62 -7.72
CA LEU A 133 15.19 1.95 -6.66
C LEU A 133 13.92 1.37 -7.30
N LEU A 134 13.24 2.22 -8.09
CA LEU A 134 12.06 1.82 -8.83
C LEU A 134 12.39 0.66 -9.75
N SER A 135 13.49 0.76 -10.47
CA SER A 135 13.93 -0.29 -11.36
C SER A 135 14.09 -1.62 -10.63
N SER A 136 14.66 -1.56 -9.43
CA SER A 136 14.94 -2.74 -8.66
C SER A 136 13.60 -3.37 -8.24
N MET A 137 12.78 -2.56 -7.61
CA MET A 137 11.52 -3.01 -7.06
C MET A 137 10.54 -3.47 -8.16
N LYS A 138 10.51 -2.73 -9.27
CA LYS A 138 9.59 -3.01 -10.35
C LYS A 138 9.99 -4.30 -11.02
N THR A 139 11.28 -4.45 -11.29
CA THR A 139 11.79 -5.61 -11.97
C THR A 139 11.57 -6.89 -11.14
N GLN A 140 11.89 -6.82 -9.87
CA GLN A 140 11.76 -7.94 -8.98
C GLN A 140 10.29 -8.34 -8.78
N HIS A 141 9.43 -7.35 -8.67
CA HIS A 141 8.01 -7.60 -8.54
C HIS A 141 7.46 -8.12 -9.86
N ASP A 142 8.02 -7.62 -10.95
CA ASP A 142 7.65 -8.04 -12.30
C ASP A 142 7.97 -9.51 -12.45
N GLU A 143 9.20 -9.85 -12.07
CA GLU A 143 9.71 -11.22 -12.06
C GLU A 143 8.75 -12.13 -11.34
N LEU A 144 8.38 -11.69 -10.15
CA LEU A 144 7.41 -12.41 -9.35
C LEU A 144 6.09 -12.63 -10.08
N LEU A 145 5.43 -11.55 -10.51
CA LEU A 145 4.13 -11.68 -11.21
C LEU A 145 4.24 -12.53 -12.46
N LYS A 146 5.34 -12.37 -13.15
CA LYS A 146 5.67 -13.14 -14.31
C LYS A 146 5.64 -14.62 -13.97
N LYS A 147 6.28 -14.95 -12.88
CA LYS A 147 6.34 -16.31 -12.40
C LYS A 147 4.93 -16.82 -12.05
N PHE A 148 4.10 -15.97 -11.45
CA PHE A 148 2.70 -16.32 -11.10
C PHE A 148 1.86 -16.57 -12.34
N ALA A 149 2.21 -15.92 -13.42
CA ALA A 149 1.48 -16.07 -14.65
C ALA A 149 2.05 -17.23 -15.45
N ALA A 150 3.32 -17.49 -15.27
CA ALA A 150 4.03 -18.52 -15.99
C ALA A 150 3.85 -19.88 -15.32
N LEU A 151 3.71 -19.88 -14.03
CA LEU A 151 3.54 -21.08 -13.26
C LEU A 151 2.12 -21.59 -13.43
N THR A 152 1.90 -22.80 -13.13
CA THR A 152 0.59 -23.37 -13.20
C THR A 152 0.02 -23.51 -11.78
N PRO A 153 -1.24 -23.13 -11.58
CA PRO A 153 -2.06 -22.55 -12.63
C PRO A 153 -1.79 -21.03 -12.76
N THR A 154 -2.20 -20.46 -13.87
CA THR A 154 -2.05 -19.04 -14.10
C THR A 154 -2.94 -18.29 -13.09
N PHE A 155 -2.31 -17.67 -12.12
CA PHE A 155 -3.02 -16.99 -11.08
C PHE A 155 -3.51 -15.62 -11.52
N LEU A 156 -2.74 -14.99 -12.36
CA LEU A 156 -3.02 -13.62 -12.74
C LEU A 156 -3.70 -13.53 -14.08
N THR A 157 -3.88 -12.31 -14.49
CA THR A 157 -4.42 -11.95 -15.75
C THR A 157 -3.48 -10.85 -16.26
N SER A 158 -3.56 -10.54 -17.53
CA SER A 158 -2.62 -9.67 -18.19
C SER A 158 -2.56 -8.23 -17.59
N GLU A 159 -1.35 -7.65 -17.69
CA GLU A 159 -1.01 -6.30 -17.21
C GLU A 159 -1.90 -5.24 -17.83
N ASP A 160 -2.55 -5.56 -18.93
CA ASP A 160 -3.46 -4.62 -19.55
C ASP A 160 -4.65 -4.36 -18.65
N ILE A 161 -5.10 -5.38 -17.95
CA ILE A 161 -6.23 -5.18 -17.06
C ILE A 161 -5.70 -4.80 -15.70
N SER A 162 -4.59 -5.40 -15.32
CA SER A 162 -3.86 -5.07 -14.13
C SER A 162 -2.97 -3.84 -14.41
N GLY A 163 -3.55 -2.84 -15.07
CA GLY A 163 -2.82 -1.67 -15.49
C GLY A 163 -2.66 -0.67 -14.38
N TYR A 164 -1.87 -1.03 -13.44
CA TYR A 164 -1.53 -0.23 -12.31
C TYR A 164 -0.16 -0.63 -11.89
N LEU A 165 0.51 0.22 -11.21
CA LEU A 165 1.82 -0.11 -10.75
C LEU A 165 1.71 -0.70 -9.37
N THR A 166 2.08 -1.97 -9.25
CA THR A 166 2.06 -2.68 -8.01
C THR A 166 3.01 -2.00 -7.02
N VAL A 167 4.18 -1.78 -7.52
CA VAL A 167 5.21 -1.05 -6.88
C VAL A 167 5.42 0.20 -7.71
N PRO A 168 4.74 1.27 -7.37
CA PRO A 168 4.71 2.46 -8.17
C PRO A 168 5.82 3.41 -7.87
N GLU A 169 5.89 4.39 -8.70
CA GLU A 169 6.76 5.48 -8.54
C GLU A 169 6.07 6.44 -7.59
N TYR A 170 6.82 7.41 -7.12
CA TYR A 170 6.37 8.41 -6.16
C TYR A 170 5.13 9.20 -6.63
N GLY A 171 4.77 9.08 -7.89
CA GLY A 171 3.58 9.71 -8.40
C GLY A 171 2.90 8.86 -9.46
N ALA A 172 2.99 7.55 -9.33
CA ALA A 172 2.39 6.65 -10.31
C ALA A 172 1.12 6.03 -9.77
N PRO A 173 0.07 5.88 -10.61
CA PRO A 173 -1.22 5.38 -10.14
C PRO A 173 -1.20 3.92 -9.70
N MET A 174 -2.02 3.63 -8.72
CA MET A 174 -2.14 2.32 -8.17
C MET A 174 -3.63 2.04 -8.07
N ASN A 175 -4.05 0.85 -8.42
CA ASN A 175 -5.48 0.53 -8.35
C ASN A 175 -5.77 -0.25 -7.12
N ALA A 176 -6.10 0.43 -6.04
CA ALA A 176 -6.31 -0.19 -4.73
C ALA A 176 -7.37 -1.29 -4.76
N ALA A 177 -8.48 -1.04 -5.46
CA ALA A 177 -9.57 -2.01 -5.54
C ALA A 177 -9.14 -3.26 -6.30
N LYS A 178 -8.42 -3.06 -7.38
CA LYS A 178 -7.99 -4.13 -8.24
C LYS A 178 -6.92 -4.94 -7.52
N TRP A 179 -6.08 -4.22 -6.81
CA TRP A 179 -5.07 -4.80 -5.95
C TRP A 179 -5.73 -5.67 -4.90
N ALA A 180 -6.70 -5.10 -4.18
CA ALA A 180 -7.44 -5.82 -3.15
C ALA A 180 -8.08 -7.08 -3.71
N LYS A 181 -8.52 -7.00 -4.95
CA LYS A 181 -9.11 -8.13 -5.65
C LYS A 181 -8.05 -9.26 -5.84
N VAL A 182 -6.93 -8.92 -6.45
CA VAL A 182 -5.89 -9.93 -6.74
C VAL A 182 -5.18 -10.40 -5.47
N GLU A 183 -4.86 -9.46 -4.59
CA GLU A 183 -4.23 -9.78 -3.29
C GLU A 183 -5.20 -10.61 -2.47
N GLY A 184 -6.49 -10.30 -2.62
CA GLY A 184 -7.52 -11.05 -1.98
C GLY A 184 -7.51 -12.49 -2.45
N MET A 185 -7.30 -12.69 -3.76
CA MET A 185 -7.16 -14.04 -4.28
C MET A 185 -5.92 -14.70 -3.70
N ILE A 186 -4.81 -13.95 -3.68
CA ILE A 186 -3.52 -14.43 -3.13
C ILE A 186 -3.71 -14.94 -1.71
N HIS A 187 -4.31 -14.12 -0.90
CA HIS A 187 -4.59 -14.42 0.48
C HIS A 187 -5.53 -15.62 0.58
N GLY A 188 -6.54 -15.58 -0.24
CA GLY A 188 -7.55 -16.64 -0.26
C GLY A 188 -6.95 -17.97 -0.59
N LYS A 189 -5.96 -17.94 -1.43
CA LYS A 189 -5.25 -19.12 -1.82
C LYS A 189 -4.20 -19.50 -0.81
N LEU A 190 -3.58 -18.50 -0.24
CA LEU A 190 -2.55 -18.68 0.75
C LEU A 190 -3.13 -19.46 1.93
N GLU A 191 -4.38 -19.17 2.26
CA GLU A 191 -5.05 -19.80 3.39
C GLU A 191 -5.90 -20.98 2.94
N SER A 192 -5.77 -21.34 1.69
CA SER A 192 -6.57 -22.40 1.13
C SER A 192 -5.78 -23.71 1.15
N SER A 193 -6.19 -24.64 0.32
CA SER A 193 -5.66 -25.97 0.19
C SER A 193 -4.40 -25.99 -0.67
N GLU A 194 -3.83 -24.85 -0.90
CA GLU A 194 -2.71 -24.74 -1.77
C GLU A 194 -1.46 -25.14 -1.01
N VAL A 195 -0.84 -26.18 -1.48
CA VAL A 195 0.33 -26.79 -0.86
C VAL A 195 1.52 -25.82 -0.82
N PRO A 196 2.28 -25.80 0.31
CA PRO A 196 3.51 -25.03 0.40
C PRO A 196 4.53 -25.53 -0.61
N ALA A 197 4.59 -24.83 -1.70
CA ALA A 197 5.43 -25.17 -2.81
C ALA A 197 5.93 -23.88 -3.40
N ASN A 198 6.49 -23.95 -4.61
CA ASN A 198 7.07 -22.78 -5.27
C ASN A 198 6.08 -21.63 -5.35
N LEU A 199 4.81 -21.95 -5.67
CA LEU A 199 3.76 -20.93 -5.73
C LEU A 199 3.60 -20.12 -4.43
N LYS A 200 3.57 -20.79 -3.30
CA LYS A 200 3.36 -20.09 -2.05
C LYS A 200 4.67 -19.45 -1.56
N ALA A 201 5.76 -19.98 -2.05
CA ALA A 201 7.05 -19.40 -1.78
C ALA A 201 7.17 -18.10 -2.56
N LEU A 202 6.65 -18.11 -3.79
CA LEU A 202 6.60 -16.90 -4.63
C LEU A 202 5.78 -15.87 -3.94
N VAL A 203 4.66 -16.32 -3.38
CA VAL A 203 3.80 -15.47 -2.57
C VAL A 203 4.61 -14.79 -1.48
N ALA A 204 5.30 -15.58 -0.67
CA ALA A 204 6.12 -15.05 0.43
C ALA A 204 7.23 -14.14 -0.10
N GLU A 205 7.82 -14.47 -1.25
CA GLU A 205 8.84 -13.64 -1.86
C GLU A 205 8.26 -12.30 -2.24
N LEU A 206 7.09 -12.35 -2.84
CA LEU A 206 6.39 -11.17 -3.30
C LEU A 206 6.02 -10.30 -2.12
N ILE A 207 5.52 -10.92 -1.09
CA ILE A 207 5.11 -10.25 0.14
C ILE A 207 6.28 -9.49 0.73
N GLU A 208 7.33 -10.21 0.96
CA GLU A 208 8.52 -9.68 1.57
C GLU A 208 9.19 -8.61 0.68
N LEU A 209 9.20 -8.85 -0.63
CA LEU A 209 9.79 -7.90 -1.58
C LEU A 209 8.96 -6.61 -1.62
N ARG A 210 7.64 -6.77 -1.76
CA ARG A 210 6.67 -5.66 -1.79
C ARG A 210 6.85 -4.81 -0.54
N ALA A 211 6.98 -5.50 0.59
CA ALA A 211 7.09 -4.88 1.87
C ALA A 211 8.32 -4.03 1.96
N GLN A 212 9.47 -4.68 1.82
CA GLN A 212 10.78 -4.01 1.92
C GLN A 212 10.85 -2.83 1.00
N MET A 213 10.51 -3.05 -0.23
CA MET A 213 10.69 -2.05 -1.25
C MET A 213 9.79 -0.85 -1.08
N MET A 214 8.53 -1.09 -0.77
CA MET A 214 7.60 0.02 -0.60
C MET A 214 7.82 0.71 0.76
N ALA A 215 8.27 -0.05 1.74
CA ALA A 215 8.55 0.50 3.07
C ALA A 215 9.72 1.44 3.00
N LEU A 216 10.67 1.09 2.19
CA LEU A 216 11.81 1.92 1.93
C LEU A 216 11.41 3.07 1.00
N LEU A 217 10.57 2.75 0.01
CA LEU A 217 10.05 3.71 -0.97
C LEU A 217 9.43 4.92 -0.28
N TYR A 218 8.66 4.67 0.76
CA TYR A 218 8.01 5.74 1.52
C TYR A 218 8.61 5.87 2.90
N GLY A 219 9.79 5.37 3.08
CA GLY A 219 10.37 5.31 4.39
C GLY A 219 11.73 5.97 4.52
N PRO A 220 12.56 5.46 5.45
CA PRO A 220 13.90 6.01 5.74
C PRO A 220 14.87 5.90 4.55
N ILE A 221 15.85 6.78 4.53
CA ILE A 221 16.74 6.84 3.40
C ILE A 221 18.19 6.47 3.77
N GLY A 222 18.72 7.04 4.82
CA GLY A 222 20.09 6.78 5.19
C GLY A 222 20.25 6.63 6.66
N HIS A 223 20.82 7.63 7.30
CA HIS A 223 20.93 7.66 8.76
C HIS A 223 19.55 7.88 9.31
N HIS A 224 18.82 8.72 8.63
CA HIS A 224 17.45 8.96 8.89
C HIS A 224 16.77 8.83 7.54
N VAL A 1 24.35 -13.19 8.54
CA VAL A 1 23.41 -12.59 9.48
C VAL A 1 22.25 -12.02 8.67
N LYS A 2 21.04 -11.98 9.29
CA LYS A 2 19.80 -11.54 8.65
C LYS A 2 19.30 -12.58 7.66
N THR A 3 18.18 -13.14 7.95
CA THR A 3 17.58 -14.10 7.09
C THR A 3 16.12 -13.70 6.84
N LEU A 4 15.39 -14.57 6.17
CA LEU A 4 13.98 -14.43 5.79
C LEU A 4 13.16 -13.87 6.93
N ASP A 5 13.21 -14.58 8.05
CA ASP A 5 12.40 -14.26 9.20
C ASP A 5 12.77 -12.94 9.81
N VAL A 6 14.01 -12.60 9.67
CA VAL A 6 14.55 -11.41 10.25
C VAL A 6 14.08 -10.21 9.48
N LEU A 7 14.15 -10.27 8.18
CA LEU A 7 13.69 -9.17 7.33
C LEU A 7 12.22 -8.96 7.53
N ARG A 8 11.47 -10.05 7.48
CA ARG A 8 10.03 -9.98 7.70
C ARG A 8 9.71 -9.56 9.14
N GLY A 9 10.64 -9.85 10.05
CA GLY A 9 10.49 -9.50 11.43
C GLY A 9 10.78 -8.04 11.68
N GLU A 10 11.73 -7.48 10.93
CA GLU A 10 12.04 -6.06 11.01
C GLU A 10 10.85 -5.27 10.50
N LEU A 11 10.30 -5.75 9.38
CA LEU A 11 9.12 -5.15 8.79
C LEU A 11 7.97 -5.23 9.77
N ARG A 12 7.85 -6.39 10.40
CA ARG A 12 6.83 -6.64 11.40
C ARG A 12 6.95 -5.62 12.53
N GLY A 13 8.16 -5.48 13.06
CA GLY A 13 8.40 -4.58 14.16
C GLY A 13 8.09 -3.14 13.81
N GLN A 14 8.57 -2.71 12.66
CA GLN A 14 8.36 -1.35 12.18
C GLN A 14 6.86 -1.06 12.04
N ARG A 15 6.15 -1.94 11.35
CA ARG A 15 4.76 -1.72 11.07
C ARG A 15 3.89 -1.89 12.32
N GLU A 16 4.32 -2.73 13.26
CA GLU A 16 3.58 -2.93 14.50
C GLU A 16 3.72 -1.72 15.39
N ALA A 17 4.89 -1.11 15.37
CA ALA A 17 5.10 0.12 16.11
C ALA A 17 4.26 1.22 15.47
N PHE A 18 4.20 1.20 14.14
CA PHE A 18 3.41 2.14 13.38
C PHE A 18 1.92 1.95 13.71
N LEU A 19 1.51 0.70 13.70
CA LEU A 19 0.16 0.29 14.07
C LEU A 19 -0.18 0.76 15.49
N SER A 20 0.78 0.66 16.40
CA SER A 20 0.63 1.14 17.75
C SER A 20 0.40 2.66 17.74
N GLU A 21 1.13 3.36 16.85
CA GLU A 21 0.97 4.78 16.69
C GLU A 21 -0.43 5.06 16.25
N ILE A 22 -0.92 4.25 15.34
CA ILE A 22 -2.23 4.46 14.77
C ILE A 22 -3.33 4.24 15.80
N ILE A 23 -3.32 3.10 16.48
CA ILE A 23 -4.33 2.81 17.48
C ILE A 23 -4.25 3.81 18.66
N LYS A 24 -3.09 4.42 18.88
CA LYS A 24 -2.98 5.45 19.90
C LYS A 24 -3.45 6.81 19.35
N SER A 25 -3.22 7.05 18.08
CA SER A 25 -3.50 8.33 17.51
C SER A 25 -4.92 8.44 17.02
N ASP A 26 -5.61 9.35 17.61
CA ASP A 26 -6.99 9.60 17.26
C ASP A 26 -7.03 10.97 16.59
N GLY A 27 -5.87 11.41 16.19
CA GLY A 27 -5.70 12.72 15.62
C GLY A 27 -5.36 12.70 14.15
N PRO A 28 -4.61 13.70 13.67
CA PRO A 28 -4.28 13.84 12.26
C PRO A 28 -3.29 12.82 11.74
N PHE A 29 -3.44 12.48 10.47
CA PHE A 29 -2.56 11.56 9.80
C PHE A 29 -2.10 12.21 8.52
N THR A 30 -0.86 12.03 8.16
CA THR A 30 -0.33 12.60 6.95
C THR A 30 -0.42 11.59 5.79
N ILE A 31 -0.17 12.07 4.57
CA ILE A 31 -0.26 11.21 3.38
C ILE A 31 0.74 10.04 3.43
N LEU A 32 2.02 10.31 3.77
CA LEU A 32 3.02 9.22 3.90
C LEU A 32 2.66 8.30 5.07
N GLN A 33 2.03 8.87 6.08
CA GLN A 33 1.63 8.10 7.25
C GLN A 33 0.45 7.18 6.88
N LEU A 34 -0.41 7.67 6.00
CA LEU A 34 -1.55 6.91 5.50
C LEU A 34 -1.03 5.75 4.68
N VAL A 35 -0.10 6.03 3.75
CA VAL A 35 0.46 5.00 2.90
C VAL A 35 1.29 4.01 3.75
N GLY A 36 1.88 4.53 4.81
CA GLY A 36 2.61 3.69 5.74
C GLY A 36 1.67 2.71 6.42
N TYR A 37 0.49 3.18 6.79
CA TYR A 37 -0.52 2.33 7.38
C TYR A 37 -1.03 1.34 6.37
N LEU A 38 -1.13 1.79 5.14
CA LEU A 38 -1.51 0.93 4.03
C LEU A 38 -0.50 -0.22 3.99
N ARG A 39 0.77 0.11 4.11
CA ARG A 39 1.85 -0.87 4.20
C ARG A 39 1.66 -1.80 5.42
N VAL A 40 1.24 -1.23 6.56
CA VAL A 40 0.96 -2.03 7.76
C VAL A 40 -0.05 -3.12 7.41
N VAL A 41 -1.22 -2.70 6.96
CA VAL A 41 -2.31 -3.61 6.66
C VAL A 41 -2.02 -4.49 5.45
N ASP A 42 -1.22 -3.98 4.53
CA ASP A 42 -0.76 -4.71 3.35
C ASP A 42 -0.06 -5.98 3.81
N THR A 43 0.91 -5.82 4.69
CA THR A 43 1.61 -6.99 5.19
C THR A 43 0.85 -7.76 6.26
N ASP A 44 0.13 -7.06 7.10
CA ASP A 44 -0.63 -7.73 8.18
C ASP A 44 -1.73 -8.63 7.66
N LEU A 45 -2.25 -8.31 6.48
CA LEU A 45 -3.21 -9.16 5.78
C LEU A 45 -2.52 -10.50 5.49
N LEU A 46 -1.38 -10.38 4.83
CA LEU A 46 -0.56 -11.51 4.39
C LEU A 46 -0.13 -12.37 5.57
N LEU A 47 0.29 -11.74 6.64
CA LEU A 47 0.74 -12.48 7.80
C LEU A 47 -0.41 -12.95 8.72
N LYS A 48 -1.68 -12.68 8.30
CA LYS A 48 -2.89 -13.14 9.02
C LYS A 48 -2.91 -12.60 10.45
N VAL A 49 -2.50 -11.39 10.60
CA VAL A 49 -2.38 -10.75 11.89
C VAL A 49 -3.77 -10.26 12.39
N ASP A 50 -3.86 -9.95 13.68
CA ASP A 50 -5.09 -9.55 14.39
C ASP A 50 -5.93 -8.52 13.64
N SER A 51 -7.06 -9.03 13.24
CA SER A 51 -7.99 -8.33 12.42
C SER A 51 -8.63 -7.19 13.19
N THR A 52 -8.76 -7.34 14.48
CA THR A 52 -9.38 -6.30 15.24
C THR A 52 -8.43 -5.14 15.47
N LYS A 53 -7.15 -5.42 15.69
CA LYS A 53 -6.15 -4.37 15.87
C LYS A 53 -6.09 -3.54 14.61
N VAL A 54 -5.98 -4.21 13.46
CA VAL A 54 -5.92 -3.48 12.19
C VAL A 54 -7.23 -2.75 11.87
N ASP A 55 -8.35 -3.34 12.25
CA ASP A 55 -9.65 -2.72 11.99
C ASP A 55 -9.87 -1.51 12.87
N GLU A 56 -9.52 -1.63 14.15
CA GLU A 56 -9.64 -0.51 15.12
C GLU A 56 -8.74 0.64 14.77
N ALA A 57 -7.50 0.34 14.45
CA ALA A 57 -6.57 1.39 14.06
C ALA A 57 -7.08 2.03 12.77
N GLY A 58 -7.60 1.20 11.89
CA GLY A 58 -8.21 1.68 10.68
C GLY A 58 -9.45 2.52 10.97
N LYS A 59 -10.18 2.18 12.03
CA LYS A 59 -11.30 2.98 12.46
C LYS A 59 -10.84 4.35 12.83
N LYS A 60 -9.70 4.44 13.52
CA LYS A 60 -9.14 5.76 13.86
C LYS A 60 -8.71 6.51 12.61
N VAL A 61 -8.25 5.78 11.64
CA VAL A 61 -7.93 6.36 10.33
C VAL A 61 -9.18 6.99 9.71
N LYS A 62 -10.25 6.20 9.62
CA LYS A 62 -11.49 6.67 9.02
C LYS A 62 -12.12 7.72 9.92
N ALA A 63 -11.85 7.62 11.21
CA ALA A 63 -12.28 8.59 12.20
C ALA A 63 -11.74 9.94 11.87
N TYR A 64 -10.43 10.01 11.70
CA TYR A 64 -9.76 11.25 11.32
C TYR A 64 -10.37 11.79 10.05
N LEU A 65 -10.46 10.92 9.09
CA LEU A 65 -11.01 11.23 7.83
C LEU A 65 -12.43 11.79 7.96
N GLU A 66 -13.29 11.13 8.71
CA GLU A 66 -14.67 11.59 8.84
C GLU A 66 -14.75 12.87 9.69
N LYS A 67 -13.76 13.09 10.54
CA LYS A 67 -13.68 14.31 11.33
C LYS A 67 -13.44 15.49 10.41
N ILE A 68 -12.61 15.29 9.38
CA ILE A 68 -12.47 16.36 8.41
C ILE A 68 -13.73 16.34 7.52
N GLY A 69 -14.26 15.15 7.33
CA GLY A 69 -15.51 14.95 6.64
C GLY A 69 -15.37 14.13 5.39
N ILE A 70 -14.48 13.17 5.46
CA ILE A 70 -14.24 12.26 4.38
C ILE A 70 -14.49 10.84 4.85
N ARG A 71 -15.32 10.16 4.15
CA ARG A 71 -15.68 8.82 4.55
C ARG A 71 -15.52 7.80 3.46
N GLY A 72 -15.60 6.57 3.87
CA GLY A 72 -15.48 5.44 3.03
C GLY A 72 -16.22 4.34 3.71
N ASP A 73 -16.40 3.22 3.06
CA ASP A 73 -17.14 2.11 3.65
C ASP A 73 -16.30 1.48 4.77
N SER A 74 -15.27 0.78 4.38
CA SER A 74 -14.39 0.13 5.29
C SER A 74 -13.03 0.83 5.20
N VAL A 75 -12.06 0.36 5.94
CA VAL A 75 -10.76 1.00 6.02
C VAL A 75 -10.01 0.98 4.69
N GLU A 76 -10.04 -0.16 4.00
CA GLU A 76 -9.35 -0.31 2.74
C GLU A 76 -10.06 0.50 1.66
N ALA A 77 -11.38 0.64 1.81
CA ALA A 77 -12.18 1.39 0.88
C ALA A 77 -11.89 2.87 1.05
N ALA A 78 -11.83 3.29 2.30
CA ALA A 78 -11.56 4.68 2.64
C ALA A 78 -10.18 5.12 2.14
N LEU A 79 -9.18 4.28 2.36
CA LEU A 79 -7.85 4.61 1.89
C LEU A 79 -7.79 4.60 0.38
N ASP A 80 -8.52 3.65 -0.24
CA ASP A 80 -8.62 3.59 -1.71
C ASP A 80 -9.26 4.86 -2.22
N ASN A 81 -10.34 5.25 -1.55
CA ASN A 81 -11.05 6.51 -1.85
C ASN A 81 -10.10 7.69 -1.84
N LEU A 82 -9.27 7.78 -0.81
CA LEU A 82 -8.37 8.89 -0.75
C LEU A 82 -7.21 8.76 -1.75
N MET A 83 -6.82 7.50 -2.06
CA MET A 83 -5.79 7.25 -3.10
C MET A 83 -6.30 7.78 -4.42
N ILE A 84 -7.53 7.37 -4.77
CA ILE A 84 -8.16 7.79 -5.99
C ILE A 84 -8.22 9.30 -6.05
N LYS A 85 -8.63 9.92 -4.94
CA LYS A 85 -8.69 11.38 -4.82
C LYS A 85 -7.35 12.07 -5.04
N VAL A 86 -6.27 11.53 -4.49
CA VAL A 86 -4.96 12.13 -4.70
C VAL A 86 -4.59 12.07 -6.19
N TYR A 87 -4.72 10.90 -6.77
CA TYR A 87 -4.35 10.73 -8.16
C TYR A 87 -5.31 11.43 -9.09
N GLU A 88 -6.51 11.64 -8.62
CA GLU A 88 -7.50 12.48 -9.31
C GLU A 88 -6.92 13.88 -9.52
N ILE A 89 -6.22 14.38 -8.50
CA ILE A 89 -5.64 15.71 -8.55
C ILE A 89 -4.44 15.67 -9.48
N THR A 90 -3.69 14.61 -9.32
CA THR A 90 -2.49 14.35 -10.04
C THR A 90 -2.74 14.29 -11.58
N LYS A 91 -3.82 13.65 -12.00
CA LYS A 91 -4.09 13.52 -13.43
C LYS A 91 -5.06 14.57 -13.96
N GLY A 92 -5.87 15.13 -13.08
CA GLY A 92 -6.87 16.07 -13.51
C GLY A 92 -8.08 15.33 -14.01
N THR A 93 -8.61 14.52 -13.15
CA THR A 93 -9.74 13.68 -13.43
C THR A 93 -10.93 14.23 -12.63
N VAL A 94 -12.16 13.96 -13.05
CA VAL A 94 -13.31 14.43 -12.28
C VAL A 94 -14.13 13.29 -11.69
N GLU A 95 -13.83 12.10 -12.11
CA GLU A 95 -14.50 10.94 -11.57
C GLU A 95 -13.59 10.21 -10.59
N SER A 96 -14.18 9.80 -9.49
CA SER A 96 -13.51 9.17 -8.39
C SER A 96 -14.56 8.72 -7.40
N SER A 97 -15.63 9.52 -7.36
CA SER A 97 -16.79 9.32 -6.54
C SER A 97 -16.51 9.63 -5.07
N ALA A 98 -15.96 8.64 -4.33
CA ALA A 98 -15.65 8.75 -2.89
C ALA A 98 -16.91 8.92 -2.03
N GLN A 99 -16.94 8.25 -0.90
CA GLN A 99 -18.09 8.32 0.00
C GLN A 99 -17.97 9.46 0.99
N GLY A 100 -17.26 10.47 0.58
CA GLY A 100 -17.06 11.63 1.39
C GLY A 100 -17.38 12.87 0.61
N THR A 101 -18.08 13.76 1.24
CA THR A 101 -18.39 15.04 0.65
C THR A 101 -17.35 16.05 1.13
N ASP A 102 -16.68 16.70 0.20
CA ASP A 102 -15.59 17.57 0.56
C ASP A 102 -16.05 19.01 0.81
N SER A 103 -15.07 19.82 1.09
CA SER A 103 -15.18 21.21 1.32
C SER A 103 -13.82 21.72 0.92
N GLU A 104 -13.65 23.02 0.75
CA GLU A 104 -12.39 23.56 0.29
C GLU A 104 -11.25 23.21 1.24
N GLU A 105 -11.53 23.19 2.52
CA GLU A 105 -10.54 22.84 3.52
C GLU A 105 -10.07 21.39 3.31
N LEU A 106 -10.98 20.56 2.86
CA LEU A 106 -10.69 19.14 2.70
C LEU A 106 -9.96 18.94 1.42
N LYS A 107 -10.38 19.70 0.43
CA LYS A 107 -9.76 19.75 -0.87
C LYS A 107 -8.31 20.19 -0.66
N THR A 108 -8.14 21.27 0.09
CA THR A 108 -6.83 21.81 0.42
C THR A 108 -6.00 20.78 1.19
N LEU A 109 -6.64 19.99 2.05
CA LEU A 109 -5.91 19.00 2.78
C LEU A 109 -5.43 17.89 1.85
N LEU A 110 -6.21 17.57 0.84
CA LEU A 110 -5.82 16.58 -0.16
C LEU A 110 -4.67 17.14 -0.97
N LEU A 111 -4.69 18.43 -1.14
CA LEU A 111 -3.64 19.15 -1.81
C LEU A 111 -2.37 19.25 -0.97
N LYS A 112 -2.52 19.26 0.35
CA LYS A 112 -1.38 19.28 1.23
C LYS A 112 -0.81 17.90 1.25
N PHE A 113 -1.68 16.90 1.16
CA PHE A 113 -1.25 15.52 1.05
C PHE A 113 -0.46 15.32 -0.21
N SER A 114 -1.02 15.73 -1.31
CA SER A 114 -0.32 15.62 -2.57
C SER A 114 1.01 16.42 -2.59
N GLU A 115 1.01 17.62 -2.00
CA GLU A 115 2.23 18.41 -1.87
C GLU A 115 3.23 17.71 -0.96
N ASP A 116 2.71 17.24 0.17
CA ASP A 116 3.49 16.59 1.22
C ASP A 116 4.20 15.39 0.61
N LEU A 117 3.38 14.60 -0.08
CA LEU A 117 3.82 13.43 -0.77
C LEU A 117 4.85 13.81 -1.81
N LYS A 118 4.52 14.79 -2.67
CA LYS A 118 5.41 15.24 -3.77
C LYS A 118 6.78 15.63 -3.23
N ALA A 119 6.78 16.31 -2.12
CA ALA A 119 8.00 16.76 -1.50
C ALA A 119 8.86 15.59 -1.06
N GLU A 120 8.27 14.71 -0.28
CA GLU A 120 8.99 13.52 0.12
C GLU A 120 9.31 12.60 -1.07
N GLN A 121 8.51 12.73 -2.15
CA GLN A 121 8.72 11.95 -3.39
C GLN A 121 10.05 12.30 -3.95
N GLU A 122 10.22 13.57 -4.27
CA GLU A 122 11.43 14.07 -4.89
C GLU A 122 12.64 13.94 -3.97
N LEU A 123 12.41 14.11 -2.66
CA LEU A 123 13.46 13.96 -1.67
C LEU A 123 14.06 12.55 -1.77
N HIS A 124 13.22 11.54 -1.68
CA HIS A 124 13.69 10.16 -1.71
C HIS A 124 14.17 9.81 -3.13
N SER A 125 13.44 10.33 -4.13
CA SER A 125 13.72 10.10 -5.55
C SER A 125 15.15 10.51 -5.91
N GLU A 126 15.63 11.57 -5.32
CA GLU A 126 17.00 11.97 -5.56
C GLU A 126 17.94 11.20 -4.62
N ALA A 127 17.74 11.39 -3.32
CA ALA A 127 18.62 10.86 -2.28
C ALA A 127 18.90 9.36 -2.36
N LYS A 128 17.91 8.58 -2.73
CA LYS A 128 18.10 7.15 -2.75
C LYS A 128 18.24 6.62 -4.18
N GLY A 129 18.18 7.51 -5.15
CA GLY A 129 18.21 7.08 -6.54
C GLY A 129 16.92 6.38 -6.91
N GLY A 130 15.86 7.16 -7.00
CA GLY A 130 14.53 6.68 -7.24
C GLY A 130 14.39 5.90 -8.52
N GLU A 131 15.12 6.30 -9.52
CA GLU A 131 15.10 5.64 -10.81
C GLU A 131 15.62 4.22 -10.69
N ALA A 132 16.71 4.08 -9.96
CA ALA A 132 17.35 2.80 -9.77
C ALA A 132 16.47 1.92 -8.90
N LEU A 133 15.91 2.53 -7.88
CA LEU A 133 15.01 1.86 -6.97
C LEU A 133 13.76 1.39 -7.72
N LEU A 134 13.18 2.28 -8.51
CA LEU A 134 11.98 1.98 -9.29
C LEU A 134 12.26 0.86 -10.27
N SER A 135 13.37 0.96 -10.97
CA SER A 135 13.77 -0.04 -11.93
C SER A 135 13.99 -1.40 -11.23
N SER A 136 14.57 -1.38 -10.01
CA SER A 136 14.84 -2.61 -9.31
C SER A 136 13.54 -3.26 -8.87
N MET A 137 12.66 -2.44 -8.31
CA MET A 137 11.40 -2.93 -7.77
C MET A 137 10.47 -3.39 -8.87
N LYS A 138 10.49 -2.69 -9.99
CA LYS A 138 9.67 -3.02 -11.12
C LYS A 138 10.13 -4.35 -11.68
N THR A 139 11.44 -4.51 -11.76
CA THR A 139 12.03 -5.74 -12.22
C THR A 139 11.67 -6.91 -11.30
N GLN A 140 11.82 -6.71 -10.01
CA GLN A 140 11.51 -7.70 -9.00
C GLN A 140 10.07 -8.16 -9.11
N HIS A 141 9.16 -7.21 -9.14
CA HIS A 141 7.74 -7.52 -9.19
C HIS A 141 7.39 -8.14 -10.54
N ASP A 142 8.11 -7.72 -11.57
CA ASP A 142 7.90 -8.26 -12.91
C ASP A 142 8.36 -9.70 -12.97
N GLU A 143 9.53 -9.96 -12.41
CA GLU A 143 10.09 -11.31 -12.32
C GLU A 143 9.13 -12.21 -11.57
N LEU A 144 8.65 -11.71 -10.45
CA LEU A 144 7.69 -12.42 -9.66
C LEU A 144 6.44 -12.77 -10.49
N LEU A 145 5.85 -11.78 -11.11
CA LEU A 145 4.66 -11.98 -11.94
C LEU A 145 4.92 -12.91 -13.10
N LYS A 146 6.07 -12.81 -13.64
CA LYS A 146 6.55 -13.70 -14.66
C LYS A 146 6.52 -15.13 -14.14
N LYS A 147 7.05 -15.34 -12.95
CA LYS A 147 7.00 -16.64 -12.27
C LYS A 147 5.53 -17.11 -12.11
N PHE A 148 4.65 -16.20 -11.70
CA PHE A 148 3.20 -16.49 -11.50
C PHE A 148 2.51 -16.86 -12.83
N ALA A 149 3.04 -16.34 -13.93
CA ALA A 149 2.50 -16.66 -15.25
C ALA A 149 3.17 -17.90 -15.83
N ALA A 150 4.37 -18.15 -15.37
CA ALA A 150 5.18 -19.26 -15.85
C ALA A 150 4.81 -20.52 -15.10
N LEU A 151 4.42 -20.34 -13.88
CA LEU A 151 4.00 -21.42 -13.06
C LEU A 151 2.49 -21.46 -13.05
N THR A 152 1.97 -22.60 -12.84
CA THR A 152 0.57 -22.77 -12.75
C THR A 152 0.17 -22.90 -11.28
N PRO A 153 -1.05 -22.51 -10.93
CA PRO A 153 -1.97 -21.83 -11.83
C PRO A 153 -1.77 -20.30 -11.83
N THR A 154 -2.11 -19.66 -12.92
CA THR A 154 -2.16 -18.22 -12.91
C THR A 154 -3.57 -17.83 -12.47
N PHE A 155 -3.74 -17.73 -11.17
CA PHE A 155 -5.04 -17.45 -10.59
C PHE A 155 -5.34 -15.97 -10.55
N LEU A 156 -4.46 -15.19 -11.10
CA LEU A 156 -4.62 -13.79 -11.09
C LEU A 156 -5.42 -13.35 -12.27
N THR A 157 -5.77 -12.12 -12.25
CA THR A 157 -6.63 -11.54 -13.23
C THR A 157 -5.87 -10.74 -14.30
N SER A 158 -6.60 -10.33 -15.31
CA SER A 158 -6.08 -9.67 -16.49
C SER A 158 -5.36 -8.32 -16.21
N GLU A 159 -4.35 -8.08 -17.02
CA GLU A 159 -3.51 -6.89 -16.99
C GLU A 159 -4.34 -5.62 -17.24
N ASP A 160 -5.48 -5.80 -17.88
CA ASP A 160 -6.41 -4.74 -18.14
C ASP A 160 -7.02 -4.22 -16.86
N ILE A 161 -7.29 -5.12 -15.91
CA ILE A 161 -7.87 -4.67 -14.67
C ILE A 161 -6.74 -4.23 -13.76
N SER A 162 -5.61 -4.84 -13.95
CA SER A 162 -4.39 -4.46 -13.30
C SER A 162 -3.76 -3.27 -14.07
N GLY A 163 -4.60 -2.34 -14.51
CA GLY A 163 -4.16 -1.17 -15.29
C GLY A 163 -3.55 -0.11 -14.40
N TYR A 164 -2.48 -0.49 -13.78
CA TYR A 164 -1.74 0.31 -12.85
C TYR A 164 -0.39 -0.33 -12.68
N LEU A 165 0.48 0.34 -12.01
CA LEU A 165 1.77 -0.23 -11.70
C LEU A 165 1.65 -0.91 -10.37
N THR A 166 2.02 -2.16 -10.30
CA THR A 166 1.96 -2.94 -9.08
C THR A 166 2.96 -2.40 -8.07
N VAL A 167 4.05 -1.93 -8.60
CA VAL A 167 5.03 -1.19 -7.89
C VAL A 167 5.15 0.13 -8.59
N PRO A 168 4.44 1.12 -8.11
CA PRO A 168 4.37 2.38 -8.77
C PRO A 168 5.53 3.29 -8.43
N GLU A 169 5.55 4.36 -9.12
CA GLU A 169 6.49 5.40 -8.93
C GLU A 169 6.00 6.20 -7.74
N TYR A 170 6.89 7.02 -7.19
CA TYR A 170 6.60 7.88 -6.04
C TYR A 170 5.29 8.66 -6.21
N GLY A 171 4.97 8.97 -7.46
CA GLY A 171 3.75 9.67 -7.75
C GLY A 171 3.02 9.06 -8.93
N ALA A 172 2.88 7.74 -8.94
CA ALA A 172 2.13 7.09 -10.02
C ALA A 172 0.86 6.48 -9.47
N PRO A 173 -0.24 6.56 -10.22
CA PRO A 173 -1.53 6.04 -9.78
C PRO A 173 -1.58 4.51 -9.69
N MET A 174 -2.27 4.03 -8.67
CA MET A 174 -2.48 2.63 -8.44
C MET A 174 -3.83 2.45 -7.76
N ASN A 175 -4.51 1.35 -8.05
CA ASN A 175 -5.83 1.13 -7.47
C ASN A 175 -5.77 0.17 -6.33
N ALA A 176 -6.00 0.67 -5.15
CA ALA A 176 -5.87 -0.09 -3.92
C ALA A 176 -6.97 -1.12 -3.79
N ALA A 177 -8.19 -0.76 -4.17
CA ALA A 177 -9.32 -1.69 -4.11
C ALA A 177 -9.12 -2.85 -5.06
N LYS A 178 -8.59 -2.55 -6.24
CA LYS A 178 -8.36 -3.55 -7.26
C LYS A 178 -7.26 -4.48 -6.79
N TRP A 179 -6.24 -3.88 -6.19
CA TRP A 179 -5.14 -4.61 -5.61
C TRP A 179 -5.64 -5.51 -4.48
N ALA A 180 -6.49 -4.94 -3.63
CA ALA A 180 -7.09 -5.68 -2.53
C ALA A 180 -7.98 -6.80 -3.05
N LYS A 181 -8.49 -6.65 -4.26
CA LYS A 181 -9.25 -7.71 -4.88
C LYS A 181 -8.33 -8.87 -5.27
N VAL A 182 -7.27 -8.57 -6.02
CA VAL A 182 -6.37 -9.61 -6.48
C VAL A 182 -5.62 -10.26 -5.33
N GLU A 183 -5.12 -9.46 -4.43
CA GLU A 183 -4.44 -9.98 -3.29
C GLU A 183 -5.46 -10.51 -2.28
N GLY A 184 -6.70 -10.07 -2.40
CA GLY A 184 -7.78 -10.67 -1.64
C GLY A 184 -7.94 -12.12 -2.05
N MET A 185 -7.79 -12.39 -3.35
CA MET A 185 -7.79 -13.77 -3.85
C MET A 185 -6.60 -14.49 -3.27
N ILE A 186 -5.45 -13.83 -3.27
CA ILE A 186 -4.23 -14.37 -2.66
C ILE A 186 -4.44 -14.71 -1.17
N HIS A 187 -4.98 -13.77 -0.42
CA HIS A 187 -5.28 -13.93 0.99
C HIS A 187 -6.30 -15.03 1.20
N GLY A 188 -7.26 -15.07 0.30
CA GLY A 188 -8.28 -16.09 0.30
C GLY A 188 -7.68 -17.45 0.16
N LYS A 189 -6.77 -17.57 -0.77
CA LYS A 189 -6.04 -18.79 -1.02
C LYS A 189 -5.11 -19.10 0.13
N LEU A 190 -4.53 -18.08 0.66
CA LEU A 190 -3.63 -18.15 1.76
C LEU A 190 -4.34 -18.70 3.00
N GLU A 191 -5.64 -18.42 3.11
CA GLU A 191 -6.41 -18.94 4.24
C GLU A 191 -7.14 -20.22 3.86
N SER A 192 -6.95 -20.66 2.63
CA SER A 192 -7.57 -21.88 2.17
C SER A 192 -6.63 -23.06 2.39
N SER A 193 -7.08 -24.23 2.05
CA SER A 193 -6.32 -25.42 2.30
C SER A 193 -5.39 -25.73 1.11
N GLU A 194 -5.58 -25.03 -0.01
CA GLU A 194 -4.69 -25.16 -1.14
C GLU A 194 -3.34 -24.55 -0.79
N VAL A 195 -2.46 -25.37 -0.38
CA VAL A 195 -1.14 -24.96 0.01
C VAL A 195 -0.13 -25.47 -1.00
N PRO A 196 0.45 -24.58 -1.80
CA PRO A 196 1.44 -24.95 -2.79
C PRO A 196 2.86 -24.92 -2.20
N ALA A 197 3.84 -25.13 -3.04
CA ALA A 197 5.23 -25.11 -2.61
C ALA A 197 5.97 -24.02 -3.38
N ASN A 198 6.01 -24.17 -4.69
CA ASN A 198 6.70 -23.21 -5.56
C ASN A 198 5.97 -21.90 -5.54
N LEU A 199 4.67 -21.97 -5.69
CA LEU A 199 3.83 -20.79 -5.67
C LEU A 199 3.89 -20.13 -4.30
N LYS A 200 3.97 -20.96 -3.26
CA LYS A 200 4.13 -20.50 -1.88
C LYS A 200 5.38 -19.63 -1.75
N ALA A 201 6.46 -20.12 -2.33
CA ALA A 201 7.71 -19.39 -2.34
C ALA A 201 7.57 -18.09 -3.11
N LEU A 202 6.90 -18.15 -4.25
CA LEU A 202 6.71 -16.99 -5.10
C LEU A 202 5.90 -15.92 -4.41
N VAL A 203 4.80 -16.33 -3.81
CA VAL A 203 3.95 -15.39 -3.11
C VAL A 203 4.65 -14.79 -1.90
N ALA A 204 5.40 -15.61 -1.20
CA ALA A 204 6.19 -15.14 -0.07
C ALA A 204 7.29 -14.18 -0.52
N GLU A 205 7.88 -14.42 -1.71
CA GLU A 205 8.86 -13.50 -2.27
C GLU A 205 8.19 -12.19 -2.67
N LEU A 206 6.96 -12.30 -3.19
CA LEU A 206 6.15 -11.15 -3.54
C LEU A 206 5.92 -10.30 -2.30
N ILE A 207 5.50 -10.97 -1.26
CA ILE A 207 5.28 -10.37 0.04
C ILE A 207 6.54 -9.66 0.50
N GLU A 208 7.61 -10.44 0.62
CA GLU A 208 8.93 -10.01 1.05
C GLU A 208 9.38 -8.72 0.31
N LEU A 209 9.50 -8.85 -1.00
CA LEU A 209 10.04 -7.80 -1.83
C LEU A 209 9.15 -6.58 -1.89
N ARG A 210 7.85 -6.78 -2.11
CA ARG A 210 6.96 -5.63 -2.25
C ARG A 210 6.87 -4.89 -0.93
N ALA A 211 6.95 -5.62 0.17
CA ALA A 211 6.83 -5.04 1.49
C ALA A 211 8.00 -4.14 1.76
N GLN A 212 9.19 -4.74 1.71
CA GLN A 212 10.42 -4.02 1.98
C GLN A 212 10.58 -2.84 1.06
N MET A 213 10.41 -3.10 -0.20
CA MET A 213 10.74 -2.14 -1.22
C MET A 213 9.76 -0.96 -1.24
N MET A 214 8.46 -1.22 -1.09
CA MET A 214 7.47 -0.14 -1.05
C MET A 214 7.55 0.60 0.29
N ALA A 215 7.92 -0.10 1.35
CA ALA A 215 8.07 0.54 2.66
C ALA A 215 9.19 1.54 2.59
N LEU A 216 10.23 1.14 1.90
CA LEU A 216 11.35 2.00 1.65
C LEU A 216 10.98 3.10 0.66
N LEU A 217 10.23 2.73 -0.39
CA LEU A 217 9.73 3.66 -1.42
C LEU A 217 9.01 4.86 -0.78
N TYR A 218 8.19 4.58 0.19
CA TYR A 218 7.43 5.60 0.91
C TYR A 218 8.04 5.87 2.27
N GLY A 219 9.30 5.60 2.38
CA GLY A 219 10.00 5.80 3.61
C GLY A 219 10.92 6.98 3.55
N PRO A 220 10.52 8.13 4.12
CA PRO A 220 11.39 9.28 4.14
C PRO A 220 12.51 9.05 5.15
N ILE A 221 13.69 9.49 4.80
CA ILE A 221 14.82 9.38 5.68
C ILE A 221 14.59 10.36 6.84
N GLY A 222 14.45 9.80 8.02
CA GLY A 222 14.11 10.61 9.17
C GLY A 222 12.66 11.01 9.10
N HIS A 223 12.36 12.25 9.35
CA HIS A 223 11.01 12.74 9.19
C HIS A 223 11.00 14.12 8.53
N HIS A 224 11.60 15.08 9.18
CA HIS A 224 11.68 16.44 8.69
C HIS A 224 13.03 16.96 9.06
N VAL A 1 23.85 -8.82 9.35
CA VAL A 1 23.41 -9.55 8.16
C VAL A 1 21.91 -9.75 8.19
N LYS A 2 21.29 -9.63 7.05
CA LYS A 2 19.87 -9.73 6.96
C LYS A 2 19.48 -10.90 6.09
N THR A 3 18.69 -11.75 6.63
CA THR A 3 18.14 -12.85 5.89
C THR A 3 16.71 -12.51 5.56
N LEU A 4 16.01 -13.37 4.84
CA LEU A 4 14.59 -13.13 4.49
C LEU A 4 13.76 -12.97 5.74
N ASP A 5 14.10 -13.73 6.76
CA ASP A 5 13.35 -13.71 7.99
C ASP A 5 13.56 -12.40 8.70
N VAL A 6 14.77 -11.91 8.61
CA VAL A 6 15.15 -10.66 9.22
C VAL A 6 14.51 -9.51 8.47
N LEU A 7 14.51 -9.61 7.17
CA LEU A 7 13.86 -8.62 6.29
C LEU A 7 12.38 -8.54 6.60
N ARG A 8 11.72 -9.68 6.57
CA ARG A 8 10.33 -9.71 6.93
C ARG A 8 10.11 -9.42 8.41
N GLY A 9 11.15 -9.61 9.21
CA GLY A 9 11.11 -9.26 10.61
C GLY A 9 11.06 -7.76 10.78
N GLU A 10 11.89 -7.05 10.01
CA GLU A 10 11.90 -5.58 10.01
C GLU A 10 10.55 -5.08 9.57
N LEU A 11 10.03 -5.70 8.53
CA LEU A 11 8.71 -5.40 7.99
C LEU A 11 7.65 -5.58 9.06
N ARG A 12 7.65 -6.77 9.59
CA ARG A 12 6.74 -7.18 10.66
C ARG A 12 6.81 -6.23 11.86
N GLY A 13 8.02 -5.93 12.29
CA GLY A 13 8.25 -5.07 13.43
C GLY A 13 7.76 -3.68 13.20
N GLN A 14 8.07 -3.12 12.02
CA GLN A 14 7.67 -1.77 11.70
C GLN A 14 6.15 -1.71 11.62
N ARG A 15 5.55 -2.71 10.98
CA ARG A 15 4.09 -2.78 10.84
C ARG A 15 3.44 -2.79 12.23
N GLU A 16 4.00 -3.57 13.14
CA GLU A 16 3.47 -3.67 14.49
C GLU A 16 3.56 -2.32 15.20
N ALA A 17 4.73 -1.69 15.11
CA ALA A 17 4.95 -0.38 15.72
C ALA A 17 4.00 0.64 15.12
N PHE A 18 3.85 0.58 13.81
CA PHE A 18 3.00 1.49 13.05
C PHE A 18 1.55 1.33 13.51
N LEU A 19 1.08 0.10 13.48
CA LEU A 19 -0.27 -0.25 13.92
C LEU A 19 -0.48 0.16 15.38
N SER A 20 0.56 0.01 16.18
CA SER A 20 0.52 0.41 17.57
C SER A 20 0.28 1.93 17.65
N GLU A 21 0.97 2.70 16.78
CA GLU A 21 0.84 4.14 16.77
C GLU A 21 -0.59 4.48 16.45
N ILE A 22 -1.13 3.76 15.50
CA ILE A 22 -2.47 4.02 15.02
C ILE A 22 -3.50 3.77 16.14
N ILE A 23 -3.43 2.59 16.76
CA ILE A 23 -4.37 2.23 17.81
C ILE A 23 -4.16 3.10 19.07
N LYS A 24 -3.00 3.71 19.21
CA LYS A 24 -2.75 4.62 20.32
C LYS A 24 -3.20 6.06 20.00
N SER A 25 -3.20 6.43 18.74
CA SER A 25 -3.49 7.80 18.37
C SER A 25 -4.98 8.09 18.16
N ASP A 26 -5.38 9.29 18.55
CA ASP A 26 -6.75 9.79 18.38
C ASP A 26 -6.70 11.16 17.70
N GLY A 27 -5.49 11.56 17.33
CA GLY A 27 -5.25 12.85 16.74
C GLY A 27 -5.10 12.81 15.23
N PRO A 28 -4.32 13.74 14.65
CA PRO A 28 -4.14 13.83 13.22
C PRO A 28 -3.11 12.85 12.67
N PHE A 29 -3.20 12.58 11.39
CA PHE A 29 -2.32 11.66 10.73
C PHE A 29 -1.79 12.33 9.48
N THR A 30 -0.59 12.02 9.09
CA THR A 30 0.00 12.59 7.89
C THR A 30 -0.26 11.70 6.69
N ILE A 31 0.13 12.14 5.50
CA ILE A 31 -0.07 11.35 4.31
C ILE A 31 0.80 10.08 4.34
N LEU A 32 2.05 10.19 4.80
CA LEU A 32 2.88 9.01 4.95
C LEU A 32 2.33 8.08 6.01
N GLN A 33 1.72 8.64 7.02
CA GLN A 33 1.10 7.84 8.06
C GLN A 33 -0.08 7.05 7.47
N LEU A 34 -0.82 7.71 6.58
CA LEU A 34 -1.98 7.13 5.90
C LEU A 34 -1.52 6.01 4.95
N VAL A 35 -0.62 6.32 4.04
CA VAL A 35 -0.15 5.33 3.06
C VAL A 35 0.65 4.22 3.74
N GLY A 36 1.26 4.56 4.82
CA GLY A 36 1.95 3.60 5.62
C GLY A 36 0.98 2.65 6.25
N TYR A 37 -0.16 3.18 6.70
CA TYR A 37 -1.20 2.37 7.26
C TYR A 37 -1.79 1.48 6.20
N LEU A 38 -1.82 2.00 4.98
CA LEU A 38 -2.21 1.21 3.83
C LEU A 38 -1.31 -0.01 3.78
N ARG A 39 0.00 0.22 3.85
CA ARG A 39 0.99 -0.87 3.87
C ARG A 39 0.73 -1.83 5.03
N VAL A 40 0.31 -1.28 6.19
CA VAL A 40 -0.07 -2.08 7.33
C VAL A 40 -1.20 -3.02 6.91
N VAL A 41 -2.32 -2.45 6.44
CA VAL A 41 -3.48 -3.25 6.07
C VAL A 41 -3.21 -4.18 4.88
N ASP A 42 -2.25 -3.80 4.01
CA ASP A 42 -1.76 -4.70 2.95
C ASP A 42 -1.30 -5.97 3.59
N THR A 43 -0.32 -5.83 4.48
CA THR A 43 0.25 -6.97 5.15
C THR A 43 -0.74 -7.69 6.08
N ASP A 44 -1.67 -6.95 6.66
CA ASP A 44 -2.70 -7.53 7.53
C ASP A 44 -3.69 -8.39 6.77
N LEU A 45 -3.97 -8.02 5.54
CA LEU A 45 -4.79 -8.88 4.69
C LEU A 45 -3.95 -10.08 4.29
N LEU A 46 -2.82 -9.77 3.70
CA LEU A 46 -1.88 -10.70 3.13
C LEU A 46 -1.49 -11.82 4.11
N LEU A 47 -1.06 -11.46 5.31
CA LEU A 47 -0.63 -12.45 6.30
C LEU A 47 -1.78 -12.85 7.23
N LYS A 48 -2.99 -12.34 6.95
CA LYS A 48 -4.19 -12.62 7.76
C LYS A 48 -3.96 -12.26 9.24
N VAL A 49 -3.65 -11.02 9.49
CA VAL A 49 -3.37 -10.58 10.83
C VAL A 49 -4.68 -10.01 11.44
N ASP A 50 -4.66 -9.78 12.76
CA ASP A 50 -5.79 -9.28 13.57
C ASP A 50 -6.56 -8.16 12.90
N SER A 51 -7.60 -8.60 12.32
CA SER A 51 -8.48 -7.83 11.53
C SER A 51 -9.29 -6.86 12.41
N THR A 52 -9.45 -7.19 13.66
CA THR A 52 -10.20 -6.37 14.54
C THR A 52 -9.31 -5.24 15.08
N LYS A 53 -8.04 -5.54 15.27
CA LYS A 53 -7.09 -4.54 15.71
C LYS A 53 -6.92 -3.51 14.61
N VAL A 54 -6.79 -3.97 13.37
CA VAL A 54 -6.71 -3.03 12.25
C VAL A 54 -8.02 -2.32 12.03
N ASP A 55 -9.12 -2.99 12.35
CA ASP A 55 -10.44 -2.36 12.25
C ASP A 55 -10.49 -1.17 13.21
N GLU A 56 -10.14 -1.41 14.47
CA GLU A 56 -10.11 -0.37 15.50
C GLU A 56 -9.12 0.75 15.20
N ALA A 57 -7.93 0.38 14.79
CA ALA A 57 -6.92 1.36 14.45
C ALA A 57 -7.39 2.19 13.24
N GLY A 58 -7.94 1.49 12.27
CA GLY A 58 -8.46 2.13 11.09
C GLY A 58 -9.67 2.96 11.42
N LYS A 59 -10.37 2.55 12.43
CA LYS A 59 -11.53 3.23 12.95
C LYS A 59 -11.11 4.58 13.51
N LYS A 60 -9.93 4.64 14.12
CA LYS A 60 -9.35 5.91 14.56
C LYS A 60 -8.91 6.74 13.35
N VAL A 61 -8.46 6.06 12.33
CA VAL A 61 -8.13 6.69 11.04
C VAL A 61 -9.41 7.33 10.44
N LYS A 62 -10.45 6.52 10.41
CA LYS A 62 -11.78 6.92 9.95
C LYS A 62 -12.29 8.06 10.79
N ALA A 63 -11.99 8.00 12.07
CA ALA A 63 -12.37 9.01 13.03
C ALA A 63 -11.81 10.35 12.62
N TYR A 64 -10.50 10.39 12.44
CA TYR A 64 -9.80 11.59 11.99
C TYR A 64 -10.33 12.07 10.63
N LEU A 65 -10.36 11.17 9.71
CA LEU A 65 -10.83 11.45 8.38
C LEU A 65 -12.27 12.01 8.37
N GLU A 66 -13.14 11.39 9.11
CA GLU A 66 -14.53 11.83 9.17
C GLU A 66 -14.62 13.10 10.03
N LYS A 67 -13.61 13.31 10.86
CA LYS A 67 -13.46 14.51 11.68
C LYS A 67 -13.23 15.73 10.80
N ILE A 68 -12.36 15.59 9.77
CA ILE A 68 -12.18 16.71 8.83
C ILE A 68 -13.44 16.81 7.97
N GLY A 69 -14.08 15.68 7.82
CA GLY A 69 -15.37 15.61 7.19
C GLY A 69 -15.37 14.79 5.95
N ILE A 70 -14.57 13.76 5.94
CA ILE A 70 -14.56 12.82 4.87
C ILE A 70 -15.10 11.51 5.36
N ARG A 71 -16.25 11.18 4.85
CA ARG A 71 -16.99 10.02 5.30
C ARG A 71 -16.62 8.78 4.48
N GLY A 72 -16.55 7.68 5.16
CA GLY A 72 -16.27 6.41 4.55
C GLY A 72 -16.74 5.32 5.48
N ASP A 73 -17.36 4.29 4.95
CA ASP A 73 -17.90 3.22 5.78
C ASP A 73 -16.89 2.15 6.11
N SER A 74 -16.02 1.86 5.20
CA SER A 74 -15.03 0.85 5.43
C SER A 74 -13.71 1.56 5.51
N VAL A 75 -12.83 1.14 6.40
CA VAL A 75 -11.53 1.79 6.55
C VAL A 75 -10.71 1.67 5.27
N GLU A 76 -10.83 0.53 4.62
CA GLU A 76 -10.15 0.30 3.39
C GLU A 76 -10.78 1.15 2.29
N ALA A 77 -12.09 1.36 2.36
CA ALA A 77 -12.78 2.13 1.33
C ALA A 77 -12.51 3.60 1.52
N ALA A 78 -12.33 3.99 2.76
CA ALA A 78 -11.99 5.35 3.10
C ALA A 78 -10.61 5.70 2.57
N LEU A 79 -9.61 4.87 2.89
CA LEU A 79 -8.26 5.13 2.43
C LEU A 79 -8.13 4.91 0.93
N ASP A 80 -8.96 4.04 0.40
CA ASP A 80 -9.03 3.78 -1.05
C ASP A 80 -9.56 5.05 -1.72
N ASN A 81 -10.55 5.66 -1.07
CA ASN A 81 -11.17 6.91 -1.54
C ASN A 81 -10.12 7.99 -1.57
N LEU A 82 -9.34 8.06 -0.49
CA LEU A 82 -8.28 9.06 -0.37
C LEU A 82 -7.23 8.87 -1.41
N MET A 83 -6.91 7.63 -1.62
CA MET A 83 -5.96 7.19 -2.58
C MET A 83 -6.37 7.66 -3.95
N ILE A 84 -7.62 7.38 -4.29
CA ILE A 84 -8.18 7.80 -5.53
C ILE A 84 -8.10 9.32 -5.63
N LYS A 85 -8.43 10.03 -4.54
CA LYS A 85 -8.35 11.52 -4.49
C LYS A 85 -6.97 12.01 -4.86
N VAL A 86 -5.94 11.34 -4.36
CA VAL A 86 -4.59 11.73 -4.65
C VAL A 86 -4.31 11.54 -6.14
N TYR A 87 -4.54 10.32 -6.62
CA TYR A 87 -4.23 9.99 -8.00
C TYR A 87 -5.07 10.76 -8.99
N GLU A 88 -6.28 11.09 -8.56
CA GLU A 88 -7.16 11.99 -9.33
C GLU A 88 -6.41 13.30 -9.64
N ILE A 89 -5.71 13.81 -8.63
CA ILE A 89 -4.98 15.06 -8.76
C ILE A 89 -3.72 14.84 -9.58
N THR A 90 -2.98 13.82 -9.19
CA THR A 90 -1.72 13.46 -9.78
C THR A 90 -1.82 13.14 -11.29
N LYS A 91 -2.88 12.48 -11.70
CA LYS A 91 -3.03 12.05 -13.08
C LYS A 91 -3.94 12.97 -13.90
N GLY A 92 -4.93 13.57 -13.26
CA GLY A 92 -5.86 14.40 -13.98
C GLY A 92 -7.11 13.62 -14.30
N THR A 93 -7.86 13.31 -13.29
CA THR A 93 -9.08 12.58 -13.39
C THR A 93 -9.97 12.99 -12.22
N VAL A 94 -11.26 13.01 -12.42
CA VAL A 94 -12.21 13.23 -11.33
C VAL A 94 -13.21 12.08 -11.39
N GLU A 95 -13.35 11.34 -10.31
CA GLU A 95 -14.21 10.17 -10.31
C GLU A 95 -15.69 10.54 -10.11
N SER A 96 -15.91 11.82 -9.81
CA SER A 96 -17.20 12.34 -9.39
C SER A 96 -17.48 11.73 -8.02
N SER A 97 -16.94 12.36 -7.02
CA SER A 97 -16.91 11.84 -5.68
C SER A 97 -18.28 11.77 -5.00
N ALA A 98 -18.73 10.57 -4.78
CA ALA A 98 -19.93 10.31 -4.04
C ALA A 98 -19.52 9.93 -2.64
N GLN A 99 -20.21 10.47 -1.64
CA GLN A 99 -19.88 10.30 -0.21
C GLN A 99 -18.65 11.09 0.18
N GLY A 100 -17.53 10.78 -0.43
CA GLY A 100 -16.28 11.46 -0.14
C GLY A 100 -16.15 12.72 -0.94
N THR A 101 -17.17 13.54 -0.89
CA THR A 101 -17.18 14.79 -1.59
C THR A 101 -16.40 15.82 -0.77
N ASP A 102 -15.66 16.66 -1.45
CA ASP A 102 -14.77 17.61 -0.80
C ASP A 102 -15.31 19.03 -0.83
N SER A 103 -14.61 19.88 -0.13
CA SER A 103 -14.86 21.28 -0.04
C SER A 103 -13.48 21.89 0.21
N GLU A 104 -13.39 23.18 0.36
CA GLU A 104 -12.09 23.88 0.38
C GLU A 104 -11.12 23.37 1.47
N GLU A 105 -11.58 23.19 2.69
CA GLU A 105 -10.72 22.68 3.77
C GLU A 105 -10.25 21.27 3.43
N LEU A 106 -11.13 20.54 2.78
CA LEU A 106 -10.85 19.14 2.49
C LEU A 106 -9.87 19.03 1.37
N LYS A 107 -10.04 19.88 0.36
CA LYS A 107 -9.14 19.88 -0.76
C LYS A 107 -7.79 20.32 -0.28
N THR A 108 -7.75 21.37 0.52
CA THR A 108 -6.49 21.88 1.06
C THR A 108 -5.77 20.80 1.91
N LEU A 109 -6.54 19.99 2.62
CA LEU A 109 -5.99 18.91 3.41
C LEU A 109 -5.38 17.86 2.47
N LEU A 110 -6.15 17.46 1.47
CA LEU A 110 -5.74 16.39 0.55
C LEU A 110 -4.60 16.87 -0.33
N LEU A 111 -4.61 18.15 -0.62
CA LEU A 111 -3.60 18.79 -1.41
C LEU A 111 -2.31 18.93 -0.65
N LYS A 112 -2.38 19.18 0.65
CA LYS A 112 -1.17 19.21 1.44
C LYS A 112 -0.59 17.84 1.47
N PHE A 113 -1.44 16.85 1.65
CA PHE A 113 -1.02 15.46 1.68
C PHE A 113 -0.32 15.07 0.40
N SER A 114 -0.96 15.36 -0.70
CA SER A 114 -0.40 15.05 -1.97
C SER A 114 0.90 15.83 -2.25
N GLU A 115 0.91 17.13 -1.94
CA GLU A 115 2.09 18.00 -2.14
C GLU A 115 3.23 17.55 -1.22
N ASP A 116 2.88 17.26 0.02
CA ASP A 116 3.81 16.83 1.08
C ASP A 116 4.56 15.60 0.60
N LEU A 117 3.76 14.60 0.24
CA LEU A 117 4.22 13.34 -0.24
C LEU A 117 4.99 13.53 -1.53
N LYS A 118 4.42 14.27 -2.48
CA LYS A 118 5.00 14.47 -3.81
C LYS A 118 6.40 15.08 -3.68
N ALA A 119 6.55 15.96 -2.70
CA ALA A 119 7.82 16.60 -2.42
C ALA A 119 8.82 15.58 -1.97
N GLU A 120 8.49 14.82 -0.93
CA GLU A 120 9.42 13.82 -0.47
C GLU A 120 9.64 12.73 -1.53
N GLN A 121 8.68 12.58 -2.44
CA GLN A 121 8.78 11.63 -3.55
C GLN A 121 9.93 12.00 -4.45
N GLU A 122 9.89 13.21 -5.00
CA GLU A 122 10.89 13.62 -5.97
C GLU A 122 12.23 13.86 -5.34
N LEU A 123 12.23 14.38 -4.13
CA LEU A 123 13.46 14.59 -3.41
C LEU A 123 14.17 13.27 -3.11
N HIS A 124 13.42 12.26 -2.68
CA HIS A 124 14.03 10.97 -2.40
C HIS A 124 14.37 10.26 -3.71
N SER A 125 13.50 10.39 -4.70
CA SER A 125 13.69 9.80 -6.02
C SER A 125 14.95 10.36 -6.67
N GLU A 126 15.29 11.58 -6.36
CA GLU A 126 16.48 12.15 -6.89
C GLU A 126 17.68 11.64 -6.08
N ALA A 127 17.71 11.97 -4.80
CA ALA A 127 18.84 11.67 -3.92
C ALA A 127 19.17 10.18 -3.83
N LYS A 128 18.16 9.35 -3.78
CA LYS A 128 18.36 7.92 -3.62
C LYS A 128 18.45 7.21 -4.98
N GLY A 129 18.22 7.93 -6.05
CA GLY A 129 18.23 7.31 -7.35
C GLY A 129 17.01 6.41 -7.56
N GLY A 130 15.85 7.04 -7.60
CA GLY A 130 14.58 6.36 -7.76
C GLY A 130 14.53 5.60 -9.06
N GLU A 131 15.28 6.07 -10.03
CA GLU A 131 15.42 5.44 -11.34
C GLU A 131 15.96 4.02 -11.16
N ALA A 132 16.99 3.94 -10.35
CA ALA A 132 17.66 2.69 -10.05
C ALA A 132 16.74 1.81 -9.24
N LEU A 133 16.11 2.40 -8.22
CA LEU A 133 15.14 1.66 -7.42
C LEU A 133 14.01 1.13 -8.26
N LEU A 134 13.48 1.95 -9.18
CA LEU A 134 12.39 1.57 -10.08
C LEU A 134 12.81 0.39 -10.96
N SER A 135 14.06 0.42 -11.41
CA SER A 135 14.59 -0.66 -12.20
C SER A 135 14.62 -1.96 -11.37
N SER A 136 15.00 -1.84 -10.10
CA SER A 136 15.02 -2.95 -9.19
C SER A 136 13.57 -3.43 -8.97
N MET A 137 12.68 -2.47 -8.71
CA MET A 137 11.24 -2.71 -8.48
C MET A 137 10.69 -3.58 -9.56
N LYS A 138 10.75 -3.07 -10.77
CA LYS A 138 10.19 -3.74 -11.91
C LYS A 138 10.81 -5.06 -12.16
N THR A 139 12.10 -5.12 -12.12
CA THR A 139 12.80 -6.35 -12.40
C THR A 139 12.47 -7.45 -11.38
N GLN A 140 12.54 -7.12 -10.12
CA GLN A 140 12.26 -8.07 -9.06
C GLN A 140 10.79 -8.46 -9.07
N HIS A 141 9.92 -7.49 -9.17
CA HIS A 141 8.48 -7.75 -9.22
C HIS A 141 8.15 -8.61 -10.45
N ASP A 142 8.88 -8.37 -11.55
CA ASP A 142 8.72 -9.15 -12.77
C ASP A 142 9.15 -10.56 -12.54
N GLU A 143 10.29 -10.70 -11.88
CA GLU A 143 10.87 -11.99 -11.49
C GLU A 143 9.82 -12.82 -10.76
N LEU A 144 9.29 -12.25 -9.69
CA LEU A 144 8.28 -12.90 -8.89
C LEU A 144 7.09 -13.31 -9.74
N LEU A 145 6.45 -12.34 -10.37
CA LEU A 145 5.24 -12.59 -11.17
C LEU A 145 5.49 -13.57 -12.31
N LYS A 146 6.68 -13.52 -12.86
CA LYS A 146 7.11 -14.46 -13.88
C LYS A 146 7.01 -15.87 -13.35
N LYS A 147 7.56 -16.06 -12.17
CA LYS A 147 7.51 -17.35 -11.50
C LYS A 147 6.08 -17.76 -11.15
N PHE A 148 5.23 -16.79 -10.81
CA PHE A 148 3.80 -17.05 -10.55
C PHE A 148 3.08 -17.43 -11.84
N ALA A 149 3.55 -16.91 -12.95
CA ALA A 149 2.97 -17.19 -14.24
C ALA A 149 3.57 -18.44 -14.86
N ALA A 150 4.69 -18.83 -14.32
CA ALA A 150 5.34 -20.06 -14.71
C ALA A 150 4.72 -21.21 -13.91
N LEU A 151 4.40 -20.92 -12.68
CA LEU A 151 3.83 -21.87 -11.79
C LEU A 151 2.34 -21.98 -12.04
N THR A 152 1.82 -23.13 -11.81
CA THR A 152 0.45 -23.40 -11.98
C THR A 152 -0.23 -23.64 -10.63
N PRO A 153 -1.45 -23.16 -10.46
CA PRO A 153 -2.15 -22.39 -11.47
C PRO A 153 -1.79 -20.89 -11.44
N THR A 154 -1.78 -20.27 -12.59
CA THR A 154 -1.51 -18.87 -12.68
C THR A 154 -2.79 -18.08 -12.38
N PHE A 155 -3.07 -17.92 -11.11
CA PHE A 155 -4.27 -17.26 -10.64
C PHE A 155 -4.18 -15.75 -10.80
N LEU A 156 -2.98 -15.22 -10.82
CA LEU A 156 -2.79 -13.81 -10.92
C LEU A 156 -3.03 -13.28 -12.28
N THR A 157 -3.53 -12.10 -12.27
CA THR A 157 -3.89 -11.40 -13.44
C THR A 157 -2.67 -10.55 -13.87
N SER A 158 -2.49 -10.39 -15.15
CA SER A 158 -1.32 -9.78 -15.68
C SER A 158 -1.27 -8.24 -15.51
N GLU A 159 -0.02 -7.75 -15.38
CA GLU A 159 0.29 -6.33 -15.33
C GLU A 159 -0.12 -5.69 -16.65
N ASP A 160 -0.29 -6.54 -17.65
CA ASP A 160 -0.70 -6.16 -18.97
C ASP A 160 -2.11 -5.54 -18.93
N ILE A 161 -2.99 -6.08 -18.07
CA ILE A 161 -4.34 -5.57 -18.00
C ILE A 161 -4.42 -4.53 -16.91
N SER A 162 -3.60 -4.74 -15.89
CA SER A 162 -3.44 -3.80 -14.86
C SER A 162 -2.98 -2.43 -15.40
N GLY A 163 -3.95 -1.58 -15.72
CA GLY A 163 -3.68 -0.20 -16.15
C GLY A 163 -3.19 0.70 -15.01
N TYR A 164 -2.28 0.18 -14.26
CA TYR A 164 -1.68 0.80 -13.13
C TYR A 164 -0.35 0.14 -13.00
N LEU A 165 0.61 0.81 -12.48
CA LEU A 165 1.89 0.19 -12.29
C LEU A 165 1.94 -0.46 -10.95
N THR A 166 2.33 -1.71 -10.96
CA THR A 166 2.44 -2.51 -9.76
C THR A 166 3.49 -1.89 -8.84
N VAL A 167 4.54 -1.47 -9.46
CA VAL A 167 5.60 -0.71 -8.87
C VAL A 167 5.78 0.55 -9.69
N PRO A 168 5.17 1.64 -9.25
CA PRO A 168 5.18 2.88 -9.98
C PRO A 168 6.16 3.91 -9.41
N GLU A 169 5.98 5.15 -9.83
CA GLU A 169 6.66 6.27 -9.24
C GLU A 169 6.13 6.37 -7.81
N TYR A 170 6.91 6.99 -6.94
CA TYR A 170 6.61 7.13 -5.50
C TYR A 170 5.17 7.63 -5.20
N GLY A 171 4.55 8.24 -6.19
CA GLY A 171 3.20 8.67 -6.06
C GLY A 171 2.50 8.73 -7.40
N ALA A 172 2.69 7.70 -8.21
CA ALA A 172 2.01 7.61 -9.49
C ALA A 172 0.86 6.65 -9.38
N PRO A 173 -0.20 6.83 -10.20
CA PRO A 173 -1.41 6.01 -10.21
C PRO A 173 -1.21 4.51 -10.01
N MET A 174 -1.55 4.08 -8.83
CA MET A 174 -1.56 2.70 -8.47
C MET A 174 -3.00 2.42 -8.09
N ASN A 175 -3.54 1.31 -8.50
CA ASN A 175 -4.96 1.07 -8.23
C ASN A 175 -5.08 0.14 -7.05
N ALA A 176 -5.29 0.74 -5.89
CA ALA A 176 -5.32 0.04 -4.62
C ALA A 176 -6.43 -1.01 -4.57
N ALA A 177 -7.57 -0.68 -5.12
CA ALA A 177 -8.71 -1.59 -5.11
C ALA A 177 -8.46 -2.80 -6.01
N LYS A 178 -7.96 -2.56 -7.21
CA LYS A 178 -7.69 -3.62 -8.17
C LYS A 178 -6.56 -4.50 -7.65
N TRP A 179 -5.59 -3.85 -7.06
CA TRP A 179 -4.48 -4.53 -6.44
C TRP A 179 -4.94 -5.39 -5.27
N ALA A 180 -5.73 -4.82 -4.38
CA ALA A 180 -6.24 -5.55 -3.22
C ALA A 180 -7.13 -6.69 -3.67
N LYS A 181 -7.72 -6.55 -4.84
CA LYS A 181 -8.52 -7.60 -5.43
C LYS A 181 -7.61 -8.77 -5.82
N VAL A 182 -6.57 -8.50 -6.60
CA VAL A 182 -5.66 -9.57 -7.05
C VAL A 182 -4.82 -10.14 -5.91
N GLU A 183 -4.30 -9.27 -5.07
CA GLU A 183 -3.53 -9.72 -3.92
C GLU A 183 -4.49 -10.30 -2.86
N GLY A 184 -5.77 -9.93 -2.96
CA GLY A 184 -6.80 -10.55 -2.17
C GLY A 184 -6.96 -11.99 -2.59
N MET A 185 -6.84 -12.25 -3.89
CA MET A 185 -6.82 -13.64 -4.38
C MET A 185 -5.59 -14.34 -3.83
N ILE A 186 -4.45 -13.61 -3.77
CA ILE A 186 -3.23 -14.13 -3.12
C ILE A 186 -3.52 -14.53 -1.67
N HIS A 187 -4.19 -13.67 -0.95
CA HIS A 187 -4.65 -13.93 0.42
C HIS A 187 -5.52 -15.18 0.44
N GLY A 188 -6.39 -15.25 -0.53
CA GLY A 188 -7.30 -16.38 -0.69
C GLY A 188 -6.55 -17.67 -0.99
N LYS A 189 -5.39 -17.54 -1.54
CA LYS A 189 -4.53 -18.69 -1.80
C LYS A 189 -3.66 -19.00 -0.59
N LEU A 190 -3.22 -17.96 0.05
CA LEU A 190 -2.32 -18.03 1.18
C LEU A 190 -3.07 -18.61 2.40
N GLU A 191 -4.38 -18.49 2.38
CA GLU A 191 -5.21 -19.05 3.44
C GLU A 191 -5.41 -20.54 3.23
N SER A 192 -5.01 -21.04 2.08
CA SER A 192 -5.22 -22.41 1.76
C SER A 192 -4.03 -23.25 2.24
N SER A 193 -4.23 -24.54 2.29
CA SER A 193 -3.26 -25.49 2.79
C SER A 193 -2.37 -26.02 1.66
N GLU A 194 -2.15 -25.18 0.66
CA GLU A 194 -1.38 -25.51 -0.55
C GLU A 194 0.04 -26.03 -0.23
N VAL A 195 0.69 -26.58 -1.24
CA VAL A 195 2.03 -27.10 -1.12
C VAL A 195 3.00 -25.96 -0.78
N PRO A 196 3.65 -26.04 0.40
CA PRO A 196 4.48 -24.95 0.94
C PRO A 196 5.87 -24.83 0.32
N ALA A 197 6.03 -25.30 -0.89
CA ALA A 197 7.30 -25.23 -1.55
C ALA A 197 7.40 -23.98 -2.42
N ASN A 198 7.19 -24.13 -3.72
CA ASN A 198 7.37 -23.04 -4.67
C ASN A 198 6.38 -21.95 -4.43
N LEU A 199 5.12 -22.31 -4.46
CA LEU A 199 4.02 -21.37 -4.33
C LEU A 199 4.16 -20.52 -3.08
N LYS A 200 4.30 -21.16 -1.93
CA LYS A 200 4.36 -20.45 -0.68
C LYS A 200 5.65 -19.61 -0.58
N ALA A 201 6.77 -20.13 -1.11
CA ALA A 201 8.03 -19.40 -1.10
C ALA A 201 7.96 -18.17 -1.97
N LEU A 202 7.38 -18.33 -3.16
CA LEU A 202 7.22 -17.24 -4.11
C LEU A 202 6.34 -16.18 -3.54
N VAL A 203 5.24 -16.63 -2.95
CA VAL A 203 4.32 -15.74 -2.26
C VAL A 203 5.05 -14.96 -1.18
N ALA A 204 5.78 -15.67 -0.33
CA ALA A 204 6.55 -15.04 0.76
C ALA A 204 7.58 -14.07 0.21
N GLU A 205 8.22 -14.40 -0.90
CA GLU A 205 9.20 -13.53 -1.50
C GLU A 205 8.53 -12.31 -2.13
N LEU A 206 7.33 -12.49 -2.68
CA LEU A 206 6.58 -11.38 -3.24
C LEU A 206 6.09 -10.47 -2.11
N ILE A 207 5.64 -11.11 -1.02
CA ILE A 207 5.23 -10.41 0.21
C ILE A 207 6.36 -9.51 0.64
N GLU A 208 7.49 -10.14 0.84
CA GLU A 208 8.70 -9.48 1.27
C GLU A 208 9.09 -8.37 0.32
N LEU A 209 9.18 -8.70 -0.96
CA LEU A 209 9.60 -7.76 -1.99
C LEU A 209 8.69 -6.56 -2.05
N ARG A 210 7.38 -6.76 -2.20
CA ARG A 210 6.47 -5.63 -2.36
C ARG A 210 6.41 -4.80 -1.08
N ALA A 211 6.50 -5.47 0.06
CA ALA A 211 6.42 -4.78 1.33
C ALA A 211 7.66 -3.94 1.54
N GLN A 212 8.84 -4.50 1.25
CA GLN A 212 10.10 -3.76 1.33
C GLN A 212 10.09 -2.63 0.36
N MET A 213 9.57 -2.92 -0.81
CA MET A 213 9.61 -2.00 -1.91
C MET A 213 8.78 -0.79 -1.57
N MET A 214 7.56 -1.02 -1.15
CA MET A 214 6.69 0.06 -0.69
C MET A 214 7.18 0.68 0.60
N ALA A 215 7.91 -0.06 1.40
CA ALA A 215 8.43 0.49 2.63
C ALA A 215 9.46 1.55 2.32
N LEU A 216 10.31 1.22 1.39
CA LEU A 216 11.33 2.12 0.95
C LEU A 216 10.69 3.23 0.10
N LEU A 217 9.71 2.85 -0.72
CA LEU A 217 8.96 3.76 -1.60
C LEU A 217 8.28 4.84 -0.77
N TYR A 218 7.83 4.45 0.40
CA TYR A 218 7.15 5.33 1.30
C TYR A 218 7.98 5.64 2.51
N GLY A 219 9.25 5.55 2.35
CA GLY A 219 10.12 5.94 3.40
C GLY A 219 10.40 7.41 3.27
N PRO A 220 10.67 8.12 4.38
CA PRO A 220 10.96 9.57 4.34
C PRO A 220 12.14 9.91 3.43
N ILE A 221 12.26 11.19 3.08
CA ILE A 221 13.33 11.68 2.18
C ILE A 221 14.73 11.22 2.69
N GLY A 222 14.90 11.24 3.97
CA GLY A 222 16.13 10.84 4.60
C GLY A 222 16.07 11.24 6.03
N HIS A 223 15.76 12.48 6.22
CA HIS A 223 15.53 13.04 7.52
C HIS A 223 14.04 13.00 7.81
N HIS A 224 13.69 12.77 9.04
CA HIS A 224 12.30 12.67 9.42
C HIS A 224 12.10 13.33 10.76
N VAL A 1 23.09 -7.36 3.95
CA VAL A 1 21.98 -8.12 3.39
C VAL A 1 21.15 -8.63 4.55
N LYS A 2 19.85 -8.49 4.45
CA LYS A 2 18.96 -8.89 5.47
C LYS A 2 18.31 -10.19 5.06
N THR A 3 18.27 -11.11 5.97
CA THR A 3 17.72 -12.43 5.70
C THR A 3 16.20 -12.36 5.68
N LEU A 4 15.57 -13.44 5.24
CA LEU A 4 14.11 -13.53 5.26
C LEU A 4 13.59 -13.40 6.66
N ASP A 5 14.36 -13.86 7.62
CA ASP A 5 13.95 -13.78 9.00
C ASP A 5 13.98 -12.36 9.48
N VAL A 6 15.05 -11.69 9.13
CA VAL A 6 15.25 -10.33 9.52
C VAL A 6 14.21 -9.44 8.88
N LEU A 7 13.97 -9.68 7.60
CA LEU A 7 12.92 -8.97 6.89
C LEU A 7 11.58 -9.17 7.59
N ARG A 8 11.21 -10.43 7.84
CA ARG A 8 10.00 -10.76 8.58
C ARG A 8 9.96 -10.04 9.92
N GLY A 9 11.08 -10.06 10.62
CA GLY A 9 11.14 -9.49 11.95
C GLY A 9 11.00 -7.98 11.92
N GLU A 10 11.64 -7.36 10.96
CA GLU A 10 11.65 -5.94 10.88
C GLU A 10 10.27 -5.43 10.48
N LEU A 11 9.71 -6.07 9.47
CA LEU A 11 8.44 -5.68 8.92
C LEU A 11 7.35 -5.87 9.92
N ARG A 12 7.31 -7.05 10.53
CA ARG A 12 6.29 -7.32 11.54
C ARG A 12 6.39 -6.34 12.70
N GLY A 13 7.60 -6.19 13.24
CA GLY A 13 7.81 -5.28 14.37
C GLY A 13 7.46 -3.84 14.03
N GLN A 14 7.89 -3.39 12.87
CA GLN A 14 7.66 -2.03 12.40
C GLN A 14 6.18 -1.79 12.12
N ARG A 15 5.57 -2.72 11.40
CA ARG A 15 4.16 -2.63 11.03
C ARG A 15 3.28 -2.68 12.27
N GLU A 16 3.63 -3.56 13.19
CA GLU A 16 2.86 -3.71 14.40
C GLU A 16 3.02 -2.46 15.26
N ALA A 17 4.22 -1.89 15.27
CA ALA A 17 4.46 -0.65 15.99
C ALA A 17 3.64 0.48 15.37
N PHE A 18 3.56 0.47 14.05
CA PHE A 18 2.80 1.47 13.31
C PHE A 18 1.33 1.36 13.71
N LEU A 19 0.83 0.14 13.66
CA LEU A 19 -0.53 -0.17 14.05
C LEU A 19 -0.79 0.20 15.52
N SER A 20 0.23 -0.01 16.36
CA SER A 20 0.16 0.35 17.77
C SER A 20 0.07 1.86 17.94
N GLU A 21 0.73 2.60 17.05
CA GLU A 21 0.68 4.04 17.06
C GLU A 21 -0.70 4.46 16.74
N ILE A 22 -1.28 3.81 15.75
CA ILE A 22 -2.60 4.16 15.30
C ILE A 22 -3.63 3.91 16.41
N ILE A 23 -3.64 2.71 16.96
CA ILE A 23 -4.61 2.34 17.99
C ILE A 23 -4.41 3.11 19.32
N LYS A 24 -3.18 3.50 19.61
CA LYS A 24 -2.92 4.25 20.83
C LYS A 24 -3.27 5.74 20.63
N SER A 25 -3.10 6.21 19.42
CA SER A 25 -3.35 7.60 19.11
C SER A 25 -4.80 7.79 18.69
N ASP A 26 -5.17 9.03 18.48
CA ASP A 26 -6.51 9.35 18.02
C ASP A 26 -6.43 10.69 17.29
N GLY A 27 -5.23 11.03 16.91
CA GLY A 27 -4.97 12.31 16.33
C GLY A 27 -4.80 12.31 14.84
N PRO A 28 -4.02 13.28 14.31
CA PRO A 28 -3.80 13.44 12.88
C PRO A 28 -2.92 12.35 12.25
N PHE A 29 -3.05 12.23 10.95
CA PHE A 29 -2.31 11.29 10.16
C PHE A 29 -1.72 12.05 8.97
N THR A 30 -0.91 11.41 8.17
CA THR A 30 -0.24 12.11 7.07
C THR A 30 -0.28 11.23 5.80
N ILE A 31 0.19 11.71 4.65
CA ILE A 31 0.08 10.97 3.36
C ILE A 31 0.94 9.69 3.31
N LEU A 32 2.25 9.80 3.57
CA LEU A 32 3.14 8.61 3.57
C LEU A 32 2.76 7.70 4.71
N GLN A 33 2.25 8.32 5.74
CA GLN A 33 1.81 7.65 6.93
C GLN A 33 0.53 6.82 6.59
N LEU A 34 -0.34 7.40 5.78
CA LEU A 34 -1.59 6.78 5.36
C LEU A 34 -1.29 5.56 4.49
N VAL A 35 -0.42 5.76 3.49
CA VAL A 35 -0.07 4.64 2.62
C VAL A 35 0.74 3.59 3.35
N GLY A 36 1.46 4.03 4.35
CA GLY A 36 2.14 3.12 5.25
C GLY A 36 1.14 2.24 5.98
N TYR A 37 0.04 2.85 6.43
CA TYR A 37 -1.03 2.12 7.08
C TYR A 37 -1.71 1.19 6.09
N LEU A 38 -1.77 1.63 4.85
CA LEU A 38 -2.31 0.82 3.78
C LEU A 38 -1.45 -0.45 3.70
N ARG A 39 -0.14 -0.29 3.81
CA ARG A 39 0.76 -1.43 3.83
C ARG A 39 0.58 -2.27 5.12
N VAL A 40 0.20 -1.60 6.23
CA VAL A 40 -0.15 -2.29 7.47
C VAL A 40 -1.31 -3.26 7.23
N VAL A 41 -2.40 -2.74 6.66
CA VAL A 41 -3.60 -3.55 6.41
C VAL A 41 -3.37 -4.57 5.29
N ASP A 42 -2.51 -4.19 4.35
CA ASP A 42 -2.04 -5.02 3.22
C ASP A 42 -1.47 -6.32 3.77
N THR A 43 -0.46 -6.18 4.60
CA THR A 43 0.20 -7.32 5.18
C THR A 43 -0.65 -7.96 6.30
N ASP A 44 -1.55 -7.16 6.87
CA ASP A 44 -2.47 -7.60 7.93
C ASP A 44 -3.33 -8.75 7.42
N LEU A 45 -3.92 -8.55 6.24
CA LEU A 45 -4.66 -9.61 5.57
C LEU A 45 -3.74 -10.76 5.27
N LEU A 46 -2.71 -10.44 4.54
CA LEU A 46 -1.74 -11.35 3.98
C LEU A 46 -1.16 -12.37 4.98
N LEU A 47 -0.97 -11.97 6.22
CA LEU A 47 -0.43 -12.89 7.20
C LEU A 47 -1.44 -13.26 8.30
N LYS A 48 -2.72 -12.88 8.12
CA LYS A 48 -3.78 -13.12 9.14
C LYS A 48 -3.51 -12.48 10.51
N VAL A 49 -3.42 -11.18 10.52
CA VAL A 49 -3.16 -10.44 11.74
C VAL A 49 -4.51 -9.91 12.35
N ASP A 50 -4.46 -9.37 13.59
CA ASP A 50 -5.64 -8.85 14.37
C ASP A 50 -6.59 -7.99 13.54
N SER A 51 -7.65 -8.61 13.13
CA SER A 51 -8.64 -8.01 12.28
C SER A 51 -9.43 -6.91 13.00
N THR A 52 -9.77 -7.16 14.24
CA THR A 52 -10.57 -6.20 14.95
C THR A 52 -9.73 -5.01 15.41
N LYS A 53 -8.50 -5.28 15.78
CA LYS A 53 -7.61 -4.22 16.22
C LYS A 53 -7.23 -3.33 15.04
N VAL A 54 -7.05 -3.95 13.87
CA VAL A 54 -6.75 -3.18 12.67
C VAL A 54 -7.99 -2.39 12.25
N ASP A 55 -9.16 -2.96 12.52
CA ASP A 55 -10.42 -2.26 12.26
C ASP A 55 -10.51 -1.03 13.10
N GLU A 56 -10.33 -1.19 14.40
CA GLU A 56 -10.36 -0.07 15.36
C GLU A 56 -9.34 1.01 15.03
N ALA A 57 -8.15 0.61 14.70
CA ALA A 57 -7.12 1.54 14.32
C ALA A 57 -7.53 2.30 13.04
N GLY A 58 -8.05 1.56 12.07
CA GLY A 58 -8.49 2.15 10.84
C GLY A 58 -9.73 3.00 11.06
N LYS A 59 -10.45 2.66 12.09
CA LYS A 59 -11.64 3.35 12.53
C LYS A 59 -11.25 4.72 13.05
N LYS A 60 -10.12 4.79 13.73
CA LYS A 60 -9.53 6.07 14.16
C LYS A 60 -9.10 6.88 12.96
N VAL A 61 -8.54 6.18 11.99
CA VAL A 61 -8.16 6.79 10.71
C VAL A 61 -9.41 7.37 10.04
N LYS A 62 -10.41 6.52 9.93
CA LYS A 62 -11.71 6.85 9.36
C LYS A 62 -12.31 8.03 10.09
N ALA A 63 -12.19 8.00 11.40
CA ALA A 63 -12.65 9.04 12.31
C ALA A 63 -12.02 10.38 11.96
N TYR A 64 -10.72 10.37 11.74
CA TYR A 64 -9.99 11.57 11.39
C TYR A 64 -10.50 12.13 10.07
N LEU A 65 -10.54 11.30 9.08
CA LEU A 65 -11.03 11.69 7.77
C LEU A 65 -12.49 12.15 7.84
N GLU A 66 -13.32 11.40 8.51
CA GLU A 66 -14.73 11.77 8.68
C GLU A 66 -14.84 13.12 9.44
N LYS A 67 -13.87 13.39 10.31
CA LYS A 67 -13.81 14.62 11.09
C LYS A 67 -13.48 15.82 10.19
N ILE A 68 -12.58 15.64 9.21
CA ILE A 68 -12.31 16.73 8.25
C ILE A 68 -13.53 16.85 7.30
N GLY A 69 -14.28 15.77 7.26
CA GLY A 69 -15.55 15.74 6.57
C GLY A 69 -15.58 14.78 5.42
N ILE A 70 -14.79 13.75 5.52
CA ILE A 70 -14.71 12.74 4.50
C ILE A 70 -15.38 11.48 4.95
N ARG A 71 -16.45 11.15 4.33
CA ARG A 71 -17.16 9.98 4.70
C ARG A 71 -16.77 8.80 3.84
N GLY A 72 -16.54 7.74 4.52
CA GLY A 72 -16.22 6.48 3.95
C GLY A 72 -16.50 5.49 5.02
N ASP A 73 -17.01 4.35 4.69
CA ASP A 73 -17.35 3.45 5.77
C ASP A 73 -16.37 2.32 5.91
N SER A 74 -15.73 1.94 4.85
CA SER A 74 -14.75 0.91 4.92
C SER A 74 -13.41 1.61 4.94
N VAL A 75 -12.45 1.12 5.70
CA VAL A 75 -11.15 1.80 5.78
C VAL A 75 -10.43 1.75 4.44
N GLU A 76 -10.62 0.65 3.75
CA GLU A 76 -10.07 0.47 2.44
C GLU A 76 -10.78 1.37 1.44
N ALA A 77 -12.07 1.61 1.67
CA ALA A 77 -12.85 2.45 0.77
C ALA A 77 -12.55 3.90 1.04
N ALA A 78 -12.30 4.23 2.30
CA ALA A 78 -11.92 5.56 2.72
C ALA A 78 -10.58 5.95 2.10
N LEU A 79 -9.58 5.08 2.21
CA LEU A 79 -8.27 5.38 1.63
C LEU A 79 -8.34 5.43 0.12
N ASP A 80 -9.17 4.55 -0.44
CA ASP A 80 -9.49 4.51 -1.88
C ASP A 80 -10.02 5.88 -2.30
N ASN A 81 -11.00 6.36 -1.54
CA ASN A 81 -11.65 7.67 -1.74
C ASN A 81 -10.60 8.76 -1.74
N LEU A 82 -9.76 8.72 -0.71
CA LEU A 82 -8.72 9.75 -0.50
C LEU A 82 -7.83 9.88 -1.70
N MET A 83 -7.23 8.78 -2.08
CA MET A 83 -6.28 8.79 -3.18
C MET A 83 -6.92 9.09 -4.51
N ILE A 84 -8.15 8.65 -4.71
CA ILE A 84 -8.86 8.99 -5.92
C ILE A 84 -9.04 10.51 -6.00
N LYS A 85 -9.41 11.11 -4.88
CA LYS A 85 -9.54 12.56 -4.81
C LYS A 85 -8.20 13.28 -4.96
N VAL A 86 -7.12 12.72 -4.42
CA VAL A 86 -5.79 13.32 -4.57
C VAL A 86 -5.43 13.37 -6.04
N TYR A 87 -5.43 12.22 -6.68
CA TYR A 87 -5.03 12.13 -8.07
C TYR A 87 -6.02 12.79 -8.98
N GLU A 88 -7.23 12.95 -8.52
CA GLU A 88 -8.21 13.74 -9.25
C GLU A 88 -7.68 15.17 -9.39
N ILE A 89 -7.10 15.68 -8.31
CA ILE A 89 -6.58 17.04 -8.27
C ILE A 89 -5.29 17.13 -9.07
N THR A 90 -4.40 16.21 -8.79
CA THR A 90 -3.12 16.15 -9.42
C THR A 90 -3.19 15.81 -10.95
N LYS A 91 -3.87 14.73 -11.28
CA LYS A 91 -3.90 14.24 -12.66
C LYS A 91 -4.99 14.95 -13.46
N GLY A 92 -6.10 15.32 -12.81
CA GLY A 92 -7.18 15.99 -13.51
C GLY A 92 -8.10 14.99 -14.17
N THR A 93 -7.61 14.39 -15.21
CA THR A 93 -8.32 13.39 -15.94
C THR A 93 -8.13 12.05 -15.27
N VAL A 94 -9.18 11.54 -14.71
CA VAL A 94 -9.12 10.28 -14.02
C VAL A 94 -9.98 9.23 -14.70
N GLU A 95 -9.60 7.98 -14.52
CA GLU A 95 -10.31 6.86 -15.10
C GLU A 95 -11.52 6.51 -14.25
N SER A 96 -11.39 6.66 -12.97
CA SER A 96 -12.44 6.32 -12.05
C SER A 96 -12.61 7.40 -10.99
N SER A 97 -13.84 7.86 -10.85
CA SER A 97 -14.20 8.81 -9.82
C SER A 97 -15.71 8.80 -9.67
N ALA A 98 -16.16 8.40 -8.52
CA ALA A 98 -17.58 8.36 -8.22
C ALA A 98 -17.82 8.98 -6.87
N GLN A 99 -16.76 9.51 -6.31
CA GLN A 99 -16.77 10.09 -4.99
C GLN A 99 -17.53 11.41 -4.99
N GLY A 100 -16.99 12.42 -5.66
CA GLY A 100 -17.64 13.71 -5.72
C GLY A 100 -17.32 14.60 -4.53
N THR A 101 -17.38 14.01 -3.37
CA THR A 101 -17.19 14.65 -2.11
C THR A 101 -15.78 15.21 -1.88
N ASP A 102 -15.72 16.52 -1.69
CA ASP A 102 -14.49 17.20 -1.34
C ASP A 102 -14.83 18.53 -0.72
N SER A 103 -14.10 18.88 0.30
CA SER A 103 -14.30 20.13 1.00
C SER A 103 -13.02 20.95 0.90
N GLU A 104 -13.06 22.18 1.35
CA GLU A 104 -11.87 23.04 1.29
C GLU A 104 -10.82 22.57 2.28
N GLU A 105 -11.26 22.02 3.41
CA GLU A 105 -10.34 21.44 4.36
C GLU A 105 -9.69 20.22 3.73
N LEU A 106 -10.46 19.53 2.88
CA LEU A 106 -9.94 18.37 2.18
C LEU A 106 -8.95 18.80 1.14
N LYS A 107 -9.31 19.86 0.38
CA LYS A 107 -8.41 20.42 -0.63
C LYS A 107 -7.07 20.70 -0.02
N THR A 108 -7.07 21.51 1.01
CA THR A 108 -5.86 21.92 1.68
C THR A 108 -5.09 20.70 2.25
N LEU A 109 -5.83 19.74 2.80
CA LEU A 109 -5.20 18.58 3.36
C LEU A 109 -4.56 17.73 2.26
N LEU A 110 -5.32 17.45 1.21
CA LEU A 110 -4.84 16.61 0.14
C LEU A 110 -3.74 17.31 -0.62
N LEU A 111 -3.77 18.62 -0.60
CA LEU A 111 -2.73 19.43 -1.18
C LEU A 111 -1.45 19.26 -0.41
N LYS A 112 -1.51 19.32 0.93
CA LYS A 112 -0.31 19.11 1.73
C LYS A 112 0.15 17.69 1.55
N PHE A 113 -0.79 16.80 1.43
CA PHE A 113 -0.49 15.40 1.22
C PHE A 113 0.26 15.19 -0.08
N SER A 114 -0.33 15.65 -1.16
CA SER A 114 0.27 15.51 -2.45
C SER A 114 1.63 16.25 -2.52
N GLU A 115 1.67 17.44 -1.94
CA GLU A 115 2.87 18.27 -1.94
C GLU A 115 3.96 17.64 -1.08
N ASP A 116 3.57 17.09 0.06
CA ASP A 116 4.52 16.48 0.99
C ASP A 116 5.10 15.25 0.35
N LEU A 117 4.20 14.49 -0.28
CA LEU A 117 4.56 13.29 -1.00
C LEU A 117 5.52 13.65 -2.12
N LYS A 118 5.17 14.67 -2.92
CA LYS A 118 6.01 15.10 -4.02
C LYS A 118 7.38 15.53 -3.57
N ALA A 119 7.45 16.18 -2.41
CA ALA A 119 8.71 16.62 -1.86
C ALA A 119 9.60 15.44 -1.54
N GLU A 120 9.05 14.50 -0.77
CA GLU A 120 9.81 13.30 -0.42
C GLU A 120 10.09 12.47 -1.67
N GLN A 121 9.24 12.62 -2.66
CA GLN A 121 9.34 11.92 -3.93
C GLN A 121 10.60 12.34 -4.65
N GLU A 122 10.78 13.64 -4.82
CA GLU A 122 11.92 14.13 -5.56
C GLU A 122 13.20 13.98 -4.76
N LEU A 123 13.10 14.18 -3.45
CA LEU A 123 14.22 13.99 -2.58
C LEU A 123 14.73 12.55 -2.64
N HIS A 124 13.81 11.61 -2.70
CA HIS A 124 14.19 10.21 -2.75
C HIS A 124 14.66 9.87 -4.16
N SER A 125 14.09 10.56 -5.16
CA SER A 125 14.49 10.40 -6.54
C SER A 125 15.95 10.83 -6.71
N GLU A 126 16.41 11.74 -5.87
CA GLU A 126 17.81 12.06 -5.83
C GLU A 126 18.55 10.94 -5.09
N ALA A 127 18.20 10.78 -3.80
CA ALA A 127 18.87 9.88 -2.85
C ALA A 127 19.14 8.47 -3.39
N LYS A 128 18.13 7.80 -3.85
CA LYS A 128 18.29 6.44 -4.34
C LYS A 128 18.26 6.38 -5.84
N GLY A 129 18.15 7.52 -6.48
CA GLY A 129 17.96 7.54 -7.92
C GLY A 129 16.58 7.00 -8.28
N GLY A 130 15.64 7.89 -8.49
CA GLY A 130 14.24 7.52 -8.76
C GLY A 130 14.08 6.56 -9.91
N GLU A 131 14.71 6.87 -11.03
CA GLU A 131 14.66 6.05 -12.22
C GLU A 131 15.23 4.65 -11.96
N ALA A 132 16.32 4.62 -11.19
CA ALA A 132 17.00 3.37 -10.88
C ALA A 132 16.12 2.51 -10.00
N LEU A 133 15.55 3.12 -8.98
CA LEU A 133 14.68 2.45 -8.05
C LEU A 133 13.43 1.99 -8.78
N LEU A 134 12.81 2.88 -9.55
CA LEU A 134 11.57 2.59 -10.30
C LEU A 134 11.77 1.37 -11.17
N SER A 135 12.80 1.41 -11.97
CA SER A 135 13.17 0.30 -12.84
C SER A 135 13.39 -1.00 -12.04
N SER A 136 14.08 -0.88 -10.90
CA SER A 136 14.34 -2.03 -10.04
C SER A 136 13.01 -2.60 -9.54
N MET A 137 12.16 -1.71 -9.07
CA MET A 137 10.84 -2.03 -8.53
C MET A 137 10.02 -2.86 -9.49
N LYS A 138 9.76 -2.27 -10.65
CA LYS A 138 8.88 -2.88 -11.62
C LYS A 138 9.47 -4.16 -12.12
N THR A 139 10.73 -4.15 -12.46
CA THR A 139 11.37 -5.30 -13.01
C THR A 139 11.42 -6.46 -12.01
N GLN A 140 11.69 -6.17 -10.76
CA GLN A 140 11.80 -7.20 -9.77
C GLN A 140 10.44 -7.84 -9.51
N HIS A 141 9.43 -7.01 -9.36
CA HIS A 141 8.06 -7.48 -9.16
C HIS A 141 7.60 -8.27 -10.40
N ASP A 142 7.98 -7.78 -11.57
CA ASP A 142 7.68 -8.42 -12.85
C ASP A 142 8.36 -9.78 -12.91
N GLU A 143 9.58 -9.82 -12.40
CA GLU A 143 10.36 -11.04 -12.29
C GLU A 143 9.67 -12.05 -11.37
N LEU A 144 9.25 -11.57 -10.21
CA LEU A 144 8.52 -12.43 -9.28
C LEU A 144 7.30 -12.99 -9.97
N LEU A 145 6.57 -12.11 -10.60
CA LEU A 145 5.35 -12.43 -11.30
C LEU A 145 5.62 -13.41 -12.46
N LYS A 146 6.80 -13.30 -13.04
CA LYS A 146 7.29 -14.24 -14.04
C LYS A 146 7.38 -15.63 -13.42
N LYS A 147 7.94 -15.72 -12.20
CA LYS A 147 7.96 -16.99 -11.48
C LYS A 147 6.54 -17.49 -11.23
N PHE A 148 5.64 -16.56 -10.93
CA PHE A 148 4.22 -16.87 -10.70
C PHE A 148 3.53 -17.37 -11.96
N ALA A 149 4.00 -16.90 -13.11
CA ALA A 149 3.46 -17.30 -14.39
C ALA A 149 3.99 -18.67 -14.75
N ALA A 150 5.18 -18.94 -14.28
CA ALA A 150 5.83 -20.22 -14.49
C ALA A 150 5.27 -21.26 -13.51
N LEU A 151 4.91 -20.79 -12.35
CA LEU A 151 4.38 -21.58 -11.27
C LEU A 151 3.01 -22.14 -11.60
N THR A 152 2.81 -23.34 -11.21
CA THR A 152 1.56 -23.97 -11.28
C THR A 152 1.04 -24.20 -9.85
N PRO A 153 -0.21 -23.87 -9.57
CA PRO A 153 -1.12 -23.32 -10.56
C PRO A 153 -0.95 -21.82 -10.77
N THR A 154 -1.09 -21.39 -12.00
CA THR A 154 -1.00 -20.01 -12.34
C THR A 154 -2.35 -19.35 -12.08
N PHE A 155 -2.61 -19.00 -10.84
CA PHE A 155 -3.89 -18.40 -10.47
C PHE A 155 -3.96 -16.94 -10.85
N LEU A 156 -2.83 -16.27 -10.89
CA LEU A 156 -2.79 -14.90 -11.29
C LEU A 156 -2.54 -14.84 -12.78
N THR A 157 -2.40 -13.66 -13.28
CA THR A 157 -2.17 -13.45 -14.67
C THR A 157 -1.35 -12.15 -14.79
N SER A 158 -0.79 -11.95 -15.94
CA SER A 158 0.02 -10.82 -16.33
C SER A 158 -0.74 -9.45 -16.25
N GLU A 159 -0.08 -8.41 -16.78
CA GLU A 159 -0.56 -7.01 -16.87
C GLU A 159 -2.01 -6.89 -17.39
N ASP A 160 -2.51 -7.94 -18.03
CA ASP A 160 -3.89 -7.98 -18.47
C ASP A 160 -4.82 -7.79 -17.28
N ILE A 161 -4.47 -8.40 -16.16
CA ILE A 161 -5.30 -8.27 -15.00
C ILE A 161 -4.68 -7.27 -14.07
N SER A 162 -3.37 -7.29 -14.02
CA SER A 162 -2.62 -6.41 -13.19
C SER A 162 -2.31 -5.12 -13.97
N GLY A 163 -3.34 -4.57 -14.57
CA GLY A 163 -3.21 -3.37 -15.39
C GLY A 163 -3.24 -2.15 -14.52
N TYR A 164 -2.26 -2.08 -13.69
CA TYR A 164 -2.04 -1.05 -12.73
C TYR A 164 -0.65 -1.23 -12.24
N LEU A 165 -0.16 -0.30 -11.51
CA LEU A 165 1.16 -0.42 -10.99
C LEU A 165 1.13 -1.08 -9.63
N THR A 166 1.58 -2.32 -9.58
CA THR A 166 1.72 -3.08 -8.36
C THR A 166 2.74 -2.38 -7.47
N VAL A 167 3.83 -2.04 -8.08
CA VAL A 167 4.83 -1.24 -7.50
C VAL A 167 4.86 0.10 -8.25
N PRO A 168 4.06 1.06 -7.80
CA PRO A 168 3.95 2.33 -8.47
C PRO A 168 5.02 3.31 -8.09
N GLU A 169 4.96 4.44 -8.71
CA GLU A 169 5.82 5.53 -8.42
C GLU A 169 5.39 6.10 -7.09
N TYR A 170 6.30 6.83 -6.44
CA TYR A 170 6.07 7.50 -5.15
C TYR A 170 4.71 8.20 -5.15
N GLY A 171 4.39 8.80 -6.30
CA GLY A 171 3.14 9.49 -6.44
C GLY A 171 2.36 9.03 -7.64
N ALA A 172 2.17 7.73 -7.74
CA ALA A 172 1.32 7.18 -8.79
C ALA A 172 0.17 6.45 -8.13
N PRO A 173 -1.02 6.46 -8.73
CA PRO A 173 -2.18 5.81 -8.17
C PRO A 173 -2.12 4.28 -8.29
N MET A 174 -2.26 3.60 -7.18
CA MET A 174 -2.30 2.17 -7.15
C MET A 174 -3.77 1.76 -7.01
N ASN A 175 -4.12 0.58 -7.45
CA ASN A 175 -5.51 0.15 -7.40
C ASN A 175 -5.77 -0.72 -6.20
N ALA A 176 -6.36 -0.10 -5.18
CA ALA A 176 -6.58 -0.75 -3.89
C ALA A 176 -7.59 -1.89 -3.97
N ALA A 177 -8.68 -1.68 -4.69
CA ALA A 177 -9.73 -2.68 -4.80
C ALA A 177 -9.25 -3.89 -5.60
N LYS A 178 -8.58 -3.60 -6.69
CA LYS A 178 -8.07 -4.64 -7.56
C LYS A 178 -6.97 -5.42 -6.85
N TRP A 179 -6.15 -4.70 -6.11
CA TRP A 179 -5.16 -5.31 -5.23
C TRP A 179 -5.83 -6.23 -4.24
N ALA A 180 -6.90 -5.75 -3.62
CA ALA A 180 -7.65 -6.56 -2.66
C ALA A 180 -8.20 -7.83 -3.31
N LYS A 181 -8.58 -7.71 -4.58
CA LYS A 181 -9.06 -8.87 -5.34
C LYS A 181 -7.96 -9.91 -5.48
N VAL A 182 -6.83 -9.50 -6.04
CA VAL A 182 -5.74 -10.43 -6.31
C VAL A 182 -5.04 -10.92 -5.05
N GLU A 183 -4.89 -10.04 -4.09
CA GLU A 183 -4.29 -10.40 -2.82
C GLU A 183 -5.22 -11.35 -2.07
N GLY A 184 -6.52 -11.10 -2.19
CA GLY A 184 -7.51 -11.99 -1.64
C GLY A 184 -7.38 -13.35 -2.27
N MET A 185 -7.11 -13.37 -3.57
CA MET A 185 -6.86 -14.60 -4.30
C MET A 185 -5.58 -15.26 -3.78
N ILE A 186 -4.49 -14.51 -3.72
CA ILE A 186 -3.19 -15.01 -3.22
C ILE A 186 -3.33 -15.60 -1.83
N HIS A 187 -3.87 -14.84 -0.93
CA HIS A 187 -4.02 -15.26 0.44
C HIS A 187 -4.99 -16.43 0.54
N GLY A 188 -6.03 -16.36 -0.27
CA GLY A 188 -7.04 -17.40 -0.31
C GLY A 188 -6.47 -18.71 -0.79
N LYS A 189 -5.52 -18.60 -1.67
CA LYS A 189 -4.82 -19.73 -2.19
C LYS A 189 -3.79 -20.20 -1.20
N LEU A 190 -3.09 -19.25 -0.62
CA LEU A 190 -2.05 -19.50 0.35
C LEU A 190 -2.62 -20.30 1.53
N GLU A 191 -3.88 -20.08 1.83
CA GLU A 191 -4.51 -20.81 2.90
C GLU A 191 -5.19 -22.10 2.42
N SER A 192 -5.50 -22.22 1.13
CA SER A 192 -6.20 -23.41 0.65
C SER A 192 -5.90 -23.77 -0.81
N SER A 193 -4.65 -24.01 -1.09
CA SER A 193 -4.25 -24.56 -2.37
C SER A 193 -3.31 -25.72 -2.11
N GLU A 194 -3.10 -26.00 -0.82
CA GLU A 194 -2.10 -26.93 -0.33
C GLU A 194 -0.74 -26.50 -0.80
N VAL A 195 -0.25 -25.53 -0.12
CA VAL A 195 0.99 -24.88 -0.43
C VAL A 195 2.21 -25.72 0.04
N PRO A 196 3.01 -26.28 -0.90
CA PRO A 196 4.15 -27.09 -0.55
C PRO A 196 5.42 -26.26 -0.25
N ALA A 197 6.17 -25.88 -1.27
CA ALA A 197 7.41 -25.15 -1.04
C ALA A 197 7.57 -23.98 -2.00
N ASN A 198 7.57 -24.27 -3.29
CA ASN A 198 7.83 -23.24 -4.32
C ASN A 198 6.82 -22.12 -4.27
N LEU A 199 5.54 -22.47 -4.29
CA LEU A 199 4.44 -21.50 -4.16
C LEU A 199 4.67 -20.62 -2.93
N LYS A 200 5.01 -21.25 -1.84
CA LYS A 200 5.21 -20.59 -0.55
C LYS A 200 6.37 -19.60 -0.65
N ALA A 201 7.47 -20.06 -1.20
CA ALA A 201 8.67 -19.28 -1.32
C ALA A 201 8.54 -18.13 -2.32
N LEU A 202 7.85 -18.38 -3.42
CA LEU A 202 7.65 -17.35 -4.45
C LEU A 202 6.78 -16.25 -3.89
N VAL A 203 5.71 -16.67 -3.26
CA VAL A 203 4.80 -15.75 -2.60
C VAL A 203 5.55 -14.97 -1.55
N ALA A 204 6.31 -15.68 -0.70
CA ALA A 204 7.11 -15.04 0.34
C ALA A 204 8.06 -14.01 -0.24
N GLU A 205 8.72 -14.31 -1.38
CA GLU A 205 9.62 -13.34 -1.96
C GLU A 205 8.87 -12.14 -2.48
N LEU A 206 7.66 -12.37 -2.99
CA LEU A 206 6.80 -11.30 -3.51
C LEU A 206 6.34 -10.42 -2.33
N ILE A 207 6.03 -11.07 -1.22
CA ILE A 207 5.55 -10.43 0.00
C ILE A 207 6.61 -9.48 0.51
N GLU A 208 7.72 -10.06 0.82
CA GLU A 208 8.83 -9.37 1.38
C GLU A 208 9.38 -8.33 0.43
N LEU A 209 9.39 -8.64 -0.88
CA LEU A 209 9.86 -7.69 -1.88
C LEU A 209 8.97 -6.47 -1.88
N ARG A 210 7.66 -6.67 -1.95
CA ARG A 210 6.72 -5.56 -2.02
C ARG A 210 6.82 -4.69 -0.76
N ALA A 211 6.96 -5.36 0.37
CA ALA A 211 7.04 -4.68 1.64
C ALA A 211 8.30 -3.87 1.73
N GLN A 212 9.43 -4.49 1.42
CA GLN A 212 10.73 -3.84 1.43
C GLN A 212 10.85 -2.79 0.36
N MET A 213 10.16 -3.03 -0.74
CA MET A 213 10.19 -2.15 -1.87
C MET A 213 9.59 -0.85 -1.46
N MET A 214 8.44 -0.92 -0.81
CA MET A 214 7.77 0.27 -0.29
C MET A 214 8.46 0.85 0.90
N ALA A 215 9.06 0.01 1.70
CA ALA A 215 9.80 0.48 2.86
C ALA A 215 10.97 1.33 2.41
N LEU A 216 11.55 0.92 1.33
CA LEU A 216 12.61 1.65 0.70
C LEU A 216 12.04 2.85 -0.05
N LEU A 217 10.98 2.63 -0.82
CA LEU A 217 10.29 3.66 -1.62
C LEU A 217 9.89 4.87 -0.77
N TYR A 218 9.36 4.58 0.40
CA TYR A 218 8.91 5.60 1.32
C TYR A 218 9.90 5.77 2.46
N GLY A 219 11.11 5.34 2.19
CA GLY A 219 12.15 5.36 3.18
C GLY A 219 12.70 6.75 3.40
N PRO A 220 13.33 6.99 4.56
CA PRO A 220 13.85 8.30 4.91
C PRO A 220 14.94 8.78 3.96
N ILE A 221 14.82 10.03 3.56
CA ILE A 221 15.81 10.66 2.70
C ILE A 221 17.08 10.81 3.52
N GLY A 222 16.86 11.14 4.76
CA GLY A 222 17.89 11.31 5.73
C GLY A 222 17.26 11.21 7.07
N HIS A 223 16.97 12.33 7.65
CA HIS A 223 16.28 12.36 8.90
C HIS A 223 15.22 13.42 8.84
N HIS A 224 13.98 13.01 8.83
CA HIS A 224 12.85 13.92 8.82
C HIS A 224 11.95 13.53 9.95
N VAL A 1 22.28 -8.59 10.26
CA VAL A 1 22.12 -9.95 9.75
C VAL A 1 20.72 -10.10 9.23
N LYS A 2 20.57 -10.46 7.99
CA LYS A 2 19.29 -10.65 7.43
C LYS A 2 19.19 -11.98 6.73
N THR A 3 18.07 -12.56 6.87
CA THR A 3 17.70 -13.82 6.33
C THR A 3 16.19 -13.86 6.46
N LEU A 4 15.54 -14.93 6.04
CA LEU A 4 14.06 -15.07 6.05
C LEU A 4 13.42 -14.57 7.34
N ASP A 5 13.82 -15.15 8.45
CA ASP A 5 13.27 -14.84 9.78
C ASP A 5 13.39 -13.37 10.12
N VAL A 6 14.46 -12.80 9.68
CA VAL A 6 14.76 -11.43 9.96
C VAL A 6 13.91 -10.54 9.12
N LEU A 7 13.75 -10.90 7.87
CA LEU A 7 12.91 -10.17 6.95
C LEU A 7 11.48 -10.18 7.46
N ARG A 8 11.00 -11.39 7.84
CA ARG A 8 9.67 -11.57 8.44
C ARG A 8 9.57 -10.71 9.71
N GLY A 9 10.67 -10.68 10.46
CA GLY A 9 10.71 -9.95 11.70
C GLY A 9 10.72 -8.45 11.49
N GLU A 10 11.37 -8.00 10.44
CA GLU A 10 11.45 -6.59 10.13
C GLU A 10 10.13 -6.10 9.65
N LEU A 11 9.53 -6.86 8.76
CA LEU A 11 8.29 -6.48 8.18
C LEU A 11 7.19 -6.46 9.23
N ARG A 12 7.17 -7.48 10.09
CA ARG A 12 6.21 -7.52 11.15
C ARG A 12 6.45 -6.38 12.11
N GLY A 13 7.71 -6.18 12.47
CA GLY A 13 8.07 -5.12 13.38
C GLY A 13 7.63 -3.77 12.90
N GLN A 14 8.03 -3.41 11.68
CA GLN A 14 7.70 -2.12 11.10
C GLN A 14 6.19 -1.91 10.94
N ARG A 15 5.52 -2.88 10.34
CA ARG A 15 4.09 -2.72 10.03
C ARG A 15 3.25 -2.76 11.32
N GLU A 16 3.65 -3.60 12.29
CA GLU A 16 2.91 -3.71 13.54
C GLU A 16 3.18 -2.49 14.43
N ALA A 17 4.43 -2.00 14.46
CA ALA A 17 4.75 -0.82 15.25
C ALA A 17 4.01 0.38 14.71
N PHE A 18 3.94 0.46 13.39
CA PHE A 18 3.20 1.50 12.69
C PHE A 18 1.75 1.45 13.18
N LEU A 19 1.16 0.27 13.04
CA LEU A 19 -0.20 -0.05 13.50
C LEU A 19 -0.40 0.33 14.99
N SER A 20 0.60 0.05 15.80
CA SER A 20 0.55 0.32 17.23
C SER A 20 0.47 1.84 17.49
N GLU A 21 1.24 2.61 16.72
CA GLU A 21 1.24 4.04 16.86
C GLU A 21 -0.08 4.60 16.39
N ILE A 22 -0.64 3.99 15.37
CA ILE A 22 -1.89 4.45 14.82
C ILE A 22 -3.04 4.26 15.83
N ILE A 23 -3.17 3.05 16.38
CA ILE A 23 -4.21 2.75 17.36
C ILE A 23 -4.04 3.57 18.65
N LYS A 24 -2.80 3.80 19.03
CA LYS A 24 -2.54 4.56 20.24
C LYS A 24 -2.74 6.08 20.01
N SER A 25 -2.56 6.52 18.78
CA SER A 25 -2.68 7.94 18.49
C SER A 25 -4.07 8.35 18.05
N ASP A 26 -4.40 9.57 18.38
CA ASP A 26 -5.66 10.21 18.02
C ASP A 26 -5.33 11.52 17.36
N GLY A 27 -4.10 11.62 16.92
CA GLY A 27 -3.62 12.82 16.33
C GLY A 27 -3.84 12.90 14.85
N PRO A 28 -3.19 13.85 14.18
CA PRO A 28 -3.31 14.03 12.75
C PRO A 28 -2.47 13.03 11.97
N PHE A 29 -2.89 12.75 10.77
CA PHE A 29 -2.17 11.85 9.93
C PHE A 29 -1.76 12.59 8.67
N THR A 30 -0.61 12.24 8.13
CA THR A 30 -0.10 12.85 6.93
C THR A 30 -0.29 11.89 5.75
N ILE A 31 0.03 12.33 4.55
CA ILE A 31 -0.11 11.49 3.37
C ILE A 31 0.89 10.31 3.38
N LEU A 32 2.13 10.56 3.80
CA LEU A 32 3.14 9.51 3.92
C LEU A 32 2.64 8.48 4.93
N GLN A 33 2.07 8.98 6.00
CA GLN A 33 1.49 8.18 7.07
C GLN A 33 0.30 7.36 6.52
N LEU A 34 -0.52 8.00 5.72
CA LEU A 34 -1.70 7.39 5.13
C LEU A 34 -1.30 6.24 4.21
N VAL A 35 -0.33 6.49 3.34
CA VAL A 35 0.13 5.46 2.42
C VAL A 35 0.90 4.38 3.19
N GLY A 36 1.56 4.78 4.26
CA GLY A 36 2.23 3.85 5.12
C GLY A 36 1.22 2.93 5.80
N TYR A 37 0.10 3.49 6.20
CA TYR A 37 -0.98 2.72 6.78
C TYR A 37 -1.59 1.81 5.73
N LEU A 38 -1.60 2.27 4.51
CA LEU A 38 -2.02 1.44 3.38
C LEU A 38 -1.09 0.23 3.32
N ARG A 39 0.19 0.45 3.60
CA ARG A 39 1.16 -0.62 3.67
C ARG A 39 0.90 -1.51 4.92
N VAL A 40 0.36 -0.92 5.97
CA VAL A 40 -0.05 -1.70 7.15
C VAL A 40 -1.16 -2.68 6.78
N VAL A 41 -2.25 -2.18 6.19
CA VAL A 41 -3.39 -3.05 5.79
C VAL A 41 -2.95 -4.05 4.70
N ASP A 42 -2.03 -3.58 3.87
CA ASP A 42 -1.33 -4.35 2.82
C ASP A 42 -0.82 -5.61 3.43
N THR A 43 -0.06 -5.43 4.47
CA THR A 43 0.55 -6.53 5.12
C THR A 43 -0.41 -7.23 6.10
N ASP A 44 -1.48 -6.54 6.54
CA ASP A 44 -2.54 -7.17 7.37
C ASP A 44 -3.08 -8.36 6.67
N LEU A 45 -3.31 -8.18 5.38
CA LEU A 45 -3.72 -9.25 4.54
C LEU A 45 -2.58 -10.30 4.45
N LEU A 46 -1.44 -9.87 3.91
CA LEU A 46 -0.28 -10.74 3.62
C LEU A 46 0.15 -11.63 4.79
N LEU A 47 0.27 -11.04 5.94
CA LEU A 47 0.77 -11.73 7.10
C LEU A 47 -0.31 -12.16 8.04
N LYS A 48 -1.56 -11.87 7.71
CA LYS A 48 -2.66 -12.11 8.66
C LYS A 48 -2.36 -11.45 10.02
N VAL A 49 -2.21 -10.16 9.96
CA VAL A 49 -1.89 -9.33 11.12
C VAL A 49 -3.18 -9.13 11.94
N ASP A 50 -3.09 -8.58 13.15
CA ASP A 50 -4.25 -8.28 13.98
C ASP A 50 -5.25 -7.41 13.21
N SER A 51 -6.22 -8.05 12.68
CA SER A 51 -7.17 -7.44 11.80
C SER A 51 -8.22 -6.61 12.53
N THR A 52 -8.56 -6.99 13.73
CA THR A 52 -9.51 -6.20 14.47
C THR A 52 -8.78 -4.94 14.97
N LYS A 53 -7.49 -5.08 15.20
CA LYS A 53 -6.66 -3.99 15.63
C LYS A 53 -6.45 -3.03 14.47
N VAL A 54 -6.26 -3.58 13.27
CA VAL A 54 -6.09 -2.76 12.08
C VAL A 54 -7.38 -2.03 11.75
N ASP A 55 -8.49 -2.65 12.10
CA ASP A 55 -9.79 -2.02 11.93
C ASP A 55 -9.93 -0.86 12.90
N GLU A 56 -9.56 -1.13 14.15
CA GLU A 56 -9.59 -0.11 15.22
C GLU A 56 -8.64 1.06 14.94
N ALA A 57 -7.43 0.75 14.52
CA ALA A 57 -6.46 1.78 14.19
C ALA A 57 -6.93 2.53 12.97
N GLY A 58 -7.50 1.80 12.05
CA GLY A 58 -8.07 2.37 10.87
C GLY A 58 -9.27 3.19 11.22
N LYS A 59 -9.91 2.86 12.32
CA LYS A 59 -11.03 3.61 12.78
C LYS A 59 -10.54 4.90 13.43
N LYS A 60 -9.32 4.90 13.98
CA LYS A 60 -8.68 6.16 14.45
C LYS A 60 -8.43 7.05 13.23
N VAL A 61 -8.03 6.39 12.16
CA VAL A 61 -7.85 7.02 10.87
C VAL A 61 -9.19 7.60 10.39
N LYS A 62 -10.19 6.73 10.35
CA LYS A 62 -11.56 7.07 9.96
C LYS A 62 -12.08 8.21 10.84
N ALA A 63 -11.72 8.16 12.11
CA ALA A 63 -12.09 9.14 13.10
C ALA A 63 -11.58 10.51 12.71
N TYR A 64 -10.30 10.57 12.39
CA TYR A 64 -9.65 11.81 11.98
C TYR A 64 -10.34 12.36 10.73
N LEU A 65 -10.44 11.53 9.72
CA LEU A 65 -11.07 11.90 8.50
C LEU A 65 -12.50 12.35 8.72
N GLU A 66 -13.28 11.60 9.46
CA GLU A 66 -14.67 11.98 9.77
C GLU A 66 -14.70 13.29 10.59
N LYS A 67 -13.67 13.52 11.38
CA LYS A 67 -13.56 14.71 12.20
C LYS A 67 -13.41 15.94 11.30
N ILE A 68 -12.62 15.82 10.23
CA ILE A 68 -12.50 16.94 9.27
C ILE A 68 -13.76 16.97 8.39
N GLY A 69 -14.41 15.82 8.30
CA GLY A 69 -15.69 15.69 7.66
C GLY A 69 -15.69 14.78 6.46
N ILE A 70 -14.89 13.74 6.54
CA ILE A 70 -14.82 12.73 5.50
C ILE A 70 -15.43 11.43 5.97
N ARG A 71 -16.44 11.03 5.27
CA ARG A 71 -17.16 9.80 5.58
C ARG A 71 -16.65 8.63 4.73
N GLY A 72 -16.61 7.45 5.32
CA GLY A 72 -16.14 6.27 4.64
C GLY A 72 -16.62 5.03 5.37
N ASP A 73 -16.94 3.99 4.64
CA ASP A 73 -17.50 2.77 5.22
C ASP A 73 -16.40 1.83 5.75
N SER A 74 -15.50 1.40 4.90
CA SER A 74 -14.47 0.49 5.28
C SER A 74 -13.18 1.27 5.33
N VAL A 75 -12.22 0.87 6.15
CA VAL A 75 -10.98 1.61 6.26
C VAL A 75 -10.19 1.59 4.95
N GLU A 76 -10.20 0.45 4.28
CA GLU A 76 -9.51 0.30 3.02
C GLU A 76 -10.22 1.13 1.97
N ALA A 77 -11.54 1.23 2.10
CA ALA A 77 -12.34 1.98 1.16
C ALA A 77 -12.13 3.45 1.39
N ALA A 78 -12.02 3.83 2.64
CA ALA A 78 -11.75 5.21 3.04
C ALA A 78 -10.41 5.66 2.45
N LEU A 79 -9.39 4.82 2.59
CA LEU A 79 -8.06 5.10 2.07
C LEU A 79 -8.10 5.21 0.57
N ASP A 80 -8.80 4.25 -0.03
CA ASP A 80 -9.00 4.19 -1.48
C ASP A 80 -9.66 5.48 -1.95
N ASN A 81 -10.61 5.95 -1.17
CA ASN A 81 -11.32 7.21 -1.46
C ASN A 81 -10.38 8.38 -1.42
N LEU A 82 -9.59 8.44 -0.35
CA LEU A 82 -8.66 9.53 -0.14
C LEU A 82 -7.64 9.58 -1.25
N MET A 83 -6.93 8.51 -1.41
CA MET A 83 -5.84 8.46 -2.37
C MET A 83 -6.30 8.61 -3.79
N ILE A 84 -7.40 7.96 -4.17
CA ILE A 84 -7.87 8.11 -5.52
C ILE A 84 -8.24 9.56 -5.79
N LYS A 85 -8.92 10.21 -4.84
CA LYS A 85 -9.24 11.64 -4.95
C LYS A 85 -7.96 12.49 -5.06
N VAL A 86 -6.90 12.06 -4.39
CA VAL A 86 -5.58 12.70 -4.51
C VAL A 86 -5.12 12.60 -5.98
N TYR A 87 -5.11 11.38 -6.50
CA TYR A 87 -4.65 11.10 -7.85
C TYR A 87 -5.54 11.74 -8.89
N GLU A 88 -6.80 11.90 -8.54
CA GLU A 88 -7.76 12.64 -9.36
C GLU A 88 -7.31 14.10 -9.53
N ILE A 89 -6.67 14.63 -8.51
CA ILE A 89 -6.14 15.99 -8.57
C ILE A 89 -4.88 15.96 -9.43
N THR A 90 -4.05 14.99 -9.14
CA THR A 90 -2.82 14.76 -9.82
C THR A 90 -3.01 14.58 -11.36
N LYS A 91 -4.03 13.83 -11.76
CA LYS A 91 -4.27 13.64 -13.18
C LYS A 91 -5.21 14.71 -13.73
N GLY A 92 -6.07 15.21 -12.88
CA GLY A 92 -7.02 16.21 -13.30
C GLY A 92 -8.41 15.64 -13.38
N THR A 93 -9.39 16.42 -12.93
CA THR A 93 -10.80 16.08 -12.93
C THR A 93 -11.19 15.07 -11.83
N VAL A 94 -12.16 15.45 -11.04
CA VAL A 94 -12.73 14.56 -10.04
C VAL A 94 -13.52 13.48 -10.80
N GLU A 95 -13.30 12.26 -10.46
CA GLU A 95 -13.82 11.14 -11.20
C GLU A 95 -14.01 9.98 -10.20
N SER A 96 -14.24 8.76 -10.70
CA SER A 96 -14.26 7.55 -9.90
C SER A 96 -15.40 7.57 -8.84
N SER A 97 -15.26 6.77 -7.82
CA SER A 97 -16.19 6.63 -6.76
C SER A 97 -15.99 7.77 -5.73
N ALA A 98 -16.93 7.92 -4.84
CA ALA A 98 -16.86 8.90 -3.81
C ALA A 98 -17.89 8.59 -2.75
N GLN A 99 -17.46 7.86 -1.72
CA GLN A 99 -18.36 7.55 -0.62
C GLN A 99 -18.52 8.80 0.20
N GLY A 100 -17.43 9.53 0.25
CA GLY A 100 -17.40 10.79 0.86
C GLY A 100 -17.34 11.82 -0.21
N THR A 101 -18.40 12.57 -0.36
CA THR A 101 -18.48 13.60 -1.33
C THR A 101 -17.50 14.71 -0.97
N ASP A 102 -16.82 15.22 -1.96
CA ASP A 102 -15.79 16.21 -1.74
C ASP A 102 -16.38 17.56 -1.44
N SER A 103 -15.65 18.26 -0.67
CA SER A 103 -15.99 19.56 -0.27
C SER A 103 -14.65 20.28 -0.09
N GLU A 104 -14.66 21.50 0.39
CA GLU A 104 -13.45 22.32 0.39
C GLU A 104 -12.34 21.74 1.25
N GLU A 105 -12.67 21.22 2.40
CA GLU A 105 -11.65 20.66 3.25
C GLU A 105 -11.13 19.37 2.70
N LEU A 106 -11.93 18.68 1.87
CA LEU A 106 -11.46 17.44 1.26
C LEU A 106 -10.40 17.79 0.28
N LYS A 107 -10.73 18.73 -0.57
CA LYS A 107 -9.86 19.16 -1.62
C LYS A 107 -8.57 19.75 -1.06
N THR A 108 -8.70 20.70 -0.14
CA THR A 108 -7.53 21.35 0.44
C THR A 108 -6.63 20.34 1.21
N LEU A 109 -7.25 19.44 1.96
CA LEU A 109 -6.51 18.44 2.73
C LEU A 109 -5.74 17.53 1.79
N LEU A 110 -6.41 17.04 0.76
CA LEU A 110 -5.78 16.13 -0.16
C LEU A 110 -4.80 16.84 -1.07
N LEU A 111 -4.96 18.13 -1.20
CA LEU A 111 -4.03 18.96 -1.96
C LEU A 111 -2.74 19.11 -1.23
N LYS A 112 -2.82 19.32 0.09
CA LYS A 112 -1.61 19.38 0.89
C LYS A 112 -0.96 18.05 0.81
N PHE A 113 -1.76 17.00 0.92
CA PHE A 113 -1.27 15.63 0.86
C PHE A 113 -0.58 15.34 -0.45
N SER A 114 -1.22 15.72 -1.52
CA SER A 114 -0.68 15.52 -2.83
C SER A 114 0.71 16.17 -2.96
N GLU A 115 0.81 17.46 -2.59
CA GLU A 115 2.10 18.16 -2.67
C GLU A 115 3.06 17.63 -1.64
N ASP A 116 2.55 17.33 -0.45
CA ASP A 116 3.32 16.92 0.70
C ASP A 116 4.13 15.68 0.33
N LEU A 117 3.39 14.70 -0.21
CA LEU A 117 3.95 13.44 -0.66
C LEU A 117 4.88 13.68 -1.82
N LYS A 118 4.40 14.41 -2.84
CA LYS A 118 5.21 14.64 -4.04
C LYS A 118 6.50 15.38 -3.76
N ALA A 119 6.47 16.32 -2.85
CA ALA A 119 7.68 17.04 -2.49
C ALA A 119 8.65 16.13 -1.80
N GLU A 120 8.17 15.37 -0.79
CA GLU A 120 9.05 14.42 -0.13
C GLU A 120 9.51 13.35 -1.13
N GLN A 121 8.67 13.07 -2.10
CA GLN A 121 8.92 12.09 -3.14
C GLN A 121 10.12 12.49 -3.95
N GLU A 122 10.06 13.64 -4.57
CA GLU A 122 11.12 14.07 -5.47
C GLU A 122 12.40 14.35 -4.72
N LEU A 123 12.28 15.08 -3.61
CA LEU A 123 13.44 15.44 -2.79
C LEU A 123 14.20 14.20 -2.31
N HIS A 124 13.47 13.21 -1.81
CA HIS A 124 14.11 12.03 -1.27
C HIS A 124 14.49 11.07 -2.41
N SER A 125 13.65 10.98 -3.45
CA SER A 125 13.86 10.07 -4.57
C SER A 125 15.18 10.37 -5.26
N GLU A 126 15.50 11.64 -5.46
CA GLU A 126 16.76 11.98 -6.09
C GLU A 126 17.94 11.47 -5.23
N ALA A 127 17.94 11.90 -3.96
CA ALA A 127 19.01 11.61 -3.03
C ALA A 127 19.25 10.11 -2.80
N LYS A 128 18.21 9.31 -2.90
CA LYS A 128 18.36 7.88 -2.67
C LYS A 128 18.49 7.08 -3.96
N GLY A 129 18.28 7.74 -5.09
CA GLY A 129 18.29 7.02 -6.36
C GLY A 129 17.03 6.19 -6.51
N GLY A 130 15.91 6.85 -6.26
CA GLY A 130 14.60 6.24 -6.26
C GLY A 130 14.24 5.60 -7.57
N GLU A 131 14.61 6.23 -8.67
CA GLU A 131 14.31 5.70 -9.98
C GLU A 131 15.07 4.39 -10.28
N ALA A 132 16.29 4.29 -9.81
CA ALA A 132 17.07 3.07 -9.96
C ALA A 132 16.45 1.98 -9.12
N LEU A 133 16.07 2.36 -7.90
CA LEU A 133 15.37 1.45 -6.99
C LEU A 133 14.10 0.98 -7.65
N LEU A 134 13.32 1.92 -8.15
CA LEU A 134 12.03 1.66 -8.81
C LEU A 134 12.20 0.69 -9.96
N SER A 135 13.26 0.85 -10.71
CA SER A 135 13.55 -0.04 -11.79
C SER A 135 13.83 -1.46 -11.28
N SER A 136 14.62 -1.56 -10.21
CA SER A 136 14.91 -2.85 -9.63
C SER A 136 13.62 -3.47 -9.03
N MET A 137 12.84 -2.61 -8.38
CA MET A 137 11.54 -2.96 -7.78
C MET A 137 10.63 -3.58 -8.81
N LYS A 138 10.37 -2.81 -9.85
CA LYS A 138 9.46 -3.19 -10.92
C LYS A 138 9.93 -4.45 -11.59
N THR A 139 11.23 -4.56 -11.80
CA THR A 139 11.78 -5.72 -12.46
C THR A 139 11.61 -7.00 -11.64
N GLN A 140 12.02 -6.96 -10.40
CA GLN A 140 11.98 -8.11 -9.53
C GLN A 140 10.55 -8.53 -9.22
N HIS A 141 9.67 -7.56 -9.08
CA HIS A 141 8.28 -7.83 -8.82
C HIS A 141 7.62 -8.38 -10.09
N ASP A 142 8.07 -7.90 -11.25
CA ASP A 142 7.55 -8.37 -12.54
C ASP A 142 7.99 -9.80 -12.76
N GLU A 143 9.24 -10.07 -12.38
CA GLU A 143 9.79 -11.42 -12.41
C GLU A 143 8.91 -12.34 -11.59
N LEU A 144 8.64 -11.92 -10.35
CA LEU A 144 7.79 -12.67 -9.44
C LEU A 144 6.47 -13.04 -10.09
N LEU A 145 5.74 -12.04 -10.59
CA LEU A 145 4.45 -12.29 -11.27
C LEU A 145 4.58 -13.26 -12.43
N LYS A 146 5.65 -13.14 -13.15
CA LYS A 146 5.97 -14.06 -14.23
C LYS A 146 6.04 -15.50 -13.70
N LYS A 147 6.73 -15.68 -12.59
CA LYS A 147 6.82 -16.99 -11.94
C LYS A 147 5.44 -17.51 -11.50
N PHE A 148 4.60 -16.62 -11.02
CA PHE A 148 3.21 -16.97 -10.65
C PHE A 148 2.41 -17.41 -11.88
N ALA A 149 2.68 -16.76 -13.00
CA ALA A 149 1.97 -17.04 -14.23
C ALA A 149 2.55 -18.28 -14.89
N ALA A 150 3.76 -18.58 -14.54
CA ALA A 150 4.45 -19.74 -15.05
C ALA A 150 4.09 -20.96 -14.23
N LEU A 151 3.80 -20.73 -12.98
CA LEU A 151 3.49 -21.79 -12.08
C LEU A 151 2.01 -22.12 -12.13
N THR A 152 1.70 -23.27 -11.66
CA THR A 152 0.38 -23.74 -11.58
C THR A 152 -0.01 -23.84 -10.10
N PRO A 153 -1.27 -23.63 -9.77
CA PRO A 153 -2.30 -23.29 -10.75
C PRO A 153 -2.24 -21.82 -11.16
N THR A 154 -2.39 -21.56 -12.42
CA THR A 154 -2.32 -20.23 -12.93
C THR A 154 -3.70 -19.56 -12.80
N PHE A 155 -3.99 -19.09 -11.61
CA PHE A 155 -5.27 -18.44 -11.34
C PHE A 155 -5.20 -16.94 -11.56
N LEU A 156 -4.12 -16.49 -12.12
CA LEU A 156 -3.97 -15.10 -12.39
C LEU A 156 -4.19 -14.83 -13.85
N THR A 157 -4.48 -13.62 -14.13
CA THR A 157 -4.78 -13.19 -15.47
C THR A 157 -3.70 -12.19 -15.92
N SER A 158 -3.65 -11.92 -17.20
CA SER A 158 -2.65 -11.08 -17.82
C SER A 158 -2.83 -9.54 -17.58
N GLU A 159 -2.00 -8.78 -18.31
CA GLU A 159 -1.89 -7.31 -18.28
C GLU A 159 -3.21 -6.56 -18.38
N ASP A 160 -4.27 -7.20 -18.87
CA ASP A 160 -5.58 -6.53 -18.92
C ASP A 160 -6.03 -6.19 -17.54
N ILE A 161 -5.80 -7.09 -16.61
CA ILE A 161 -6.24 -6.82 -15.29
C ILE A 161 -5.10 -6.23 -14.52
N SER A 162 -3.91 -6.72 -14.78
CA SER A 162 -2.73 -6.24 -14.12
C SER A 162 -2.15 -5.02 -14.86
N GLY A 163 -3.04 -4.17 -15.35
CA GLY A 163 -2.67 -3.00 -16.12
C GLY A 163 -2.34 -1.83 -15.22
N TYR A 164 -1.38 -2.05 -14.37
CA TYR A 164 -0.92 -1.10 -13.40
C TYR A 164 0.45 -1.52 -12.93
N LEU A 165 1.22 -0.59 -12.44
CA LEU A 165 2.48 -0.91 -11.82
C LEU A 165 2.19 -1.43 -10.46
N THR A 166 2.53 -2.67 -10.28
CA THR A 166 2.28 -3.38 -9.06
C THR A 166 3.00 -2.73 -7.90
N VAL A 167 4.25 -2.45 -8.12
CA VAL A 167 5.05 -1.76 -7.19
C VAL A 167 5.54 -0.46 -7.87
N PRO A 168 4.78 0.61 -7.68
CA PRO A 168 4.99 1.83 -8.40
C PRO A 168 5.78 2.89 -7.62
N GLU A 169 5.66 4.10 -8.11
CA GLU A 169 6.26 5.27 -7.56
C GLU A 169 5.53 5.66 -6.30
N TYR A 170 6.25 6.35 -5.42
CA TYR A 170 5.81 6.77 -4.07
C TYR A 170 4.37 7.22 -4.05
N GLY A 171 4.00 7.96 -5.05
CA GLY A 171 2.67 8.47 -5.16
C GLY A 171 2.10 8.29 -6.54
N ALA A 172 2.27 7.11 -7.09
CA ALA A 172 1.64 6.79 -8.35
C ALA A 172 0.22 6.36 -8.08
N PRO A 173 -0.72 6.56 -9.05
CA PRO A 173 -2.13 6.21 -8.87
C PRO A 173 -2.37 4.78 -8.35
N MET A 174 -2.01 3.78 -9.18
CA MET A 174 -2.14 2.34 -8.85
C MET A 174 -3.64 1.94 -8.76
N ASN A 175 -3.97 0.79 -9.25
CA ASN A 175 -5.35 0.38 -9.28
C ASN A 175 -5.64 -0.56 -8.12
N ALA A 176 -5.75 0.07 -6.96
CA ALA A 176 -5.84 -0.57 -5.64
C ALA A 176 -6.89 -1.67 -5.52
N ALA A 177 -8.12 -1.39 -5.94
CA ALA A 177 -9.21 -2.37 -5.79
C ALA A 177 -8.95 -3.62 -6.62
N LYS A 178 -8.45 -3.43 -7.82
CA LYS A 178 -8.17 -4.54 -8.73
C LYS A 178 -6.99 -5.34 -8.20
N TRP A 179 -6.08 -4.61 -7.62
CA TRP A 179 -4.89 -5.18 -6.98
C TRP A 179 -5.32 -6.05 -5.80
N ALA A 180 -6.14 -5.48 -4.92
CA ALA A 180 -6.66 -6.19 -3.77
C ALA A 180 -7.51 -7.39 -4.20
N LYS A 181 -8.13 -7.28 -5.36
CA LYS A 181 -8.91 -8.35 -5.93
C LYS A 181 -8.02 -9.53 -6.31
N VAL A 182 -6.94 -9.26 -7.04
CA VAL A 182 -6.06 -10.33 -7.50
C VAL A 182 -5.28 -10.96 -6.35
N GLU A 183 -4.75 -10.13 -5.48
CA GLU A 183 -4.03 -10.63 -4.34
C GLU A 183 -4.97 -11.27 -3.37
N GLY A 184 -6.21 -10.80 -3.37
CA GLY A 184 -7.24 -11.42 -2.59
C GLY A 184 -7.44 -12.85 -3.04
N MET A 185 -7.45 -13.07 -4.36
CA MET A 185 -7.52 -14.42 -4.91
C MET A 185 -6.35 -15.26 -4.41
N ILE A 186 -5.14 -14.69 -4.53
CA ILE A 186 -3.89 -15.32 -4.04
C ILE A 186 -4.03 -15.71 -2.58
N HIS A 187 -4.44 -14.75 -1.80
CA HIS A 187 -4.62 -14.87 -0.36
C HIS A 187 -5.61 -15.97 -0.01
N GLY A 188 -6.70 -16.02 -0.75
CA GLY A 188 -7.71 -17.03 -0.55
C GLY A 188 -7.17 -18.40 -0.83
N LYS A 189 -6.33 -18.49 -1.83
CA LYS A 189 -5.66 -19.73 -2.19
C LYS A 189 -4.61 -20.07 -1.15
N LEU A 190 -3.95 -19.05 -0.66
CA LEU A 190 -2.90 -19.15 0.31
C LEU A 190 -3.46 -19.72 1.62
N GLU A 191 -4.72 -19.47 1.88
CA GLU A 191 -5.35 -20.03 3.08
C GLU A 191 -6.19 -21.25 2.79
N SER A 192 -6.03 -21.81 1.61
CA SER A 192 -6.79 -22.96 1.23
C SER A 192 -6.03 -24.25 1.67
N SER A 193 -6.54 -25.40 1.28
CA SER A 193 -6.00 -26.67 1.72
C SER A 193 -4.63 -26.99 1.12
N GLU A 194 -4.52 -26.94 -0.19
CA GLU A 194 -3.26 -27.26 -0.82
C GLU A 194 -2.58 -26.04 -1.39
N VAL A 195 -1.61 -25.58 -0.67
CA VAL A 195 -0.83 -24.45 -1.04
C VAL A 195 0.56 -24.96 -1.39
N PRO A 196 0.94 -24.97 -2.67
CA PRO A 196 2.24 -25.46 -3.10
C PRO A 196 3.36 -24.66 -2.45
N ALA A 197 4.36 -25.36 -1.94
CA ALA A 197 5.49 -24.77 -1.25
C ALA A 197 6.18 -23.74 -2.12
N ASN A 198 6.29 -24.04 -3.42
CA ASN A 198 6.90 -23.12 -4.38
C ASN A 198 6.08 -21.86 -4.52
N LEU A 199 4.77 -22.03 -4.72
CA LEU A 199 3.86 -20.89 -4.86
C LEU A 199 3.89 -20.04 -3.61
N LYS A 200 3.83 -20.71 -2.47
CA LYS A 200 3.86 -20.06 -1.17
C LYS A 200 5.17 -19.28 -1.00
N ALA A 201 6.26 -19.87 -1.45
CA ALA A 201 7.57 -19.24 -1.39
C ALA A 201 7.62 -18.03 -2.31
N LEU A 202 6.99 -18.14 -3.47
CA LEU A 202 6.92 -17.02 -4.42
C LEU A 202 6.16 -15.87 -3.80
N VAL A 203 5.06 -16.21 -3.18
CA VAL A 203 4.24 -15.23 -2.47
C VAL A 203 5.07 -14.60 -1.36
N ALA A 204 5.78 -15.43 -0.64
CA ALA A 204 6.64 -14.97 0.42
C ALA A 204 7.73 -14.04 -0.12
N GLU A 205 8.35 -14.41 -1.25
CA GLU A 205 9.40 -13.59 -1.86
C GLU A 205 8.85 -12.26 -2.25
N LEU A 206 7.64 -12.28 -2.79
CA LEU A 206 6.95 -11.08 -3.18
C LEU A 206 6.72 -10.23 -1.96
N ILE A 207 6.31 -10.86 -0.88
CA ILE A 207 6.02 -10.20 0.38
C ILE A 207 7.25 -9.59 0.97
N GLU A 208 8.24 -10.41 1.20
CA GLU A 208 9.51 -10.00 1.76
C GLU A 208 10.07 -8.79 1.00
N LEU A 209 10.13 -8.93 -0.35
CA LEU A 209 10.62 -7.86 -1.19
C LEU A 209 9.76 -6.63 -1.00
N ARG A 210 8.47 -6.76 -1.22
CA ARG A 210 7.47 -5.69 -1.09
C ARG A 210 7.62 -4.97 0.26
N ALA A 211 7.82 -5.75 1.30
CA ALA A 211 7.88 -5.26 2.65
C ALA A 211 9.05 -4.35 2.82
N GLN A 212 10.22 -4.91 2.63
CA GLN A 212 11.44 -4.21 2.86
C GLN A 212 11.71 -3.13 1.83
N MET A 213 11.34 -3.40 0.60
CA MET A 213 11.61 -2.51 -0.49
C MET A 213 10.78 -1.27 -0.34
N MET A 214 9.48 -1.43 -0.15
CA MET A 214 8.61 -0.32 -0.01
C MET A 214 8.74 0.36 1.35
N ALA A 215 9.17 -0.39 2.38
CA ALA A 215 9.41 0.21 3.70
C ALA A 215 10.55 1.20 3.59
N LEU A 216 11.60 0.78 2.94
CA LEU A 216 12.74 1.61 2.72
C LEU A 216 12.44 2.68 1.68
N LEU A 217 11.62 2.33 0.69
CA LEU A 217 11.14 3.26 -0.35
C LEU A 217 10.53 4.47 0.30
N TYR A 218 9.55 4.22 1.16
CA TYR A 218 8.84 5.26 1.88
C TYR A 218 9.57 5.62 3.18
N GLY A 219 10.86 5.33 3.23
CA GLY A 219 11.66 5.66 4.36
C GLY A 219 11.76 7.16 4.55
N PRO A 220 12.02 7.62 5.78
CA PRO A 220 12.11 9.05 6.10
C PRO A 220 13.15 9.76 5.24
N ILE A 221 12.73 10.89 4.69
CA ILE A 221 13.57 11.74 3.83
C ILE A 221 14.89 12.13 4.52
N GLY A 222 14.80 12.37 5.78
CA GLY A 222 15.92 12.73 6.60
C GLY A 222 15.39 12.95 7.95
N HIS A 223 15.01 11.82 8.58
CA HIS A 223 14.28 11.79 9.83
C HIS A 223 12.87 12.31 9.57
N HIS A 224 12.08 12.42 10.60
CA HIS A 224 10.75 12.97 10.44
C HIS A 224 10.75 14.40 10.92
N VAL A 1 22.79 -9.02 9.77
CA VAL A 1 22.49 -9.85 8.61
C VAL A 1 21.00 -9.78 8.34
N LYS A 2 20.64 -9.50 7.11
CA LYS A 2 19.26 -9.41 6.73
C LYS A 2 18.98 -10.35 5.60
N THR A 3 18.06 -11.22 5.83
CA THR A 3 17.63 -12.15 4.85
C THR A 3 16.10 -12.07 4.80
N LEU A 4 15.47 -12.90 3.97
CA LEU A 4 14.01 -12.89 3.71
C LEU A 4 13.21 -12.80 5.03
N ASP A 5 13.56 -13.67 5.96
CA ASP A 5 12.88 -13.76 7.26
C ASP A 5 13.03 -12.50 8.06
N VAL A 6 14.18 -11.92 7.95
CA VAL A 6 14.52 -10.73 8.70
C VAL A 6 13.79 -9.54 8.13
N LEU A 7 13.72 -9.50 6.82
CA LEU A 7 13.03 -8.46 6.10
C LEU A 7 11.57 -8.45 6.49
N ARG A 8 10.95 -9.64 6.48
CA ARG A 8 9.58 -9.76 6.88
C ARG A 8 9.44 -9.47 8.38
N GLY A 9 10.46 -9.83 9.13
CA GLY A 9 10.45 -9.57 10.56
C GLY A 9 10.43 -8.09 10.85
N GLU A 10 11.18 -7.35 10.06
CA GLU A 10 11.24 -5.91 10.18
C GLU A 10 9.94 -5.29 9.71
N LEU A 11 9.38 -5.84 8.64
CA LEU A 11 8.10 -5.38 8.11
C LEU A 11 7.04 -5.51 9.20
N ARG A 12 7.02 -6.66 9.83
CA ARG A 12 6.12 -6.93 10.93
C ARG A 12 6.38 -6.00 12.11
N GLY A 13 7.65 -5.81 12.44
CA GLY A 13 8.03 -4.92 13.54
C GLY A 13 7.60 -3.49 13.29
N GLN A 14 7.90 -2.98 12.08
CA GLN A 14 7.54 -1.63 11.65
C GLN A 14 6.03 -1.48 11.79
N ARG A 15 5.32 -2.43 11.21
CA ARG A 15 3.87 -2.47 11.27
C ARG A 15 3.35 -2.48 12.71
N GLU A 16 3.92 -3.34 13.55
CA GLU A 16 3.50 -3.49 14.95
C GLU A 16 3.64 -2.16 15.67
N ALA A 17 4.79 -1.54 15.54
CA ALA A 17 5.06 -0.27 16.17
C ALA A 17 4.15 0.83 15.62
N PHE A 18 4.03 0.88 14.30
CA PHE A 18 3.24 1.89 13.61
C PHE A 18 1.77 1.78 14.04
N LEU A 19 1.24 0.59 13.94
CA LEU A 19 -0.13 0.26 14.31
C LEU A 19 -0.39 0.58 15.78
N SER A 20 0.59 0.32 16.63
CA SER A 20 0.48 0.66 18.02
C SER A 20 0.41 2.17 18.22
N GLU A 21 1.12 2.93 17.38
CA GLU A 21 1.10 4.37 17.46
C GLU A 21 -0.23 4.88 17.00
N ILE A 22 -0.79 4.23 16.02
CA ILE A 22 -2.08 4.60 15.49
C ILE A 22 -3.14 4.43 16.56
N ILE A 23 -3.06 3.31 17.25
CA ILE A 23 -3.91 3.03 18.39
C ILE A 23 -3.71 4.06 19.51
N LYS A 24 -2.48 4.44 19.75
CA LYS A 24 -2.18 5.40 20.81
C LYS A 24 -2.51 6.84 20.44
N SER A 25 -2.60 7.13 19.16
CA SER A 25 -2.87 8.49 18.73
C SER A 25 -4.32 8.67 18.27
N ASP A 26 -4.74 9.91 18.21
CA ASP A 26 -6.11 10.29 17.85
C ASP A 26 -6.08 11.62 17.11
N GLY A 27 -4.87 11.97 16.71
CA GLY A 27 -4.62 13.26 16.09
C GLY A 27 -4.62 13.18 14.57
N PRO A 28 -4.13 14.24 13.90
CA PRO A 28 -4.09 14.28 12.44
C PRO A 28 -3.01 13.37 11.86
N PHE A 29 -3.43 12.50 10.97
CA PHE A 29 -2.53 11.59 10.30
C PHE A 29 -2.03 12.24 9.03
N THR A 30 -0.77 12.08 8.77
CA THR A 30 -0.16 12.66 7.59
C THR A 30 -0.27 11.72 6.39
N ILE A 31 0.09 12.20 5.19
CA ILE A 31 -0.04 11.39 3.97
C ILE A 31 0.82 10.11 4.01
N LEU A 32 2.09 10.25 4.38
CA LEU A 32 2.97 9.10 4.46
C LEU A 32 2.59 8.21 5.62
N GLN A 33 1.95 8.79 6.60
CA GLN A 33 1.50 8.05 7.75
C GLN A 33 0.24 7.25 7.39
N LEU A 34 -0.57 7.83 6.52
CA LEU A 34 -1.79 7.22 6.06
C LEU A 34 -1.43 6.00 5.20
N VAL A 35 -0.54 6.20 4.24
CA VAL A 35 -0.08 5.11 3.38
C VAL A 35 0.80 4.12 4.14
N GLY A 36 1.43 4.60 5.19
CA GLY A 36 2.15 3.74 6.09
C GLY A 36 1.18 2.78 6.78
N TYR A 37 0.03 3.30 7.17
CA TYR A 37 -1.01 2.50 7.75
C TYR A 37 -1.58 1.56 6.71
N LEU A 38 -1.61 2.01 5.49
CA LEU A 38 -2.04 1.18 4.38
C LEU A 38 -1.12 -0.05 4.32
N ARG A 39 0.17 0.20 4.47
CA ARG A 39 1.18 -0.84 4.54
C ARG A 39 0.92 -1.76 5.76
N VAL A 40 0.50 -1.14 6.87
CA VAL A 40 0.09 -1.88 8.06
C VAL A 40 -1.01 -2.87 7.71
N VAL A 41 -2.12 -2.35 7.14
CA VAL A 41 -3.26 -3.19 6.82
C VAL A 41 -2.93 -4.22 5.74
N ASP A 42 -1.91 -3.93 4.91
CA ASP A 42 -1.38 -4.94 3.98
C ASP A 42 -0.91 -6.12 4.76
N THR A 43 0.02 -5.87 5.68
CA THR A 43 0.56 -6.96 6.44
C THR A 43 -0.44 -7.58 7.45
N ASP A 44 -1.36 -6.77 7.96
CA ASP A 44 -2.41 -7.27 8.85
C ASP A 44 -3.37 -8.17 8.11
N LEU A 45 -3.54 -7.92 6.81
CA LEU A 45 -4.25 -8.82 5.94
C LEU A 45 -3.39 -10.05 5.78
N LEU A 46 -2.16 -9.79 5.35
CA LEU A 46 -1.16 -10.77 4.96
C LEU A 46 -1.00 -11.90 6.00
N LEU A 47 -0.78 -11.54 7.26
CA LEU A 47 -0.62 -12.57 8.28
C LEU A 47 -1.90 -12.73 9.11
N LYS A 48 -2.96 -12.00 8.76
CA LYS A 48 -4.21 -11.98 9.56
C LYS A 48 -3.95 -11.66 11.00
N VAL A 49 -3.42 -10.51 11.22
CA VAL A 49 -3.00 -10.12 12.55
C VAL A 49 -4.05 -9.22 13.20
N ASP A 50 -4.01 -9.22 14.54
CA ASP A 50 -4.78 -8.36 15.50
C ASP A 50 -6.04 -7.72 14.93
N SER A 51 -7.10 -8.43 15.00
CA SER A 51 -8.40 -8.01 14.48
C SER A 51 -8.86 -6.66 15.07
N THR A 52 -8.87 -6.54 16.37
CA THR A 52 -9.38 -5.34 16.99
C THR A 52 -8.36 -4.20 16.97
N LYS A 53 -7.08 -4.54 16.96
CA LYS A 53 -6.05 -3.51 16.89
C LYS A 53 -6.14 -2.81 15.53
N VAL A 54 -6.26 -3.61 14.47
CA VAL A 54 -6.37 -3.07 13.13
C VAL A 54 -7.74 -2.39 12.94
N ASP A 55 -8.74 -2.92 13.65
CA ASP A 55 -10.08 -2.31 13.59
C ASP A 55 -10.07 -0.94 14.21
N GLU A 56 -9.69 -0.88 15.47
CA GLU A 56 -9.65 0.35 16.23
C GLU A 56 -8.71 1.38 15.64
N ALA A 57 -7.59 0.94 15.10
CA ALA A 57 -6.67 1.86 14.47
C ALA A 57 -7.25 2.37 13.16
N GLY A 58 -7.89 1.49 12.41
CA GLY A 58 -8.54 1.88 11.18
C GLY A 58 -9.65 2.82 11.47
N LYS A 59 -10.32 2.57 12.57
CA LYS A 59 -11.37 3.40 13.09
C LYS A 59 -10.84 4.79 13.48
N LYS A 60 -9.61 4.86 14.01
CA LYS A 60 -8.94 6.16 14.30
C LYS A 60 -8.70 6.92 12.99
N VAL A 61 -8.22 6.20 12.01
CA VAL A 61 -7.92 6.73 10.70
C VAL A 61 -9.19 7.20 10.03
N LYS A 62 -10.21 6.36 10.06
CA LYS A 62 -11.51 6.66 9.51
C LYS A 62 -12.12 7.83 10.23
N ALA A 63 -11.87 7.92 11.52
CA ALA A 63 -12.33 9.03 12.33
C ALA A 63 -11.78 10.34 11.81
N TYR A 64 -10.48 10.38 11.64
CA TYR A 64 -9.78 11.55 11.11
C TYR A 64 -10.26 11.87 9.66
N LEU A 65 -10.19 10.87 8.83
CA LEU A 65 -10.61 10.95 7.46
C LEU A 65 -12.09 11.40 7.34
N GLU A 66 -12.96 10.86 8.16
CA GLU A 66 -14.37 11.22 8.14
C GLU A 66 -14.58 12.57 8.85
N LYS A 67 -13.60 12.96 9.64
CA LYS A 67 -13.59 14.27 10.31
C LYS A 67 -13.45 15.34 9.24
N ILE A 68 -12.57 15.10 8.25
CA ILE A 68 -12.46 16.05 7.12
C ILE A 68 -13.68 15.84 6.21
N GLY A 69 -14.22 14.64 6.26
CA GLY A 69 -15.48 14.33 5.62
C GLY A 69 -15.35 13.33 4.53
N ILE A 70 -14.41 12.43 4.68
CA ILE A 70 -14.18 11.40 3.74
C ILE A 70 -14.46 10.06 4.37
N ARG A 71 -15.33 9.33 3.77
CA ARG A 71 -15.72 8.06 4.31
C ARG A 71 -15.74 6.97 3.25
N GLY A 72 -15.91 5.77 3.72
CA GLY A 72 -16.01 4.61 2.89
C GLY A 72 -16.68 3.55 3.68
N ASP A 73 -17.10 2.48 3.05
CA ASP A 73 -17.80 1.39 3.77
C ASP A 73 -16.84 0.44 4.47
N SER A 74 -15.58 0.77 4.39
CA SER A 74 -14.52 0.05 5.03
C SER A 74 -13.30 0.93 4.98
N VAL A 75 -12.29 0.66 5.79
CA VAL A 75 -11.09 1.47 5.73
C VAL A 75 -10.34 1.24 4.42
N GLU A 76 -10.41 0.02 3.90
CA GLU A 76 -9.79 -0.31 2.62
C GLU A 76 -10.45 0.47 1.48
N ALA A 77 -11.76 0.60 1.53
CA ALA A 77 -12.49 1.36 0.52
C ALA A 77 -12.18 2.82 0.65
N ALA A 78 -12.01 3.24 1.89
CA ALA A 78 -11.65 4.62 2.22
C ALA A 78 -10.24 4.95 1.72
N LEU A 79 -9.36 3.98 1.74
CA LEU A 79 -8.01 4.13 1.25
C LEU A 79 -8.04 4.27 -0.23
N ASP A 80 -8.83 3.42 -0.86
CA ASP A 80 -9.02 3.45 -2.33
C ASP A 80 -9.59 4.78 -2.73
N ASN A 81 -10.47 5.25 -1.88
CA ASN A 81 -11.15 6.55 -2.03
C ASN A 81 -10.12 7.64 -2.12
N LEU A 82 -9.32 7.75 -1.07
CA LEU A 82 -8.38 8.81 -0.97
C LEU A 82 -7.23 8.65 -1.96
N MET A 83 -6.94 7.41 -2.33
CA MET A 83 -5.92 7.09 -3.25
C MET A 83 -6.27 7.66 -4.60
N ILE A 84 -7.46 7.33 -5.08
CA ILE A 84 -7.95 7.81 -6.36
C ILE A 84 -8.05 9.33 -6.34
N LYS A 85 -8.49 9.87 -5.21
CA LYS A 85 -8.59 11.31 -5.06
C LYS A 85 -7.23 12.02 -5.06
N VAL A 86 -6.17 11.34 -4.60
CA VAL A 86 -4.83 11.92 -4.71
C VAL A 86 -4.41 11.90 -6.18
N TYR A 87 -4.64 10.76 -6.82
CA TYR A 87 -4.29 10.59 -8.23
C TYR A 87 -5.09 11.54 -9.10
N GLU A 88 -6.26 11.87 -8.64
CA GLU A 88 -7.09 12.89 -9.27
C GLU A 88 -6.29 14.19 -9.39
N ILE A 89 -5.58 14.53 -8.34
CA ILE A 89 -4.80 15.76 -8.30
C ILE A 89 -3.57 15.58 -9.18
N THR A 90 -2.97 14.42 -9.08
CA THR A 90 -1.77 14.07 -9.77
C THR A 90 -1.96 13.94 -11.33
N LYS A 91 -2.85 13.08 -11.77
CA LYS A 91 -3.04 12.84 -13.19
C LYS A 91 -4.45 13.26 -13.68
N GLY A 92 -5.36 13.50 -12.76
CA GLY A 92 -6.72 13.74 -13.18
C GLY A 92 -7.44 12.43 -13.35
N THR A 93 -7.18 11.52 -12.44
CA THR A 93 -7.83 10.25 -12.43
C THR A 93 -9.30 10.43 -12.05
N VAL A 94 -10.17 9.86 -12.84
CA VAL A 94 -11.58 10.00 -12.65
C VAL A 94 -12.04 9.16 -11.46
N GLU A 95 -13.02 9.64 -10.75
CA GLU A 95 -13.52 8.96 -9.59
C GLU A 95 -14.39 7.76 -9.93
N SER A 96 -13.95 6.62 -9.46
CA SER A 96 -14.69 5.39 -9.53
C SER A 96 -14.81 4.90 -8.10
N SER A 97 -14.56 5.83 -7.22
CA SER A 97 -14.45 5.63 -5.81
C SER A 97 -15.07 6.85 -5.15
N ALA A 98 -14.82 7.02 -3.86
CA ALA A 98 -15.20 8.20 -3.07
C ALA A 98 -16.66 8.22 -2.66
N GLN A 99 -16.89 7.82 -1.43
CA GLN A 99 -18.19 7.99 -0.83
C GLN A 99 -18.21 9.39 -0.23
N GLY A 100 -18.83 10.28 -0.94
CA GLY A 100 -18.80 11.66 -0.57
C GLY A 100 -18.07 12.43 -1.65
N THR A 101 -18.79 13.21 -2.38
CA THR A 101 -18.24 13.91 -3.51
C THR A 101 -17.42 15.16 -3.15
N ASP A 102 -16.22 14.92 -2.62
CA ASP A 102 -15.21 15.96 -2.30
C ASP A 102 -15.69 16.96 -1.25
N SER A 103 -14.84 17.92 -0.96
CA SER A 103 -15.06 19.06 -0.09
C SER A 103 -13.88 19.97 -0.32
N GLU A 104 -13.96 21.24 0.05
CA GLU A 104 -12.83 22.16 -0.13
C GLU A 104 -11.71 21.79 0.82
N GLU A 105 -12.09 21.38 2.00
CA GLU A 105 -11.16 20.93 2.99
C GLU A 105 -10.48 19.67 2.46
N LEU A 106 -11.22 18.88 1.68
CA LEU A 106 -10.68 17.66 1.09
C LEU A 106 -9.63 18.02 0.05
N LYS A 107 -9.96 18.96 -0.82
CA LYS A 107 -9.06 19.41 -1.88
C LYS A 107 -7.74 19.84 -1.28
N THR A 108 -7.81 20.77 -0.37
CA THR A 108 -6.63 21.35 0.23
C THR A 108 -5.87 20.32 1.11
N LEU A 109 -6.62 19.41 1.72
CA LEU A 109 -6.05 18.35 2.55
C LEU A 109 -5.21 17.46 1.66
N LEU A 110 -5.80 16.98 0.58
CA LEU A 110 -5.10 16.09 -0.31
C LEU A 110 -4.02 16.83 -1.07
N LEU A 111 -4.16 18.13 -1.16
CA LEU A 111 -3.16 18.97 -1.76
C LEU A 111 -1.90 18.97 -0.93
N LYS A 112 -1.99 19.26 0.36
CA LYS A 112 -0.80 19.27 1.20
C LYS A 112 -0.28 17.88 1.35
N PHE A 113 -1.17 16.93 1.29
CA PHE A 113 -0.80 15.56 1.31
C PHE A 113 0.05 15.24 0.11
N SER A 114 -0.46 15.48 -1.07
CA SER A 114 0.28 15.20 -2.28
C SER A 114 1.58 16.04 -2.38
N GLU A 115 1.52 17.32 -1.99
CA GLU A 115 2.72 18.18 -1.96
C GLU A 115 3.75 17.61 -1.01
N ASP A 116 3.28 17.26 0.20
CA ASP A 116 4.15 16.75 1.24
C ASP A 116 4.77 15.44 0.80
N LEU A 117 3.89 14.59 0.28
CA LEU A 117 4.20 13.26 -0.24
C LEU A 117 5.31 13.36 -1.27
N LYS A 118 5.07 14.12 -2.32
CA LYS A 118 6.00 14.23 -3.42
C LYS A 118 7.31 14.87 -2.96
N ALA A 119 7.23 15.79 -2.01
CA ALA A 119 8.44 16.44 -1.50
C ALA A 119 9.32 15.49 -0.73
N GLU A 120 8.78 14.81 0.28
CA GLU A 120 9.57 13.89 1.06
C GLU A 120 10.04 12.75 0.16
N GLN A 121 9.22 12.44 -0.84
CA GLN A 121 9.55 11.37 -1.73
C GLN A 121 10.66 11.71 -2.63
N GLU A 122 10.70 12.92 -3.16
CA GLU A 122 11.80 13.29 -4.04
C GLU A 122 13.08 13.40 -3.24
N LEU A 123 12.93 13.79 -1.96
CA LEU A 123 14.05 13.81 -1.05
C LEU A 123 14.70 12.43 -0.97
N HIS A 124 13.89 11.38 -0.75
CA HIS A 124 14.48 10.05 -0.71
C HIS A 124 14.74 9.47 -2.12
N SER A 125 14.04 10.00 -3.13
CA SER A 125 14.27 9.59 -4.51
C SER A 125 15.70 9.89 -4.91
N GLU A 126 16.17 11.07 -4.59
CA GLU A 126 17.55 11.42 -4.88
C GLU A 126 18.48 10.51 -4.09
N ALA A 127 18.31 10.52 -2.78
CA ALA A 127 19.12 9.78 -1.83
C ALA A 127 19.27 8.30 -2.18
N LYS A 128 18.19 7.68 -2.60
CA LYS A 128 18.21 6.25 -2.88
C LYS A 128 18.26 5.95 -4.36
N GLY A 129 18.23 6.96 -5.21
CA GLY A 129 18.16 6.71 -6.64
C GLY A 129 16.78 6.19 -7.04
N GLY A 130 15.83 7.09 -7.10
CA GLY A 130 14.44 6.79 -7.35
C GLY A 130 14.17 6.06 -8.64
N GLU A 131 14.84 6.44 -9.71
CA GLU A 131 14.61 5.82 -11.02
C GLU A 131 15.22 4.44 -11.01
N ALA A 132 16.33 4.33 -10.31
CA ALA A 132 17.02 3.06 -10.14
C ALA A 132 16.15 2.12 -9.32
N LEU A 133 15.55 2.65 -8.25
CA LEU A 133 14.61 1.89 -7.42
C LEU A 133 13.41 1.49 -8.23
N LEU A 134 12.87 2.44 -8.98
CA LEU A 134 11.71 2.21 -9.82
C LEU A 134 11.99 1.04 -10.77
N SER A 135 13.12 1.09 -11.42
CA SER A 135 13.51 0.07 -12.36
C SER A 135 13.71 -1.28 -11.69
N SER A 136 14.40 -1.32 -10.55
CA SER A 136 14.65 -2.57 -9.86
C SER A 136 13.36 -3.16 -9.28
N MET A 137 12.54 -2.28 -8.72
CA MET A 137 11.25 -2.64 -8.15
C MET A 137 10.34 -3.23 -9.20
N LYS A 138 10.17 -2.51 -10.31
CA LYS A 138 9.30 -2.95 -11.38
C LYS A 138 9.81 -4.22 -12.03
N THR A 139 11.13 -4.33 -12.19
CA THR A 139 11.71 -5.48 -12.82
C THR A 139 11.52 -6.75 -12.00
N GLN A 140 11.84 -6.67 -10.72
CA GLN A 140 11.68 -7.81 -9.87
C GLN A 140 10.23 -8.21 -9.75
N HIS A 141 9.38 -7.24 -9.50
CA HIS A 141 7.94 -7.47 -9.36
C HIS A 141 7.37 -8.05 -10.65
N ASP A 142 7.88 -7.58 -11.79
CA ASP A 142 7.41 -8.06 -13.09
C ASP A 142 7.88 -9.47 -13.31
N GLU A 143 9.11 -9.74 -12.89
CA GLU A 143 9.68 -11.07 -12.93
C GLU A 143 8.83 -12.02 -12.12
N LEU A 144 8.52 -11.61 -10.89
CA LEU A 144 7.69 -12.41 -10.00
C LEU A 144 6.38 -12.76 -10.68
N LEU A 145 5.69 -11.76 -11.17
CA LEU A 145 4.41 -11.96 -11.86
C LEU A 145 4.55 -12.90 -13.06
N LYS A 146 5.66 -12.79 -13.76
CA LYS A 146 5.95 -13.70 -14.86
C LYS A 146 6.07 -15.14 -14.34
N LYS A 147 6.73 -15.30 -13.20
CA LYS A 147 6.82 -16.61 -12.50
C LYS A 147 5.42 -17.14 -12.17
N PHE A 148 4.52 -16.25 -11.75
CA PHE A 148 3.12 -16.61 -11.43
C PHE A 148 2.35 -16.99 -12.67
N ALA A 149 2.72 -16.40 -13.80
CA ALA A 149 2.08 -16.70 -15.07
C ALA A 149 2.67 -17.96 -15.66
N ALA A 150 3.89 -18.25 -15.26
CA ALA A 150 4.61 -19.41 -15.71
C ALA A 150 4.16 -20.63 -14.92
N LEU A 151 3.80 -20.38 -13.69
CA LEU A 151 3.35 -21.42 -12.83
C LEU A 151 1.88 -21.67 -13.04
N THR A 152 1.53 -22.92 -13.08
CA THR A 152 0.19 -23.32 -13.22
C THR A 152 -0.26 -24.00 -11.92
N PRO A 153 -1.51 -23.80 -11.52
CA PRO A 153 -2.43 -22.97 -12.26
C PRO A 153 -2.23 -21.47 -11.97
N THR A 154 -2.29 -20.68 -13.00
CA THR A 154 -2.17 -19.25 -12.86
C THR A 154 -3.48 -18.72 -12.28
N PHE A 155 -3.49 -18.54 -10.97
CA PHE A 155 -4.71 -18.16 -10.26
C PHE A 155 -5.06 -16.69 -10.42
N LEU A 156 -4.11 -15.89 -10.87
CA LEU A 156 -4.33 -14.49 -11.01
C LEU A 156 -5.04 -14.17 -12.29
N THR A 157 -5.45 -12.98 -12.40
CA THR A 157 -6.16 -12.48 -13.52
C THR A 157 -5.20 -11.78 -14.49
N SER A 158 -5.63 -11.62 -15.72
CA SER A 158 -4.80 -11.09 -16.78
C SER A 158 -4.51 -9.57 -16.65
N GLU A 159 -3.45 -9.17 -17.37
CA GLU A 159 -2.91 -7.82 -17.41
C GLU A 159 -3.94 -6.82 -17.91
N ASP A 160 -4.97 -7.33 -18.57
CA ASP A 160 -6.07 -6.52 -19.06
C ASP A 160 -6.73 -5.82 -17.92
N ILE A 161 -7.00 -6.58 -16.84
CA ILE A 161 -7.69 -6.01 -15.71
C ILE A 161 -6.67 -5.41 -14.78
N SER A 162 -5.54 -6.08 -14.68
CA SER A 162 -4.40 -5.61 -13.93
C SER A 162 -3.60 -4.59 -14.76
N GLY A 163 -4.33 -3.75 -15.49
CA GLY A 163 -3.75 -2.75 -16.35
C GLY A 163 -3.38 -1.51 -15.59
N TYR A 164 -2.65 -1.71 -14.55
CA TYR A 164 -2.19 -0.69 -13.67
C TYR A 164 -0.76 -1.01 -13.31
N LEU A 165 -0.02 -0.02 -12.91
CA LEU A 165 1.35 -0.25 -12.50
C LEU A 165 1.33 -0.84 -11.12
N THR A 166 1.67 -2.11 -11.00
CA THR A 166 1.60 -2.82 -9.73
C THR A 166 2.48 -2.19 -8.68
N VAL A 167 3.60 -1.72 -9.12
CA VAL A 167 4.51 -0.98 -8.31
C VAL A 167 4.76 0.35 -9.04
N PRO A 168 3.99 1.37 -8.68
CA PRO A 168 4.00 2.63 -9.37
C PRO A 168 5.11 3.58 -8.91
N GLU A 169 5.15 4.70 -9.55
CA GLU A 169 6.11 5.72 -9.27
C GLU A 169 5.47 6.71 -8.29
N TYR A 170 6.31 7.54 -7.70
CA TYR A 170 5.95 8.57 -6.71
C TYR A 170 4.82 9.48 -7.23
N GLY A 171 4.71 9.58 -8.54
CA GLY A 171 3.67 10.39 -9.12
C GLY A 171 2.90 9.63 -10.19
N ALA A 172 2.60 8.37 -9.93
CA ALA A 172 1.83 7.56 -10.87
C ALA A 172 0.61 6.97 -10.17
N PRO A 173 -0.50 6.71 -10.91
CA PRO A 173 -1.72 6.15 -10.32
C PRO A 173 -1.63 4.63 -10.09
N MET A 174 -2.53 4.12 -9.26
CA MET A 174 -2.59 2.73 -8.89
C MET A 174 -4.03 2.40 -8.47
N ASN A 175 -4.50 1.23 -8.81
CA ASN A 175 -5.89 0.87 -8.51
C ASN A 175 -5.95 0.02 -7.26
N ALA A 176 -6.19 0.69 -6.15
CA ALA A 176 -6.14 0.11 -4.81
C ALA A 176 -7.11 -1.04 -4.61
N ALA A 177 -8.40 -0.80 -4.86
CA ALA A 177 -9.43 -1.83 -4.66
C ALA A 177 -9.14 -3.10 -5.48
N LYS A 178 -8.82 -2.94 -6.76
CA LYS A 178 -8.54 -4.06 -7.65
C LYS A 178 -7.31 -4.81 -7.15
N TRP A 179 -6.32 -4.06 -6.77
CA TRP A 179 -5.09 -4.60 -6.21
C TRP A 179 -5.38 -5.40 -4.94
N ALA A 180 -6.17 -4.82 -4.03
CA ALA A 180 -6.55 -5.49 -2.80
C ALA A 180 -7.27 -6.80 -3.08
N LYS A 181 -8.07 -6.82 -4.14
CA LYS A 181 -8.76 -8.03 -4.56
C LYS A 181 -7.77 -9.10 -4.97
N VAL A 182 -6.85 -8.77 -5.88
CA VAL A 182 -5.89 -9.76 -6.36
C VAL A 182 -4.91 -10.19 -5.25
N GLU A 183 -4.51 -9.25 -4.43
CA GLU A 183 -3.66 -9.57 -3.26
C GLU A 183 -4.43 -10.46 -2.29
N GLY A 184 -5.74 -10.21 -2.18
CA GLY A 184 -6.61 -11.04 -1.38
C GLY A 184 -6.66 -12.45 -1.90
N MET A 185 -6.68 -12.58 -3.22
CA MET A 185 -6.63 -13.88 -3.91
C MET A 185 -5.32 -14.58 -3.57
N ILE A 186 -4.24 -13.81 -3.60
CA ILE A 186 -2.92 -14.27 -3.23
C ILE A 186 -2.91 -14.72 -1.78
N HIS A 187 -3.50 -13.92 -0.93
CA HIS A 187 -3.64 -14.22 0.48
C HIS A 187 -4.40 -15.53 0.69
N GLY A 188 -5.43 -15.70 -0.12
CA GLY A 188 -6.23 -16.90 -0.09
C GLY A 188 -5.38 -18.11 -0.39
N LYS A 189 -4.55 -17.99 -1.39
CA LYS A 189 -3.61 -19.03 -1.79
C LYS A 189 -2.49 -19.19 -0.77
N LEU A 190 -2.08 -18.10 -0.23
CA LEU A 190 -1.05 -18.02 0.77
C LEU A 190 -1.43 -18.87 1.97
N GLU A 191 -2.71 -18.88 2.30
CA GLU A 191 -3.16 -19.68 3.42
C GLU A 191 -3.79 -21.00 2.98
N SER A 192 -3.65 -21.33 1.71
CA SER A 192 -4.15 -22.57 1.20
C SER A 192 -3.08 -23.23 0.35
N SER A 193 -1.95 -23.49 0.96
CA SER A 193 -0.87 -24.14 0.28
C SER A 193 -0.35 -25.33 1.06
N GLU A 194 -0.59 -25.30 2.39
CA GLU A 194 -0.17 -26.33 3.36
C GLU A 194 1.29 -26.27 3.64
N VAL A 195 1.95 -26.57 2.68
CA VAL A 195 3.37 -26.68 2.64
C VAL A 195 3.93 -25.57 1.73
N PRO A 196 5.09 -24.98 2.08
CA PRO A 196 5.74 -23.98 1.25
C PRO A 196 6.17 -24.53 -0.13
N ALA A 197 5.22 -24.54 -1.04
CA ALA A 197 5.45 -24.98 -2.39
C ALA A 197 6.00 -23.83 -3.22
N ASN A 198 6.20 -24.07 -4.52
CA ASN A 198 6.71 -23.06 -5.47
C ASN A 198 5.91 -21.79 -5.37
N LEU A 199 4.58 -21.92 -5.42
CA LEU A 199 3.69 -20.78 -5.33
C LEU A 199 3.91 -19.99 -4.05
N LYS A 200 4.13 -20.69 -2.94
CA LYS A 200 4.34 -20.03 -1.66
C LYS A 200 5.66 -19.27 -1.65
N ALA A 201 6.68 -19.84 -2.26
CA ALA A 201 7.98 -19.19 -2.33
C ALA A 201 7.90 -17.94 -3.21
N LEU A 202 7.16 -18.05 -4.29
CA LEU A 202 6.97 -16.92 -5.20
C LEU A 202 6.17 -15.85 -4.52
N VAL A 203 5.15 -16.28 -3.82
CA VAL A 203 4.31 -15.40 -3.04
C VAL A 203 5.15 -14.67 -2.02
N ALA A 204 5.96 -15.41 -1.27
CA ALA A 204 6.83 -14.85 -0.26
C ALA A 204 7.78 -13.82 -0.87
N GLU A 205 8.40 -14.15 -1.99
CA GLU A 205 9.35 -13.20 -2.57
C GLU A 205 8.62 -11.96 -3.10
N LEU A 206 7.40 -12.17 -3.58
CA LEU A 206 6.56 -11.10 -4.05
C LEU A 206 6.15 -10.21 -2.87
N ILE A 207 5.81 -10.86 -1.75
CA ILE A 207 5.40 -10.22 -0.51
C ILE A 207 6.47 -9.28 -0.06
N GLU A 208 7.62 -9.86 0.22
CA GLU A 208 8.77 -9.12 0.66
C GLU A 208 9.12 -8.00 -0.32
N LEU A 209 9.12 -8.30 -1.62
CA LEU A 209 9.46 -7.28 -2.62
C LEU A 209 8.48 -6.10 -2.54
N ARG A 210 7.20 -6.37 -2.74
CA ARG A 210 6.17 -5.33 -2.81
C ARG A 210 6.07 -4.58 -1.46
N ALA A 211 6.25 -5.31 -0.38
CA ALA A 211 6.13 -4.75 0.95
C ALA A 211 7.29 -3.84 1.25
N GLN A 212 8.51 -4.36 1.08
CA GLN A 212 9.71 -3.58 1.35
C GLN A 212 9.78 -2.37 0.46
N MET A 213 9.38 -2.54 -0.77
CA MET A 213 9.47 -1.47 -1.71
C MET A 213 8.53 -0.37 -1.36
N MET A 214 7.30 -0.72 -1.02
CA MET A 214 6.35 0.29 -0.55
C MET A 214 6.76 0.82 0.83
N ALA A 215 7.47 0.01 1.58
CA ALA A 215 7.93 0.39 2.90
C ALA A 215 8.98 1.46 2.81
N LEU A 216 9.76 1.38 1.78
CA LEU A 216 10.76 2.37 1.50
C LEU A 216 10.15 3.53 0.72
N LEU A 217 9.25 3.18 -0.21
CA LEU A 217 8.53 4.14 -1.07
C LEU A 217 7.74 5.14 -0.20
N TYR A 218 7.32 4.67 0.94
CA TYR A 218 6.58 5.46 1.89
C TYR A 218 7.25 5.39 3.25
N GLY A 219 8.54 5.22 3.23
CA GLY A 219 9.26 5.05 4.46
C GLY A 219 10.31 6.10 4.72
N PRO A 220 11.38 5.71 5.45
CA PRO A 220 12.48 6.61 5.82
C PRO A 220 13.31 7.05 4.61
N ILE A 221 14.04 8.12 4.77
CA ILE A 221 14.81 8.72 3.69
C ILE A 221 16.18 8.03 3.56
N GLY A 222 16.65 7.49 4.65
CA GLY A 222 18.00 6.93 4.69
C GLY A 222 18.90 7.88 5.43
N HIS A 223 18.35 9.04 5.66
CA HIS A 223 18.98 10.13 6.35
C HIS A 223 18.10 10.45 7.54
N HIS A 224 16.85 10.69 7.24
CA HIS A 224 15.82 10.92 8.21
C HIS A 224 15.06 9.61 8.34
N VAL A 1 21.87 -10.53 12.49
CA VAL A 1 21.91 -10.76 11.05
C VAL A 1 20.49 -10.88 10.56
N LYS A 2 20.14 -10.12 9.55
CA LYS A 2 18.82 -10.17 9.06
C LYS A 2 18.70 -11.17 7.95
N THR A 3 17.62 -11.80 7.97
CA THR A 3 17.27 -12.84 7.06
C THR A 3 15.74 -12.86 7.03
N LEU A 4 15.12 -13.78 6.27
CA LEU A 4 13.66 -13.86 6.04
C LEU A 4 12.84 -13.62 7.29
N ASP A 5 13.13 -14.38 8.33
CA ASP A 5 12.41 -14.30 9.61
C ASP A 5 12.51 -12.92 10.21
N VAL A 6 13.70 -12.41 10.20
CA VAL A 6 14.00 -11.13 10.78
C VAL A 6 13.34 -10.04 9.99
N LEU A 7 13.32 -10.21 8.68
CA LEU A 7 12.64 -9.29 7.76
C LEU A 7 11.15 -9.23 8.13
N ARG A 8 10.55 -10.40 8.33
CA ARG A 8 9.15 -10.47 8.77
C ARG A 8 9.00 -9.88 10.14
N GLY A 9 10.01 -10.08 10.97
CA GLY A 9 10.02 -9.51 12.30
C GLY A 9 10.09 -8.00 12.26
N GLU A 10 10.83 -7.49 11.31
CA GLU A 10 10.94 -6.07 11.12
C GLU A 10 9.67 -5.51 10.55
N LEU A 11 9.04 -6.27 9.65
CA LEU A 11 7.75 -5.91 9.08
C LEU A 11 6.74 -5.86 10.21
N ARG A 12 6.82 -6.86 11.08
CA ARG A 12 6.03 -6.91 12.32
C ARG A 12 6.23 -5.63 13.09
N GLY A 13 7.49 -5.31 13.36
CA GLY A 13 7.85 -4.10 14.10
C GLY A 13 7.32 -2.85 13.46
N GLN A 14 7.44 -2.77 12.14
CA GLN A 14 6.96 -1.63 11.37
C GLN A 14 5.48 -1.43 11.60
N ARG A 15 4.70 -2.45 11.27
CA ARG A 15 3.26 -2.35 11.40
C ARG A 15 2.84 -2.23 12.85
N GLU A 16 3.55 -2.90 13.75
CA GLU A 16 3.18 -2.93 15.17
C GLU A 16 3.27 -1.54 15.76
N ALA A 17 4.43 -0.91 15.59
CA ALA A 17 4.67 0.42 16.11
C ALA A 17 3.81 1.45 15.41
N PHE A 18 3.65 1.26 14.11
CA PHE A 18 2.85 2.14 13.30
C PHE A 18 1.41 2.12 13.81
N LEU A 19 0.86 0.92 13.92
CA LEU A 19 -0.47 0.69 14.45
C LEU A 19 -0.59 1.24 15.86
N SER A 20 0.48 1.09 16.64
CA SER A 20 0.57 1.67 17.97
C SER A 20 0.32 3.18 17.93
N GLU A 21 0.93 3.87 16.95
CA GLU A 21 0.75 5.30 16.78
C GLU A 21 -0.68 5.59 16.43
N ILE A 22 -1.21 4.74 15.58
CA ILE A 22 -2.55 4.90 15.09
C ILE A 22 -3.57 4.74 16.22
N ILE A 23 -3.43 3.66 16.98
CA ILE A 23 -4.35 3.40 18.06
C ILE A 23 -4.13 4.40 19.22
N LYS A 24 -2.96 5.00 19.26
CA LYS A 24 -2.65 6.01 20.25
C LYS A 24 -3.28 7.36 19.88
N SER A 25 -3.30 7.69 18.61
CA SER A 25 -3.67 9.03 18.19
C SER A 25 -5.09 9.19 17.62
N ASP A 26 -5.62 10.40 17.84
CA ASP A 26 -6.87 10.89 17.22
C ASP A 26 -6.51 12.19 16.47
N GLY A 27 -5.24 12.53 16.56
CA GLY A 27 -4.72 13.72 15.97
C GLY A 27 -4.45 13.55 14.48
N PRO A 28 -3.82 14.54 13.85
CA PRO A 28 -3.56 14.49 12.42
C PRO A 28 -2.59 13.38 12.02
N PHE A 29 -3.04 12.56 11.11
CA PHE A 29 -2.22 11.55 10.52
C PHE A 29 -1.75 12.08 9.21
N THR A 30 -0.50 11.93 8.93
CA THR A 30 0.09 12.47 7.76
C THR A 30 -0.10 11.53 6.55
N ILE A 31 0.23 12.01 5.35
CA ILE A 31 0.06 11.21 4.14
C ILE A 31 0.92 9.94 4.17
N LEU A 32 2.17 10.04 4.59
CA LEU A 32 3.03 8.88 4.69
C LEU A 32 2.57 7.95 5.81
N GLN A 33 1.85 8.50 6.77
CA GLN A 33 1.29 7.73 7.86
C GLN A 33 0.08 6.93 7.32
N LEU A 34 -0.67 7.55 6.40
CA LEU A 34 -1.84 6.93 5.77
C LEU A 34 -1.39 5.77 4.88
N VAL A 35 -0.47 6.05 3.96
CA VAL A 35 0.02 5.02 3.07
C VAL A 35 0.86 3.99 3.83
N GLY A 36 1.49 4.45 4.87
CA GLY A 36 2.19 3.58 5.77
C GLY A 36 1.22 2.65 6.48
N TYR A 37 0.00 3.14 6.73
CA TYR A 37 -1.05 2.34 7.33
C TYR A 37 -1.53 1.32 6.33
N LEU A 38 -1.52 1.70 5.08
CA LEU A 38 -1.82 0.77 4.01
C LEU A 38 -0.81 -0.39 4.08
N ARG A 39 0.44 -0.03 4.31
CA ARG A 39 1.49 -1.02 4.56
C ARG A 39 1.20 -1.83 5.85
N VAL A 40 0.66 -1.15 6.88
CA VAL A 40 0.26 -1.81 8.11
C VAL A 40 -0.74 -2.91 7.81
N VAL A 41 -1.77 -2.57 7.05
CA VAL A 41 -2.82 -3.52 6.76
C VAL A 41 -2.38 -4.62 5.80
N ASP A 42 -1.43 -4.33 4.89
CA ASP A 42 -0.95 -5.38 3.98
C ASP A 42 -0.13 -6.40 4.76
N THR A 43 0.71 -5.90 5.65
CA THR A 43 1.54 -6.77 6.47
C THR A 43 0.71 -7.42 7.58
N ASP A 44 -0.37 -6.76 7.95
CA ASP A 44 -1.30 -7.27 8.94
C ASP A 44 -1.96 -8.51 8.40
N LEU A 45 -2.42 -8.42 7.15
CA LEU A 45 -2.98 -9.53 6.42
C LEU A 45 -1.91 -10.61 6.21
N LEU A 46 -0.72 -10.16 5.80
CA LEU A 46 0.44 -11.02 5.51
C LEU A 46 0.70 -12.00 6.67
N LEU A 47 0.77 -11.48 7.89
CA LEU A 47 1.03 -12.34 9.05
C LEU A 47 -0.27 -12.76 9.76
N LYS A 48 -1.41 -12.34 9.22
CA LYS A 48 -2.74 -12.57 9.82
C LYS A 48 -2.80 -12.12 11.28
N VAL A 49 -2.58 -10.84 11.48
CA VAL A 49 -2.55 -10.25 12.80
C VAL A 49 -4.01 -9.98 13.28
N ASP A 50 -4.16 -9.65 14.55
CA ASP A 50 -5.45 -9.44 15.20
C ASP A 50 -6.36 -8.42 14.51
N SER A 51 -7.52 -8.93 14.17
CA SER A 51 -8.54 -8.23 13.48
C SER A 51 -9.06 -7.04 14.27
N THR A 52 -9.03 -7.11 15.58
CA THR A 52 -9.54 -6.02 16.38
C THR A 52 -8.51 -4.90 16.45
N LYS A 53 -7.25 -5.24 16.50
CA LYS A 53 -6.19 -4.25 16.50
C LYS A 53 -6.22 -3.47 15.20
N VAL A 54 -6.32 -4.20 14.09
CA VAL A 54 -6.37 -3.56 12.78
C VAL A 54 -7.69 -2.76 12.63
N ASP A 55 -8.76 -3.28 13.19
CA ASP A 55 -10.08 -2.65 13.17
C ASP A 55 -10.07 -1.32 13.89
N GLU A 56 -9.64 -1.36 15.13
CA GLU A 56 -9.59 -0.18 15.98
C GLU A 56 -8.65 0.88 15.45
N ALA A 57 -7.49 0.46 14.98
CA ALA A 57 -6.56 1.41 14.42
C ALA A 57 -7.15 2.03 13.15
N GLY A 58 -7.75 1.20 12.30
CA GLY A 58 -8.38 1.69 11.11
C GLY A 58 -9.52 2.61 11.43
N LYS A 59 -10.22 2.29 12.49
CA LYS A 59 -11.30 3.09 13.00
C LYS A 59 -10.81 4.48 13.36
N LYS A 60 -9.65 4.57 14.01
CA LYS A 60 -9.09 5.89 14.33
C LYS A 60 -8.59 6.63 13.08
N VAL A 61 -8.14 5.87 12.09
CA VAL A 61 -7.77 6.46 10.79
C VAL A 61 -9.00 7.07 10.14
N LYS A 62 -10.07 6.28 10.13
CA LYS A 62 -11.35 6.68 9.58
C LYS A 62 -11.87 7.87 10.37
N ALA A 63 -11.66 7.82 11.67
CA ALA A 63 -12.03 8.87 12.59
C ALA A 63 -11.39 10.19 12.21
N TYR A 64 -10.10 10.16 11.91
CA TYR A 64 -9.38 11.34 11.47
C TYR A 64 -9.98 11.87 10.17
N LEU A 65 -10.11 10.98 9.23
CA LEU A 65 -10.66 11.30 7.95
C LEU A 65 -12.05 11.92 8.08
N GLU A 66 -12.92 11.30 8.85
CA GLU A 66 -14.27 11.80 9.09
C GLU A 66 -14.21 13.15 9.84
N LYS A 67 -13.20 13.30 10.67
CA LYS A 67 -12.96 14.50 11.46
C LYS A 67 -12.64 15.69 10.52
N ILE A 68 -11.91 15.43 9.42
CA ILE A 68 -11.70 16.49 8.41
C ILE A 68 -12.93 16.56 7.51
N GLY A 69 -13.63 15.44 7.44
CA GLY A 69 -14.92 15.38 6.79
C GLY A 69 -14.96 14.45 5.63
N ILE A 70 -14.23 13.37 5.74
CA ILE A 70 -14.20 12.35 4.74
C ILE A 70 -14.81 11.06 5.27
N ARG A 71 -15.91 10.70 4.70
CA ARG A 71 -16.60 9.49 5.09
C ARG A 71 -16.29 8.32 4.19
N GLY A 72 -16.29 7.17 4.78
CA GLY A 72 -16.08 5.92 4.10
C GLY A 72 -16.49 4.79 5.01
N ASP A 73 -17.21 3.82 4.48
CA ASP A 73 -17.74 2.72 5.30
C ASP A 73 -16.62 1.86 5.84
N SER A 74 -15.76 1.41 4.98
CA SER A 74 -14.69 0.56 5.38
C SER A 74 -13.41 1.32 5.18
N VAL A 75 -12.39 0.97 5.93
CA VAL A 75 -11.10 1.64 5.82
C VAL A 75 -10.46 1.43 4.46
N GLU A 76 -10.72 0.27 3.86
CA GLU A 76 -10.23 -0.02 2.52
C GLU A 76 -10.88 0.91 1.51
N ALA A 77 -12.16 1.20 1.72
CA ALA A 77 -12.93 2.04 0.84
C ALA A 77 -12.53 3.47 1.05
N ALA A 78 -12.32 3.82 2.31
CA ALA A 78 -11.87 5.14 2.69
C ALA A 78 -10.53 5.50 2.05
N LEU A 79 -9.55 4.60 2.17
CA LEU A 79 -8.25 4.86 1.58
C LEU A 79 -8.29 4.81 0.05
N ASP A 80 -9.12 3.93 -0.49
CA ASP A 80 -9.33 3.83 -1.95
C ASP A 80 -9.92 5.14 -2.45
N ASN A 81 -10.88 5.63 -1.69
CA ASN A 81 -11.56 6.91 -1.94
C ASN A 81 -10.55 8.04 -1.97
N LEU A 82 -9.68 8.03 -0.97
CA LEU A 82 -8.59 9.03 -0.89
C LEU A 82 -7.74 8.96 -2.12
N MET A 83 -7.38 7.74 -2.49
CA MET A 83 -6.57 7.48 -3.70
C MET A 83 -7.26 8.07 -4.90
N ILE A 84 -8.53 7.70 -5.10
CA ILE A 84 -9.33 8.19 -6.22
C ILE A 84 -9.31 9.70 -6.26
N LYS A 85 -9.55 10.32 -5.11
CA LYS A 85 -9.58 11.77 -5.02
C LYS A 85 -8.26 12.45 -5.35
N VAL A 86 -7.16 11.82 -4.99
CA VAL A 86 -5.87 12.37 -5.36
C VAL A 86 -5.67 12.23 -6.86
N TYR A 87 -5.86 11.03 -7.38
CA TYR A 87 -5.63 10.77 -8.79
C TYR A 87 -6.65 11.44 -9.66
N GLU A 88 -7.75 11.78 -9.10
CA GLU A 88 -8.72 12.62 -9.77
C GLU A 88 -8.03 13.94 -10.15
N ILE A 89 -7.32 14.51 -9.18
CA ILE A 89 -6.67 15.79 -9.35
C ILE A 89 -5.40 15.64 -10.20
N THR A 90 -4.66 14.60 -9.92
CA THR A 90 -3.42 14.32 -10.59
C THR A 90 -3.62 13.75 -12.02
N LYS A 91 -4.36 12.68 -12.13
CA LYS A 91 -4.48 11.91 -13.36
C LYS A 91 -5.76 12.28 -14.14
N GLY A 92 -6.73 12.90 -13.50
CA GLY A 92 -7.93 13.23 -14.20
C GLY A 92 -8.97 12.14 -14.12
N THR A 93 -8.84 11.27 -13.13
CA THR A 93 -9.81 10.22 -12.91
C THR A 93 -10.99 10.79 -12.15
N VAL A 94 -11.76 11.54 -12.85
CA VAL A 94 -12.88 12.29 -12.31
C VAL A 94 -14.15 11.46 -12.26
N GLU A 95 -14.90 11.63 -11.17
CA GLU A 95 -16.19 11.02 -10.94
C GLU A 95 -16.07 9.54 -10.54
N SER A 96 -15.88 9.32 -9.25
CA SER A 96 -15.77 8.02 -8.63
C SER A 96 -15.55 8.26 -7.13
N SER A 97 -16.42 7.69 -6.30
CA SER A 97 -16.36 7.80 -4.84
C SER A 97 -17.61 7.12 -4.28
N ALA A 98 -17.54 6.68 -3.05
CA ALA A 98 -18.71 6.14 -2.39
C ALA A 98 -19.37 7.24 -1.56
N GLN A 99 -18.60 8.25 -1.22
CA GLN A 99 -19.06 9.39 -0.42
C GLN A 99 -18.36 10.65 -0.86
N GLY A 100 -19.04 11.45 -1.67
CA GLY A 100 -18.51 12.70 -2.16
C GLY A 100 -18.54 13.77 -1.09
N THR A 101 -17.71 13.59 -0.11
CA THR A 101 -17.66 14.43 1.05
C THR A 101 -16.53 15.46 0.96
N ASP A 102 -15.99 15.63 -0.22
CA ASP A 102 -14.89 16.52 -0.43
C ASP A 102 -15.37 17.89 -0.87
N SER A 103 -14.76 18.89 -0.31
CA SER A 103 -14.96 20.26 -0.68
C SER A 103 -13.56 20.82 -0.91
N GLU A 104 -13.43 22.12 -1.04
CA GLU A 104 -12.15 22.72 -1.30
C GLU A 104 -11.19 22.53 -0.13
N GLU A 105 -11.74 22.54 1.06
CA GLU A 105 -10.94 22.32 2.27
C GLU A 105 -10.33 20.91 2.22
N LEU A 106 -11.12 19.98 1.71
CA LEU A 106 -10.71 18.59 1.68
C LEU A 106 -9.70 18.37 0.59
N LYS A 107 -9.96 18.96 -0.56
CA LYS A 107 -9.04 18.91 -1.67
C LYS A 107 -7.70 19.47 -1.26
N THR A 108 -7.72 20.65 -0.66
CA THR A 108 -6.51 21.31 -0.25
C THR A 108 -5.72 20.49 0.79
N LEU A 109 -6.43 19.80 1.70
CA LEU A 109 -5.74 18.99 2.67
C LEU A 109 -5.08 17.79 1.96
N LEU A 110 -5.80 17.23 0.99
CA LEU A 110 -5.28 16.09 0.23
C LEU A 110 -4.14 16.55 -0.67
N LEU A 111 -4.20 17.79 -1.06
CA LEU A 111 -3.16 18.40 -1.84
C LEU A 111 -1.89 18.61 -1.05
N LYS A 112 -2.02 18.94 0.22
CA LYS A 112 -0.83 19.07 1.08
C LYS A 112 -0.26 17.72 1.30
N PHE A 113 -1.12 16.74 1.41
CA PHE A 113 -0.69 15.36 1.49
C PHE A 113 0.10 15.01 0.25
N SER A 114 -0.46 15.33 -0.87
CA SER A 114 0.15 15.10 -2.13
C SER A 114 1.51 15.86 -2.25
N GLU A 115 1.54 17.13 -1.84
CA GLU A 115 2.78 17.93 -1.85
C GLU A 115 3.78 17.37 -0.90
N ASP A 116 3.31 17.00 0.28
CA ASP A 116 4.16 16.52 1.33
C ASP A 116 4.86 15.22 0.89
N LEU A 117 4.03 14.33 0.34
CA LEU A 117 4.47 13.09 -0.24
C LEU A 117 5.44 13.38 -1.36
N LYS A 118 5.03 14.27 -2.27
CA LYS A 118 5.86 14.69 -3.42
C LYS A 118 7.25 15.09 -2.95
N ALA A 119 7.29 15.89 -1.89
CA ALA A 119 8.54 16.37 -1.34
C ALA A 119 9.42 15.23 -0.89
N GLU A 120 8.92 14.37 -0.02
CA GLU A 120 9.74 13.27 0.40
C GLU A 120 10.00 12.26 -0.70
N GLN A 121 9.16 12.22 -1.70
CA GLN A 121 9.33 11.27 -2.78
C GLN A 121 10.35 11.74 -3.79
N GLU A 122 10.42 13.05 -4.02
CA GLU A 122 11.45 13.57 -4.92
C GLU A 122 12.79 13.55 -4.21
N LEU A 123 12.76 13.76 -2.89
CA LEU A 123 13.95 13.62 -2.08
C LEU A 123 14.41 12.18 -2.09
N HIS A 124 13.45 11.25 -2.04
CA HIS A 124 13.73 9.82 -2.16
C HIS A 124 14.37 9.56 -3.52
N SER A 125 13.78 10.16 -4.55
CA SER A 125 14.27 10.02 -5.91
C SER A 125 15.74 10.46 -6.01
N GLU A 126 16.10 11.55 -5.35
CA GLU A 126 17.47 12.00 -5.39
C GLU A 126 18.36 11.14 -4.48
N ALA A 127 18.07 11.19 -3.19
CA ALA A 127 18.91 10.61 -2.14
C ALA A 127 19.10 9.11 -2.27
N LYS A 128 18.08 8.42 -2.71
CA LYS A 128 18.16 6.97 -2.80
C LYS A 128 18.52 6.52 -4.20
N GLY A 129 18.50 7.42 -5.16
CA GLY A 129 18.66 7.01 -6.54
C GLY A 129 17.39 6.33 -7.02
N GLY A 130 16.34 7.11 -7.12
CA GLY A 130 15.01 6.62 -7.47
C GLY A 130 14.97 5.90 -8.78
N GLU A 131 15.80 6.30 -9.71
CA GLU A 131 15.89 5.66 -11.01
C GLU A 131 16.31 4.20 -10.87
N ALA A 132 17.25 3.96 -9.98
CA ALA A 132 17.79 2.64 -9.75
C ALA A 132 16.77 1.81 -9.04
N LEU A 133 16.19 2.39 -8.00
CA LEU A 133 15.14 1.74 -7.24
C LEU A 133 13.95 1.45 -8.10
N LEU A 134 13.41 2.44 -8.78
CA LEU A 134 12.20 2.27 -9.58
C LEU A 134 12.40 1.23 -10.68
N SER A 135 13.56 1.25 -11.32
CA SER A 135 13.84 0.29 -12.35
C SER A 135 13.93 -1.12 -11.74
N SER A 136 14.55 -1.27 -10.58
CA SER A 136 14.64 -2.58 -9.99
C SER A 136 13.27 -3.03 -9.44
N MET A 137 12.52 -2.08 -8.86
CA MET A 137 11.15 -2.31 -8.36
C MET A 137 10.31 -2.94 -9.44
N LYS A 138 10.19 -2.22 -10.53
CA LYS A 138 9.38 -2.63 -11.64
C LYS A 138 9.89 -3.89 -12.31
N THR A 139 11.19 -4.01 -12.49
CA THR A 139 11.75 -5.16 -13.16
C THR A 139 11.60 -6.43 -12.34
N GLN A 140 11.90 -6.36 -11.06
CA GLN A 140 11.81 -7.51 -10.19
C GLN A 140 10.37 -7.95 -10.03
N HIS A 141 9.47 -7.00 -9.87
CA HIS A 141 8.05 -7.32 -9.71
C HIS A 141 7.51 -7.88 -11.02
N ASP A 142 8.02 -7.37 -12.13
CA ASP A 142 7.62 -7.83 -13.46
C ASP A 142 8.09 -9.25 -13.66
N GLU A 143 9.31 -9.51 -13.24
CA GLU A 143 9.91 -10.83 -13.27
C GLU A 143 9.12 -11.78 -12.41
N LEU A 144 8.73 -11.33 -11.25
CA LEU A 144 7.91 -12.11 -10.38
C LEU A 144 6.62 -12.49 -11.06
N LEU A 145 5.92 -11.51 -11.62
CA LEU A 145 4.66 -11.77 -12.33
C LEU A 145 4.87 -12.70 -13.52
N LYS A 146 6.05 -12.62 -14.12
CA LYS A 146 6.46 -13.52 -15.18
C LYS A 146 6.46 -14.96 -14.64
N LYS A 147 7.08 -15.14 -13.48
CA LYS A 147 7.09 -16.43 -12.78
C LYS A 147 5.68 -16.93 -12.50
N PHE A 148 4.81 -16.03 -12.08
CA PHE A 148 3.42 -16.38 -11.79
C PHE A 148 2.66 -16.74 -13.06
N ALA A 149 3.01 -16.12 -14.17
CA ALA A 149 2.34 -16.37 -15.45
C ALA A 149 2.84 -17.68 -16.02
N ALA A 150 4.07 -17.99 -15.69
CA ALA A 150 4.73 -19.21 -16.11
C ALA A 150 4.26 -20.38 -15.26
N LEU A 151 3.93 -20.07 -14.03
CA LEU A 151 3.45 -21.02 -13.05
C LEU A 151 2.18 -21.70 -13.54
N THR A 152 2.14 -22.97 -13.34
CA THR A 152 1.00 -23.74 -13.73
C THR A 152 0.45 -24.52 -12.54
N PRO A 153 -0.84 -24.39 -12.24
CA PRO A 153 -1.72 -23.47 -12.93
C PRO A 153 -1.60 -22.06 -12.33
N THR A 154 -1.71 -21.05 -13.14
CA THR A 154 -1.64 -19.72 -12.61
C THR A 154 -3.02 -19.29 -12.12
N PHE A 155 -3.04 -18.56 -11.05
CA PHE A 155 -4.27 -18.10 -10.49
C PHE A 155 -4.40 -16.59 -10.65
N LEU A 156 -3.37 -15.96 -11.17
CA LEU A 156 -3.39 -14.55 -11.28
C LEU A 156 -3.88 -14.10 -12.62
N THR A 157 -4.34 -12.93 -12.60
CA THR A 157 -4.87 -12.28 -13.73
C THR A 157 -3.78 -11.44 -14.41
N SER A 158 -3.87 -11.37 -15.71
CA SER A 158 -2.86 -10.74 -16.52
C SER A 158 -2.77 -9.21 -16.35
N GLU A 159 -1.71 -8.66 -16.94
CA GLU A 159 -1.41 -7.23 -16.95
C GLU A 159 -2.54 -6.41 -17.55
N ASP A 160 -3.41 -7.07 -18.29
CA ASP A 160 -4.57 -6.45 -18.88
C ASP A 160 -5.41 -5.77 -17.82
N ILE A 161 -5.50 -6.39 -16.65
CA ILE A 161 -6.23 -5.77 -15.56
C ILE A 161 -5.25 -5.22 -14.53
N SER A 162 -4.16 -5.95 -14.32
CA SER A 162 -3.07 -5.52 -13.45
C SER A 162 -2.19 -4.43 -14.14
N GLY A 163 -2.85 -3.60 -14.96
CA GLY A 163 -2.21 -2.54 -15.70
C GLY A 163 -2.05 -1.31 -14.85
N TYR A 164 -1.33 -1.47 -13.81
CA TYR A 164 -1.00 -0.46 -12.87
C TYR A 164 0.33 -0.84 -12.31
N LEU A 165 1.09 0.10 -11.89
CA LEU A 165 2.37 -0.20 -11.32
C LEU A 165 2.14 -0.69 -9.92
N THR A 166 2.36 -1.96 -9.73
CA THR A 166 2.14 -2.65 -8.51
C THR A 166 3.01 -2.06 -7.41
N VAL A 167 4.22 -1.84 -7.76
CA VAL A 167 5.13 -1.08 -7.01
C VAL A 167 5.27 0.22 -7.78
N PRO A 168 4.45 1.20 -7.41
CA PRO A 168 4.27 2.38 -8.20
C PRO A 168 5.39 3.38 -8.16
N GLU A 169 5.25 4.34 -9.00
CA GLU A 169 6.16 5.40 -9.13
C GLU A 169 5.66 6.48 -8.19
N TYR A 170 6.57 7.34 -7.81
CA TYR A 170 6.34 8.45 -6.88
C TYR A 170 5.13 9.34 -7.28
N GLY A 171 4.69 9.23 -8.53
CA GLY A 171 3.54 9.96 -8.99
C GLY A 171 2.69 9.10 -9.92
N ALA A 172 2.48 7.84 -9.55
CA ALA A 172 1.69 6.92 -10.39
C ALA A 172 0.39 6.56 -9.70
N PRO A 173 -0.72 6.44 -10.48
CA PRO A 173 -2.01 6.03 -9.94
C PRO A 173 -2.07 4.54 -9.62
N MET A 174 -2.12 4.22 -8.34
CA MET A 174 -2.23 2.85 -7.92
C MET A 174 -3.69 2.52 -7.59
N ASN A 175 -4.16 1.36 -8.04
CA ASN A 175 -5.55 1.00 -7.82
C ASN A 175 -5.65 0.08 -6.62
N ALA A 176 -6.05 0.65 -5.50
CA ALA A 176 -6.12 -0.05 -4.22
C ALA A 176 -7.12 -1.20 -4.24
N ALA A 177 -8.30 -0.94 -4.77
CA ALA A 177 -9.36 -1.94 -4.86
C ALA A 177 -8.93 -3.18 -5.65
N LYS A 178 -8.38 -2.95 -6.82
CA LYS A 178 -7.97 -4.03 -7.72
C LYS A 178 -6.80 -4.78 -7.12
N TRP A 179 -5.91 -4.03 -6.51
CA TRP A 179 -4.78 -4.61 -5.81
C TRP A 179 -5.25 -5.52 -4.69
N ALA A 180 -6.24 -5.05 -3.93
CA ALA A 180 -6.82 -5.82 -2.85
C ALA A 180 -7.44 -7.11 -3.39
N LYS A 181 -8.02 -7.02 -4.59
CA LYS A 181 -8.57 -8.20 -5.26
C LYS A 181 -7.49 -9.24 -5.50
N VAL A 182 -6.44 -8.85 -6.21
CA VAL A 182 -5.40 -9.81 -6.59
C VAL A 182 -4.58 -10.31 -5.41
N GLU A 183 -4.18 -9.41 -4.53
CA GLU A 183 -3.42 -9.76 -3.32
C GLU A 183 -4.29 -10.66 -2.43
N GLY A 184 -5.57 -10.32 -2.35
CA GLY A 184 -6.52 -11.12 -1.61
C GLY A 184 -6.67 -12.51 -2.18
N MET A 185 -6.63 -12.63 -3.51
CA MET A 185 -6.67 -13.95 -4.14
C MET A 185 -5.42 -14.73 -3.85
N ILE A 186 -4.28 -14.02 -3.85
CA ILE A 186 -2.99 -14.61 -3.50
C ILE A 186 -3.03 -15.21 -2.12
N HIS A 187 -3.51 -14.43 -1.18
CA HIS A 187 -3.60 -14.84 0.21
C HIS A 187 -4.65 -15.95 0.36
N GLY A 188 -5.71 -15.83 -0.42
CA GLY A 188 -6.78 -16.82 -0.43
C GLY A 188 -6.32 -18.15 -0.97
N LYS A 189 -5.32 -18.11 -1.81
CA LYS A 189 -4.72 -19.30 -2.34
C LYS A 189 -3.59 -19.77 -1.43
N LEU A 190 -2.95 -18.81 -0.82
CA LEU A 190 -1.86 -19.04 0.12
C LEU A 190 -2.36 -19.84 1.32
N GLU A 191 -3.60 -19.63 1.71
CA GLU A 191 -4.19 -20.32 2.86
C GLU A 191 -4.62 -21.76 2.52
N SER A 192 -4.49 -22.15 1.27
CA SER A 192 -4.88 -23.49 0.85
C SER A 192 -3.97 -24.54 1.48
N SER A 193 -4.55 -25.67 1.88
CA SER A 193 -3.83 -26.76 2.48
C SER A 193 -2.79 -27.32 1.51
N GLU A 194 -3.16 -27.43 0.26
CA GLU A 194 -2.23 -27.85 -0.75
C GLU A 194 -1.73 -26.65 -1.48
N VAL A 195 -0.62 -26.22 -1.07
CA VAL A 195 0.02 -25.11 -1.66
C VAL A 195 1.33 -25.57 -2.33
N PRO A 196 1.39 -25.48 -3.68
CA PRO A 196 2.60 -25.85 -4.44
C PRO A 196 3.83 -25.07 -3.95
N ALA A 197 4.94 -25.79 -3.82
CA ALA A 197 6.18 -25.23 -3.30
C ALA A 197 6.66 -24.03 -4.10
N ASN A 198 6.71 -24.18 -5.42
CA ASN A 198 7.16 -23.11 -6.31
C ASN A 198 6.24 -21.92 -6.17
N LEU A 199 4.93 -22.21 -6.23
CA LEU A 199 3.89 -21.19 -6.12
C LEU A 199 4.08 -20.36 -4.87
N LYS A 200 4.19 -21.03 -3.73
CA LYS A 200 4.34 -20.34 -2.46
C LYS A 200 5.66 -19.59 -2.39
N ALA A 201 6.70 -20.14 -2.99
CA ALA A 201 8.00 -19.50 -3.02
C ALA A 201 7.93 -18.21 -3.82
N LEU A 202 7.23 -18.27 -4.93
CA LEU A 202 7.01 -17.10 -5.78
C LEU A 202 6.20 -16.07 -5.01
N VAL A 203 5.18 -16.54 -4.35
CA VAL A 203 4.33 -15.72 -3.48
C VAL A 203 5.18 -15.06 -2.40
N ALA A 204 6.01 -15.85 -1.75
CA ALA A 204 6.90 -15.36 -0.70
C ALA A 204 7.87 -14.31 -1.24
N GLU A 205 8.36 -14.50 -2.47
CA GLU A 205 9.25 -13.54 -3.08
C GLU A 205 8.50 -12.26 -3.47
N LEU A 206 7.24 -12.43 -3.88
CA LEU A 206 6.36 -11.33 -4.23
C LEU A 206 6.13 -10.51 -2.97
N ILE A 207 5.74 -11.21 -1.91
CA ILE A 207 5.53 -10.65 -0.58
C ILE A 207 6.77 -9.90 -0.13
N GLU A 208 7.89 -10.60 -0.15
CA GLU A 208 9.20 -10.09 0.26
C GLU A 208 9.47 -8.74 -0.42
N LEU A 209 9.43 -8.78 -1.74
CA LEU A 209 9.70 -7.64 -2.56
C LEU A 209 8.69 -6.55 -2.26
N ARG A 210 7.40 -6.85 -2.46
CA ARG A 210 6.33 -5.86 -2.31
C ARG A 210 6.37 -5.15 -0.94
N ALA A 211 6.56 -5.93 0.11
CA ALA A 211 6.50 -5.43 1.46
C ALA A 211 7.65 -4.50 1.72
N GLN A 212 8.86 -4.97 1.48
CA GLN A 212 10.02 -4.14 1.74
C GLN A 212 10.16 -3.01 0.73
N MET A 213 9.62 -3.22 -0.45
CA MET A 213 9.74 -2.25 -1.52
C MET A 213 8.95 -1.04 -1.15
N MET A 214 7.73 -1.26 -0.69
CA MET A 214 6.88 -0.17 -0.27
C MET A 214 7.33 0.36 1.08
N ALA A 215 7.90 -0.51 1.90
CA ALA A 215 8.40 -0.12 3.21
C ALA A 215 9.45 0.96 3.06
N LEU A 216 10.33 0.79 2.10
CA LEU A 216 11.34 1.77 1.87
C LEU A 216 10.79 2.94 1.04
N LEU A 217 9.87 2.63 0.09
CA LEU A 217 9.23 3.61 -0.80
C LEU A 217 8.53 4.69 0.04
N TYR A 218 7.81 4.24 1.04
CA TYR A 218 7.06 5.11 1.92
C TYR A 218 7.81 5.37 3.21
N GLY A 219 9.08 5.07 3.21
CA GLY A 219 9.89 5.31 4.34
C GLY A 219 10.35 6.74 4.34
N PRO A 220 10.36 7.42 5.50
CA PRO A 220 10.78 8.82 5.60
C PRO A 220 12.22 8.99 5.14
N ILE A 221 12.51 10.09 4.49
CA ILE A 221 13.86 10.33 4.03
C ILE A 221 14.78 10.73 5.18
N GLY A 222 14.18 11.20 6.25
CA GLY A 222 14.91 11.55 7.43
C GLY A 222 15.74 12.79 7.23
N HIS A 223 17.03 12.62 7.38
CA HIS A 223 17.96 13.71 7.20
C HIS A 223 19.13 13.25 6.39
N HIS A 224 19.10 13.56 5.12
CA HIS A 224 20.16 13.22 4.21
C HIS A 224 20.66 14.51 3.61
N VAL A 1 22.82 -11.36 11.88
CA VAL A 1 22.70 -11.50 10.42
C VAL A 1 21.29 -11.17 10.00
N LYS A 2 21.06 -11.07 8.72
CA LYS A 2 19.75 -10.88 8.22
C LYS A 2 19.53 -11.71 6.99
N THR A 3 18.36 -12.21 6.91
CA THR A 3 17.94 -13.06 5.85
C THR A 3 16.43 -12.92 5.78
N LEU A 4 15.79 -13.73 4.95
CA LEU A 4 14.35 -13.67 4.71
C LEU A 4 13.54 -13.56 5.98
N ASP A 5 13.69 -14.51 6.89
CA ASP A 5 12.92 -14.53 8.16
C ASP A 5 13.07 -13.25 8.93
N VAL A 6 14.27 -12.75 8.93
CA VAL A 6 14.60 -11.54 9.66
C VAL A 6 13.98 -10.35 8.97
N LEU A 7 14.06 -10.34 7.65
CA LEU A 7 13.43 -9.30 6.86
C LEU A 7 11.94 -9.26 7.15
N ARG A 8 11.33 -10.46 7.17
CA ARG A 8 9.90 -10.61 7.50
C ARG A 8 9.64 -10.06 8.87
N GLY A 9 10.53 -10.39 9.79
CA GLY A 9 10.41 -9.96 11.16
C GLY A 9 10.53 -8.47 11.30
N GLU A 10 11.38 -7.89 10.50
CA GLU A 10 11.59 -6.46 10.54
C GLU A 10 10.45 -5.74 9.87
N LEU A 11 9.94 -6.35 8.85
CA LEU A 11 8.86 -5.86 8.11
C LEU A 11 7.61 -5.81 8.97
N ARG A 12 7.33 -6.91 9.67
CA ARG A 12 6.21 -6.94 10.58
C ARG A 12 6.46 -5.94 11.69
N GLY A 13 7.70 -5.89 12.16
CA GLY A 13 8.09 -4.96 13.19
C GLY A 13 7.76 -3.52 12.83
N GLN A 14 8.07 -3.14 11.59
CA GLN A 14 7.75 -1.83 11.08
C GLN A 14 6.25 -1.64 11.02
N ARG A 15 5.53 -2.69 10.61
CA ARG A 15 4.07 -2.65 10.54
C ARG A 15 3.49 -2.45 11.96
N GLU A 16 3.98 -3.23 12.95
CA GLU A 16 3.57 -3.05 14.36
C GLU A 16 3.81 -1.63 14.81
N ALA A 17 5.01 -1.14 14.53
CA ALA A 17 5.40 0.21 14.91
C ALA A 17 4.52 1.25 14.20
N PHE A 18 4.18 0.97 12.97
CA PHE A 18 3.37 1.85 12.16
C PHE A 18 1.96 1.91 12.72
N LEU A 19 1.42 0.74 12.98
CA LEU A 19 0.12 0.59 13.60
C LEU A 19 0.12 1.25 14.98
N SER A 20 1.22 1.11 15.67
CA SER A 20 1.43 1.75 16.95
C SER A 20 1.47 3.29 16.79
N GLU A 21 1.97 3.80 15.65
CA GLU A 21 1.94 5.22 15.36
C GLU A 21 0.49 5.61 15.30
N ILE A 22 -0.27 4.78 14.61
CA ILE A 22 -1.66 5.02 14.38
C ILE A 22 -2.45 4.96 15.70
N ILE A 23 -2.19 3.94 16.50
CA ILE A 23 -2.90 3.72 17.76
C ILE A 23 -2.53 4.82 18.78
N LYS A 24 -1.33 5.36 18.64
CA LYS A 24 -0.86 6.46 19.48
C LYS A 24 -1.46 7.77 18.99
N SER A 25 -1.71 7.83 17.71
CA SER A 25 -2.32 8.98 17.10
C SER A 25 -3.85 8.93 17.23
N ASP A 26 -4.51 9.85 16.58
CA ASP A 26 -5.97 10.01 16.60
C ASP A 26 -6.30 11.23 15.77
N GLY A 27 -5.37 12.16 15.83
CA GLY A 27 -5.42 13.37 15.07
C GLY A 27 -4.82 13.19 13.69
N PRO A 28 -4.21 14.25 13.12
CA PRO A 28 -3.67 14.27 11.75
C PRO A 28 -2.78 13.08 11.36
N PHE A 29 -3.00 12.58 10.16
CA PHE A 29 -2.21 11.55 9.55
C PHE A 29 -1.78 12.07 8.22
N THR A 30 -0.59 11.78 7.81
CA THR A 30 -0.13 12.29 6.54
C THR A 30 -0.50 11.34 5.42
N ILE A 31 -0.30 11.77 4.18
CA ILE A 31 -0.56 10.92 3.02
C ILE A 31 0.36 9.70 3.05
N LEU A 32 1.61 9.90 3.47
CA LEU A 32 2.55 8.83 3.56
C LEU A 32 2.09 7.88 4.65
N GLN A 33 1.63 8.43 5.77
CA GLN A 33 1.08 7.63 6.85
C GLN A 33 -0.16 6.86 6.42
N LEU A 34 -0.96 7.48 5.57
CA LEU A 34 -2.19 6.86 5.08
C LEU A 34 -1.85 5.69 4.14
N VAL A 35 -0.97 5.93 3.16
CA VAL A 35 -0.59 4.88 2.21
C VAL A 35 0.22 3.79 2.92
N GLY A 36 0.99 4.20 3.90
CA GLY A 36 1.73 3.26 4.69
C GLY A 36 0.78 2.39 5.49
N TYR A 37 -0.30 2.98 5.96
CA TYR A 37 -1.31 2.25 6.69
C TYR A 37 -2.03 1.30 5.75
N LEU A 38 -2.16 1.70 4.51
CA LEU A 38 -2.70 0.83 3.48
C LEU A 38 -1.83 -0.43 3.41
N ARG A 39 -0.51 -0.21 3.37
CA ARG A 39 0.46 -1.30 3.41
C ARG A 39 0.22 -2.17 4.66
N VAL A 40 -0.03 -1.50 5.80
CA VAL A 40 -0.33 -2.17 7.06
C VAL A 40 -1.55 -3.08 6.90
N VAL A 41 -2.70 -2.51 6.51
CA VAL A 41 -3.96 -3.27 6.42
C VAL A 41 -3.87 -4.41 5.42
N ASP A 42 -3.15 -4.18 4.33
CA ASP A 42 -2.93 -5.24 3.35
C ASP A 42 -2.15 -6.37 3.96
N THR A 43 -1.12 -6.04 4.75
CA THR A 43 -0.36 -7.08 5.43
C THR A 43 -1.17 -7.74 6.53
N ASP A 44 -2.04 -6.97 7.18
CA ASP A 44 -2.98 -7.49 8.19
C ASP A 44 -3.90 -8.51 7.58
N LEU A 45 -4.36 -8.22 6.38
CA LEU A 45 -5.15 -9.16 5.60
C LEU A 45 -4.29 -10.40 5.29
N LEU A 46 -3.23 -10.15 4.56
CA LEU A 46 -2.33 -11.15 4.04
C LEU A 46 -1.83 -12.12 5.11
N LEU A 47 -1.32 -11.59 6.20
CA LEU A 47 -0.76 -12.43 7.23
C LEU A 47 -1.80 -12.79 8.29
N LYS A 48 -3.02 -12.28 8.15
CA LYS A 48 -4.09 -12.47 9.14
C LYS A 48 -3.68 -12.03 10.53
N VAL A 49 -3.38 -10.77 10.64
CA VAL A 49 -2.96 -10.18 11.87
C VAL A 49 -4.23 -9.85 12.70
N ASP A 50 -4.05 -9.50 13.96
CA ASP A 50 -5.14 -9.24 14.87
C ASP A 50 -6.17 -8.21 14.39
N SER A 51 -7.37 -8.71 14.29
CA SER A 51 -8.51 -8.00 13.82
C SER A 51 -8.84 -6.77 14.69
N THR A 52 -8.62 -6.85 15.99
CA THR A 52 -8.97 -5.73 16.83
C THR A 52 -7.92 -4.63 16.79
N LYS A 53 -6.68 -5.01 16.59
CA LYS A 53 -5.61 -4.03 16.40
C LYS A 53 -5.84 -3.24 15.13
N VAL A 54 -6.08 -3.95 14.02
CA VAL A 54 -6.33 -3.29 12.74
C VAL A 54 -7.62 -2.45 12.80
N ASP A 55 -8.60 -2.98 13.52
CA ASP A 55 -9.89 -2.30 13.73
C ASP A 55 -9.71 -0.97 14.41
N GLU A 56 -9.04 -0.99 15.55
CA GLU A 56 -8.78 0.21 16.34
C GLU A 56 -7.95 1.24 15.62
N ALA A 57 -6.87 0.81 15.01
CA ALA A 57 -6.01 1.72 14.29
C ALA A 57 -6.76 2.35 13.10
N GLY A 58 -7.51 1.52 12.37
CA GLY A 58 -8.25 2.01 11.23
C GLY A 58 -9.37 2.93 11.66
N LYS A 59 -9.87 2.66 12.84
CA LYS A 59 -10.92 3.43 13.44
C LYS A 59 -10.41 4.82 13.71
N LYS A 60 -9.20 4.92 14.23
CA LYS A 60 -8.56 6.22 14.47
C LYS A 60 -8.32 6.96 13.17
N VAL A 61 -7.95 6.21 12.15
CA VAL A 61 -7.76 6.78 10.82
C VAL A 61 -9.09 7.35 10.30
N LYS A 62 -10.15 6.56 10.38
CA LYS A 62 -11.45 6.99 9.90
C LYS A 62 -12.02 8.07 10.82
N ALA A 63 -11.60 8.07 12.06
CA ALA A 63 -11.98 9.07 13.05
C ALA A 63 -11.50 10.44 12.59
N TYR A 64 -10.21 10.53 12.34
CA TYR A 64 -9.58 11.74 11.82
C TYR A 64 -10.19 12.13 10.47
N LEU A 65 -10.27 11.16 9.61
CA LEU A 65 -10.80 11.32 8.29
C LEU A 65 -12.24 11.88 8.35
N GLU A 66 -13.07 11.32 9.20
CA GLU A 66 -14.45 11.79 9.35
C GLU A 66 -14.48 13.13 10.11
N LYS A 67 -13.45 13.39 10.90
CA LYS A 67 -13.28 14.62 11.67
C LYS A 67 -13.12 15.80 10.69
N ILE A 68 -12.37 15.59 9.61
CA ILE A 68 -12.27 16.64 8.58
C ILE A 68 -13.54 16.60 7.71
N GLY A 69 -14.17 15.47 7.70
CA GLY A 69 -15.46 15.34 7.07
C GLY A 69 -15.45 14.39 5.92
N ILE A 70 -14.66 13.37 6.03
CA ILE A 70 -14.58 12.36 5.01
C ILE A 70 -15.04 11.06 5.60
N ARG A 71 -16.12 10.59 5.08
CA ARG A 71 -16.75 9.42 5.61
C ARG A 71 -16.66 8.26 4.64
N GLY A 72 -16.63 7.07 5.17
CA GLY A 72 -16.54 5.89 4.36
C GLY A 72 -17.12 4.70 5.07
N ASP A 73 -17.56 3.72 4.30
CA ASP A 73 -18.16 2.47 4.82
C ASP A 73 -17.20 1.73 5.74
N SER A 74 -16.08 1.38 5.19
CA SER A 74 -15.05 0.67 5.89
C SER A 74 -13.75 1.38 5.58
N VAL A 75 -12.70 1.12 6.34
CA VAL A 75 -11.41 1.79 6.11
C VAL A 75 -10.85 1.47 4.73
N GLU A 76 -11.23 0.32 4.22
CA GLU A 76 -10.90 -0.14 2.87
C GLU A 76 -11.49 0.85 1.85
N ALA A 77 -12.75 1.16 2.06
CA ALA A 77 -13.50 2.04 1.19
C ALA A 77 -13.07 3.47 1.40
N ALA A 78 -12.63 3.75 2.61
CA ALA A 78 -12.16 5.08 2.98
C ALA A 78 -10.86 5.41 2.27
N LEU A 79 -9.94 4.47 2.26
CA LEU A 79 -8.68 4.66 1.59
C LEU A 79 -8.89 4.71 0.08
N ASP A 80 -9.77 3.84 -0.42
CA ASP A 80 -10.16 3.82 -1.85
C ASP A 80 -10.68 5.19 -2.25
N ASN A 81 -11.59 5.67 -1.42
CA ASN A 81 -12.23 6.99 -1.57
C ASN A 81 -11.20 8.08 -1.66
N LEU A 82 -10.34 8.15 -0.65
CA LEU A 82 -9.45 9.27 -0.56
C LEU A 82 -8.36 9.24 -1.61
N MET A 83 -7.98 8.05 -2.02
CA MET A 83 -6.93 7.92 -3.03
C MET A 83 -7.43 8.24 -4.38
N ILE A 84 -8.65 7.83 -4.68
CA ILE A 84 -9.24 8.21 -5.92
C ILE A 84 -9.32 9.72 -5.96
N LYS A 85 -9.74 10.32 -4.85
CA LYS A 85 -9.81 11.78 -4.74
C LYS A 85 -8.45 12.49 -4.82
N VAL A 86 -7.42 11.98 -4.13
CA VAL A 86 -6.09 12.60 -4.19
C VAL A 86 -5.58 12.59 -5.63
N TYR A 87 -5.52 11.40 -6.20
CA TYR A 87 -4.97 11.23 -7.52
C TYR A 87 -5.88 11.84 -8.57
N GLU A 88 -7.15 12.01 -8.23
CA GLU A 88 -8.11 12.73 -9.06
C GLU A 88 -7.62 14.15 -9.21
N ILE A 89 -7.15 14.74 -8.11
CA ILE A 89 -6.66 16.11 -8.10
C ILE A 89 -5.36 16.18 -8.86
N THR A 90 -4.54 15.21 -8.59
CA THR A 90 -3.23 15.07 -9.12
C THR A 90 -3.24 14.96 -10.68
N LYS A 91 -4.23 14.28 -11.21
CA LYS A 91 -4.35 14.13 -12.65
C LYS A 91 -5.25 15.22 -13.26
N GLY A 92 -6.10 15.79 -12.43
CA GLY A 92 -7.05 16.81 -12.86
C GLY A 92 -8.44 16.27 -12.66
N THR A 93 -8.58 15.06 -13.11
CA THR A 93 -9.70 14.21 -12.91
C THR A 93 -9.14 12.84 -13.24
N VAL A 94 -9.49 11.79 -12.50
CA VAL A 94 -8.91 10.47 -12.77
C VAL A 94 -9.32 9.99 -14.17
N GLU A 95 -10.54 10.27 -14.46
CA GLU A 95 -11.20 10.08 -15.74
C GLU A 95 -12.66 10.32 -15.46
N SER A 96 -13.17 9.55 -14.55
CA SER A 96 -14.48 9.73 -14.03
C SER A 96 -14.26 10.26 -12.60
N SER A 97 -15.22 10.11 -11.74
CA SER A 97 -15.08 10.54 -10.37
C SER A 97 -15.86 9.60 -9.46
N ALA A 98 -15.17 9.02 -8.51
CA ALA A 98 -15.79 8.13 -7.56
C ALA A 98 -16.44 8.92 -6.43
N GLN A 99 -17.38 8.30 -5.73
CA GLN A 99 -18.06 8.91 -4.59
C GLN A 99 -17.07 9.36 -3.56
N GLY A 100 -17.15 10.62 -3.23
CA GLY A 100 -16.29 11.21 -2.28
C GLY A 100 -16.68 12.64 -2.09
N THR A 101 -17.61 12.87 -1.18
CA THR A 101 -18.09 14.19 -0.87
C THR A 101 -16.91 15.05 -0.41
N ASP A 102 -16.83 16.26 -0.90
CA ASP A 102 -15.70 17.07 -0.61
C ASP A 102 -16.02 18.22 0.31
N SER A 103 -15.00 18.89 0.68
CA SER A 103 -15.05 19.97 1.58
C SER A 103 -13.85 20.79 1.26
N GLU A 104 -13.82 22.02 1.71
CA GLU A 104 -12.68 22.88 1.49
C GLU A 104 -11.49 22.32 2.25
N GLU A 105 -11.78 21.75 3.43
CA GLU A 105 -10.75 21.10 4.23
C GLU A 105 -10.21 19.90 3.48
N LEU A 106 -11.08 19.25 2.70
CA LEU A 106 -10.67 18.09 1.94
C LEU A 106 -9.81 18.50 0.80
N LYS A 107 -10.23 19.51 0.07
CA LYS A 107 -9.48 20.00 -1.07
C LYS A 107 -8.09 20.41 -0.65
N THR A 108 -7.99 21.20 0.39
CA THR A 108 -6.71 21.61 0.91
C THR A 108 -5.89 20.39 1.38
N LEU A 109 -6.56 19.40 1.98
CA LEU A 109 -5.88 18.23 2.45
C LEU A 109 -5.36 17.41 1.27
N LEU A 110 -6.19 17.28 0.24
CA LEU A 110 -5.86 16.49 -0.95
C LEU A 110 -4.67 17.10 -1.64
N LEU A 111 -4.61 18.42 -1.59
CA LEU A 111 -3.50 19.15 -2.11
C LEU A 111 -2.24 18.87 -1.35
N LYS A 112 -2.32 18.96 -0.01
CA LYS A 112 -1.16 18.64 0.81
C LYS A 112 -0.77 17.25 0.55
N PHE A 113 -1.70 16.37 0.53
CA PHE A 113 -1.43 14.95 0.39
C PHE A 113 -0.70 14.64 -0.89
N SER A 114 -1.18 15.15 -1.96
CA SER A 114 -0.56 14.91 -3.22
C SER A 114 0.88 15.49 -3.28
N GLU A 115 1.03 16.75 -2.87
CA GLU A 115 2.33 17.41 -2.93
C GLU A 115 3.29 16.83 -1.90
N ASP A 116 2.76 16.53 -0.75
CA ASP A 116 3.51 16.04 0.42
C ASP A 116 4.07 14.66 0.11
N LEU A 117 3.24 13.84 -0.55
CA LEU A 117 3.62 12.48 -0.92
C LEU A 117 4.68 12.53 -1.99
N LYS A 118 4.42 13.33 -3.03
CA LYS A 118 5.35 13.48 -4.15
C LYS A 118 6.71 13.91 -3.62
N ALA A 119 6.69 14.88 -2.71
CA ALA A 119 7.90 15.42 -2.13
C ALA A 119 8.62 14.44 -1.24
N GLU A 120 7.87 13.80 -0.35
CA GLU A 120 8.42 12.82 0.60
C GLU A 120 9.16 11.75 -0.18
N GLN A 121 8.54 11.35 -1.28
CA GLN A 121 9.05 10.24 -2.03
C GLN A 121 10.23 10.65 -2.88
N GLU A 122 10.19 11.82 -3.49
CA GLU A 122 11.30 12.25 -4.35
C GLU A 122 12.53 12.56 -3.51
N LEU A 123 12.31 13.01 -2.29
CA LEU A 123 13.38 13.29 -1.37
C LEU A 123 14.06 12.00 -0.96
N HIS A 124 13.26 11.02 -0.55
CA HIS A 124 13.82 9.72 -0.17
C HIS A 124 14.43 9.02 -1.40
N SER A 125 13.76 9.21 -2.54
CA SER A 125 14.22 8.70 -3.83
C SER A 125 15.64 9.14 -4.07
N GLU A 126 15.87 10.45 -3.98
CA GLU A 126 17.18 11.03 -4.17
C GLU A 126 18.19 10.39 -3.23
N ALA A 127 17.80 10.32 -1.96
CA ALA A 127 18.64 9.78 -0.90
C ALA A 127 19.08 8.35 -1.18
N LYS A 128 18.23 7.56 -1.82
CA LYS A 128 18.56 6.18 -2.10
C LYS A 128 18.91 5.93 -3.58
N GLY A 129 18.91 6.99 -4.38
CA GLY A 129 19.15 6.84 -5.81
C GLY A 129 17.90 6.34 -6.52
N GLY A 130 17.03 7.27 -6.84
CA GLY A 130 15.72 7.00 -7.40
C GLY A 130 15.71 6.15 -8.64
N GLU A 131 16.55 6.47 -9.61
CA GLU A 131 16.59 5.73 -10.87
C GLU A 131 16.92 4.28 -10.62
N ALA A 132 17.92 4.08 -9.81
CA ALA A 132 18.41 2.75 -9.49
C ALA A 132 17.35 1.98 -8.72
N LEU A 133 16.78 2.65 -7.73
CA LEU A 133 15.75 2.08 -6.89
C LEU A 133 14.55 1.68 -7.74
N LEU A 134 14.11 2.59 -8.59
CA LEU A 134 12.94 2.37 -9.45
C LEU A 134 13.19 1.21 -10.40
N SER A 135 14.40 1.14 -10.91
CA SER A 135 14.80 0.08 -11.78
C SER A 135 14.74 -1.24 -11.02
N SER A 136 15.27 -1.28 -9.80
CA SER A 136 15.24 -2.52 -9.04
C SER A 136 13.80 -2.89 -8.62
N MET A 137 12.96 -1.87 -8.44
CA MET A 137 11.55 -2.04 -8.11
C MET A 137 10.86 -2.82 -9.21
N LYS A 138 10.90 -2.26 -10.41
CA LYS A 138 10.24 -2.83 -11.55
C LYS A 138 10.84 -4.17 -11.91
N THR A 139 12.14 -4.26 -11.83
CA THR A 139 12.85 -5.46 -12.24
C THR A 139 12.47 -6.64 -11.37
N GLN A 140 12.54 -6.45 -10.07
CA GLN A 140 12.23 -7.49 -9.16
C GLN A 140 10.75 -7.85 -9.22
N HIS A 141 9.90 -6.87 -9.29
CA HIS A 141 8.47 -7.10 -9.40
C HIS A 141 8.16 -7.84 -10.71
N ASP A 142 8.89 -7.49 -11.77
CA ASP A 142 8.72 -8.15 -13.07
C ASP A 142 9.15 -9.58 -12.95
N GLU A 143 10.25 -9.77 -12.26
CA GLU A 143 10.82 -11.08 -11.96
C GLU A 143 9.78 -11.96 -11.29
N LEU A 144 9.22 -11.44 -10.21
CA LEU A 144 8.20 -12.16 -9.47
C LEU A 144 7.04 -12.55 -10.38
N LEU A 145 6.43 -11.57 -11.02
CA LEU A 145 5.26 -11.82 -11.87
C LEU A 145 5.56 -12.81 -12.99
N LYS A 146 6.76 -12.73 -13.53
CA LYS A 146 7.24 -13.68 -14.52
C LYS A 146 7.19 -15.09 -13.94
N LYS A 147 7.70 -15.22 -12.73
CA LYS A 147 7.70 -16.48 -12.01
C LYS A 147 6.30 -17.00 -11.74
N PHE A 148 5.35 -16.10 -11.51
CA PHE A 148 3.95 -16.48 -11.30
C PHE A 148 3.27 -16.88 -12.60
N ALA A 149 3.73 -16.32 -13.70
CA ALA A 149 3.19 -16.66 -15.01
C ALA A 149 3.78 -17.98 -15.45
N ALA A 150 4.98 -18.22 -14.97
CA ALA A 150 5.67 -19.47 -15.20
C ALA A 150 5.12 -20.54 -14.26
N LEU A 151 4.62 -20.09 -13.15
CA LEU A 151 4.02 -20.91 -12.16
C LEU A 151 2.68 -21.43 -12.64
N THR A 152 2.46 -22.67 -12.39
CA THR A 152 1.23 -23.29 -12.69
C THR A 152 0.53 -23.67 -11.39
N PRO A 153 -0.72 -23.27 -11.21
CA PRO A 153 -1.45 -22.46 -12.17
C PRO A 153 -1.18 -20.94 -11.99
N THR A 154 -1.41 -20.18 -13.03
CA THR A 154 -1.29 -18.76 -12.97
C THR A 154 -2.61 -18.17 -12.47
N PHE A 155 -2.60 -17.67 -11.26
CA PHE A 155 -3.81 -17.12 -10.65
C PHE A 155 -3.91 -15.63 -10.82
N LEU A 156 -3.02 -15.07 -11.59
CA LEU A 156 -3.02 -13.67 -11.78
C LEU A 156 -3.91 -13.32 -12.92
N THR A 157 -4.16 -12.07 -13.03
CA THR A 157 -5.11 -11.55 -13.95
C THR A 157 -4.46 -10.92 -15.19
N SER A 158 -5.28 -10.56 -16.15
CA SER A 158 -4.84 -9.97 -17.39
C SER A 158 -4.44 -8.50 -17.20
N GLU A 159 -3.49 -8.08 -18.03
CA GLU A 159 -2.95 -6.71 -18.09
C GLU A 159 -4.07 -5.69 -18.35
N ASP A 160 -5.18 -6.19 -18.88
CA ASP A 160 -6.34 -5.38 -19.18
C ASP A 160 -6.90 -4.80 -17.94
N ILE A 161 -6.99 -5.60 -16.90
CA ILE A 161 -7.59 -5.09 -15.70
C ILE A 161 -6.51 -4.51 -14.82
N SER A 162 -5.36 -5.14 -14.85
CA SER A 162 -4.18 -4.66 -14.18
C SER A 162 -3.49 -3.58 -15.03
N GLY A 163 -4.29 -2.65 -15.56
CA GLY A 163 -3.80 -1.58 -16.40
C GLY A 163 -3.31 -0.44 -15.56
N TYR A 164 -2.37 -0.75 -14.73
CA TYR A 164 -1.77 0.15 -13.82
C TYR A 164 -0.36 -0.36 -13.58
N LEU A 165 0.44 0.43 -12.96
CA LEU A 165 1.78 0.07 -12.68
C LEU A 165 1.83 -0.57 -11.29
N THR A 166 2.29 -1.81 -11.23
CA THR A 166 2.35 -2.61 -10.00
C THR A 166 3.28 -1.98 -8.95
N VAL A 167 4.27 -1.26 -9.44
CA VAL A 167 5.19 -0.47 -8.65
C VAL A 167 5.17 0.96 -9.18
N PRO A 168 4.24 1.79 -8.68
CA PRO A 168 3.98 3.12 -9.23
C PRO A 168 5.09 4.14 -9.03
N GLU A 169 4.82 5.31 -9.54
CA GLU A 169 5.72 6.41 -9.52
C GLU A 169 5.28 7.32 -8.39
N TYR A 170 6.19 8.15 -7.93
CA TYR A 170 6.00 9.04 -6.78
C TYR A 170 4.78 9.95 -6.93
N GLY A 171 4.35 10.18 -8.16
CA GLY A 171 3.18 10.99 -8.40
C GLY A 171 2.23 10.35 -9.38
N ALA A 172 2.32 9.04 -9.52
CA ALA A 172 1.43 8.32 -10.40
C ALA A 172 0.52 7.45 -9.60
N PRO A 173 -0.75 7.36 -9.97
CA PRO A 173 -1.70 6.55 -9.27
C PRO A 173 -1.57 5.07 -9.56
N MET A 174 -2.09 4.29 -8.67
CA MET A 174 -2.19 2.87 -8.81
C MET A 174 -3.57 2.53 -8.33
N ASN A 175 -4.13 1.43 -8.77
CA ASN A 175 -5.49 1.15 -8.38
C ASN A 175 -5.50 0.23 -7.19
N ALA A 176 -5.59 0.83 -6.01
CA ALA A 176 -5.52 0.14 -4.73
C ALA A 176 -6.55 -0.97 -4.63
N ALA A 177 -7.78 -0.67 -4.98
CA ALA A 177 -8.88 -1.63 -4.88
C ALA A 177 -8.62 -2.89 -5.70
N LYS A 178 -8.27 -2.69 -6.96
CA LYS A 178 -8.07 -3.81 -7.88
C LYS A 178 -6.85 -4.63 -7.45
N TRP A 179 -5.85 -3.92 -6.99
CA TRP A 179 -4.67 -4.57 -6.50
C TRP A 179 -4.97 -5.35 -5.23
N ALA A 180 -5.74 -4.76 -4.33
CA ALA A 180 -6.15 -5.43 -3.10
C ALA A 180 -6.96 -6.68 -3.43
N LYS A 181 -7.63 -6.66 -4.57
CA LYS A 181 -8.30 -7.86 -5.06
C LYS A 181 -7.27 -8.93 -5.43
N VAL A 182 -6.28 -8.57 -6.25
CA VAL A 182 -5.28 -9.59 -6.66
C VAL A 182 -4.37 -10.04 -5.51
N GLU A 183 -3.92 -9.10 -4.71
CA GLU A 183 -3.10 -9.41 -3.54
C GLU A 183 -4.01 -10.09 -2.47
N GLY A 184 -5.32 -9.82 -2.58
CA GLY A 184 -6.31 -10.53 -1.80
C GLY A 184 -6.41 -11.98 -2.23
N MET A 185 -6.22 -12.23 -3.53
CA MET A 185 -6.15 -13.61 -4.04
C MET A 185 -4.88 -14.25 -3.57
N ILE A 186 -3.84 -13.46 -3.42
CA ILE A 186 -2.59 -13.90 -2.79
C ILE A 186 -2.90 -14.42 -1.38
N HIS A 187 -3.69 -13.67 -0.63
CA HIS A 187 -4.18 -14.08 0.69
C HIS A 187 -5.01 -15.37 0.56
N GLY A 188 -5.79 -15.42 -0.50
CA GLY A 188 -6.63 -16.58 -0.82
C GLY A 188 -5.82 -17.82 -1.11
N LYS A 189 -4.64 -17.62 -1.62
CA LYS A 189 -3.72 -18.69 -1.88
C LYS A 189 -2.94 -19.01 -0.62
N LEU A 190 -2.65 -17.99 0.13
CA LEU A 190 -1.91 -18.07 1.37
C LEU A 190 -2.71 -18.94 2.37
N GLU A 191 -4.04 -18.85 2.28
CA GLU A 191 -4.91 -19.58 3.19
C GLU A 191 -5.09 -21.05 2.79
N SER A 192 -4.53 -21.45 1.63
CA SER A 192 -4.69 -22.81 1.17
C SER A 192 -3.95 -23.78 2.11
N SER A 193 -4.67 -24.80 2.58
CA SER A 193 -4.12 -25.80 3.49
C SER A 193 -2.91 -26.52 2.88
N GLU A 194 -3.06 -26.99 1.67
CA GLU A 194 -1.95 -27.55 0.96
C GLU A 194 -1.42 -26.54 -0.03
N VAL A 195 -0.35 -25.94 0.34
CA VAL A 195 0.27 -24.95 -0.48
C VAL A 195 1.65 -25.44 -0.95
N PRO A 196 1.80 -25.66 -2.27
CA PRO A 196 3.07 -26.10 -2.88
C PRO A 196 4.23 -25.18 -2.52
N ALA A 197 5.41 -25.78 -2.45
CA ALA A 197 6.62 -25.10 -2.03
C ALA A 197 6.96 -23.91 -2.89
N ASN A 198 6.89 -24.07 -4.21
CA ASN A 198 7.18 -22.93 -5.10
C ASN A 198 6.15 -21.86 -4.97
N LEU A 199 4.88 -22.25 -5.00
CA LEU A 199 3.78 -21.30 -4.81
C LEU A 199 4.01 -20.49 -3.54
N LYS A 200 4.19 -21.18 -2.42
CA LYS A 200 4.39 -20.53 -1.13
C LYS A 200 5.66 -19.65 -1.12
N ALA A 201 6.71 -20.11 -1.76
CA ALA A 201 7.96 -19.37 -1.83
C ALA A 201 7.82 -18.12 -2.67
N LEU A 202 7.20 -18.27 -3.84
CA LEU A 202 7.01 -17.16 -4.77
C LEU A 202 6.11 -16.14 -4.15
N VAL A 203 5.06 -16.63 -3.54
CA VAL A 203 4.15 -15.77 -2.83
C VAL A 203 4.89 -15.01 -1.74
N ALA A 204 5.68 -15.73 -0.93
CA ALA A 204 6.47 -15.09 0.12
C ALA A 204 7.45 -14.08 -0.45
N GLU A 205 8.05 -14.39 -1.60
CA GLU A 205 8.96 -13.46 -2.24
C GLU A 205 8.20 -12.21 -2.67
N LEU A 206 7.02 -12.40 -3.24
CA LEU A 206 6.18 -11.27 -3.66
C LEU A 206 5.77 -10.45 -2.44
N ILE A 207 5.46 -11.13 -1.35
CA ILE A 207 5.04 -10.52 -0.11
C ILE A 207 6.13 -9.60 0.39
N GLU A 208 7.24 -10.20 0.68
CA GLU A 208 8.39 -9.55 1.21
C GLU A 208 8.89 -8.45 0.31
N LEU A 209 9.01 -8.76 -0.98
CA LEU A 209 9.46 -7.79 -1.92
C LEU A 209 8.54 -6.62 -2.05
N ARG A 210 7.23 -6.83 -2.26
CA ARG A 210 6.33 -5.69 -2.44
C ARG A 210 6.21 -4.87 -1.18
N ALA A 211 6.26 -5.53 -0.04
CA ALA A 211 6.08 -4.86 1.21
C ALA A 211 7.26 -3.96 1.50
N GLN A 212 8.44 -4.52 1.42
CA GLN A 212 9.64 -3.77 1.67
C GLN A 212 9.94 -2.80 0.55
N MET A 213 9.50 -3.13 -0.65
CA MET A 213 9.72 -2.27 -1.80
C MET A 213 8.94 -1.00 -1.61
N MET A 214 7.69 -1.14 -1.20
CA MET A 214 6.86 0.00 -0.86
C MET A 214 7.29 0.66 0.42
N ALA A 215 7.87 -0.08 1.31
CA ALA A 215 8.37 0.49 2.55
C ALA A 215 9.56 1.39 2.25
N LEU A 216 10.25 1.05 1.20
CA LEU A 216 11.35 1.83 0.70
C LEU A 216 10.82 2.96 -0.21
N LEU A 217 9.88 2.63 -1.09
CA LEU A 217 9.24 3.62 -1.98
C LEU A 217 8.63 4.74 -1.17
N TYR A 218 7.93 4.35 -0.14
CA TYR A 218 7.26 5.24 0.77
C TYR A 218 8.08 5.39 2.03
N GLY A 219 9.37 5.25 1.89
CA GLY A 219 10.26 5.44 3.01
C GLY A 219 10.23 6.89 3.43
N PRO A 220 9.77 7.19 4.63
CA PRO A 220 9.66 8.56 5.07
C PRO A 220 11.03 9.15 5.41
N ILE A 221 11.35 10.24 4.77
CA ILE A 221 12.60 10.91 5.00
C ILE A 221 12.39 11.87 6.18
N GLY A 222 11.13 12.15 6.42
CA GLY A 222 10.70 12.90 7.55
C GLY A 222 9.34 12.42 7.98
N HIS A 223 8.55 13.31 8.55
CA HIS A 223 7.17 13.02 8.96
C HIS A 223 7.00 12.01 10.08
N HIS A 224 6.89 12.56 11.26
CA HIS A 224 6.67 11.86 12.50
C HIS A 224 6.42 12.97 13.50
N VAL A 1 24.35 -12.20 5.97
CA VAL A 1 23.51 -11.86 7.13
C VAL A 1 22.17 -11.37 6.66
N LYS A 2 21.16 -11.56 7.50
CA LYS A 2 19.78 -11.14 7.28
C LYS A 2 19.12 -11.83 6.10
N THR A 3 18.33 -12.81 6.40
CA THR A 3 17.62 -13.55 5.38
C THR A 3 16.16 -13.08 5.37
N LEU A 4 15.32 -13.73 4.57
CA LEU A 4 13.91 -13.35 4.38
C LEU A 4 13.18 -13.22 5.68
N ASP A 5 13.31 -14.21 6.54
CA ASP A 5 12.56 -14.24 7.81
C ASP A 5 12.97 -13.10 8.72
N VAL A 6 14.22 -12.73 8.62
CA VAL A 6 14.76 -11.66 9.42
C VAL A 6 14.27 -10.33 8.90
N LEU A 7 14.28 -10.20 7.58
CA LEU A 7 13.72 -9.02 6.92
C LEU A 7 12.24 -8.92 7.27
N ARG A 8 11.57 -10.06 7.23
CA ARG A 8 10.17 -10.21 7.60
C ARG A 8 9.96 -9.80 9.06
N GLY A 9 10.91 -10.15 9.92
CA GLY A 9 10.85 -9.77 11.33
C GLY A 9 11.00 -8.27 11.49
N GLU A 10 11.90 -7.70 10.71
CA GLU A 10 12.11 -6.25 10.69
C GLU A 10 10.85 -5.55 10.18
N LEU A 11 10.29 -6.11 9.12
CA LEU A 11 9.08 -5.62 8.51
C LEU A 11 7.95 -5.71 9.47
N ARG A 12 7.82 -6.85 10.13
CA ARG A 12 6.82 -7.04 11.16
C ARG A 12 6.93 -5.94 12.19
N GLY A 13 8.15 -5.74 12.68
CA GLY A 13 8.42 -4.72 13.67
C GLY A 13 7.91 -3.38 13.24
N GLN A 14 8.22 -3.01 12.02
CA GLN A 14 7.80 -1.72 11.47
C GLN A 14 6.29 -1.65 11.27
N ARG A 15 5.72 -2.69 10.69
CA ARG A 15 4.27 -2.74 10.40
C ARG A 15 3.46 -2.76 11.68
N GLU A 16 3.93 -3.51 12.64
CA GLU A 16 3.26 -3.65 13.91
C GLU A 16 3.43 -2.38 14.73
N ALA A 17 4.62 -1.77 14.64
CA ALA A 17 4.87 -0.50 15.31
C ALA A 17 4.00 0.58 14.74
N PHE A 18 3.82 0.51 13.44
CA PHE A 18 3.01 1.44 12.70
C PHE A 18 1.59 1.35 13.22
N LEU A 19 1.06 0.13 13.18
CA LEU A 19 -0.27 -0.19 13.68
C LEU A 19 -0.43 0.27 15.13
N SER A 20 0.58 0.04 15.94
CA SER A 20 0.57 0.45 17.32
C SER A 20 0.51 2.00 17.45
N GLU A 21 1.17 2.70 16.54
CA GLU A 21 1.11 4.15 16.53
C GLU A 21 -0.27 4.61 16.21
N ILE A 22 -0.88 3.91 15.27
CA ILE A 22 -2.20 4.28 14.81
C ILE A 22 -3.25 4.09 15.91
N ILE A 23 -3.17 2.97 16.63
CA ILE A 23 -4.11 2.72 17.68
C ILE A 23 -3.85 3.60 18.93
N LYS A 24 -2.59 3.90 19.22
CA LYS A 24 -2.30 4.70 20.40
C LYS A 24 -2.50 6.18 20.14
N SER A 25 -2.40 6.59 18.88
CA SER A 25 -2.52 7.99 18.58
C SER A 25 -3.80 8.32 17.83
N ASP A 26 -4.47 9.32 18.32
CA ASP A 26 -5.69 9.82 17.72
C ASP A 26 -5.36 11.10 16.96
N GLY A 27 -4.10 11.21 16.58
CA GLY A 27 -3.60 12.41 15.97
C GLY A 27 -3.77 12.46 14.47
N PRO A 28 -3.15 13.45 13.81
CA PRO A 28 -3.25 13.60 12.37
C PRO A 28 -2.35 12.61 11.63
N PHE A 29 -2.86 12.05 10.58
CA PHE A 29 -2.14 11.08 9.81
C PHE A 29 -1.54 11.74 8.57
N THR A 30 -0.31 11.42 8.29
CA THR A 30 0.41 12.01 7.16
C THR A 30 0.13 11.19 5.88
N ILE A 31 0.22 11.78 4.69
CA ILE A 31 -0.04 11.06 3.41
C ILE A 31 0.78 9.77 3.27
N LEU A 32 2.09 9.85 3.41
CA LEU A 32 2.97 8.68 3.28
C LEU A 32 2.66 7.67 4.37
N GLN A 33 2.24 8.18 5.49
CA GLN A 33 1.93 7.39 6.64
C GLN A 33 0.54 6.72 6.47
N LEU A 34 -0.32 7.36 5.70
CA LEU A 34 -1.65 6.84 5.40
C LEU A 34 -1.47 5.69 4.43
N VAL A 35 -0.63 5.89 3.43
CA VAL A 35 -0.32 4.84 2.48
C VAL A 35 0.46 3.74 3.20
N GLY A 36 1.20 4.14 4.21
CA GLY A 36 1.88 3.21 5.07
C GLY A 36 0.88 2.35 5.81
N TYR A 37 -0.24 2.94 6.23
CA TYR A 37 -1.30 2.20 6.87
C TYR A 37 -1.99 1.29 5.88
N LEU A 38 -2.08 1.75 4.65
CA LEU A 38 -2.57 0.92 3.56
C LEU A 38 -1.70 -0.33 3.49
N ARG A 39 -0.41 -0.10 3.51
CA ARG A 39 0.58 -1.16 3.54
C ARG A 39 0.37 -2.07 4.77
N VAL A 40 0.00 -1.45 5.91
CA VAL A 40 -0.32 -2.19 7.11
C VAL A 40 -1.50 -3.12 6.86
N VAL A 41 -2.62 -2.57 6.34
CA VAL A 41 -3.82 -3.37 6.10
C VAL A 41 -3.60 -4.44 5.01
N ASP A 42 -2.73 -4.10 4.02
CA ASP A 42 -2.29 -5.08 3.02
C ASP A 42 -1.74 -6.28 3.74
N THR A 43 -0.72 -6.04 4.52
CA THR A 43 -0.06 -7.10 5.21
C THR A 43 -0.95 -7.72 6.32
N ASP A 44 -1.94 -6.94 6.80
CA ASP A 44 -2.97 -7.43 7.73
C ASP A 44 -3.65 -8.60 7.15
N LEU A 45 -3.97 -8.48 5.85
CA LEU A 45 -4.56 -9.58 5.10
C LEU A 45 -3.60 -10.78 5.05
N LEU A 46 -2.44 -10.61 4.42
CA LEU A 46 -1.52 -11.74 4.15
C LEU A 46 -1.06 -12.46 5.41
N LEU A 47 -0.68 -11.70 6.40
CA LEU A 47 -0.17 -12.30 7.60
C LEU A 47 -1.27 -12.52 8.62
N LYS A 48 -2.50 -12.11 8.27
CA LYS A 48 -3.62 -12.16 9.20
C LYS A 48 -3.34 -11.63 10.57
N VAL A 49 -3.00 -10.36 10.62
CA VAL A 49 -2.68 -9.71 11.86
C VAL A 49 -3.96 -9.47 12.66
N ASP A 50 -3.83 -9.07 13.90
CA ASP A 50 -5.00 -8.88 14.76
C ASP A 50 -6.01 -7.92 14.17
N SER A 51 -7.14 -8.49 13.86
CA SER A 51 -8.20 -7.81 13.20
C SER A 51 -8.79 -6.69 14.03
N THR A 52 -8.74 -6.81 15.34
CA THR A 52 -9.30 -5.80 16.17
C THR A 52 -8.34 -4.62 16.30
N LYS A 53 -7.04 -4.90 16.42
CA LYS A 53 -6.02 -3.85 16.44
C LYS A 53 -6.14 -3.00 15.19
N VAL A 54 -6.21 -3.67 14.04
CA VAL A 54 -6.29 -2.96 12.77
C VAL A 54 -7.67 -2.29 12.60
N ASP A 55 -8.69 -2.90 13.14
CA ASP A 55 -10.07 -2.36 13.07
C ASP A 55 -10.17 -1.08 13.89
N GLU A 56 -9.70 -1.14 15.11
CA GLU A 56 -9.70 0.01 16.02
C GLU A 56 -8.73 1.11 15.55
N ALA A 57 -7.59 0.72 15.03
CA ALA A 57 -6.65 1.70 14.49
C ALA A 57 -7.25 2.37 13.26
N GLY A 58 -7.89 1.57 12.40
CA GLY A 58 -8.56 2.11 11.25
C GLY A 58 -9.71 3.00 11.66
N LYS A 59 -10.30 2.66 12.78
CA LYS A 59 -11.35 3.44 13.39
C LYS A 59 -10.84 4.82 13.75
N LYS A 60 -9.63 4.90 14.35
CA LYS A 60 -8.97 6.21 14.61
C LYS A 60 -8.74 6.95 13.31
N VAL A 61 -8.35 6.21 12.30
CA VAL A 61 -8.12 6.75 10.96
C VAL A 61 -9.40 7.33 10.39
N LYS A 62 -10.48 6.55 10.45
CA LYS A 62 -11.75 6.96 9.89
C LYS A 62 -12.37 8.07 10.76
N ALA A 63 -11.96 8.11 12.01
CA ALA A 63 -12.34 9.17 12.92
C ALA A 63 -11.76 10.49 12.44
N TYR A 64 -10.46 10.48 12.21
CA TYR A 64 -9.74 11.63 11.66
C TYR A 64 -10.33 12.00 10.29
N LEU A 65 -10.50 11.00 9.48
CA LEU A 65 -11.10 11.10 8.18
C LEU A 65 -12.46 11.82 8.24
N GLU A 66 -13.39 11.32 9.05
CA GLU A 66 -14.68 12.00 9.22
C GLU A 66 -14.52 13.38 9.87
N LYS A 67 -13.45 13.56 10.63
CA LYS A 67 -13.15 14.84 11.24
C LYS A 67 -12.88 15.89 10.15
N ILE A 68 -12.15 15.50 9.09
CA ILE A 68 -11.97 16.45 7.99
C ILE A 68 -13.26 16.45 7.16
N GLY A 69 -13.96 15.34 7.24
CA GLY A 69 -15.30 15.27 6.71
C GLY A 69 -15.41 14.29 5.59
N ILE A 70 -14.67 13.22 5.69
CA ILE A 70 -14.72 12.21 4.70
C ILE A 70 -15.19 10.92 5.30
N ARG A 71 -16.11 10.30 4.65
CA ARG A 71 -16.58 9.01 5.09
C ARG A 71 -16.20 7.89 4.14
N GLY A 72 -16.41 6.71 4.63
CA GLY A 72 -16.15 5.52 3.91
C GLY A 72 -16.82 4.42 4.67
N ASP A 73 -17.37 3.45 3.98
CA ASP A 73 -18.13 2.39 4.63
C ASP A 73 -17.23 1.56 5.54
N SER A 74 -16.11 1.17 5.02
CA SER A 74 -15.16 0.43 5.77
C SER A 74 -13.84 1.15 5.58
N VAL A 75 -12.86 0.86 6.42
CA VAL A 75 -11.61 1.60 6.40
C VAL A 75 -10.79 1.35 5.13
N GLU A 76 -10.89 0.15 4.59
CA GLU A 76 -10.18 -0.19 3.35
C GLU A 76 -10.70 0.70 2.22
N ALA A 77 -12.03 0.83 2.16
CA ALA A 77 -12.68 1.64 1.12
C ALA A 77 -12.39 3.09 1.33
N ALA A 78 -12.37 3.49 2.59
CA ALA A 78 -12.09 4.85 2.99
C ALA A 78 -10.70 5.30 2.54
N LEU A 79 -9.70 4.50 2.82
CA LEU A 79 -8.37 4.84 2.43
C LEU A 79 -8.15 4.71 0.93
N ASP A 80 -8.86 3.75 0.31
CA ASP A 80 -8.84 3.60 -1.16
C ASP A 80 -9.42 4.85 -1.81
N ASN A 81 -10.52 5.29 -1.22
CA ASN A 81 -11.22 6.54 -1.59
C ASN A 81 -10.23 7.68 -1.58
N LEU A 82 -9.51 7.77 -0.47
CA LEU A 82 -8.44 8.77 -0.32
C LEU A 82 -7.41 8.64 -1.40
N MET A 83 -6.91 7.43 -1.55
CA MET A 83 -5.88 7.10 -2.56
C MET A 83 -6.28 7.58 -3.93
N ILE A 84 -7.46 7.16 -4.39
CA ILE A 84 -7.95 7.55 -5.69
C ILE A 84 -8.00 9.08 -5.80
N LYS A 85 -8.58 9.72 -4.78
CA LYS A 85 -8.67 11.19 -4.72
C LYS A 85 -7.31 11.86 -4.87
N VAL A 86 -6.29 11.28 -4.28
CA VAL A 86 -4.95 11.82 -4.40
C VAL A 86 -4.44 11.63 -5.84
N TYR A 87 -4.53 10.41 -6.37
CA TYR A 87 -4.04 10.12 -7.71
C TYR A 87 -4.81 10.88 -8.77
N GLU A 88 -6.07 11.16 -8.51
CA GLU A 88 -6.88 12.02 -9.39
C GLU A 88 -6.18 13.35 -9.58
N ILE A 89 -5.63 13.89 -8.49
CA ILE A 89 -5.00 15.21 -8.52
C ILE A 89 -3.61 15.07 -9.14
N THR A 90 -2.91 14.07 -8.67
CA THR A 90 -1.55 13.79 -9.04
C THR A 90 -1.41 13.43 -10.55
N LYS A 91 -2.30 12.63 -11.07
CA LYS A 91 -2.18 12.19 -12.45
C LYS A 91 -3.10 13.01 -13.37
N GLY A 92 -4.25 13.44 -12.86
CA GLY A 92 -5.17 14.18 -13.69
C GLY A 92 -6.31 13.30 -14.17
N THR A 93 -6.29 12.07 -13.73
CA THR A 93 -7.33 11.13 -14.06
C THR A 93 -8.40 11.24 -13.00
N VAL A 94 -9.18 12.25 -13.15
CA VAL A 94 -10.23 12.57 -12.21
C VAL A 94 -11.56 12.02 -12.71
N GLU A 95 -12.41 11.65 -11.76
CA GLU A 95 -13.75 11.10 -11.99
C GLU A 95 -13.61 9.66 -12.43
N SER A 96 -13.63 8.76 -11.48
CA SER A 96 -13.46 7.36 -11.77
C SER A 96 -14.44 6.47 -11.00
N SER A 97 -14.78 6.83 -9.78
CA SER A 97 -15.65 6.01 -8.97
C SER A 97 -16.52 6.92 -8.10
N ALA A 98 -17.55 6.36 -7.46
CA ALA A 98 -18.37 7.11 -6.52
C ALA A 98 -17.59 7.24 -5.22
N GLN A 99 -16.87 8.31 -5.12
CA GLN A 99 -15.95 8.56 -4.05
C GLN A 99 -16.53 9.56 -3.06
N GLY A 100 -15.70 9.97 -2.13
CA GLY A 100 -16.04 11.01 -1.22
C GLY A 100 -15.96 12.34 -1.92
N THR A 101 -16.94 13.18 -1.72
CA THR A 101 -17.00 14.46 -2.38
C THR A 101 -15.75 15.31 -2.04
N ASP A 102 -15.15 15.90 -3.05
CA ASP A 102 -13.99 16.72 -2.82
C ASP A 102 -14.34 18.15 -2.54
N SER A 103 -14.59 18.40 -1.28
CA SER A 103 -14.88 19.72 -0.78
C SER A 103 -13.57 20.50 -0.59
N GLU A 104 -13.66 21.79 -0.35
CA GLU A 104 -12.51 22.68 -0.30
C GLU A 104 -11.52 22.31 0.80
N GLU A 105 -12.02 22.00 1.99
CA GLU A 105 -11.13 21.63 3.06
C GLU A 105 -10.46 20.29 2.75
N LEU A 106 -11.16 19.45 1.96
CA LEU A 106 -10.61 18.17 1.59
C LEU A 106 -9.54 18.39 0.58
N LYS A 107 -9.84 19.23 -0.39
CA LYS A 107 -8.91 19.56 -1.43
C LYS A 107 -7.64 20.12 -0.82
N THR A 108 -7.77 21.05 0.10
CA THR A 108 -6.62 21.63 0.75
C THR A 108 -5.82 20.57 1.56
N LEU A 109 -6.55 19.64 2.21
CA LEU A 109 -5.95 18.58 2.98
C LEU A 109 -5.19 17.65 2.02
N LEU A 110 -5.87 17.26 0.95
CA LEU A 110 -5.31 16.37 -0.05
C LEU A 110 -4.18 17.05 -0.79
N LEU A 111 -4.25 18.35 -0.87
CA LEU A 111 -3.23 19.16 -1.47
C LEU A 111 -1.95 19.09 -0.68
N LYS A 112 -2.03 19.23 0.65
CA LYS A 112 -0.83 19.06 1.46
C LYS A 112 -0.33 17.67 1.35
N PHE A 113 -1.25 16.73 1.27
CA PHE A 113 -0.89 15.35 1.11
C PHE A 113 -0.14 15.12 -0.18
N SER A 114 -0.71 15.57 -1.26
CA SER A 114 -0.09 15.41 -2.56
C SER A 114 1.24 16.21 -2.65
N GLU A 115 1.26 17.40 -2.05
CA GLU A 115 2.46 18.23 -2.01
C GLU A 115 3.54 17.53 -1.19
N ASP A 116 3.13 17.03 -0.04
CA ASP A 116 4.01 16.35 0.90
C ASP A 116 4.63 15.13 0.21
N LEU A 117 3.74 14.36 -0.40
CA LEU A 117 4.05 13.17 -1.18
C LEU A 117 5.08 13.51 -2.26
N LYS A 118 4.76 14.50 -3.07
CA LYS A 118 5.57 14.88 -4.19
C LYS A 118 6.94 15.40 -3.73
N ALA A 119 6.97 16.12 -2.62
CA ALA A 119 8.23 16.68 -2.11
C ALA A 119 9.13 15.60 -1.55
N GLU A 120 8.57 14.79 -0.67
CA GLU A 120 9.28 13.67 -0.09
C GLU A 120 9.81 12.77 -1.17
N GLN A 121 9.04 12.60 -2.21
CA GLN A 121 9.40 11.66 -3.23
C GLN A 121 10.33 12.22 -4.26
N GLU A 122 10.25 13.51 -4.53
CA GLU A 122 11.15 14.10 -5.52
C GLU A 122 12.56 14.15 -4.94
N LEU A 123 12.64 14.50 -3.67
CA LEU A 123 13.90 14.58 -3.03
C LEU A 123 14.42 13.20 -2.72
N HIS A 124 13.51 12.25 -2.45
CA HIS A 124 13.88 10.85 -2.30
C HIS A 124 14.49 10.37 -3.63
N SER A 125 13.83 10.76 -4.73
CA SER A 125 14.27 10.41 -6.08
C SER A 125 15.69 10.89 -6.34
N GLU A 126 16.02 12.06 -5.88
CA GLU A 126 17.38 12.52 -6.01
C GLU A 126 18.30 11.78 -5.01
N ALA A 127 18.04 11.99 -3.73
CA ALA A 127 18.91 11.54 -2.62
C ALA A 127 19.20 10.04 -2.62
N LYS A 128 18.19 9.25 -2.86
CA LYS A 128 18.32 7.81 -2.76
C LYS A 128 18.51 7.21 -4.15
N GLY A 129 18.33 8.02 -5.19
CA GLY A 129 18.33 7.46 -6.51
C GLY A 129 17.01 6.73 -6.79
N GLY A 130 15.96 7.51 -6.90
CA GLY A 130 14.62 6.99 -7.08
C GLY A 130 14.46 6.18 -8.33
N GLU A 131 15.11 6.61 -9.40
CA GLU A 131 15.03 5.90 -10.66
C GLU A 131 15.66 4.51 -10.58
N ALA A 132 16.72 4.40 -9.80
CA ALA A 132 17.38 3.13 -9.58
C ALA A 132 16.47 2.25 -8.74
N LEU A 133 15.87 2.87 -7.73
CA LEU A 133 14.93 2.21 -6.85
C LEU A 133 13.72 1.70 -7.66
N LEU A 134 13.19 2.57 -8.55
CA LEU A 134 12.06 2.20 -9.43
C LEU A 134 12.40 1.00 -10.29
N SER A 135 13.59 1.03 -10.87
CA SER A 135 14.04 -0.07 -11.70
C SER A 135 14.15 -1.36 -10.87
N SER A 136 14.60 -1.23 -9.63
CA SER A 136 14.74 -2.37 -8.75
C SER A 136 13.34 -2.96 -8.48
N MET A 137 12.41 -2.04 -8.17
CA MET A 137 11.00 -2.37 -7.91
C MET A 137 10.45 -3.18 -9.05
N LYS A 138 10.52 -2.57 -10.22
CA LYS A 138 9.95 -3.10 -11.43
C LYS A 138 10.55 -4.42 -11.81
N THR A 139 11.84 -4.49 -11.87
CA THR A 139 12.49 -5.66 -12.36
C THR A 139 12.28 -6.85 -11.44
N GLN A 140 12.35 -6.62 -10.14
CA GLN A 140 12.21 -7.73 -9.24
C GLN A 140 10.75 -8.12 -9.12
N HIS A 141 9.87 -7.14 -9.09
CA HIS A 141 8.43 -7.42 -9.02
C HIS A 141 8.02 -8.14 -10.30
N ASP A 142 8.68 -7.80 -11.41
CA ASP A 142 8.44 -8.47 -12.69
C ASP A 142 8.87 -9.89 -12.60
N GLU A 143 10.03 -10.10 -11.99
CA GLU A 143 10.57 -11.44 -11.73
C GLU A 143 9.53 -12.26 -10.98
N LEU A 144 9.01 -11.69 -9.90
CA LEU A 144 7.97 -12.35 -9.12
C LEU A 144 6.80 -12.74 -10.01
N LEU A 145 6.23 -11.77 -10.68
CA LEU A 145 5.08 -12.00 -11.58
C LEU A 145 5.38 -13.04 -12.64
N LYS A 146 6.56 -12.96 -13.18
CA LYS A 146 7.09 -13.95 -14.12
C LYS A 146 7.03 -15.34 -13.50
N LYS A 147 7.48 -15.44 -12.28
CA LYS A 147 7.45 -16.69 -11.53
C LYS A 147 6.03 -17.21 -11.31
N PHE A 148 5.09 -16.32 -11.07
CA PHE A 148 3.68 -16.68 -10.92
C PHE A 148 3.07 -17.06 -12.25
N ALA A 149 3.59 -16.50 -13.32
CA ALA A 149 3.10 -16.76 -14.66
C ALA A 149 3.75 -18.00 -15.23
N ALA A 150 4.86 -18.36 -14.64
CA ALA A 150 5.58 -19.56 -14.99
C ALA A 150 4.97 -20.72 -14.24
N LEU A 151 4.53 -20.45 -13.03
CA LEU A 151 3.90 -21.42 -12.21
C LEU A 151 2.47 -21.61 -12.66
N THR A 152 2.08 -22.83 -12.76
CA THR A 152 0.76 -23.16 -13.17
C THR A 152 -0.03 -23.70 -11.97
N PRO A 153 -1.31 -23.34 -11.86
CA PRO A 153 -1.96 -22.41 -12.76
C PRO A 153 -1.74 -20.93 -12.35
N THR A 154 -1.55 -20.09 -13.34
CA THR A 154 -1.41 -18.68 -13.11
C THR A 154 -2.81 -18.09 -12.89
N PHE A 155 -3.14 -17.85 -11.64
CA PHE A 155 -4.46 -17.38 -11.26
C PHE A 155 -4.61 -15.86 -11.33
N LEU A 156 -3.56 -15.17 -11.69
CA LEU A 156 -3.63 -13.76 -11.78
C LEU A 156 -4.07 -13.34 -13.15
N THR A 157 -4.49 -12.14 -13.24
CA THR A 157 -5.03 -11.61 -14.46
C THR A 157 -4.20 -10.40 -14.91
N SER A 158 -4.04 -10.29 -16.21
CA SER A 158 -3.23 -9.31 -16.87
C SER A 158 -3.81 -7.87 -16.85
N GLU A 159 -3.12 -6.98 -17.58
CA GLU A 159 -3.37 -5.54 -17.70
C GLU A 159 -4.80 -5.19 -18.09
N ASP A 160 -5.54 -6.16 -18.65
CA ASP A 160 -6.91 -5.96 -19.04
C ASP A 160 -7.74 -5.52 -17.87
N ILE A 161 -7.33 -5.96 -16.69
CA ILE A 161 -7.95 -5.47 -15.47
C ILE A 161 -6.90 -4.78 -14.61
N SER A 162 -5.69 -5.34 -14.62
CA SER A 162 -4.57 -4.81 -13.91
C SER A 162 -3.90 -3.67 -14.71
N GLY A 163 -4.69 -2.67 -15.07
CA GLY A 163 -4.19 -1.53 -15.80
C GLY A 163 -3.65 -0.50 -14.84
N TYR A 164 -2.68 -0.91 -14.10
CA TYR A 164 -2.04 -0.11 -13.11
C TYR A 164 -0.66 -0.65 -12.95
N LEU A 165 0.23 0.16 -12.49
CA LEU A 165 1.55 -0.30 -12.22
C LEU A 165 1.55 -0.94 -10.85
N THR A 166 1.95 -2.20 -10.79
CA THR A 166 2.03 -2.92 -9.53
C THR A 166 3.04 -2.22 -8.63
N VAL A 167 4.10 -1.81 -9.25
CA VAL A 167 5.09 -0.98 -8.69
C VAL A 167 5.10 0.32 -9.49
N PRO A 168 4.38 1.33 -9.00
CA PRO A 168 4.17 2.56 -9.74
C PRO A 168 5.31 3.55 -9.65
N GLU A 169 5.08 4.67 -10.27
CA GLU A 169 5.98 5.76 -10.30
C GLU A 169 5.42 6.79 -9.33
N TYR A 170 6.26 7.70 -8.89
CA TYR A 170 5.92 8.74 -7.92
C TYR A 170 4.74 9.63 -8.40
N GLY A 171 4.49 9.63 -9.70
CA GLY A 171 3.40 10.39 -10.23
C GLY A 171 2.48 9.54 -11.08
N ALA A 172 2.36 8.28 -10.74
CA ALA A 172 1.51 7.37 -11.49
C ALA A 172 0.48 6.76 -10.55
N PRO A 173 -0.72 6.41 -11.04
CA PRO A 173 -1.76 5.84 -10.20
C PRO A 173 -1.55 4.35 -9.93
N MET A 174 -2.04 3.93 -8.80
CA MET A 174 -2.02 2.56 -8.40
C MET A 174 -3.41 2.28 -7.90
N ASN A 175 -3.97 1.16 -8.25
CA ASN A 175 -5.35 0.88 -7.89
C ASN A 175 -5.42 -0.02 -6.69
N ALA A 176 -5.59 0.59 -5.53
CA ALA A 176 -5.52 -0.08 -4.24
C ALA A 176 -6.54 -1.21 -4.08
N ALA A 177 -7.82 -0.89 -4.22
CA ALA A 177 -8.86 -1.90 -4.06
C ALA A 177 -8.72 -3.05 -5.06
N LYS A 178 -8.40 -2.72 -6.30
CA LYS A 178 -8.23 -3.72 -7.34
C LYS A 178 -7.03 -4.59 -7.05
N TRP A 179 -5.99 -3.96 -6.59
CA TRP A 179 -4.77 -4.65 -6.14
C TRP A 179 -5.11 -5.61 -5.02
N ALA A 180 -5.81 -5.10 -4.02
CA ALA A 180 -6.23 -5.90 -2.87
C ALA A 180 -7.17 -7.04 -3.31
N LYS A 181 -7.87 -6.82 -4.38
CA LYS A 181 -8.76 -7.81 -4.95
C LYS A 181 -7.95 -8.98 -5.56
N VAL A 182 -6.97 -8.65 -6.39
CA VAL A 182 -6.14 -9.68 -7.02
C VAL A 182 -5.19 -10.34 -6.02
N GLU A 183 -4.63 -9.54 -5.14
CA GLU A 183 -3.77 -10.05 -4.08
C GLU A 183 -4.63 -10.80 -3.05
N GLY A 184 -5.90 -10.41 -2.98
CA GLY A 184 -6.88 -11.13 -2.20
C GLY A 184 -7.10 -12.51 -2.77
N MET A 185 -7.10 -12.61 -4.10
CA MET A 185 -7.15 -13.92 -4.76
C MET A 185 -5.92 -14.72 -4.39
N ILE A 186 -4.76 -14.02 -4.35
CA ILE A 186 -3.50 -14.63 -3.88
C ILE A 186 -3.68 -15.20 -2.49
N HIS A 187 -4.26 -14.42 -1.59
CA HIS A 187 -4.48 -14.85 -0.23
C HIS A 187 -5.48 -16.01 -0.19
N GLY A 188 -6.45 -15.93 -1.07
CA GLY A 188 -7.47 -16.98 -1.19
C GLY A 188 -6.86 -18.29 -1.62
N LYS A 189 -5.83 -18.19 -2.40
CA LYS A 189 -5.06 -19.33 -2.82
C LYS A 189 -4.11 -19.75 -1.73
N LEU A 190 -3.51 -18.77 -1.11
CA LEU A 190 -2.53 -18.95 -0.05
C LEU A 190 -3.14 -19.67 1.16
N GLU A 191 -4.44 -19.51 1.35
CA GLU A 191 -5.11 -20.14 2.48
C GLU A 191 -5.57 -21.55 2.17
N SER A 192 -5.36 -21.99 0.93
CA SER A 192 -5.78 -23.31 0.54
C SER A 192 -4.97 -24.37 1.29
N SER A 193 -5.57 -25.50 1.51
CA SER A 193 -4.96 -26.60 2.20
C SER A 193 -3.70 -27.08 1.49
N GLU A 194 -3.79 -27.22 0.19
CA GLU A 194 -2.66 -27.62 -0.59
C GLU A 194 -2.19 -26.52 -1.52
N VAL A 195 -1.15 -25.87 -1.10
CA VAL A 195 -0.53 -24.80 -1.85
C VAL A 195 0.86 -25.28 -2.26
N PRO A 196 1.24 -25.10 -3.54
CA PRO A 196 2.59 -25.42 -3.99
C PRO A 196 3.63 -24.67 -3.15
N ALA A 197 4.67 -25.37 -2.71
CA ALA A 197 5.71 -24.78 -1.87
C ALA A 197 6.39 -23.61 -2.57
N ASN A 198 6.59 -23.75 -3.88
CA ASN A 198 7.18 -22.68 -4.67
C ASN A 198 6.27 -21.46 -4.66
N LEU A 199 4.96 -21.70 -4.82
CA LEU A 199 3.97 -20.63 -4.83
C LEU A 199 3.96 -19.92 -3.49
N LYS A 200 3.95 -20.71 -2.42
CA LYS A 200 4.00 -20.19 -1.05
C LYS A 200 5.21 -19.27 -0.89
N ALA A 201 6.34 -19.72 -1.40
CA ALA A 201 7.57 -18.96 -1.35
C ALA A 201 7.46 -17.69 -2.19
N LEU A 202 6.93 -17.82 -3.40
CA LEU A 202 6.74 -16.70 -4.33
C LEU A 202 5.88 -15.63 -3.72
N VAL A 203 4.79 -16.08 -3.13
CA VAL A 203 3.87 -15.20 -2.44
C VAL A 203 4.61 -14.43 -1.36
N ALA A 204 5.30 -15.15 -0.48
CA ALA A 204 6.05 -14.54 0.60
C ALA A 204 7.10 -13.57 0.05
N GLU A 205 7.76 -13.93 -1.07
CA GLU A 205 8.73 -13.06 -1.69
C GLU A 205 8.09 -11.78 -2.12
N LEU A 206 6.98 -11.91 -2.85
CA LEU A 206 6.28 -10.76 -3.41
C LEU A 206 5.74 -9.89 -2.30
N ILE A 207 5.19 -10.52 -1.30
CA ILE A 207 4.53 -9.83 -0.20
C ILE A 207 5.50 -9.01 0.57
N GLU A 208 6.50 -9.66 1.04
CA GLU A 208 7.50 -9.04 1.84
C GLU A 208 8.35 -8.06 1.01
N LEU A 209 8.58 -8.38 -0.28
CA LEU A 209 9.29 -7.45 -1.15
C LEU A 209 8.47 -6.20 -1.36
N ARG A 210 7.21 -6.38 -1.73
CA ARG A 210 6.31 -5.27 -2.04
C ARG A 210 6.08 -4.43 -0.78
N ALA A 211 6.16 -5.07 0.39
CA ALA A 211 6.07 -4.38 1.66
C ALA A 211 7.26 -3.46 1.82
N GLN A 212 8.47 -4.02 1.68
CA GLN A 212 9.72 -3.25 1.73
C GLN A 212 9.72 -2.16 0.69
N MET A 213 9.26 -2.54 -0.48
CA MET A 213 9.29 -1.73 -1.66
C MET A 213 8.47 -0.49 -1.46
N MET A 214 7.24 -0.67 -1.04
CA MET A 214 6.36 0.44 -0.73
C MET A 214 6.75 1.16 0.52
N ALA A 215 7.43 0.50 1.41
CA ALA A 215 7.88 1.16 2.63
C ALA A 215 8.96 2.14 2.30
N LEU A 216 9.75 1.78 1.32
CA LEU A 216 10.78 2.62 0.82
C LEU A 216 10.17 3.66 -0.13
N LEU A 217 9.27 3.21 -1.01
CA LEU A 217 8.62 4.08 -2.00
C LEU A 217 7.87 5.21 -1.30
N TYR A 218 7.28 4.90 -0.18
CA TYR A 218 6.53 5.85 0.60
C TYR A 218 7.29 6.24 1.85
N GLY A 219 8.57 6.06 1.79
CA GLY A 219 9.42 6.43 2.89
C GLY A 219 9.91 7.84 2.70
N PRO A 220 10.34 8.53 3.77
CA PRO A 220 10.80 9.92 3.69
C PRO A 220 12.07 10.06 2.84
N ILE A 221 12.38 11.29 2.46
CA ILE A 221 13.59 11.65 1.68
C ILE A 221 14.81 10.95 2.26
N GLY A 222 15.01 11.21 3.52
CA GLY A 222 16.06 10.66 4.31
C GLY A 222 15.75 11.03 5.71
N HIS A 223 15.46 12.28 5.86
CA HIS A 223 14.97 12.87 7.08
C HIS A 223 13.92 13.87 6.67
N HIS A 224 12.98 14.14 7.52
CA HIS A 224 11.97 15.10 7.18
C HIS A 224 12.15 16.31 8.07
N VAL A 1 22.65 -7.04 13.28
CA VAL A 1 22.58 -8.39 12.73
C VAL A 1 21.27 -8.56 12.00
N LYS A 2 21.36 -8.90 10.74
CA LYS A 2 20.20 -9.17 9.96
C LYS A 2 20.45 -10.26 8.96
N THR A 3 19.40 -10.71 8.42
CA THR A 3 19.34 -11.70 7.40
C THR A 3 17.89 -11.70 6.99
N LEU A 4 17.51 -12.61 6.12
CA LEU A 4 16.16 -12.66 5.53
C LEU A 4 15.06 -12.58 6.59
N ASP A 5 15.03 -13.56 7.49
CA ASP A 5 13.97 -13.66 8.50
C ASP A 5 13.96 -12.45 9.42
N VAL A 6 15.12 -11.92 9.63
CA VAL A 6 15.29 -10.80 10.50
C VAL A 6 14.77 -9.54 9.84
N LEU A 7 15.12 -9.35 8.58
CA LEU A 7 14.63 -8.21 7.79
C LEU A 7 13.12 -8.25 7.73
N ARG A 8 12.60 -9.44 7.45
CA ARG A 8 11.17 -9.69 7.41
C ARG A 8 10.54 -9.36 8.76
N GLY A 9 11.24 -9.73 9.82
CA GLY A 9 10.77 -9.46 11.16
C GLY A 9 10.80 -7.98 11.48
N GLU A 10 11.85 -7.31 11.02
CA GLU A 10 12.01 -5.87 11.22
C GLU A 10 10.92 -5.12 10.49
N LEU A 11 10.57 -5.59 9.31
CA LEU A 11 9.51 -5.02 8.52
C LEU A 11 8.22 -5.13 9.29
N ARG A 12 7.95 -6.32 9.79
CA ARG A 12 6.76 -6.58 10.57
C ARG A 12 6.76 -5.72 11.85
N GLY A 13 7.93 -5.61 12.47
CA GLY A 13 8.09 -4.80 13.68
C GLY A 13 7.86 -3.32 13.42
N GLN A 14 8.40 -2.81 12.32
CA GLN A 14 8.24 -1.40 11.95
C GLN A 14 6.79 -1.16 11.56
N ARG A 15 6.18 -2.13 10.91
CA ARG A 15 4.77 -2.10 10.58
C ARG A 15 3.93 -2.11 11.87
N GLU A 16 4.38 -2.86 12.85
CA GLU A 16 3.72 -2.94 14.14
C GLU A 16 3.83 -1.61 14.88
N ALA A 17 4.98 -0.98 14.78
CA ALA A 17 5.19 0.33 15.37
C ALA A 17 4.28 1.35 14.70
N PHE A 18 4.13 1.20 13.38
CA PHE A 18 3.25 2.05 12.58
C PHE A 18 1.84 1.86 13.10
N LEU A 19 1.42 0.61 13.16
CA LEU A 19 0.12 0.20 13.70
C LEU A 19 -0.10 0.76 15.11
N SER A 20 0.94 0.73 15.92
CA SER A 20 0.88 1.24 17.27
C SER A 20 0.60 2.77 17.26
N GLU A 21 1.22 3.48 16.31
CA GLU A 21 0.94 4.90 16.10
C GLU A 21 -0.50 5.06 15.78
N ILE A 22 -0.96 4.22 14.92
CA ILE A 22 -2.30 4.28 14.43
C ILE A 22 -3.33 4.07 15.55
N ILE A 23 -3.20 2.98 16.27
CA ILE A 23 -4.13 2.65 17.34
C ILE A 23 -4.06 3.68 18.51
N LYS A 24 -2.90 4.28 18.72
CA LYS A 24 -2.75 5.27 19.78
C LYS A 24 -3.16 6.66 19.34
N SER A 25 -3.19 6.90 18.05
CA SER A 25 -3.56 8.20 17.57
C SER A 25 -5.03 8.26 17.19
N ASP A 26 -5.67 9.30 17.60
CA ASP A 26 -7.06 9.53 17.25
C ASP A 26 -7.16 10.87 16.52
N GLY A 27 -6.02 11.53 16.42
CA GLY A 27 -5.95 12.79 15.79
C GLY A 27 -5.22 12.73 14.45
N PRO A 28 -4.60 13.85 14.05
CA PRO A 28 -3.93 14.00 12.73
C PRO A 28 -2.98 12.88 12.31
N PHE A 29 -3.25 12.37 11.13
CA PHE A 29 -2.41 11.42 10.45
C PHE A 29 -1.97 12.09 9.17
N THR A 30 -0.87 11.68 8.63
CA THR A 30 -0.41 12.25 7.41
C THR A 30 -0.88 11.40 6.25
N ILE A 31 -0.69 11.88 5.05
CA ILE A 31 -0.99 11.12 3.85
C ILE A 31 -0.05 9.90 3.80
N LEU A 32 1.17 10.08 4.32
CA LEU A 32 2.13 9.05 4.30
C LEU A 32 1.76 8.01 5.35
N GLN A 33 1.13 8.47 6.43
CA GLN A 33 0.55 7.56 7.42
C GLN A 33 -0.53 6.73 6.77
N LEU A 34 -1.36 7.39 5.97
CA LEU A 34 -2.45 6.72 5.27
C LEU A 34 -1.93 5.66 4.29
N VAL A 35 -1.06 6.03 3.38
CA VAL A 35 -0.53 5.08 2.40
C VAL A 35 0.37 4.04 3.07
N GLY A 36 1.06 4.46 4.09
CA GLY A 36 1.88 3.56 4.86
C GLY A 36 1.05 2.57 5.61
N TYR A 37 -0.13 3.01 6.05
CA TYR A 37 -1.07 2.16 6.73
C TYR A 37 -1.69 1.20 5.75
N LEU A 38 -1.82 1.65 4.52
CA LEU A 38 -2.29 0.79 3.46
C LEU A 38 -1.30 -0.37 3.35
N ARG A 39 -0.03 -0.02 3.34
CA ARG A 39 1.06 -1.00 3.37
C ARG A 39 0.92 -1.92 4.62
N VAL A 40 0.57 -1.31 5.77
CA VAL A 40 0.32 -2.04 7.00
C VAL A 40 -0.78 -3.09 6.78
N VAL A 41 -1.96 -2.64 6.34
CA VAL A 41 -3.10 -3.54 6.15
C VAL A 41 -2.83 -4.64 5.13
N ASP A 42 -1.99 -4.34 4.13
CA ASP A 42 -1.54 -5.36 3.17
C ASP A 42 -0.85 -6.44 3.94
N THR A 43 0.20 -6.05 4.67
CA THR A 43 0.98 -7.00 5.44
C THR A 43 0.17 -7.70 6.55
N ASP A 44 -0.81 -6.98 7.10
CA ASP A 44 -1.71 -7.55 8.13
C ASP A 44 -2.48 -8.71 7.58
N LEU A 45 -3.04 -8.55 6.39
CA LEU A 45 -3.72 -9.64 5.71
C LEU A 45 -2.72 -10.72 5.37
N LEU A 46 -1.73 -10.30 4.65
CA LEU A 46 -0.71 -11.12 4.04
C LEU A 46 -0.01 -12.08 5.03
N LEU A 47 0.31 -11.59 6.21
CA LEU A 47 0.96 -12.42 7.23
C LEU A 47 -0.01 -12.85 8.32
N LYS A 48 -1.28 -12.48 8.17
CA LYS A 48 -2.33 -12.80 9.14
C LYS A 48 -2.06 -12.31 10.55
N VAL A 49 -1.95 -11.03 10.67
CA VAL A 49 -1.76 -10.41 11.97
C VAL A 49 -3.17 -10.12 12.53
N ASP A 50 -3.27 -9.76 13.81
CA ASP A 50 -4.58 -9.58 14.45
C ASP A 50 -5.53 -8.60 13.75
N SER A 51 -6.61 -9.17 13.34
CA SER A 51 -7.64 -8.51 12.60
C SER A 51 -8.33 -7.43 13.45
N THR A 52 -8.35 -7.61 14.76
CA THR A 52 -8.98 -6.65 15.61
C THR A 52 -8.08 -5.41 15.77
N LYS A 53 -6.78 -5.62 15.92
CA LYS A 53 -5.84 -4.51 15.98
C LYS A 53 -5.94 -3.67 14.73
N VAL A 54 -5.89 -4.34 13.58
CA VAL A 54 -5.95 -3.62 12.32
C VAL A 54 -7.34 -2.95 12.13
N ASP A 55 -8.36 -3.60 12.64
CA ASP A 55 -9.73 -3.09 12.56
C ASP A 55 -9.86 -1.81 13.36
N GLU A 56 -9.43 -1.87 14.60
CA GLU A 56 -9.49 -0.73 15.52
C GLU A 56 -8.61 0.43 15.06
N ALA A 57 -7.41 0.11 14.62
CA ALA A 57 -6.51 1.11 14.16
C ALA A 57 -7.07 1.80 12.90
N GLY A 58 -7.63 1.01 12.00
CA GLY A 58 -8.23 1.56 10.80
C GLY A 58 -9.43 2.40 11.14
N LYS A 59 -10.10 2.01 12.18
CA LYS A 59 -11.25 2.68 12.70
C LYS A 59 -10.84 4.07 13.24
N LYS A 60 -9.64 4.15 13.81
CA LYS A 60 -9.05 5.45 14.23
C LYS A 60 -8.64 6.28 13.02
N VAL A 61 -8.16 5.61 11.98
CA VAL A 61 -7.81 6.27 10.72
C VAL A 61 -9.05 6.92 10.13
N LYS A 62 -10.10 6.11 10.00
CA LYS A 62 -11.39 6.56 9.51
C LYS A 62 -11.88 7.70 10.38
N ALA A 63 -11.68 7.55 11.68
CA ALA A 63 -12.09 8.56 12.64
C ALA A 63 -11.50 9.91 12.31
N TYR A 64 -10.18 10.02 12.23
CA TYR A 64 -9.53 11.30 11.91
C TYR A 64 -9.97 11.82 10.55
N LEU A 65 -9.84 10.97 9.57
CA LEU A 65 -10.15 11.28 8.22
C LEU A 65 -11.58 11.80 8.09
N GLU A 66 -12.52 11.16 8.77
CA GLU A 66 -13.89 11.59 8.68
C GLU A 66 -14.16 12.79 9.64
N LYS A 67 -13.26 13.00 10.63
CA LYS A 67 -13.32 14.20 11.50
C LYS A 67 -13.11 15.43 10.69
N ILE A 68 -12.11 15.41 9.80
CA ILE A 68 -11.92 16.57 8.92
C ILE A 68 -13.10 16.61 7.97
N GLY A 69 -13.58 15.44 7.67
CA GLY A 69 -14.78 15.29 6.90
C GLY A 69 -14.56 14.58 5.63
N ILE A 70 -13.57 13.73 5.60
CA ILE A 70 -13.36 12.89 4.47
C ILE A 70 -14.00 11.57 4.76
N ARG A 71 -15.04 11.31 4.08
CA ARG A 71 -15.80 10.16 4.40
C ARG A 71 -15.51 8.99 3.49
N GLY A 72 -15.32 7.87 4.11
CA GLY A 72 -15.06 6.62 3.46
C GLY A 72 -15.36 5.53 4.44
N ASP A 73 -15.62 4.34 3.98
CA ASP A 73 -15.98 3.28 4.92
C ASP A 73 -14.78 2.51 5.45
N SER A 74 -14.16 1.74 4.59
CA SER A 74 -13.06 0.92 5.01
C SER A 74 -11.78 1.63 4.64
N VAL A 75 -10.69 1.37 5.35
CA VAL A 75 -9.44 2.12 5.12
C VAL A 75 -8.87 1.96 3.73
N GLU A 76 -9.02 0.80 3.13
CA GLU A 76 -8.56 0.60 1.78
C GLU A 76 -9.44 1.37 0.79
N ALA A 77 -10.73 1.46 1.11
CA ALA A 77 -11.67 2.15 0.26
C ALA A 77 -11.49 3.65 0.42
N ALA A 78 -11.21 4.05 1.64
CA ALA A 78 -10.92 5.43 1.95
C ALA A 78 -9.60 5.87 1.33
N LEU A 79 -8.61 5.00 1.36
CA LEU A 79 -7.30 5.28 0.75
C LEU A 79 -7.51 5.44 -0.76
N ASP A 80 -8.34 4.57 -1.31
CA ASP A 80 -8.74 4.63 -2.73
C ASP A 80 -9.39 5.96 -3.01
N ASN A 81 -10.30 6.33 -2.14
CA ASN A 81 -11.05 7.60 -2.18
C ASN A 81 -10.06 8.76 -2.26
N LEU A 82 -9.08 8.73 -1.36
CA LEU A 82 -8.03 9.75 -1.28
C LEU A 82 -7.27 9.83 -2.57
N MET A 83 -6.80 8.69 -3.03
CA MET A 83 -6.02 8.62 -4.27
C MET A 83 -6.80 9.16 -5.45
N ILE A 84 -8.06 8.79 -5.53
CA ILE A 84 -8.94 9.29 -6.56
C ILE A 84 -9.03 10.82 -6.51
N LYS A 85 -9.35 11.35 -5.34
CA LYS A 85 -9.50 12.79 -5.16
C LYS A 85 -8.19 13.57 -5.35
N VAL A 86 -7.08 13.00 -4.91
CA VAL A 86 -5.78 13.64 -5.10
C VAL A 86 -5.38 13.66 -6.57
N TYR A 87 -5.39 12.50 -7.19
CA TYR A 87 -4.97 12.40 -8.57
C TYR A 87 -5.93 13.05 -9.52
N GLU A 88 -7.14 13.23 -9.07
CA GLU A 88 -8.14 14.01 -9.79
C GLU A 88 -7.57 15.43 -10.00
N ILE A 89 -6.95 15.94 -8.93
CA ILE A 89 -6.37 17.27 -8.92
C ILE A 89 -5.08 17.27 -9.73
N THR A 90 -4.34 16.20 -9.57
CA THR A 90 -3.08 16.02 -10.23
C THR A 90 -3.25 15.91 -11.78
N LYS A 91 -4.08 14.97 -12.24
CA LYS A 91 -4.21 14.71 -13.67
C LYS A 91 -5.25 15.64 -14.31
N GLY A 92 -6.18 16.14 -13.53
CA GLY A 92 -7.20 17.01 -14.07
C GLY A 92 -8.36 16.23 -14.60
N THR A 93 -8.66 15.13 -13.93
CA THR A 93 -9.73 14.24 -14.28
C THR A 93 -9.79 13.16 -13.23
N VAL A 94 -10.95 12.54 -13.09
CA VAL A 94 -11.13 11.48 -12.11
C VAL A 94 -10.73 10.14 -12.76
N GLU A 95 -10.38 10.24 -14.05
CA GLU A 95 -10.08 9.12 -14.95
C GLU A 95 -11.39 8.42 -15.28
N SER A 96 -11.90 7.72 -14.31
CA SER A 96 -13.17 7.09 -14.38
C SER A 96 -14.14 8.04 -13.70
N SER A 97 -15.34 8.15 -14.18
CA SER A 97 -16.27 9.08 -13.58
C SER A 97 -16.79 8.57 -12.23
N ALA A 98 -16.10 8.97 -11.19
CA ALA A 98 -16.48 8.67 -9.83
C ALA A 98 -16.87 9.98 -9.17
N GLN A 99 -17.70 9.91 -8.17
CA GLN A 99 -18.17 11.11 -7.49
C GLN A 99 -17.05 11.83 -6.73
N GLY A 100 -16.83 13.08 -7.08
CA GLY A 100 -15.82 13.89 -6.43
C GLY A 100 -16.45 14.70 -5.33
N THR A 101 -16.66 14.07 -4.23
CA THR A 101 -17.32 14.65 -3.10
C THR A 101 -16.36 15.43 -2.20
N ASP A 102 -16.92 16.03 -1.14
CA ASP A 102 -16.22 16.73 -0.05
C ASP A 102 -15.83 18.16 -0.38
N SER A 103 -15.85 18.97 0.66
CA SER A 103 -15.59 20.40 0.59
C SER A 103 -14.20 20.73 0.02
N GLU A 104 -14.08 21.93 -0.50
CA GLU A 104 -12.84 22.41 -1.08
C GLU A 104 -11.76 22.50 -0.02
N GLU A 105 -12.16 22.85 1.18
CA GLU A 105 -11.26 22.87 2.35
C GLU A 105 -10.62 21.48 2.53
N LEU A 106 -11.43 20.48 2.28
CA LEU A 106 -11.04 19.10 2.47
C LEU A 106 -10.14 18.69 1.35
N LYS A 107 -10.49 19.11 0.17
CA LYS A 107 -9.66 18.91 -1.00
C LYS A 107 -8.30 19.61 -0.79
N THR A 108 -8.34 20.79 -0.19
CA THR A 108 -7.12 21.54 0.11
C THR A 108 -6.24 20.82 1.15
N LEU A 109 -6.87 20.17 2.13
CA LEU A 109 -6.12 19.43 3.09
C LEU A 109 -5.51 18.21 2.37
N LEU A 110 -6.25 17.70 1.38
CA LEU A 110 -5.78 16.59 0.56
C LEU A 110 -4.67 17.07 -0.38
N LEU A 111 -4.66 18.35 -0.65
CA LEU A 111 -3.60 18.99 -1.40
C LEU A 111 -2.33 19.01 -0.59
N LYS A 112 -2.46 19.25 0.71
CA LYS A 112 -1.29 19.14 1.61
C LYS A 112 -0.84 17.72 1.60
N PHE A 113 -1.79 16.81 1.61
CA PHE A 113 -1.50 15.41 1.51
C PHE A 113 -0.75 15.11 0.22
N SER A 114 -1.23 15.67 -0.84
CA SER A 114 -0.60 15.54 -2.12
C SER A 114 0.86 16.03 -2.06
N GLU A 115 1.04 17.28 -1.65
CA GLU A 115 2.36 17.90 -1.55
C GLU A 115 3.24 17.14 -0.57
N ASP A 116 2.65 16.74 0.55
CA ASP A 116 3.38 16.10 1.63
C ASP A 116 3.96 14.76 1.18
N LEU A 117 3.07 13.95 0.56
CA LEU A 117 3.42 12.62 0.06
C LEU A 117 4.49 12.78 -0.98
N LYS A 118 4.24 13.65 -1.93
CA LYS A 118 5.12 13.83 -3.05
C LYS A 118 6.47 14.36 -2.63
N ALA A 119 6.49 15.24 -1.64
CA ALA A 119 7.73 15.78 -1.13
C ALA A 119 8.58 14.69 -0.53
N GLU A 120 8.00 13.93 0.38
CA GLU A 120 8.71 12.83 0.99
C GLU A 120 9.09 11.78 -0.04
N GLN A 121 8.26 11.64 -1.05
CA GLN A 121 8.45 10.61 -2.03
C GLN A 121 9.57 10.98 -2.99
N GLU A 122 9.63 12.24 -3.41
CA GLU A 122 10.67 12.67 -4.31
C GLU A 122 12.00 12.80 -3.58
N LEU A 123 11.96 13.19 -2.31
CA LEU A 123 13.17 13.27 -1.50
C LEU A 123 13.78 11.88 -1.30
N HIS A 124 12.92 10.88 -1.05
CA HIS A 124 13.39 9.51 -0.90
C HIS A 124 13.94 9.04 -2.26
N SER A 125 13.20 9.37 -3.31
CA SER A 125 13.57 9.05 -4.67
C SER A 125 14.88 9.74 -5.07
N GLU A 126 15.21 10.83 -4.43
CA GLU A 126 16.45 11.49 -4.71
C GLU A 126 17.57 10.69 -4.05
N ALA A 127 17.52 10.62 -2.73
CA ALA A 127 18.56 10.01 -1.91
C ALA A 127 18.84 8.57 -2.29
N LYS A 128 17.80 7.77 -2.43
CA LYS A 128 17.99 6.35 -2.73
C LYS A 128 18.15 6.06 -4.21
N GLY A 129 18.10 7.08 -5.06
CA GLY A 129 18.20 6.81 -6.49
C GLY A 129 16.90 6.26 -7.04
N GLY A 130 16.09 7.15 -7.56
CA GLY A 130 14.77 6.84 -8.05
C GLY A 130 14.72 5.74 -9.05
N GLU A 131 15.61 5.78 -10.03
CA GLU A 131 15.64 4.78 -11.08
C GLU A 131 15.98 3.41 -10.51
N ALA A 132 16.94 3.36 -9.61
CA ALA A 132 17.40 2.10 -9.04
C ALA A 132 16.31 1.47 -8.19
N LEU A 133 15.64 2.30 -7.43
CA LEU A 133 14.57 1.85 -6.56
C LEU A 133 13.37 1.40 -7.41
N LEU A 134 13.07 2.17 -8.43
CA LEU A 134 11.96 1.85 -9.31
C LEU A 134 12.25 0.57 -10.07
N SER A 135 13.46 0.46 -10.57
CA SER A 135 13.87 -0.69 -11.34
C SER A 135 13.93 -1.96 -10.50
N SER A 136 14.37 -1.87 -9.25
CA SER A 136 14.44 -3.06 -8.42
C SER A 136 13.03 -3.53 -8.08
N MET A 137 12.18 -2.55 -7.73
CA MET A 137 10.77 -2.80 -7.46
C MET A 137 10.14 -3.47 -8.66
N LYS A 138 10.26 -2.82 -9.80
CA LYS A 138 9.67 -3.26 -11.05
C LYS A 138 10.15 -4.63 -11.45
N THR A 139 11.44 -4.81 -11.49
CA THR A 139 12.02 -6.02 -12.01
C THR A 139 11.67 -7.22 -11.15
N GLN A 140 11.81 -7.09 -9.86
CA GLN A 140 11.52 -8.18 -9.00
C GLN A 140 10.03 -8.46 -8.93
N HIS A 141 9.21 -7.41 -8.95
CA HIS A 141 7.76 -7.57 -8.92
C HIS A 141 7.29 -8.21 -10.23
N ASP A 142 7.93 -7.82 -11.34
CA ASP A 142 7.53 -8.33 -12.64
C ASP A 142 7.92 -9.78 -12.75
N GLU A 143 9.11 -10.12 -12.24
CA GLU A 143 9.58 -11.50 -12.20
C GLU A 143 8.60 -12.36 -11.44
N LEU A 144 8.19 -11.85 -10.29
CA LEU A 144 7.24 -12.52 -9.45
C LEU A 144 5.96 -12.81 -10.22
N LEU A 145 5.37 -11.79 -10.79
CA LEU A 145 4.12 -11.97 -11.54
C LEU A 145 4.31 -12.88 -12.74
N LYS A 146 5.48 -12.80 -13.33
CA LYS A 146 5.86 -13.67 -14.43
C LYS A 146 5.85 -15.12 -13.95
N LYS A 147 6.46 -15.36 -12.81
CA LYS A 147 6.47 -16.69 -12.18
C LYS A 147 5.04 -17.17 -11.87
N PHE A 148 4.22 -16.27 -11.34
CA PHE A 148 2.82 -16.55 -11.00
C PHE A 148 2.00 -16.89 -12.24
N ALA A 149 2.34 -16.27 -13.35
CA ALA A 149 1.62 -16.50 -14.58
C ALA A 149 2.23 -17.68 -15.33
N ALA A 150 3.46 -17.99 -14.99
CA ALA A 150 4.17 -19.08 -15.61
C ALA A 150 3.84 -20.37 -14.92
N LEU A 151 3.57 -20.28 -13.63
CA LEU A 151 3.20 -21.41 -12.85
C LEU A 151 1.74 -21.73 -13.12
N THR A 152 1.47 -22.97 -13.34
CA THR A 152 0.18 -23.42 -13.68
C THR A 152 -0.31 -24.43 -12.65
N PRO A 153 -1.61 -24.46 -12.38
CA PRO A 153 -2.58 -23.56 -12.98
C PRO A 153 -2.64 -22.22 -12.23
N THR A 154 -2.40 -21.14 -12.95
CA THR A 154 -2.44 -19.84 -12.35
C THR A 154 -3.90 -19.43 -12.09
N PHE A 155 -4.14 -18.91 -10.90
CA PHE A 155 -5.47 -18.51 -10.48
C PHE A 155 -5.71 -17.04 -10.72
N LEU A 156 -4.73 -16.34 -11.24
CA LEU A 156 -4.86 -14.94 -11.47
C LEU A 156 -5.52 -14.69 -12.78
N THR A 157 -5.86 -13.48 -12.99
CA THR A 157 -6.53 -13.07 -14.17
C THR A 157 -5.58 -12.14 -14.93
N SER A 158 -5.64 -12.19 -16.24
CA SER A 158 -4.72 -11.49 -17.10
C SER A 158 -4.75 -9.94 -16.99
N GLU A 159 -3.79 -9.34 -17.68
CA GLU A 159 -3.50 -7.92 -17.72
C GLU A 159 -4.67 -7.10 -18.24
N ASP A 160 -5.59 -7.77 -18.90
CA ASP A 160 -6.83 -7.17 -19.36
C ASP A 160 -7.59 -6.56 -18.18
N ILE A 161 -7.60 -7.27 -17.06
CA ILE A 161 -8.29 -6.77 -15.88
C ILE A 161 -7.27 -6.12 -14.94
N SER A 162 -6.08 -6.71 -14.89
CA SER A 162 -4.96 -6.20 -14.14
C SER A 162 -4.25 -5.09 -14.92
N GLY A 163 -5.05 -4.32 -15.65
CA GLY A 163 -4.56 -3.24 -16.48
C GLY A 163 -4.35 -1.99 -15.69
N TYR A 164 -3.52 -2.11 -14.71
CA TYR A 164 -3.17 -1.06 -13.83
C TYR A 164 -1.72 -1.22 -13.48
N LEU A 165 -1.19 -0.30 -12.75
CA LEU A 165 0.19 -0.37 -12.37
C LEU A 165 0.36 -1.22 -11.13
N THR A 166 0.84 -2.45 -11.31
CA THR A 166 1.18 -3.30 -10.19
C THR A 166 2.37 -2.66 -9.48
N VAL A 167 3.25 -2.13 -10.30
CA VAL A 167 4.37 -1.38 -9.87
C VAL A 167 4.06 0.07 -10.16
N PRO A 168 3.79 0.87 -9.12
CA PRO A 168 3.48 2.27 -9.30
C PRO A 168 4.75 3.10 -9.42
N GLU A 169 4.60 4.39 -9.41
CA GLU A 169 5.74 5.25 -9.46
C GLU A 169 5.49 6.46 -8.61
N TYR A 170 6.47 7.28 -8.53
CA TYR A 170 6.50 8.45 -7.67
C TYR A 170 5.48 9.49 -8.17
N GLY A 171 5.14 9.39 -9.42
CA GLY A 171 4.18 10.29 -9.99
C GLY A 171 2.83 9.66 -10.23
N ALA A 172 2.64 8.42 -9.83
CA ALA A 172 1.39 7.73 -10.12
C ALA A 172 0.82 7.06 -8.87
N PRO A 173 -0.49 6.73 -8.87
CA PRO A 173 -1.10 5.99 -7.79
C PRO A 173 -0.96 4.49 -8.03
N MET A 174 -1.70 3.71 -7.29
CA MET A 174 -1.70 2.29 -7.42
C MET A 174 -3.12 1.88 -7.15
N ASN A 175 -3.65 0.95 -7.89
CA ASN A 175 -5.04 0.56 -7.72
C ASN A 175 -5.16 -0.45 -6.61
N ALA A 176 -5.05 0.07 -5.39
CA ALA A 176 -5.04 -0.70 -4.16
C ALA A 176 -6.30 -1.53 -3.99
N ALA A 177 -7.43 -1.01 -4.40
CA ALA A 177 -8.68 -1.74 -4.27
C ALA A 177 -8.65 -3.03 -5.11
N LYS A 178 -8.26 -2.89 -6.36
CA LYS A 178 -8.24 -4.01 -7.29
C LYS A 178 -7.10 -4.95 -6.90
N TRP A 179 -6.01 -4.36 -6.49
CA TRP A 179 -4.88 -5.10 -5.96
C TRP A 179 -5.27 -5.93 -4.76
N ALA A 180 -5.84 -5.30 -3.73
CA ALA A 180 -6.26 -6.00 -2.51
C ALA A 180 -7.25 -7.11 -2.85
N LYS A 181 -8.04 -6.88 -3.89
CA LYS A 181 -8.95 -7.89 -4.40
C LYS A 181 -8.15 -9.12 -4.89
N VAL A 182 -7.22 -8.89 -5.82
CA VAL A 182 -6.46 -10.00 -6.40
C VAL A 182 -5.44 -10.61 -5.43
N GLU A 183 -4.78 -9.77 -4.67
CA GLU A 183 -3.79 -10.20 -3.67
C GLU A 183 -4.52 -10.92 -2.53
N GLY A 184 -5.74 -10.48 -2.24
CA GLY A 184 -6.59 -11.16 -1.28
C GLY A 184 -6.96 -12.53 -1.78
N MET A 185 -7.20 -12.64 -3.09
CA MET A 185 -7.44 -13.95 -3.71
C MET A 185 -6.20 -14.81 -3.56
N ILE A 186 -5.03 -14.20 -3.83
CA ILE A 186 -3.72 -14.87 -3.68
C ILE A 186 -3.58 -15.49 -2.31
N HIS A 187 -3.81 -14.69 -1.30
CA HIS A 187 -3.70 -15.12 0.07
C HIS A 187 -4.73 -16.19 0.36
N GLY A 188 -5.93 -15.95 -0.12
CA GLY A 188 -7.04 -16.89 0.07
C GLY A 188 -6.76 -18.23 -0.56
N LYS A 189 -5.98 -18.22 -1.60
CA LYS A 189 -5.61 -19.39 -2.29
C LYS A 189 -4.47 -20.05 -1.58
N LEU A 190 -3.47 -19.29 -1.27
CA LEU A 190 -2.30 -19.81 -0.68
C LEU A 190 -2.45 -20.18 0.77
N GLU A 191 -3.58 -19.86 1.36
CA GLU A 191 -3.82 -20.33 2.71
C GLU A 191 -4.43 -21.73 2.64
N SER A 192 -4.98 -22.10 1.47
CA SER A 192 -5.62 -23.39 1.35
C SER A 192 -5.57 -23.94 -0.09
N SER A 193 -4.36 -24.13 -0.59
CA SER A 193 -4.14 -24.78 -1.87
C SER A 193 -3.08 -25.85 -1.72
N GLU A 194 -2.01 -25.50 -1.03
CA GLU A 194 -0.91 -26.39 -0.77
C GLU A 194 -0.12 -25.88 0.41
N VAL A 195 0.53 -26.78 1.08
CA VAL A 195 1.42 -26.48 2.19
C VAL A 195 2.69 -25.80 1.60
N PRO A 196 3.30 -24.81 2.33
CA PRO A 196 4.51 -24.08 1.92
C PRO A 196 5.45 -24.81 0.95
N ALA A 197 5.31 -24.45 -0.31
CA ALA A 197 6.07 -25.00 -1.39
C ALA A 197 6.43 -23.86 -2.32
N ASN A 198 6.88 -24.16 -3.53
CA ASN A 198 7.36 -23.13 -4.49
C ASN A 198 6.36 -22.00 -4.74
N LEU A 199 5.10 -22.33 -5.00
CA LEU A 199 4.06 -21.31 -5.23
C LEU A 199 3.91 -20.41 -4.01
N LYS A 200 3.89 -21.02 -2.83
CA LYS A 200 3.79 -20.29 -1.59
C LYS A 200 5.06 -19.48 -1.35
N ALA A 201 6.17 -19.95 -1.90
CA ALA A 201 7.45 -19.30 -1.77
C ALA A 201 7.51 -18.09 -2.67
N LEU A 202 6.91 -18.22 -3.84
CA LEU A 202 6.78 -17.11 -4.79
C LEU A 202 5.97 -16.02 -4.14
N VAL A 203 4.91 -16.45 -3.50
CA VAL A 203 4.07 -15.54 -2.75
C VAL A 203 4.86 -14.92 -1.60
N ALA A 204 5.68 -15.71 -0.93
CA ALA A 204 6.52 -15.21 0.15
C ALA A 204 7.55 -14.20 -0.36
N GLU A 205 8.04 -14.41 -1.58
CA GLU A 205 8.94 -13.44 -2.18
C GLU A 205 8.15 -12.18 -2.50
N LEU A 206 6.94 -12.37 -2.99
CA LEU A 206 6.02 -11.26 -3.27
C LEU A 206 5.76 -10.48 -1.98
N ILE A 207 5.60 -11.22 -0.89
CA ILE A 207 5.39 -10.65 0.43
C ILE A 207 6.54 -9.75 0.79
N GLU A 208 7.72 -10.32 0.72
CA GLU A 208 8.93 -9.63 1.02
C GLU A 208 9.10 -8.38 0.15
N LEU A 209 8.97 -8.54 -1.16
CA LEU A 209 9.10 -7.43 -2.10
C LEU A 209 8.04 -6.35 -1.87
N ARG A 210 6.78 -6.75 -1.73
CA ARG A 210 5.68 -5.79 -1.48
C ARG A 210 6.02 -4.95 -0.24
N ALA A 211 6.47 -5.63 0.80
CA ALA A 211 6.76 -5.02 2.07
C ALA A 211 7.92 -4.07 1.95
N GLN A 212 9.06 -4.60 1.54
CA GLN A 212 10.30 -3.84 1.42
C GLN A 212 10.16 -2.69 0.47
N MET A 213 9.58 -2.95 -0.68
CA MET A 213 9.58 -1.96 -1.72
C MET A 213 8.62 -0.84 -1.42
N MET A 214 7.47 -1.14 -0.84
CA MET A 214 6.56 -0.06 -0.43
C MET A 214 7.07 0.59 0.85
N ALA A 215 7.84 -0.14 1.64
CA ALA A 215 8.42 0.42 2.85
C ALA A 215 9.38 1.50 2.47
N LEU A 216 10.17 1.20 1.47
CA LEU A 216 11.11 2.12 0.92
C LEU A 216 10.39 3.22 0.11
N LEU A 217 9.42 2.81 -0.73
CA LEU A 217 8.64 3.75 -1.56
C LEU A 217 7.95 4.80 -0.71
N TYR A 218 7.60 4.42 0.48
CA TYR A 218 6.92 5.29 1.44
C TYR A 218 7.77 5.51 2.68
N GLY A 219 9.06 5.46 2.52
CA GLY A 219 9.97 5.69 3.63
C GLY A 219 10.07 7.18 3.99
N PRO A 220 9.60 7.59 5.18
CA PRO A 220 9.60 9.00 5.59
C PRO A 220 10.99 9.53 5.91
N ILE A 221 11.22 10.78 5.59
CA ILE A 221 12.47 11.44 5.89
C ILE A 221 12.16 12.53 6.92
N GLY A 222 11.19 13.35 6.58
CA GLY A 222 10.75 14.43 7.42
C GLY A 222 9.25 14.31 7.64
N HIS A 223 8.89 13.33 8.43
CA HIS A 223 7.49 13.00 8.64
C HIS A 223 6.76 14.04 9.51
N HIS A 224 5.53 14.34 9.08
CA HIS A 224 4.57 15.22 9.77
C HIS A 224 5.04 16.67 9.72
N VAL A 1 22.51 -10.40 10.46
CA VAL A 1 22.29 -11.33 9.34
C VAL A 1 20.83 -11.28 8.94
N LYS A 2 20.53 -11.44 7.67
CA LYS A 2 19.15 -11.42 7.27
C LYS A 2 18.70 -12.79 6.85
N THR A 3 17.93 -13.39 7.67
CA THR A 3 17.32 -14.64 7.37
C THR A 3 15.82 -14.38 7.42
N LEU A 4 14.98 -15.38 7.15
CA LEU A 4 13.52 -15.19 7.12
C LEU A 4 13.00 -14.54 8.37
N ASP A 5 13.44 -15.03 9.51
CA ASP A 5 12.99 -14.53 10.81
C ASP A 5 13.30 -13.06 10.97
N VAL A 6 14.45 -12.67 10.51
CA VAL A 6 14.90 -11.32 10.63
C VAL A 6 14.11 -10.41 9.73
N LEU A 7 14.00 -10.80 8.48
CA LEU A 7 13.28 -10.02 7.48
C LEU A 7 11.83 -9.91 7.88
N ARG A 8 11.28 -11.02 8.32
CA ARG A 8 9.90 -11.06 8.73
C ARG A 8 9.73 -10.23 10.00
N GLY A 9 10.75 -10.26 10.86
CA GLY A 9 10.71 -9.55 12.11
C GLY A 9 10.85 -8.06 11.91
N GLU A 10 11.61 -7.67 10.90
CA GLU A 10 11.77 -6.29 10.56
C GLU A 10 10.49 -5.74 9.97
N LEU A 11 9.87 -6.54 9.14
CA LEU A 11 8.59 -6.18 8.56
C LEU A 11 7.53 -6.10 9.64
N ARG A 12 7.50 -7.13 10.45
CA ARG A 12 6.57 -7.23 11.56
C ARG A 12 6.76 -6.10 12.56
N GLY A 13 8.01 -5.79 12.86
CA GLY A 13 8.33 -4.70 13.75
C GLY A 13 7.84 -3.38 13.21
N GLN A 14 8.12 -3.13 11.94
CA GLN A 14 7.69 -1.89 11.29
C GLN A 14 6.16 -1.79 11.26
N ARG A 15 5.46 -2.87 10.86
CA ARG A 15 3.99 -2.83 10.83
C ARG A 15 3.42 -2.66 12.24
N GLU A 16 4.08 -3.23 13.24
CA GLU A 16 3.64 -3.06 14.60
C GLU A 16 3.97 -1.69 15.14
N ALA A 17 5.07 -1.12 14.70
CA ALA A 17 5.42 0.25 15.07
C ALA A 17 4.32 1.17 14.56
N PHE A 18 3.93 0.95 13.30
CA PHE A 18 2.79 1.62 12.68
C PHE A 18 1.53 1.40 13.47
N LEU A 19 1.19 0.14 13.64
CA LEU A 19 -0.01 -0.28 14.37
C LEU A 19 -0.06 0.39 15.73
N SER A 20 1.05 0.41 16.41
CA SER A 20 1.20 1.01 17.71
C SER A 20 0.90 2.52 17.65
N GLU A 21 1.53 3.23 16.69
CA GLU A 21 1.34 4.65 16.55
C GLU A 21 -0.08 4.94 16.19
N ILE A 22 -0.55 4.24 15.20
CA ILE A 22 -1.85 4.46 14.69
C ILE A 22 -2.96 4.12 15.72
N ILE A 23 -2.82 3.02 16.47
CA ILE A 23 -3.80 2.67 17.50
C ILE A 23 -3.78 3.69 18.65
N LYS A 24 -2.59 4.20 18.95
CA LYS A 24 -2.40 5.17 20.02
C LYS A 24 -2.91 6.56 19.61
N SER A 25 -2.82 6.86 18.34
CA SER A 25 -3.15 8.16 17.85
C SER A 25 -4.64 8.41 17.66
N ASP A 26 -5.04 9.59 18.07
CA ASP A 26 -6.37 10.12 17.88
C ASP A 26 -6.15 11.57 17.49
N GLY A 27 -5.05 11.75 16.82
CA GLY A 27 -4.62 13.02 16.36
C GLY A 27 -4.43 13.05 14.87
N PRO A 28 -3.52 13.88 14.36
CA PRO A 28 -3.30 14.00 12.93
C PRO A 28 -2.35 12.95 12.34
N PHE A 29 -2.54 12.70 11.07
CA PHE A 29 -1.70 11.83 10.27
C PHE A 29 -1.43 12.56 8.99
N THR A 30 -0.42 12.17 8.26
CA THR A 30 -0.12 12.80 7.01
C THR A 30 -0.35 11.82 5.85
N ILE A 31 -0.13 12.27 4.60
CA ILE A 31 -0.33 11.42 3.43
C ILE A 31 0.61 10.22 3.46
N LEU A 32 1.87 10.43 3.83
CA LEU A 32 2.82 9.32 3.95
C LEU A 32 2.44 8.37 5.06
N GLN A 33 1.84 8.91 6.12
CA GLN A 33 1.34 8.09 7.23
C GLN A 33 0.22 7.17 6.72
N LEU A 34 -0.68 7.74 5.93
CA LEU A 34 -1.82 7.02 5.41
C LEU A 34 -1.44 5.95 4.39
N VAL A 35 -0.59 6.29 3.45
CA VAL A 35 -0.16 5.31 2.46
C VAL A 35 0.72 4.23 3.11
N GLY A 36 1.42 4.63 4.15
CA GLY A 36 2.16 3.70 4.95
C GLY A 36 1.19 2.76 5.67
N TYR A 37 0.04 3.27 6.06
CA TYR A 37 -0.97 2.43 6.67
C TYR A 37 -1.54 1.46 5.65
N LEU A 38 -1.64 1.90 4.41
CA LEU A 38 -2.02 1.02 3.32
C LEU A 38 -1.03 -0.15 3.24
N ARG A 39 0.26 0.17 3.39
CA ARG A 39 1.32 -0.83 3.51
C ARG A 39 1.02 -1.80 4.68
N VAL A 40 0.61 -1.24 5.83
CA VAL A 40 0.27 -2.04 7.01
C VAL A 40 -0.81 -3.07 6.66
N VAL A 41 -1.96 -2.58 6.19
CA VAL A 41 -3.10 -3.45 5.88
C VAL A 41 -2.78 -4.43 4.74
N ASP A 42 -1.84 -4.04 3.90
CA ASP A 42 -1.34 -4.91 2.84
C ASP A 42 -0.71 -6.14 3.48
N THR A 43 0.24 -5.94 4.39
CA THR A 43 0.83 -7.08 5.10
C THR A 43 -0.17 -7.80 5.98
N ASP A 44 -1.03 -7.05 6.60
CA ASP A 44 -2.03 -7.61 7.50
C ASP A 44 -3.02 -8.51 6.79
N LEU A 45 -3.26 -8.29 5.50
CA LEU A 45 -4.05 -9.23 4.72
C LEU A 45 -3.21 -10.48 4.47
N LEU A 46 -2.02 -10.26 3.91
CA LEU A 46 -1.08 -11.32 3.50
C LEU A 46 -0.79 -12.32 4.61
N LEU A 47 -0.45 -11.82 5.78
CA LEU A 47 -0.10 -12.69 6.89
C LEU A 47 -1.29 -13.02 7.77
N LYS A 48 -2.49 -12.56 7.36
CA LYS A 48 -3.72 -12.76 8.10
C LYS A 48 -3.62 -12.31 9.55
N VAL A 49 -3.35 -11.05 9.75
CA VAL A 49 -3.26 -10.53 11.08
C VAL A 49 -4.68 -10.15 11.51
N ASP A 50 -4.90 -10.05 12.80
CA ASP A 50 -6.21 -9.86 13.39
C ASP A 50 -7.03 -8.69 12.83
N SER A 51 -8.21 -9.06 12.39
CA SER A 51 -9.16 -8.17 11.77
C SER A 51 -9.68 -7.08 12.73
N THR A 52 -9.73 -7.36 14.00
CA THR A 52 -10.23 -6.38 14.92
C THR A 52 -9.13 -5.38 15.29
N LYS A 53 -7.89 -5.84 15.28
CA LYS A 53 -6.77 -4.94 15.51
C LYS A 53 -6.65 -3.95 14.37
N VAL A 54 -6.77 -4.46 13.13
CA VAL A 54 -6.76 -3.55 12.00
C VAL A 54 -7.98 -2.62 12.02
N ASP A 55 -9.13 -3.18 12.42
CA ASP A 55 -10.38 -2.41 12.55
C ASP A 55 -10.18 -1.25 13.51
N GLU A 56 -9.59 -1.53 14.64
CA GLU A 56 -9.31 -0.53 15.65
C GLU A 56 -8.34 0.55 15.20
N ALA A 57 -7.23 0.14 14.67
CA ALA A 57 -6.25 1.09 14.22
C ALA A 57 -6.81 1.90 13.05
N GLY A 58 -7.50 1.23 12.15
CA GLY A 58 -8.11 1.91 11.04
C GLY A 58 -9.26 2.79 11.48
N LYS A 59 -9.85 2.46 12.61
CA LYS A 59 -10.92 3.25 13.19
C LYS A 59 -10.33 4.56 13.72
N LYS A 60 -9.09 4.48 14.22
CA LYS A 60 -8.36 5.70 14.66
C LYS A 60 -8.07 6.56 13.42
N VAL A 61 -7.75 5.87 12.34
CA VAL A 61 -7.54 6.49 11.04
C VAL A 61 -8.83 7.16 10.56
N LYS A 62 -9.93 6.42 10.64
CA LYS A 62 -11.27 6.90 10.31
C LYS A 62 -11.64 8.09 11.18
N ALA A 63 -11.27 8.00 12.43
CA ALA A 63 -11.46 9.08 13.38
C ALA A 63 -10.80 10.34 12.87
N TYR A 64 -9.51 10.24 12.57
CA TYR A 64 -8.75 11.34 11.99
C TYR A 64 -9.39 11.86 10.71
N LEU A 65 -9.67 10.93 9.85
CA LEU A 65 -10.28 11.16 8.58
C LEU A 65 -11.54 12.02 8.76
N GLU A 66 -12.43 11.60 9.62
CA GLU A 66 -13.64 12.37 9.87
C GLU A 66 -13.36 13.66 10.69
N LYS A 67 -12.20 13.72 11.38
CA LYS A 67 -11.79 14.97 12.08
C LYS A 67 -11.58 16.06 11.05
N ILE A 68 -10.88 15.72 9.96
CA ILE A 68 -10.68 16.72 8.91
C ILE A 68 -11.98 16.90 8.15
N GLY A 69 -12.77 15.86 8.17
CA GLY A 69 -14.11 15.92 7.68
C GLY A 69 -14.33 15.04 6.51
N ILE A 70 -13.62 13.96 6.47
CA ILE A 70 -13.75 13.02 5.42
C ILE A 70 -14.45 11.79 5.92
N ARG A 71 -15.47 11.40 5.21
CA ARG A 71 -16.25 10.24 5.58
C ARG A 71 -15.61 8.99 5.02
N GLY A 72 -15.50 8.00 5.86
CA GLY A 72 -14.98 6.75 5.44
C GLY A 72 -15.95 5.68 5.79
N ASP A 73 -16.34 4.92 4.79
CA ASP A 73 -17.32 3.87 4.97
C ASP A 73 -16.69 2.69 5.66
N SER A 74 -15.55 2.35 5.19
CA SER A 74 -14.79 1.26 5.67
C SER A 74 -13.35 1.74 5.59
N VAL A 75 -12.42 1.07 6.24
CA VAL A 75 -11.03 1.54 6.22
C VAL A 75 -10.40 1.39 4.84
N GLU A 76 -10.74 0.30 4.17
CA GLU A 76 -10.27 0.07 2.83
C GLU A 76 -10.97 1.03 1.86
N ALA A 77 -12.20 1.39 2.19
CA ALA A 77 -12.96 2.32 1.37
C ALA A 77 -12.49 3.75 1.63
N ALA A 78 -11.90 3.95 2.79
CA ALA A 78 -11.36 5.22 3.17
C ALA A 78 -10.11 5.47 2.37
N LEU A 79 -9.24 4.48 2.32
CA LEU A 79 -8.03 4.61 1.54
C LEU A 79 -8.37 4.67 0.05
N ASP A 80 -9.44 3.97 -0.37
CA ASP A 80 -9.94 4.10 -1.75
C ASP A 80 -10.23 5.54 -2.05
N ASN A 81 -11.04 6.16 -1.18
CA ASN A 81 -11.44 7.57 -1.27
C ASN A 81 -10.20 8.44 -1.40
N LEU A 82 -9.24 8.20 -0.50
CA LEU A 82 -7.98 8.96 -0.47
C LEU A 82 -7.20 8.82 -1.77
N MET A 83 -7.02 7.58 -2.18
CA MET A 83 -6.35 7.25 -3.44
C MET A 83 -6.94 8.02 -4.59
N ILE A 84 -8.25 7.90 -4.75
CA ILE A 84 -9.00 8.59 -5.79
C ILE A 84 -8.70 10.09 -5.76
N LYS A 85 -8.77 10.67 -4.57
CA LYS A 85 -8.52 12.10 -4.38
C LYS A 85 -7.10 12.50 -4.77
N VAL A 86 -6.14 11.64 -4.49
CA VAL A 86 -4.77 11.92 -4.89
C VAL A 86 -4.67 11.90 -6.41
N TYR A 87 -5.21 10.85 -7.02
CA TYR A 87 -5.14 10.69 -8.45
C TYR A 87 -5.94 11.74 -9.18
N GLU A 88 -7.00 12.23 -8.55
CA GLU A 88 -7.72 13.38 -9.10
C GLU A 88 -6.77 14.56 -9.26
N ILE A 89 -5.84 14.71 -8.35
CA ILE A 89 -4.87 15.80 -8.42
C ILE A 89 -3.84 15.48 -9.50
N THR A 90 -3.31 14.29 -9.40
CA THR A 90 -2.31 13.77 -10.30
C THR A 90 -2.77 13.81 -11.79
N LYS A 91 -4.00 13.44 -12.05
CA LYS A 91 -4.52 13.41 -13.42
C LYS A 91 -5.28 14.69 -13.79
N GLY A 92 -5.68 15.47 -12.79
CA GLY A 92 -6.43 16.69 -13.04
C GLY A 92 -7.85 16.47 -12.64
N THR A 93 -8.32 15.31 -13.02
CA THR A 93 -9.57 14.77 -12.67
C THR A 93 -9.46 13.32 -13.13
N VAL A 94 -10.18 12.44 -12.52
CA VAL A 94 -10.11 11.05 -12.92
C VAL A 94 -11.51 10.62 -13.35
N GLU A 95 -11.60 9.57 -14.14
CA GLU A 95 -12.87 9.17 -14.72
C GLU A 95 -13.83 8.60 -13.68
N SER A 96 -13.58 7.41 -13.18
CA SER A 96 -14.45 6.82 -12.21
C SER A 96 -13.76 5.69 -11.49
N SER A 97 -14.06 5.56 -10.22
CA SER A 97 -13.54 4.53 -9.35
C SER A 97 -14.41 4.59 -8.09
N ALA A 98 -15.70 4.97 -8.31
CA ALA A 98 -16.67 5.30 -7.27
C ALA A 98 -16.25 6.59 -6.57
N GLN A 99 -16.72 7.69 -7.11
CA GLN A 99 -16.30 9.02 -6.67
C GLN A 99 -17.37 9.74 -5.86
N GLY A 100 -16.94 10.79 -5.21
CA GLY A 100 -17.81 11.67 -4.47
C GLY A 100 -17.16 13.02 -4.35
N THR A 101 -17.93 14.06 -4.16
CA THR A 101 -17.37 15.40 -4.04
C THR A 101 -17.00 15.67 -2.56
N ASP A 102 -16.16 16.65 -2.33
CA ASP A 102 -15.68 16.99 -1.00
C ASP A 102 -15.59 18.53 -0.85
N SER A 103 -15.64 18.99 0.39
CA SER A 103 -15.68 20.41 0.72
C SER A 103 -14.26 21.05 0.73
N GLU A 104 -14.21 22.37 0.95
CA GLU A 104 -12.99 23.17 0.82
C GLU A 104 -11.84 22.77 1.75
N GLU A 105 -12.13 22.53 3.02
CA GLU A 105 -11.08 22.11 3.97
C GLU A 105 -10.53 20.77 3.53
N LEU A 106 -11.43 20.01 2.98
CA LEU A 106 -11.16 18.66 2.58
C LEU A 106 -10.25 18.68 1.38
N LYS A 107 -10.68 19.42 0.35
CA LYS A 107 -9.88 19.61 -0.84
C LYS A 107 -8.51 20.14 -0.49
N THR A 108 -8.47 21.17 0.34
CA THR A 108 -7.21 21.79 0.70
C THR A 108 -6.24 20.82 1.39
N LEU A 109 -6.74 19.95 2.27
CA LEU A 109 -5.85 19.05 2.92
C LEU A 109 -5.47 17.91 1.98
N LEU A 110 -6.40 17.51 1.12
CA LEU A 110 -6.13 16.46 0.13
C LEU A 110 -5.11 16.99 -0.88
N LEU A 111 -5.16 18.29 -1.08
CA LEU A 111 -4.18 19.00 -1.89
C LEU A 111 -2.84 18.99 -1.24
N LYS A 112 -2.77 19.23 0.07
CA LYS A 112 -1.47 19.21 0.74
C LYS A 112 -0.96 17.81 0.76
N PHE A 113 -1.85 16.86 0.85
CA PHE A 113 -1.48 15.47 0.81
C PHE A 113 -0.81 15.14 -0.50
N SER A 114 -1.47 15.43 -1.57
CA SER A 114 -0.93 15.16 -2.88
C SER A 114 0.31 16.02 -3.21
N GLU A 115 0.28 17.29 -2.82
CA GLU A 115 1.41 18.19 -3.01
C GLU A 115 2.61 17.75 -2.18
N ASP A 116 2.35 17.37 -0.93
CA ASP A 116 3.40 16.88 -0.03
C ASP A 116 4.01 15.63 -0.61
N LEU A 117 3.13 14.75 -1.05
CA LEU A 117 3.50 13.48 -1.65
C LEU A 117 4.33 13.72 -2.91
N LYS A 118 3.94 14.69 -3.72
CA LYS A 118 4.70 15.02 -4.93
C LYS A 118 6.07 15.60 -4.57
N ALA A 119 6.13 16.38 -3.52
CA ALA A 119 7.39 16.94 -3.08
C ALA A 119 8.29 15.82 -2.56
N GLU A 120 7.69 14.92 -1.81
CA GLU A 120 8.35 13.74 -1.29
C GLU A 120 8.82 12.88 -2.47
N GLN A 121 8.01 12.86 -3.50
CA GLN A 121 8.22 12.10 -4.71
C GLN A 121 9.52 12.50 -5.35
N GLU A 122 9.61 13.74 -5.73
CA GLU A 122 10.79 14.26 -6.39
C GLU A 122 12.01 14.28 -5.45
N LEU A 123 11.78 14.62 -4.19
CA LEU A 123 12.82 14.66 -3.17
C LEU A 123 13.50 13.31 -3.03
N HIS A 124 12.69 12.30 -2.75
CA HIS A 124 13.21 10.97 -2.49
C HIS A 124 13.81 10.38 -3.78
N SER A 125 13.17 10.67 -4.93
CA SER A 125 13.67 10.22 -6.23
C SER A 125 15.07 10.75 -6.49
N GLU A 126 15.33 11.97 -6.08
CA GLU A 126 16.63 12.54 -6.29
C GLU A 126 17.59 12.08 -5.18
N ALA A 127 17.28 12.46 -3.95
CA ALA A 127 18.15 12.26 -2.79
C ALA A 127 18.57 10.82 -2.59
N LYS A 128 17.65 9.89 -2.74
CA LYS A 128 17.95 8.49 -2.47
C LYS A 128 18.05 7.70 -3.78
N GLY A 129 17.90 8.39 -4.91
CA GLY A 129 17.88 7.68 -6.18
C GLY A 129 16.69 6.75 -6.28
N GLY A 130 15.52 7.29 -5.96
CA GLY A 130 14.29 6.53 -5.92
C GLY A 130 13.94 5.86 -7.23
N GLU A 131 14.36 6.45 -8.33
CA GLU A 131 14.10 5.89 -9.64
C GLU A 131 14.96 4.66 -9.91
N ALA A 132 16.18 4.67 -9.40
CA ALA A 132 17.06 3.52 -9.48
C ALA A 132 16.48 2.42 -8.64
N LEU A 133 15.98 2.79 -7.45
CA LEU A 133 15.30 1.84 -6.57
C LEU A 133 14.07 1.28 -7.27
N LEU A 134 13.30 2.16 -7.90
CA LEU A 134 12.10 1.78 -8.65
C LEU A 134 12.42 0.79 -9.77
N SER A 135 13.52 0.99 -10.45
CA SER A 135 13.93 0.09 -11.50
C SER A 135 14.27 -1.28 -10.91
N SER A 136 14.95 -1.27 -9.76
CA SER A 136 15.28 -2.51 -9.09
C SER A 136 13.98 -3.19 -8.62
N MET A 137 13.07 -2.38 -8.05
CA MET A 137 11.74 -2.81 -7.59
C MET A 137 11.02 -3.53 -8.70
N LYS A 138 10.85 -2.81 -9.80
CA LYS A 138 10.14 -3.26 -10.97
C LYS A 138 10.71 -4.55 -11.48
N THR A 139 12.01 -4.62 -11.56
CA THR A 139 12.69 -5.79 -12.07
C THR A 139 12.46 -7.01 -11.19
N GLN A 140 12.69 -6.87 -9.93
CA GLN A 140 12.53 -7.94 -8.98
C GLN A 140 11.07 -8.39 -8.88
N HIS A 141 10.17 -7.43 -8.91
CA HIS A 141 8.74 -7.71 -8.88
C HIS A 141 8.33 -8.41 -10.17
N ASP A 142 8.93 -8.00 -11.27
CA ASP A 142 8.63 -8.59 -12.59
C ASP A 142 9.17 -9.99 -12.67
N GLU A 143 10.36 -10.18 -12.12
CA GLU A 143 10.96 -11.50 -12.00
C GLU A 143 10.01 -12.42 -11.27
N LEU A 144 9.52 -11.92 -10.16
CA LEU A 144 8.53 -12.62 -9.39
C LEU A 144 7.31 -12.94 -10.24
N LEU A 145 6.76 -11.93 -10.89
CA LEU A 145 5.57 -12.13 -11.73
C LEU A 145 5.83 -13.11 -12.87
N LYS A 146 7.06 -13.17 -13.36
CA LYS A 146 7.46 -14.17 -14.33
C LYS A 146 7.28 -15.56 -13.71
N LYS A 147 7.79 -15.72 -12.50
CA LYS A 147 7.64 -16.97 -11.76
C LYS A 147 6.17 -17.33 -11.54
N PHE A 148 5.32 -16.33 -11.30
CA PHE A 148 3.88 -16.55 -11.15
C PHE A 148 3.21 -16.88 -12.48
N ALA A 149 3.76 -16.37 -13.56
CA ALA A 149 3.23 -16.62 -14.89
C ALA A 149 3.68 -17.98 -15.37
N ALA A 150 4.80 -18.41 -14.85
CA ALA A 150 5.36 -19.70 -15.11
C ALA A 150 4.65 -20.73 -14.25
N LEU A 151 4.23 -20.29 -13.08
CA LEU A 151 3.51 -21.08 -12.15
C LEU A 151 2.14 -21.36 -12.73
N THR A 152 1.76 -22.57 -12.68
CA THR A 152 0.55 -23.00 -13.26
C THR A 152 -0.23 -23.87 -12.30
N PRO A 153 -1.55 -23.68 -12.23
CA PRO A 153 -2.24 -22.68 -13.04
C PRO A 153 -2.06 -21.25 -12.50
N THR A 154 -1.85 -20.33 -13.40
CA THR A 154 -1.68 -18.95 -13.09
C THR A 154 -3.03 -18.37 -12.67
N PHE A 155 -3.26 -18.30 -11.38
CA PHE A 155 -4.55 -17.86 -10.84
C PHE A 155 -4.73 -16.35 -10.88
N LEU A 156 -3.72 -15.65 -11.32
CA LEU A 156 -3.77 -14.22 -11.38
C LEU A 156 -4.30 -13.81 -12.73
N THR A 157 -4.38 -12.54 -12.94
CA THR A 157 -4.88 -12.00 -14.18
C THR A 157 -3.73 -11.26 -14.89
N SER A 158 -3.86 -11.07 -16.18
CA SER A 158 -2.83 -10.53 -17.04
C SER A 158 -2.39 -9.07 -16.72
N GLU A 159 -1.17 -8.75 -17.17
CA GLU A 159 -0.56 -7.42 -17.05
C GLU A 159 -1.39 -6.37 -17.78
N ASP A 160 -2.26 -6.85 -18.65
CA ASP A 160 -3.18 -6.02 -19.40
C ASP A 160 -4.11 -5.28 -18.44
N ILE A 161 -4.58 -5.98 -17.42
CA ILE A 161 -5.48 -5.37 -16.48
C ILE A 161 -4.69 -4.82 -15.32
N SER A 162 -3.63 -5.52 -14.98
CA SER A 162 -2.68 -5.10 -13.99
C SER A 162 -1.68 -4.11 -14.62
N GLY A 163 -2.22 -3.22 -15.47
CA GLY A 163 -1.41 -2.25 -16.19
C GLY A 163 -1.13 -1.03 -15.36
N TYR A 164 -0.85 -1.28 -14.14
CA TYR A 164 -0.55 -0.30 -13.16
C TYR A 164 0.76 -0.72 -12.55
N LEU A 165 1.43 0.19 -11.94
CA LEU A 165 2.68 -0.15 -11.32
C LEU A 165 2.39 -0.85 -10.01
N THR A 166 2.69 -2.14 -9.99
CA THR A 166 2.52 -2.98 -8.83
C THR A 166 3.43 -2.52 -7.72
N VAL A 167 4.54 -2.03 -8.12
CA VAL A 167 5.44 -1.38 -7.28
C VAL A 167 5.71 -0.03 -7.97
N PRO A 168 5.09 1.03 -7.48
CA PRO A 168 5.03 2.27 -8.18
C PRO A 168 5.99 3.34 -7.71
N GLU A 169 5.86 4.45 -8.35
CA GLU A 169 6.55 5.63 -8.01
C GLU A 169 5.69 6.27 -6.96
N TYR A 170 6.28 7.12 -6.14
CA TYR A 170 5.61 7.77 -5.01
C TYR A 170 4.29 8.40 -5.44
N GLY A 171 4.28 8.92 -6.67
CA GLY A 171 3.09 9.58 -7.18
C GLY A 171 2.59 8.94 -8.46
N ALA A 172 2.67 7.62 -8.54
CA ALA A 172 2.19 6.92 -9.71
C ALA A 172 0.86 6.28 -9.41
N PRO A 173 -0.01 6.12 -10.42
CA PRO A 173 -1.31 5.52 -10.23
C PRO A 173 -1.28 4.01 -10.05
N MET A 174 -1.62 3.56 -8.87
CA MET A 174 -1.74 2.17 -8.63
C MET A 174 -3.20 1.86 -8.35
N ASN A 175 -3.64 0.67 -8.70
CA ASN A 175 -5.04 0.30 -8.53
C ASN A 175 -5.20 -0.53 -7.30
N ALA A 176 -5.62 0.10 -6.22
CA ALA A 176 -5.71 -0.53 -4.91
C ALA A 176 -6.79 -1.61 -4.88
N ALA A 177 -7.93 -1.34 -5.48
CA ALA A 177 -9.03 -2.29 -5.46
C ALA A 177 -8.75 -3.50 -6.35
N LYS A 178 -8.15 -3.24 -7.49
CA LYS A 178 -7.79 -4.30 -8.43
C LYS A 178 -6.69 -5.15 -7.81
N TRP A 179 -5.79 -4.48 -7.13
CA TRP A 179 -4.73 -5.13 -6.39
C TRP A 179 -5.32 -6.00 -5.30
N ALA A 180 -6.23 -5.43 -4.52
CA ALA A 180 -6.90 -6.16 -3.45
C ALA A 180 -7.66 -7.37 -4.00
N LYS A 181 -8.12 -7.27 -5.22
CA LYS A 181 -8.79 -8.37 -5.89
C LYS A 181 -7.77 -9.50 -6.18
N VAL A 182 -6.66 -9.16 -6.83
CA VAL A 182 -5.66 -10.18 -7.17
C VAL A 182 -4.96 -10.74 -5.93
N GLU A 183 -4.62 -9.86 -5.01
CA GLU A 183 -4.04 -10.24 -3.72
C GLU A 183 -5.07 -11.03 -2.91
N GLY A 184 -6.34 -10.68 -3.09
CA GLY A 184 -7.41 -11.42 -2.45
C GLY A 184 -7.46 -12.84 -2.93
N MET A 185 -7.22 -13.05 -4.23
CA MET A 185 -7.12 -14.39 -4.77
C MET A 185 -5.90 -15.10 -4.24
N ILE A 186 -4.80 -14.36 -4.10
CA ILE A 186 -3.57 -14.87 -3.50
C ILE A 186 -3.83 -15.35 -2.07
N HIS A 187 -4.50 -14.51 -1.31
CA HIS A 187 -4.90 -14.81 0.06
C HIS A 187 -5.79 -16.07 0.09
N GLY A 188 -6.69 -16.11 -0.86
CA GLY A 188 -7.60 -17.24 -1.02
C GLY A 188 -6.82 -18.52 -1.25
N LYS A 189 -5.82 -18.42 -2.07
CA LYS A 189 -4.94 -19.52 -2.39
C LYS A 189 -4.02 -19.87 -1.26
N LEU A 190 -3.61 -18.85 -0.54
CA LEU A 190 -2.72 -18.99 0.60
C LEU A 190 -3.42 -19.85 1.65
N GLU A 191 -4.74 -19.74 1.72
CA GLU A 191 -5.49 -20.57 2.64
C GLU A 191 -6.35 -21.62 1.90
N SER A 192 -5.92 -22.03 0.72
CA SER A 192 -6.63 -23.08 0.02
C SER A 192 -6.23 -24.45 0.58
N SER A 193 -6.96 -25.49 0.18
CA SER A 193 -6.75 -26.83 0.71
C SER A 193 -5.61 -27.54 -0.05
N GLU A 194 -5.01 -26.83 -0.97
CA GLU A 194 -3.91 -27.35 -1.72
C GLU A 194 -2.66 -27.27 -0.88
N VAL A 195 -1.60 -27.86 -1.35
CA VAL A 195 -0.35 -27.75 -0.67
C VAL A 195 0.42 -26.51 -1.19
N PRO A 196 0.53 -25.46 -0.37
CA PRO A 196 1.22 -24.28 -0.75
C PRO A 196 2.70 -24.41 -0.45
N ALA A 197 3.46 -24.87 -1.41
CA ALA A 197 4.87 -25.05 -1.22
C ALA A 197 5.66 -24.07 -2.08
N ASN A 198 5.89 -24.43 -3.33
CA ASN A 198 6.67 -23.59 -4.23
C ASN A 198 5.91 -22.31 -4.52
N LEU A 199 4.60 -22.45 -4.73
CA LEU A 199 3.74 -21.31 -4.96
C LEU A 199 3.76 -20.37 -3.76
N LYS A 200 3.86 -20.94 -2.56
CA LYS A 200 3.88 -20.13 -1.35
C LYS A 200 5.21 -19.43 -1.23
N ALA A 201 6.27 -20.08 -1.69
CA ALA A 201 7.60 -19.50 -1.67
C ALA A 201 7.65 -18.30 -2.58
N LEU A 202 6.99 -18.42 -3.71
CA LEU A 202 6.89 -17.34 -4.66
C LEU A 202 6.08 -16.21 -4.07
N VAL A 203 4.96 -16.55 -3.47
CA VAL A 203 4.09 -15.58 -2.78
C VAL A 203 4.87 -14.86 -1.69
N ALA A 204 5.55 -15.62 -0.87
CA ALA A 204 6.34 -15.08 0.22
C ALA A 204 7.43 -14.16 -0.29
N GLU A 205 8.06 -14.49 -1.43
CA GLU A 205 9.10 -13.61 -1.98
C GLU A 205 8.48 -12.35 -2.58
N LEU A 206 7.25 -12.49 -3.10
CA LEU A 206 6.51 -11.35 -3.63
C LEU A 206 6.15 -10.42 -2.49
N ILE A 207 5.62 -11.01 -1.44
CA ILE A 207 5.28 -10.32 -0.21
C ILE A 207 6.50 -9.62 0.30
N GLU A 208 7.56 -10.38 0.46
CA GLU A 208 8.87 -9.92 0.90
C GLU A 208 9.31 -8.68 0.12
N LEU A 209 9.26 -8.78 -1.21
CA LEU A 209 9.71 -7.73 -2.09
C LEU A 209 8.86 -6.48 -1.89
N ARG A 210 7.55 -6.62 -2.04
CA ARG A 210 6.65 -5.48 -1.92
C ARG A 210 6.71 -4.87 -0.52
N ALA A 211 7.00 -5.69 0.45
CA ALA A 211 7.05 -5.28 1.82
C ALA A 211 8.22 -4.39 2.07
N GLN A 212 9.40 -4.90 1.76
CA GLN A 212 10.65 -4.19 1.95
C GLN A 212 10.64 -2.91 1.15
N MET A 213 10.22 -3.04 -0.10
CA MET A 213 10.31 -1.95 -1.03
C MET A 213 9.39 -0.84 -0.66
N MET A 214 8.16 -1.15 -0.29
CA MET A 214 7.25 -0.13 0.16
C MET A 214 7.64 0.44 1.49
N ALA A 215 8.23 -0.37 2.36
CA ALA A 215 8.67 0.10 3.67
C ALA A 215 9.71 1.18 3.49
N LEU A 216 10.52 1.00 2.49
CA LEU A 216 11.50 1.96 2.09
C LEU A 216 10.83 3.13 1.31
N LEU A 217 10.01 2.78 0.30
CA LEU A 217 9.28 3.72 -0.58
C LEU A 217 8.51 4.78 0.19
N TYR A 218 7.91 4.36 1.26
CA TYR A 218 7.05 5.20 2.04
C TYR A 218 7.74 5.78 3.27
N GLY A 219 9.04 5.87 3.23
CA GLY A 219 9.79 6.52 4.29
C GLY A 219 9.78 8.05 4.10
N PRO A 220 9.10 8.83 4.98
CA PRO A 220 9.01 10.30 4.85
C PRO A 220 10.38 10.97 4.90
N ILE A 221 10.62 11.82 3.91
CA ILE A 221 11.84 12.59 3.71
C ILE A 221 13.02 11.72 3.25
N GLY A 222 13.12 10.51 3.80
CA GLY A 222 14.17 9.59 3.44
C GLY A 222 15.43 9.82 4.22
N HIS A 223 15.84 11.07 4.27
CA HIS A 223 17.02 11.48 4.99
C HIS A 223 16.72 12.79 5.70
N HIS A 224 16.43 12.68 6.96
CA HIS A 224 16.08 13.80 7.79
C HIS A 224 16.96 13.87 9.02
N VAL A 1 21.62 -9.33 7.56
CA VAL A 1 21.23 -10.41 6.67
C VAL A 1 19.74 -10.60 6.82
N LYS A 2 19.05 -10.88 5.74
CA LYS A 2 17.66 -11.06 5.79
C LYS A 2 17.30 -12.48 5.49
N THR A 3 16.20 -12.83 5.98
CA THR A 3 15.61 -14.08 5.91
C THR A 3 14.11 -13.81 6.08
N LEU A 4 13.21 -14.71 5.63
CA LEU A 4 11.75 -14.50 5.75
C LEU A 4 11.31 -14.06 7.14
N ASP A 5 11.79 -14.73 8.18
CA ASP A 5 11.43 -14.36 9.57
C ASP A 5 11.90 -12.95 9.90
N VAL A 6 13.04 -12.59 9.37
CA VAL A 6 13.62 -11.27 9.58
C VAL A 6 12.78 -10.23 8.86
N LEU A 7 12.47 -10.51 7.62
CA LEU A 7 11.65 -9.64 6.78
C LEU A 7 10.30 -9.43 7.43
N ARG A 8 9.70 -10.53 7.86
CA ARG A 8 8.44 -10.49 8.54
C ARG A 8 8.57 -9.78 9.88
N GLY A 9 9.74 -9.89 10.50
CA GLY A 9 10.00 -9.24 11.76
C GLY A 9 10.14 -7.75 11.60
N GLU A 10 10.77 -7.34 10.52
CA GLU A 10 10.91 -5.93 10.19
C GLU A 10 9.57 -5.31 9.82
N LEU A 11 8.81 -6.04 9.00
CA LEU A 11 7.49 -5.63 8.61
C LEU A 11 6.59 -5.55 9.82
N ARG A 12 6.69 -6.57 10.64
CA ARG A 12 5.95 -6.63 11.87
C ARG A 12 6.33 -5.47 12.75
N GLY A 13 7.62 -5.25 12.93
CA GLY A 13 8.11 -4.16 13.76
C GLY A 13 7.53 -2.81 13.36
N GLN A 14 7.54 -2.54 12.05
CA GLN A 14 6.98 -1.31 11.53
C GLN A 14 5.48 -1.28 11.81
N ARG A 15 4.79 -2.34 11.44
CA ARG A 15 3.35 -2.44 11.66
C ARG A 15 2.96 -2.31 13.12
N GLU A 16 3.66 -2.97 14.01
CA GLU A 16 3.33 -2.95 15.42
C GLU A 16 3.53 -1.54 15.98
N ALA A 17 4.64 -0.90 15.58
CA ALA A 17 4.91 0.48 16.01
C ALA A 17 3.79 1.40 15.50
N PHE A 18 3.45 1.20 14.23
CA PHE A 18 2.35 1.91 13.59
C PHE A 18 1.07 1.70 14.34
N LEU A 19 0.67 0.47 14.43
CA LEU A 19 -0.56 0.04 15.11
C LEU A 19 -0.70 0.68 16.50
N SER A 20 0.39 0.70 17.24
CA SER A 20 0.41 1.29 18.56
C SER A 20 0.17 2.81 18.46
N GLU A 21 0.85 3.46 17.50
CA GLU A 21 0.73 4.85 17.29
C GLU A 21 -0.68 5.16 16.86
N ILE A 22 -1.18 4.39 15.91
CA ILE A 22 -2.46 4.64 15.31
C ILE A 22 -3.57 4.48 16.33
N ILE A 23 -3.54 3.41 17.12
CA ILE A 23 -4.56 3.19 18.13
C ILE A 23 -4.48 4.29 19.22
N LYS A 24 -3.28 4.79 19.47
CA LYS A 24 -3.09 5.85 20.44
C LYS A 24 -3.53 7.22 19.87
N SER A 25 -3.36 7.40 18.59
CA SER A 25 -3.58 8.68 17.97
C SER A 25 -5.00 8.92 17.56
N ASP A 26 -5.61 9.84 18.21
CA ASP A 26 -6.87 10.34 17.81
C ASP A 26 -6.64 11.74 17.38
N GLY A 27 -6.01 11.83 16.26
CA GLY A 27 -5.70 13.08 15.67
C GLY A 27 -5.47 12.93 14.20
N PRO A 28 -4.72 13.83 13.57
CA PRO A 28 -4.46 13.80 12.15
C PRO A 28 -3.41 12.74 11.76
N PHE A 29 -3.34 12.46 10.48
CA PHE A 29 -2.39 11.50 9.93
C PHE A 29 -1.85 12.07 8.65
N THR A 30 -0.64 11.76 8.30
CA THR A 30 -0.09 12.29 7.07
C THR A 30 -0.21 11.29 5.90
N ILE A 31 0.15 11.72 4.70
CA ILE A 31 0.06 10.89 3.49
C ILE A 31 0.97 9.66 3.56
N LEU A 32 2.21 9.84 3.98
CA LEU A 32 3.13 8.72 4.10
C LEU A 32 2.71 7.83 5.25
N GLN A 33 2.05 8.42 6.22
CA GLN A 33 1.52 7.67 7.35
C GLN A 33 0.36 6.81 6.87
N LEU A 34 -0.44 7.36 5.96
CA LEU A 34 -1.59 6.69 5.39
C LEU A 34 -1.10 5.52 4.52
N VAL A 35 -0.12 5.79 3.66
CA VAL A 35 0.42 4.75 2.79
C VAL A 35 1.16 3.70 3.65
N GLY A 36 1.76 4.17 4.73
CA GLY A 36 2.38 3.27 5.66
C GLY A 36 1.35 2.42 6.35
N TYR A 37 0.16 2.99 6.58
CA TYR A 37 -0.94 2.27 7.17
C TYR A 37 -1.48 1.27 6.18
N LEU A 38 -1.39 1.63 4.92
CA LEU A 38 -1.72 0.73 3.85
C LEU A 38 -0.78 -0.49 3.95
N ARG A 39 0.49 -0.23 4.24
CA ARG A 39 1.47 -1.31 4.48
C ARG A 39 1.16 -2.06 5.78
N VAL A 40 0.55 -1.37 6.74
CA VAL A 40 0.06 -2.00 7.95
C VAL A 40 -1.00 -3.03 7.58
N VAL A 41 -2.04 -2.59 6.86
CA VAL A 41 -3.12 -3.49 6.48
C VAL A 41 -2.67 -4.55 5.46
N ASP A 42 -1.65 -4.21 4.68
CA ASP A 42 -0.99 -5.12 3.73
C ASP A 42 -0.43 -6.31 4.49
N THR A 43 0.45 -6.02 5.44
CA THR A 43 1.09 -7.05 6.20
C THR A 43 0.13 -7.66 7.24
N ASP A 44 -0.90 -6.89 7.61
CA ASP A 44 -1.97 -7.35 8.51
C ASP A 44 -2.69 -8.50 7.88
N LEU A 45 -3.15 -8.28 6.65
CA LEU A 45 -3.80 -9.30 5.88
C LEU A 45 -2.87 -10.49 5.72
N LEU A 46 -1.68 -10.19 5.22
CA LEU A 46 -0.64 -11.16 4.92
C LEU A 46 -0.33 -12.11 6.11
N LEU A 47 -0.29 -11.58 7.31
CA LEU A 47 0.05 -12.39 8.49
C LEU A 47 -1.18 -12.74 9.32
N LYS A 48 -2.34 -12.27 8.88
CA LYS A 48 -3.60 -12.39 9.63
C LYS A 48 -3.48 -11.90 11.06
N VAL A 49 -3.13 -10.65 11.18
CA VAL A 49 -2.98 -10.01 12.47
C VAL A 49 -4.38 -9.71 13.02
N ASP A 50 -4.47 -9.35 14.30
CA ASP A 50 -5.76 -9.12 14.95
C ASP A 50 -6.58 -8.09 14.22
N SER A 51 -7.68 -8.58 13.74
CA SER A 51 -8.60 -7.84 12.93
C SER A 51 -9.26 -6.70 13.71
N THR A 52 -9.36 -6.83 15.01
CA THR A 52 -9.99 -5.83 15.79
C THR A 52 -9.00 -4.69 16.10
N LYS A 53 -7.76 -5.04 16.33
CA LYS A 53 -6.73 -4.05 16.56
C LYS A 53 -6.54 -3.21 15.32
N VAL A 54 -6.46 -3.87 14.18
CA VAL A 54 -6.31 -3.16 12.92
C VAL A 54 -7.58 -2.37 12.60
N ASP A 55 -8.72 -2.93 12.97
CA ASP A 55 -10.02 -2.28 12.75
C ASP A 55 -10.11 -1.03 13.58
N GLU A 56 -9.80 -1.13 14.87
CA GLU A 56 -9.83 0.01 15.78
C GLU A 56 -8.83 1.09 15.44
N ALA A 57 -7.68 0.69 14.98
CA ALA A 57 -6.69 1.66 14.54
C ALA A 57 -7.22 2.37 13.30
N GLY A 58 -7.76 1.59 12.38
CA GLY A 58 -8.38 2.13 11.18
C GLY A 58 -9.61 2.94 11.53
N LYS A 59 -10.18 2.66 12.67
CA LYS A 59 -11.32 3.35 13.20
C LYS A 59 -10.89 4.69 13.78
N LYS A 60 -9.66 4.77 14.31
CA LYS A 60 -9.09 6.05 14.74
C LYS A 60 -8.88 6.92 13.50
N VAL A 61 -8.44 6.24 12.45
CA VAL A 61 -8.23 6.83 11.13
C VAL A 61 -9.58 7.27 10.54
N LYS A 62 -10.55 6.39 10.64
CA LYS A 62 -11.91 6.62 10.18
C LYS A 62 -12.51 7.80 10.91
N ALA A 63 -12.24 7.85 12.21
CA ALA A 63 -12.67 8.92 13.07
C ALA A 63 -12.16 10.23 12.53
N TYR A 64 -10.86 10.29 12.34
CA TYR A 64 -10.16 11.42 11.76
C TYR A 64 -10.78 11.81 10.40
N LEU A 65 -10.84 10.84 9.54
CA LEU A 65 -11.36 10.99 8.21
C LEU A 65 -12.81 11.51 8.20
N GLU A 66 -13.66 10.93 9.00
CA GLU A 66 -15.05 11.33 9.07
C GLU A 66 -15.17 12.70 9.76
N LYS A 67 -14.21 12.99 10.61
CA LYS A 67 -14.15 14.25 11.34
C LYS A 67 -13.77 15.42 10.44
N ILE A 68 -12.93 15.17 9.43
CA ILE A 68 -12.67 16.23 8.44
C ILE A 68 -13.88 16.31 7.51
N GLY A 69 -14.61 15.22 7.46
CA GLY A 69 -15.86 15.19 6.77
C GLY A 69 -15.86 14.24 5.62
N ILE A 70 -15.18 13.14 5.78
CA ILE A 70 -15.13 12.12 4.78
C ILE A 70 -15.72 10.84 5.32
N ARG A 71 -16.76 10.39 4.71
CA ARG A 71 -17.42 9.18 5.14
C ARG A 71 -16.95 8.02 4.29
N GLY A 72 -16.62 6.93 4.94
CA GLY A 72 -16.13 5.77 4.22
C GLY A 72 -16.84 4.53 4.66
N ASP A 73 -17.18 3.69 3.70
CA ASP A 73 -17.93 2.43 3.94
C ASP A 73 -17.12 1.47 4.78
N SER A 74 -15.86 1.36 4.45
CA SER A 74 -14.92 0.49 5.13
C SER A 74 -13.57 1.19 5.03
N VAL A 75 -12.60 0.85 5.86
CA VAL A 75 -11.31 1.57 5.84
C VAL A 75 -10.54 1.36 4.55
N GLU A 76 -10.71 0.21 3.95
CA GLU A 76 -10.09 -0.12 2.67
C GLU A 76 -10.65 0.82 1.60
N ALA A 77 -11.97 0.98 1.65
CA ALA A 77 -12.69 1.80 0.68
C ALA A 77 -12.45 3.27 0.96
N ALA A 78 -12.12 3.56 2.20
CA ALA A 78 -11.82 4.90 2.63
C ALA A 78 -10.48 5.34 2.07
N LEU A 79 -9.48 4.47 2.17
CA LEU A 79 -8.18 4.79 1.63
C LEU A 79 -8.22 4.79 0.11
N ASP A 80 -9.08 3.93 -0.45
CA ASP A 80 -9.33 3.89 -1.90
C ASP A 80 -9.84 5.24 -2.35
N ASN A 81 -10.83 5.72 -1.61
CA ASN A 81 -11.45 7.04 -1.80
C ASN A 81 -10.37 8.11 -1.79
N LEU A 82 -9.53 8.05 -0.75
CA LEU A 82 -8.39 8.98 -0.60
C LEU A 82 -7.47 8.94 -1.80
N MET A 83 -7.00 7.75 -2.11
CA MET A 83 -6.12 7.51 -3.26
C MET A 83 -6.68 8.14 -4.52
N ILE A 84 -7.91 7.79 -4.84
CA ILE A 84 -8.62 8.32 -5.99
C ILE A 84 -8.64 9.85 -5.98
N LYS A 85 -8.91 10.43 -4.82
CA LYS A 85 -8.95 11.88 -4.68
C LYS A 85 -7.58 12.56 -4.75
N VAL A 86 -6.54 11.85 -4.36
CA VAL A 86 -5.19 12.39 -4.48
C VAL A 86 -4.79 12.41 -5.94
N TYR A 87 -4.97 11.27 -6.60
CA TYR A 87 -4.64 11.16 -8.01
C TYR A 87 -5.54 12.03 -8.83
N GLU A 88 -6.72 12.32 -8.33
CA GLU A 88 -7.62 13.27 -8.97
C GLU A 88 -6.86 14.60 -9.21
N ILE A 89 -6.08 14.99 -8.21
CA ILE A 89 -5.32 16.24 -8.26
C ILE A 89 -4.10 16.06 -9.13
N THR A 90 -3.37 15.00 -8.87
CA THR A 90 -2.15 14.67 -9.57
C THR A 90 -2.39 14.48 -11.11
N LYS A 91 -3.49 13.85 -11.44
CA LYS A 91 -3.85 13.56 -12.81
C LYS A 91 -4.63 14.74 -13.42
N GLY A 92 -5.28 15.54 -12.57
CA GLY A 92 -5.97 16.72 -13.04
C GLY A 92 -7.27 16.34 -13.72
N THR A 93 -8.06 15.60 -13.02
CA THR A 93 -9.30 15.08 -13.52
C THR A 93 -10.39 15.38 -12.47
N VAL A 94 -11.66 15.22 -12.79
CA VAL A 94 -12.73 15.43 -11.78
C VAL A 94 -13.37 14.11 -11.37
N GLU A 95 -12.78 13.05 -11.88
CA GLU A 95 -13.14 11.65 -11.62
C GLU A 95 -14.44 11.24 -12.36
N SER A 96 -14.49 9.98 -12.77
CA SER A 96 -15.58 9.43 -13.52
C SER A 96 -16.21 8.23 -12.79
N SER A 97 -15.44 7.58 -11.92
CA SER A 97 -15.94 6.44 -11.17
C SER A 97 -16.99 6.94 -10.17
N ALA A 98 -16.61 7.90 -9.38
CA ALA A 98 -17.47 8.53 -8.41
C ALA A 98 -16.84 9.85 -8.03
N GLN A 99 -17.54 10.94 -8.24
CA GLN A 99 -16.99 12.24 -7.93
C GLN A 99 -17.04 12.53 -6.46
N GLY A 100 -17.88 11.79 -5.76
CA GLY A 100 -17.99 11.91 -4.33
C GLY A 100 -18.37 13.29 -3.88
N THR A 101 -17.86 13.68 -2.75
CA THR A 101 -18.07 14.98 -2.18
C THR A 101 -16.74 15.50 -1.59
N ASP A 102 -15.98 16.20 -2.39
CA ASP A 102 -14.69 16.71 -1.94
C ASP A 102 -14.80 18.12 -1.41
N SER A 103 -14.88 18.21 -0.11
CA SER A 103 -15.01 19.45 0.58
C SER A 103 -13.68 20.23 0.58
N GLU A 104 -13.71 21.49 0.97
CA GLU A 104 -12.53 22.34 1.01
C GLU A 104 -11.52 21.82 2.03
N GLU A 105 -12.04 21.36 3.16
CA GLU A 105 -11.23 20.73 4.20
C GLU A 105 -10.47 19.55 3.58
N LEU A 106 -11.17 18.84 2.71
CA LEU A 106 -10.63 17.65 2.11
C LEU A 106 -9.58 18.04 1.09
N LYS A 107 -9.93 18.95 0.20
CA LYS A 107 -9.00 19.38 -0.81
C LYS A 107 -7.74 19.99 -0.23
N THR A 108 -7.88 20.78 0.82
CA THR A 108 -6.73 21.37 1.48
C THR A 108 -5.88 20.29 2.19
N LEU A 109 -6.55 19.34 2.83
CA LEU A 109 -5.87 18.27 3.52
C LEU A 109 -5.16 17.35 2.53
N LEU A 110 -5.82 17.05 1.42
CA LEU A 110 -5.23 16.19 0.43
C LEU A 110 -4.17 16.96 -0.34
N LEU A 111 -4.29 18.26 -0.30
CA LEU A 111 -3.28 19.15 -0.82
C LEU A 111 -2.01 19.01 0.00
N LYS A 112 -2.11 18.99 1.34
CA LYS A 112 -0.94 18.76 2.20
C LYS A 112 -0.40 17.40 1.90
N PHE A 113 -1.28 16.46 1.69
CA PHE A 113 -0.87 15.11 1.36
C PHE A 113 -0.08 15.08 0.08
N SER A 114 -0.65 15.59 -0.98
CA SER A 114 0.00 15.58 -2.26
C SER A 114 1.29 16.44 -2.27
N GLU A 115 1.25 17.58 -1.61
CA GLU A 115 2.40 18.47 -1.47
C GLU A 115 3.51 17.74 -0.71
N ASP A 116 3.13 17.16 0.43
CA ASP A 116 4.08 16.48 1.30
C ASP A 116 4.69 15.31 0.57
N LEU A 117 3.80 14.56 -0.09
CA LEU A 117 4.15 13.40 -0.88
C LEU A 117 5.15 13.80 -1.93
N LYS A 118 4.81 14.81 -2.73
CA LYS A 118 5.67 15.27 -3.81
C LYS A 118 7.07 15.59 -3.30
N ALA A 119 7.12 16.37 -2.24
CA ALA A 119 8.40 16.80 -1.68
C ALA A 119 9.24 15.65 -1.18
N GLU A 120 8.68 14.85 -0.30
CA GLU A 120 9.41 13.75 0.26
C GLU A 120 9.78 12.74 -0.83
N GLN A 121 8.95 12.64 -1.84
CA GLN A 121 9.17 11.61 -2.85
C GLN A 121 10.17 12.05 -3.89
N GLU A 122 10.27 13.35 -4.14
CA GLU A 122 11.27 13.83 -5.05
C GLU A 122 12.63 13.72 -4.36
N LEU A 123 12.63 13.96 -3.04
CA LEU A 123 13.82 13.77 -2.23
C LEU A 123 14.24 12.29 -2.25
N HIS A 124 13.26 11.39 -2.13
CA HIS A 124 13.53 9.94 -2.22
C HIS A 124 14.02 9.57 -3.62
N SER A 125 13.48 10.25 -4.62
CA SER A 125 13.87 10.01 -6.00
C SER A 125 15.34 10.36 -6.19
N GLU A 126 15.81 11.41 -5.53
CA GLU A 126 17.23 11.73 -5.57
C GLU A 126 18.01 10.67 -4.80
N ALA A 127 17.66 10.54 -3.52
CA ALA A 127 18.36 9.69 -2.56
C ALA A 127 18.53 8.23 -3.01
N LYS A 128 17.53 7.68 -3.68
CA LYS A 128 17.62 6.30 -4.13
C LYS A 128 17.93 6.17 -5.63
N GLY A 129 17.92 7.28 -6.36
CA GLY A 129 18.05 7.20 -7.81
C GLY A 129 16.78 6.61 -8.41
N GLY A 130 15.73 7.42 -8.40
CA GLY A 130 14.37 7.03 -8.77
C GLY A 130 14.21 6.21 -10.03
N GLU A 131 14.80 6.65 -11.12
CA GLU A 131 14.65 5.93 -12.38
C GLU A 131 15.33 4.54 -12.38
N ALA A 132 16.50 4.47 -11.77
CA ALA A 132 17.24 3.24 -11.65
C ALA A 132 16.55 2.32 -10.66
N LEU A 133 16.00 2.92 -9.62
CA LEU A 133 15.25 2.21 -8.62
C LEU A 133 14.04 1.61 -9.30
N LEU A 134 13.32 2.42 -10.07
CA LEU A 134 12.11 1.99 -10.77
C LEU A 134 12.43 0.84 -11.74
N SER A 135 13.57 0.91 -12.41
CA SER A 135 14.01 -0.18 -13.26
C SER A 135 14.19 -1.46 -12.44
N SER A 136 14.81 -1.32 -11.28
CA SER A 136 15.02 -2.45 -10.41
C SER A 136 13.66 -2.97 -9.89
N MET A 137 12.80 -2.03 -9.54
CA MET A 137 11.45 -2.30 -9.03
C MET A 137 10.67 -3.14 -10.02
N LYS A 138 10.53 -2.60 -11.20
CA LYS A 138 9.77 -3.20 -12.27
C LYS A 138 10.33 -4.55 -12.66
N THR A 139 11.63 -4.62 -12.78
CA THR A 139 12.29 -5.82 -13.23
C THR A 139 12.13 -6.95 -12.23
N GLN A 140 12.36 -6.67 -10.98
CA GLN A 140 12.26 -7.66 -9.96
C GLN A 140 10.83 -8.09 -9.76
N HIS A 141 9.92 -7.17 -9.76
CA HIS A 141 8.52 -7.51 -9.59
C HIS A 141 8.01 -8.28 -10.81
N ASP A 142 8.58 -7.98 -11.99
CA ASP A 142 8.21 -8.70 -13.21
C ASP A 142 8.73 -10.11 -13.13
N GLU A 143 9.94 -10.25 -12.59
CA GLU A 143 10.55 -11.55 -12.27
C GLU A 143 9.56 -12.37 -11.47
N LEU A 144 9.12 -11.79 -10.35
CA LEU A 144 8.14 -12.43 -9.48
C LEU A 144 6.89 -12.85 -10.26
N LEU A 145 6.23 -11.88 -10.86
CA LEU A 145 4.97 -12.13 -11.57
C LEU A 145 5.15 -13.14 -12.70
N LYS A 146 6.32 -13.15 -13.30
CA LYS A 146 6.64 -14.10 -14.33
C LYS A 146 6.59 -15.49 -13.74
N LYS A 147 7.22 -15.64 -12.61
CA LYS A 147 7.23 -16.89 -11.87
C LYS A 147 5.82 -17.36 -11.52
N PHE A 148 4.96 -16.42 -11.14
CA PHE A 148 3.54 -16.71 -10.83
C PHE A 148 2.77 -17.09 -12.10
N ALA A 149 3.16 -16.53 -13.22
CA ALA A 149 2.47 -16.79 -14.48
C ALA A 149 3.07 -18.01 -15.17
N ALA A 150 4.22 -18.40 -14.73
CA ALA A 150 4.89 -19.56 -15.26
C ALA A 150 4.57 -20.79 -14.46
N LEU A 151 4.44 -20.61 -13.17
CA LEU A 151 4.20 -21.69 -12.28
C LEU A 151 2.71 -21.83 -12.01
N THR A 152 2.27 -23.04 -12.00
CA THR A 152 0.91 -23.36 -11.79
C THR A 152 0.66 -23.76 -10.33
N PRO A 153 -0.54 -23.51 -9.81
CA PRO A 153 -1.62 -22.94 -10.56
C PRO A 153 -1.54 -21.41 -10.65
N THR A 154 -1.61 -20.91 -11.85
CA THR A 154 -1.60 -19.51 -12.10
C THR A 154 -3.00 -18.95 -11.82
N PHE A 155 -3.20 -18.50 -10.60
CA PHE A 155 -4.49 -17.98 -10.19
C PHE A 155 -4.62 -16.50 -10.50
N LEU A 156 -3.51 -15.87 -10.81
CA LEU A 156 -3.53 -14.48 -11.07
C LEU A 156 -4.06 -14.18 -12.44
N THR A 157 -4.49 -12.99 -12.57
CA THR A 157 -5.16 -12.51 -13.73
C THR A 157 -4.20 -12.01 -14.80
N SER A 158 -4.65 -12.08 -16.04
CA SER A 158 -3.87 -11.78 -17.22
C SER A 158 -3.38 -10.32 -17.26
N GLU A 159 -2.26 -10.12 -17.96
CA GLU A 159 -1.58 -8.82 -18.08
C GLU A 159 -2.46 -7.70 -18.65
N ASP A 160 -3.54 -8.08 -19.33
CA ASP A 160 -4.50 -7.09 -19.85
C ASP A 160 -5.08 -6.29 -18.73
N ILE A 161 -5.42 -6.96 -17.65
CA ILE A 161 -6.07 -6.27 -16.56
C ILE A 161 -5.05 -5.95 -15.49
N SER A 162 -4.10 -6.84 -15.29
CA SER A 162 -3.00 -6.67 -14.36
C SER A 162 -1.90 -5.79 -15.01
N GLY A 163 -2.32 -4.93 -15.92
CA GLY A 163 -1.40 -4.14 -16.68
C GLY A 163 -1.21 -2.79 -16.09
N TYR A 164 -0.54 -2.77 -14.97
CA TYR A 164 -0.24 -1.57 -14.22
C TYR A 164 1.06 -1.77 -13.50
N LEU A 165 1.61 -0.71 -12.98
CA LEU A 165 2.84 -0.80 -12.25
C LEU A 165 2.55 -1.14 -10.81
N THR A 166 2.79 -2.39 -10.48
CA THR A 166 2.63 -2.92 -9.14
C THR A 166 3.55 -2.21 -8.16
N VAL A 167 4.68 -1.85 -8.69
CA VAL A 167 5.66 -1.07 -8.03
C VAL A 167 5.83 0.19 -8.88
N PRO A 168 5.03 1.21 -8.61
CA PRO A 168 4.99 2.39 -9.43
C PRO A 168 6.02 3.44 -9.09
N GLU A 169 5.99 4.47 -9.87
CA GLU A 169 6.85 5.59 -9.79
C GLU A 169 6.23 6.54 -8.76
N TYR A 170 7.03 7.44 -8.22
CA TYR A 170 6.63 8.37 -7.17
C TYR A 170 5.43 9.25 -7.60
N GLY A 171 5.25 9.39 -8.89
CA GLY A 171 4.14 10.15 -9.41
C GLY A 171 3.34 9.34 -10.42
N ALA A 172 3.35 8.03 -10.28
CA ALA A 172 2.56 7.17 -11.15
C ALA A 172 1.36 6.65 -10.39
N PRO A 173 0.23 6.47 -11.08
CA PRO A 173 -0.98 5.97 -10.46
C PRO A 173 -0.94 4.48 -10.12
N MET A 174 -1.03 4.18 -8.83
CA MET A 174 -1.13 2.80 -8.40
C MET A 174 -2.59 2.40 -8.46
N ASN A 175 -2.90 1.28 -9.09
CA ASN A 175 -4.28 0.89 -9.22
C ASN A 175 -4.69 0.09 -7.99
N ALA A 176 -5.09 0.83 -6.97
CA ALA A 176 -5.41 0.29 -5.67
C ALA A 176 -6.53 -0.74 -5.72
N ALA A 177 -7.57 -0.47 -6.49
CA ALA A 177 -8.73 -1.38 -6.60
C ALA A 177 -8.32 -2.77 -7.11
N LYS A 178 -7.61 -2.81 -8.23
CA LYS A 178 -7.22 -4.08 -8.82
C LYS A 178 -6.23 -4.77 -7.91
N TRP A 179 -5.37 -3.97 -7.31
CA TRP A 179 -4.40 -4.47 -6.37
C TRP A 179 -5.07 -5.15 -5.17
N ALA A 180 -6.09 -4.50 -4.62
CA ALA A 180 -6.85 -5.06 -3.50
C ALA A 180 -7.47 -6.38 -3.92
N LYS A 181 -7.95 -6.43 -5.15
CA LYS A 181 -8.49 -7.65 -5.71
C LYS A 181 -7.47 -8.77 -5.75
N VAL A 182 -6.36 -8.55 -6.44
CA VAL A 182 -5.34 -9.60 -6.60
C VAL A 182 -4.71 -10.02 -5.28
N GLU A 183 -4.45 -9.07 -4.42
CA GLU A 183 -3.90 -9.35 -3.08
C GLU A 183 -4.89 -10.21 -2.29
N GLY A 184 -6.18 -9.87 -2.38
CA GLY A 184 -7.21 -10.65 -1.73
C GLY A 184 -7.29 -12.06 -2.30
N MET A 185 -7.03 -12.16 -3.60
CA MET A 185 -6.98 -13.46 -4.27
C MET A 185 -5.79 -14.27 -3.74
N ILE A 186 -4.62 -13.63 -3.70
CA ILE A 186 -3.39 -14.22 -3.20
C ILE A 186 -3.58 -14.72 -1.78
N HIS A 187 -4.12 -13.88 -0.94
CA HIS A 187 -4.35 -14.22 0.44
C HIS A 187 -5.40 -15.31 0.54
N GLY A 188 -6.39 -15.20 -0.30
CA GLY A 188 -7.48 -16.18 -0.35
C GLY A 188 -6.98 -17.56 -0.68
N LYS A 189 -5.91 -17.60 -1.41
CA LYS A 189 -5.23 -18.82 -1.74
C LYS A 189 -4.30 -19.21 -0.59
N LEU A 190 -3.54 -18.24 -0.14
CA LEU A 190 -2.53 -18.40 0.89
C LEU A 190 -3.13 -18.83 2.24
N GLU A 191 -4.42 -18.58 2.43
CA GLU A 191 -5.08 -18.92 3.68
C GLU A 191 -5.43 -20.39 3.75
N SER A 192 -5.26 -21.10 2.65
CA SER A 192 -5.50 -22.50 2.64
C SER A 192 -4.36 -23.20 3.35
N SER A 193 -4.67 -24.27 4.06
CA SER A 193 -3.68 -25.00 4.83
C SER A 193 -2.57 -25.56 3.93
N GLU A 194 -2.91 -25.92 2.71
CA GLU A 194 -1.92 -26.33 1.80
C GLU A 194 -1.84 -25.39 0.63
N VAL A 195 -0.76 -24.73 0.58
CA VAL A 195 -0.37 -23.93 -0.52
C VAL A 195 0.86 -24.61 -1.11
N PRO A 196 0.94 -24.77 -2.45
CA PRO A 196 2.10 -25.40 -3.11
C PRO A 196 3.40 -24.75 -2.63
N ALA A 197 4.36 -25.58 -2.24
CA ALA A 197 5.64 -25.12 -1.68
C ALA A 197 6.35 -24.12 -2.58
N ASN A 198 6.30 -24.36 -3.86
CA ASN A 198 6.94 -23.45 -4.82
C ASN A 198 6.21 -22.13 -4.87
N LEU A 199 4.89 -22.17 -4.82
CA LEU A 199 4.07 -20.97 -4.82
C LEU A 199 4.28 -20.22 -3.49
N LYS A 200 4.41 -20.98 -2.43
CA LYS A 200 4.70 -20.47 -1.09
C LYS A 200 6.05 -19.72 -1.11
N ALA A 201 6.98 -20.24 -1.89
CA ALA A 201 8.27 -19.58 -2.09
C ALA A 201 8.09 -18.32 -2.92
N LEU A 202 7.27 -18.42 -3.97
CA LEU A 202 7.01 -17.29 -4.86
C LEU A 202 6.43 -16.14 -4.09
N VAL A 203 5.43 -16.45 -3.28
CA VAL A 203 4.82 -15.43 -2.45
C VAL A 203 5.81 -14.89 -1.45
N ALA A 204 6.61 -15.76 -0.86
CA ALA A 204 7.67 -15.36 0.06
C ALA A 204 8.65 -14.38 -0.62
N GLU A 205 8.99 -14.65 -1.87
CA GLU A 205 9.88 -13.77 -2.62
C GLU A 205 9.15 -12.46 -2.91
N LEU A 206 7.87 -12.55 -3.25
CA LEU A 206 7.03 -11.38 -3.54
C LEU A 206 6.94 -10.50 -2.29
N ILE A 207 6.78 -11.17 -1.15
CA ILE A 207 6.75 -10.54 0.15
C ILE A 207 8.03 -9.77 0.36
N GLU A 208 9.13 -10.49 0.23
CA GLU A 208 10.47 -9.94 0.37
C GLU A 208 10.67 -8.72 -0.52
N LEU A 209 10.46 -8.91 -1.81
CA LEU A 209 10.65 -7.84 -2.77
C LEU A 209 9.79 -6.63 -2.50
N ARG A 210 8.48 -6.80 -2.32
CA ARG A 210 7.63 -5.62 -2.14
C ARG A 210 7.90 -4.95 -0.78
N ALA A 211 8.36 -5.74 0.19
CA ALA A 211 8.72 -5.22 1.49
C ALA A 211 9.88 -4.29 1.34
N GLN A 212 10.96 -4.81 0.77
CA GLN A 212 12.18 -4.07 0.53
C GLN A 212 11.91 -2.88 -0.38
N MET A 213 11.18 -3.15 -1.44
CA MET A 213 10.95 -2.21 -2.52
C MET A 213 10.27 -0.98 -2.00
N MET A 214 9.19 -1.18 -1.30
CA MET A 214 8.46 -0.09 -0.71
C MET A 214 9.16 0.50 0.48
N ALA A 215 9.96 -0.27 1.16
CA ALA A 215 10.71 0.27 2.30
C ALA A 215 11.81 1.19 1.81
N LEU A 216 12.18 0.97 0.60
CA LEU A 216 13.10 1.80 -0.08
C LEU A 216 12.35 3.01 -0.64
N LEU A 217 11.28 2.72 -1.39
CA LEU A 217 10.43 3.72 -2.04
C LEU A 217 9.92 4.75 -1.00
N TYR A 218 9.39 4.24 0.07
CA TYR A 218 8.82 5.06 1.12
C TYR A 218 9.78 5.17 2.28
N GLY A 219 11.02 4.83 2.03
CA GLY A 219 12.00 4.93 3.04
C GLY A 219 12.52 6.32 3.09
N PRO A 220 12.41 7.03 4.24
CA PRO A 220 12.82 8.43 4.37
C PRO A 220 14.25 8.66 3.93
N ILE A 221 14.56 9.91 3.63
CA ILE A 221 15.89 10.31 3.14
C ILE A 221 16.99 9.98 4.18
N GLY A 222 16.58 9.78 5.41
CA GLY A 222 17.49 9.39 6.45
C GLY A 222 17.06 9.98 7.73
N HIS A 223 18.00 10.32 8.55
CA HIS A 223 17.72 10.99 9.78
C HIS A 223 17.69 12.47 9.45
N HIS A 224 16.51 12.96 9.19
CA HIS A 224 16.28 14.31 8.76
C HIS A 224 14.91 14.73 9.24
N VAL A 1 22.07 -7.21 11.96
CA VAL A 1 22.00 -8.37 11.09
C VAL A 1 20.74 -8.25 10.26
N LYS A 2 20.78 -8.64 8.99
CA LYS A 2 19.62 -8.60 8.16
C LYS A 2 19.54 -9.84 7.30
N THR A 3 18.36 -10.30 7.10
CA THR A 3 18.04 -11.46 6.31
C THR A 3 16.51 -11.49 6.24
N LEU A 4 15.94 -12.50 5.59
CA LEU A 4 14.49 -12.64 5.37
C LEU A 4 13.71 -12.41 6.67
N ASP A 5 14.04 -13.18 7.69
CA ASP A 5 13.37 -13.10 8.99
C ASP A 5 13.43 -11.72 9.57
N VAL A 6 14.57 -11.10 9.43
CA VAL A 6 14.81 -9.80 9.98
C VAL A 6 14.01 -8.76 9.22
N LEU A 7 13.96 -8.91 7.92
CA LEU A 7 13.17 -8.02 7.06
C LEU A 7 11.70 -8.13 7.44
N ARG A 8 11.23 -9.36 7.59
CA ARG A 8 9.86 -9.61 7.99
C ARG A 8 9.63 -9.20 9.45
N GLY A 9 10.70 -9.18 10.21
CA GLY A 9 10.67 -8.74 11.58
C GLY A 9 10.63 -7.22 11.66
N GLU A 10 11.28 -6.56 10.72
CA GLU A 10 11.25 -5.11 10.63
C GLU A 10 9.87 -4.69 10.20
N LEU A 11 9.30 -5.45 9.28
CA LEU A 11 7.95 -5.23 8.83
C LEU A 11 7.01 -5.37 10.00
N ARG A 12 7.17 -6.48 10.72
CA ARG A 12 6.36 -6.77 11.89
C ARG A 12 6.51 -5.70 12.98
N GLY A 13 7.75 -5.43 13.34
CA GLY A 13 8.06 -4.46 14.37
C GLY A 13 7.48 -3.11 14.06
N GLN A 14 7.80 -2.60 12.88
CA GLN A 14 7.29 -1.31 12.46
C GLN A 14 5.80 -1.31 12.36
N ARG A 15 5.23 -2.38 11.81
CA ARG A 15 3.76 -2.55 11.69
C ARG A 15 3.10 -2.37 13.02
N GLU A 16 3.54 -3.15 13.97
CA GLU A 16 2.91 -3.24 15.26
C GLU A 16 3.11 -1.96 16.06
N ALA A 17 4.29 -1.37 15.96
CA ALA A 17 4.55 -0.10 16.62
C ALA A 17 3.73 1.01 15.96
N PHE A 18 3.61 0.91 14.65
CA PHE A 18 2.88 1.89 13.86
C PHE A 18 1.43 1.82 14.28
N LEU A 19 0.87 0.62 14.21
CA LEU A 19 -0.50 0.33 14.60
C LEU A 19 -0.78 0.81 16.03
N SER A 20 0.17 0.56 16.92
CA SER A 20 0.11 1.00 18.31
C SER A 20 -0.08 2.54 18.37
N GLU A 21 0.73 3.26 17.59
CA GLU A 21 0.62 4.68 17.55
C GLU A 21 -0.69 5.09 16.95
N ILE A 22 -1.14 4.32 15.97
CA ILE A 22 -2.36 4.63 15.29
C ILE A 22 -3.57 4.47 16.21
N ILE A 23 -3.63 3.36 16.94
CA ILE A 23 -4.72 3.12 17.85
C ILE A 23 -4.72 4.14 19.00
N LYS A 24 -3.54 4.54 19.45
CA LYS A 24 -3.44 5.56 20.48
C LYS A 24 -3.81 6.93 19.94
N SER A 25 -3.59 7.13 18.67
CA SER A 25 -3.92 8.38 18.02
C SER A 25 -5.40 8.43 17.61
N ASP A 26 -5.74 9.49 16.92
CA ASP A 26 -7.10 9.77 16.44
C ASP A 26 -7.08 11.08 15.65
N GLY A 27 -6.14 11.94 15.98
CA GLY A 27 -5.97 13.20 15.30
C GLY A 27 -5.15 13.10 14.02
N PRO A 28 -4.43 14.19 13.65
CA PRO A 28 -3.70 14.32 12.37
C PRO A 28 -2.78 13.15 11.97
N PHE A 29 -2.93 12.75 10.72
CA PHE A 29 -2.10 11.76 10.08
C PHE A 29 -1.48 12.41 8.85
N THR A 30 -0.57 11.76 8.18
CA THR A 30 0.15 12.38 7.05
C THR A 30 0.00 11.47 5.82
N ILE A 31 0.15 12.00 4.59
CA ILE A 31 -0.01 11.18 3.35
C ILE A 31 0.94 9.96 3.33
N LEU A 32 2.22 10.21 3.50
CA LEU A 32 3.23 9.19 3.46
C LEU A 32 2.99 8.21 4.63
N GLN A 33 2.63 8.76 5.75
CA GLN A 33 2.36 8.02 6.97
C GLN A 33 1.08 7.14 6.79
N LEU A 34 0.12 7.64 6.04
CA LEU A 34 -1.12 6.93 5.74
C LEU A 34 -0.77 5.74 4.86
N VAL A 35 0.10 5.95 3.89
CA VAL A 35 0.53 4.87 3.02
C VAL A 35 1.35 3.86 3.83
N GLY A 36 2.01 4.36 4.87
CA GLY A 36 2.69 3.51 5.81
C GLY A 36 1.71 2.57 6.49
N TYR A 37 0.55 3.13 6.92
CA TYR A 37 -0.50 2.33 7.51
C TYR A 37 -1.08 1.37 6.49
N LEU A 38 -1.11 1.82 5.26
CA LEU A 38 -1.54 0.97 4.17
C LEU A 38 -0.61 -0.25 4.09
N ARG A 39 0.69 -0.03 4.26
CA ARG A 39 1.64 -1.13 4.29
C ARG A 39 1.43 -2.00 5.56
N VAL A 40 1.00 -1.35 6.66
CA VAL A 40 0.65 -2.05 7.88
C VAL A 40 -0.50 -3.04 7.61
N VAL A 41 -1.63 -2.54 7.12
CA VAL A 41 -2.81 -3.39 6.86
C VAL A 41 -2.50 -4.41 5.76
N ASP A 42 -1.59 -4.03 4.89
CA ASP A 42 -1.10 -4.87 3.81
C ASP A 42 -0.51 -6.15 4.40
N THR A 43 0.44 -6.00 5.33
CA THR A 43 1.05 -7.16 5.94
C THR A 43 0.07 -7.83 6.95
N ASP A 44 -0.83 -7.02 7.53
CA ASP A 44 -1.86 -7.50 8.48
C ASP A 44 -2.72 -8.55 7.85
N LEU A 45 -3.02 -8.33 6.56
CA LEU A 45 -3.82 -9.23 5.75
C LEU A 45 -3.22 -10.64 5.74
N LEU A 46 -2.01 -10.77 5.20
CA LEU A 46 -1.43 -12.10 5.02
C LEU A 46 -1.02 -12.77 6.30
N LEU A 47 -0.61 -11.99 7.26
CA LEU A 47 -0.24 -12.55 8.56
C LEU A 47 -1.47 -12.91 9.38
N LYS A 48 -2.67 -12.48 8.90
CA LYS A 48 -3.94 -12.74 9.58
C LYS A 48 -3.88 -12.27 11.01
N VAL A 49 -3.61 -11.01 11.14
CA VAL A 49 -3.49 -10.40 12.43
C VAL A 49 -4.86 -10.13 13.05
N ASP A 50 -4.86 -9.75 14.33
CA ASP A 50 -6.06 -9.34 15.07
C ASP A 50 -6.90 -8.42 14.24
N SER A 51 -7.95 -8.95 13.73
CA SER A 51 -8.83 -8.26 12.85
C SER A 51 -9.52 -7.11 13.60
N THR A 52 -9.67 -7.29 14.86
CA THR A 52 -10.28 -6.33 15.68
C THR A 52 -9.33 -5.16 16.02
N LYS A 53 -8.04 -5.45 16.22
CA LYS A 53 -7.09 -4.38 16.52
C LYS A 53 -6.78 -3.57 15.28
N VAL A 54 -6.71 -4.24 14.13
CA VAL A 54 -6.49 -3.55 12.87
C VAL A 54 -7.70 -2.65 12.58
N ASP A 55 -8.90 -3.21 12.80
CA ASP A 55 -10.16 -2.46 12.65
C ASP A 55 -10.12 -1.20 13.46
N GLU A 56 -9.81 -1.36 14.75
CA GLU A 56 -9.74 -0.26 15.69
C GLU A 56 -8.75 0.83 15.29
N ALA A 57 -7.54 0.44 14.93
CA ALA A 57 -6.53 1.40 14.54
C ALA A 57 -6.96 2.15 13.28
N GLY A 58 -7.49 1.40 12.33
CA GLY A 58 -7.93 1.98 11.10
C GLY A 58 -9.16 2.82 11.30
N LYS A 59 -9.91 2.49 12.32
CA LYS A 59 -11.07 3.24 12.70
C LYS A 59 -10.66 4.56 13.30
N LYS A 60 -9.50 4.60 13.95
CA LYS A 60 -8.94 5.89 14.41
C LYS A 60 -8.50 6.71 13.21
N VAL A 61 -7.97 6.03 12.22
CA VAL A 61 -7.62 6.65 10.94
C VAL A 61 -8.88 7.28 10.32
N LYS A 62 -9.92 6.47 10.25
CA LYS A 62 -11.18 6.87 9.67
C LYS A 62 -11.86 7.92 10.56
N ALA A 63 -11.53 7.89 11.83
CA ALA A 63 -12.00 8.88 12.80
C ALA A 63 -11.50 10.25 12.41
N TYR A 64 -10.19 10.36 12.22
CA TYR A 64 -9.55 11.59 11.74
C TYR A 64 -10.14 12.01 10.40
N LEU A 65 -10.19 11.05 9.52
CA LEU A 65 -10.75 11.20 8.23
C LEU A 65 -12.18 11.76 8.32
N GLU A 66 -13.00 11.23 9.21
CA GLU A 66 -14.35 11.74 9.43
C GLU A 66 -14.33 13.10 10.17
N LYS A 67 -13.22 13.42 10.85
CA LYS A 67 -13.06 14.75 11.48
C LYS A 67 -12.97 15.80 10.41
N ILE A 68 -12.23 15.51 9.33
CA ILE A 68 -12.19 16.47 8.21
C ILE A 68 -13.50 16.36 7.44
N GLY A 69 -14.11 15.22 7.55
CA GLY A 69 -15.44 15.02 7.05
C GLY A 69 -15.51 14.02 5.95
N ILE A 70 -14.64 13.06 5.99
CA ILE A 70 -14.58 12.04 4.99
C ILE A 70 -14.90 10.71 5.61
N ARG A 71 -15.85 10.06 5.04
CA ARG A 71 -16.30 8.80 5.58
C ARG A 71 -15.80 7.61 4.79
N GLY A 72 -16.13 6.47 5.28
CA GLY A 72 -15.76 5.22 4.70
C GLY A 72 -16.44 4.15 5.50
N ASP A 73 -16.81 3.08 4.86
CA ASP A 73 -17.51 2.00 5.54
C ASP A 73 -16.52 1.00 6.10
N SER A 74 -15.49 0.77 5.34
CA SER A 74 -14.42 -0.08 5.71
C SER A 74 -13.16 0.74 5.58
N VAL A 75 -12.09 0.38 6.28
CA VAL A 75 -10.85 1.13 6.17
C VAL A 75 -10.26 0.94 4.78
N GLU A 76 -10.60 -0.18 4.16
CA GLU A 76 -10.19 -0.50 2.80
C GLU A 76 -10.76 0.56 1.87
N ALA A 77 -12.03 0.88 2.11
CA ALA A 77 -12.75 1.83 1.29
C ALA A 77 -12.28 3.23 1.60
N ALA A 78 -12.02 3.49 2.87
CA ALA A 78 -11.52 4.78 3.31
C ALA A 78 -10.20 5.11 2.63
N LEU A 79 -9.30 4.14 2.65
CA LEU A 79 -8.00 4.26 2.02
C LEU A 79 -8.14 4.37 0.55
N ASP A 80 -8.92 3.49 -0.04
CA ASP A 80 -9.21 3.52 -1.49
C ASP A 80 -9.71 4.88 -1.90
N ASN A 81 -10.58 5.40 -1.08
CA ASN A 81 -11.23 6.70 -1.26
C ASN A 81 -10.19 7.79 -1.29
N LEU A 82 -9.39 7.84 -0.25
CA LEU A 82 -8.42 8.88 -0.16
C LEU A 82 -7.26 8.70 -1.13
N MET A 83 -6.91 7.44 -1.42
CA MET A 83 -5.85 7.15 -2.41
C MET A 83 -6.25 7.64 -3.75
N ILE A 84 -7.43 7.23 -4.20
CA ILE A 84 -7.95 7.64 -5.48
C ILE A 84 -8.06 9.15 -5.54
N LYS A 85 -8.52 9.77 -4.46
CA LYS A 85 -8.63 11.22 -4.43
C LYS A 85 -7.30 11.97 -4.32
N VAL A 86 -6.25 11.33 -3.84
CA VAL A 86 -4.93 11.94 -3.90
C VAL A 86 -4.45 11.89 -5.35
N TYR A 87 -4.61 10.71 -5.96
CA TYR A 87 -4.22 10.52 -7.35
C TYR A 87 -5.06 11.36 -8.27
N GLU A 88 -6.26 11.64 -7.83
CA GLU A 88 -7.18 12.57 -8.49
C GLU A 88 -6.46 13.90 -8.71
N ILE A 89 -5.75 14.34 -7.68
CA ILE A 89 -5.03 15.60 -7.72
C ILE A 89 -3.81 15.42 -8.59
N THR A 90 -3.06 14.38 -8.28
CA THR A 90 -1.83 14.03 -8.96
C THR A 90 -2.02 13.90 -10.50
N LYS A 91 -2.99 13.12 -10.94
CA LYS A 91 -3.17 12.87 -12.36
C LYS A 91 -4.09 13.92 -12.99
N GLY A 92 -4.93 14.55 -12.19
CA GLY A 92 -5.81 15.56 -12.73
C GLY A 92 -7.00 14.93 -13.42
N THR A 93 -7.55 13.94 -12.79
CA THR A 93 -8.70 13.25 -13.31
C THR A 93 -9.67 13.06 -12.16
N VAL A 94 -10.91 13.42 -12.37
CA VAL A 94 -11.90 13.31 -11.32
C VAL A 94 -12.41 11.89 -11.19
N GLU A 95 -12.35 11.37 -9.99
CA GLU A 95 -12.81 10.04 -9.66
C GLU A 95 -13.53 10.08 -8.35
N SER A 96 -14.20 8.97 -8.01
CA SER A 96 -14.98 8.82 -6.79
C SER A 96 -16.09 9.89 -6.75
N SER A 97 -16.62 10.20 -7.94
CA SER A 97 -17.64 11.22 -8.12
C SER A 97 -18.99 10.74 -7.57
N ALA A 98 -19.05 9.49 -7.13
CA ALA A 98 -20.24 8.92 -6.50
C ALA A 98 -20.46 9.56 -5.13
N GLN A 99 -19.43 10.16 -4.59
CA GLN A 99 -19.55 10.85 -3.34
C GLN A 99 -19.30 12.33 -3.51
N GLY A 100 -20.33 13.14 -3.34
CA GLY A 100 -20.15 14.57 -3.35
C GLY A 100 -19.72 15.02 -1.97
N THR A 101 -18.58 14.54 -1.56
CA THR A 101 -18.09 14.70 -0.22
C THR A 101 -16.83 15.59 -0.22
N ASP A 102 -16.62 16.31 -1.30
CA ASP A 102 -15.41 17.12 -1.41
C ASP A 102 -15.56 18.46 -0.73
N SER A 103 -15.40 18.45 0.55
CA SER A 103 -15.36 19.66 1.31
C SER A 103 -14.02 20.35 1.00
N GLU A 104 -13.89 21.64 1.31
CA GLU A 104 -12.63 22.34 1.04
C GLU A 104 -11.53 21.75 1.89
N GLU A 105 -11.93 21.32 3.08
CA GLU A 105 -11.06 20.62 4.00
C GLU A 105 -10.42 19.41 3.28
N LEU A 106 -11.25 18.73 2.49
CA LEU A 106 -10.81 17.56 1.76
C LEU A 106 -9.86 17.97 0.67
N LYS A 107 -10.30 18.89 -0.17
CA LYS A 107 -9.54 19.33 -1.31
C LYS A 107 -8.17 19.85 -0.90
N THR A 108 -8.14 20.76 0.07
CA THR A 108 -6.89 21.34 0.54
C THR A 108 -6.00 20.25 1.21
N LEU A 109 -6.62 19.31 1.92
CA LEU A 109 -5.84 18.27 2.56
C LEU A 109 -5.25 17.32 1.54
N LEU A 110 -6.07 16.91 0.56
CA LEU A 110 -5.65 15.97 -0.49
C LEU A 110 -4.53 16.60 -1.27
N LEU A 111 -4.66 17.88 -1.41
CA LEU A 111 -3.74 18.70 -2.09
C LEU A 111 -2.39 18.71 -1.42
N LYS A 112 -2.36 18.93 -0.10
CA LYS A 112 -1.10 18.89 0.63
C LYS A 112 -0.57 17.51 0.53
N PHE A 113 -1.44 16.54 0.62
CA PHE A 113 -1.05 15.15 0.58
C PHE A 113 -0.37 14.81 -0.71
N SER A 114 -0.96 15.21 -1.78
CA SER A 114 -0.44 14.96 -3.09
C SER A 114 0.93 15.63 -3.27
N GLU A 115 0.99 16.94 -3.01
CA GLU A 115 2.22 17.70 -3.20
C GLU A 115 3.30 17.33 -2.19
N ASP A 116 2.90 16.97 -1.00
CA ASP A 116 3.85 16.65 0.09
C ASP A 116 4.51 15.32 -0.19
N LEU A 117 3.68 14.34 -0.58
CA LEU A 117 4.15 13.00 -0.96
C LEU A 117 5.11 13.14 -2.12
N LYS A 118 4.63 13.83 -3.13
CA LYS A 118 5.36 14.14 -4.35
C LYS A 118 6.73 14.74 -4.04
N ALA A 119 6.75 15.71 -3.15
CA ALA A 119 7.98 16.39 -2.78
C ALA A 119 8.97 15.45 -2.14
N GLU A 120 8.56 14.76 -1.08
CA GLU A 120 9.46 13.85 -0.43
C GLU A 120 9.89 12.73 -1.34
N GLN A 121 9.03 12.38 -2.28
CA GLN A 121 9.32 11.28 -3.16
C GLN A 121 10.34 11.63 -4.21
N GLU A 122 10.28 12.82 -4.76
CA GLU A 122 11.25 13.20 -5.76
C GLU A 122 12.59 13.52 -5.12
N LEU A 123 12.53 14.12 -3.94
CA LEU A 123 13.73 14.44 -3.19
C LEU A 123 14.44 13.15 -2.76
N HIS A 124 13.67 12.18 -2.27
CA HIS A 124 14.20 10.87 -1.89
C HIS A 124 14.63 10.10 -3.15
N SER A 125 13.89 10.32 -4.24
CA SER A 125 14.20 9.72 -5.52
C SER A 125 15.59 10.14 -5.97
N GLU A 126 15.95 11.36 -5.72
CA GLU A 126 17.29 11.75 -6.03
C GLU A 126 18.25 11.14 -4.98
N ALA A 127 17.97 11.42 -3.71
CA ALA A 127 18.83 11.05 -2.57
C ALA A 127 19.20 9.55 -2.50
N LYS A 128 18.26 8.67 -2.78
CA LYS A 128 18.53 7.23 -2.66
C LYS A 128 18.68 6.59 -4.06
N GLY A 129 18.64 7.40 -5.10
CA GLY A 129 18.70 6.85 -6.45
C GLY A 129 17.43 6.07 -6.77
N GLY A 130 16.36 6.80 -6.85
CA GLY A 130 15.04 6.28 -7.06
C GLY A 130 14.88 5.57 -8.37
N GLU A 131 15.63 5.99 -9.39
CA GLU A 131 15.55 5.33 -10.69
C GLU A 131 16.08 3.92 -10.56
N ALA A 132 17.14 3.79 -9.80
CA ALA A 132 17.76 2.51 -9.54
C ALA A 132 16.84 1.66 -8.68
N LEU A 133 16.22 2.28 -7.70
CA LEU A 133 15.28 1.62 -6.80
C LEU A 133 14.07 1.14 -7.62
N LEU A 134 13.58 2.00 -8.50
CA LEU A 134 12.45 1.71 -9.36
C LEU A 134 12.80 0.58 -10.32
N SER A 135 14.02 0.56 -10.78
CA SER A 135 14.50 -0.47 -11.66
C SER A 135 14.50 -1.82 -10.92
N SER A 136 14.99 -1.81 -9.67
CA SER A 136 15.01 -3.00 -8.87
C SER A 136 13.57 -3.47 -8.63
N MET A 137 12.70 -2.53 -8.30
CA MET A 137 11.29 -2.79 -8.07
C MET A 137 10.65 -3.43 -9.30
N LYS A 138 10.83 -2.79 -10.43
CA LYS A 138 10.26 -3.21 -11.70
C LYS A 138 10.75 -4.58 -12.10
N THR A 139 12.05 -4.76 -12.12
CA THR A 139 12.65 -5.99 -12.54
C THR A 139 12.28 -7.16 -11.64
N GLN A 140 12.35 -6.94 -10.36
CA GLN A 140 12.01 -7.96 -9.41
C GLN A 140 10.53 -8.30 -9.49
N HIS A 141 9.69 -7.30 -9.55
CA HIS A 141 8.25 -7.51 -9.66
C HIS A 141 7.93 -8.21 -10.98
N ASP A 142 8.72 -7.89 -12.01
CA ASP A 142 8.60 -8.53 -13.32
C ASP A 142 8.94 -10.00 -13.18
N GLU A 143 10.06 -10.26 -12.52
CA GLU A 143 10.53 -11.62 -12.20
C GLU A 143 9.41 -12.43 -11.55
N LEU A 144 8.86 -11.87 -10.47
CA LEU A 144 7.79 -12.51 -9.75
C LEU A 144 6.60 -12.82 -10.67
N LEU A 145 6.02 -11.79 -11.26
CA LEU A 145 4.81 -11.96 -12.10
C LEU A 145 5.04 -12.91 -13.26
N LYS A 146 6.23 -12.88 -13.77
CA LYS A 146 6.67 -13.77 -14.81
C LYS A 146 6.56 -15.20 -14.33
N LYS A 147 7.06 -15.44 -13.14
CA LYS A 147 6.93 -16.73 -12.51
C LYS A 147 5.50 -17.11 -12.21
N PHE A 148 4.65 -16.14 -11.93
CA PHE A 148 3.21 -16.40 -11.70
C PHE A 148 2.48 -16.72 -13.00
N ALA A 149 3.02 -16.21 -14.10
CA ALA A 149 2.46 -16.47 -15.41
C ALA A 149 2.99 -17.77 -15.93
N ALA A 150 4.17 -18.12 -15.47
CA ALA A 150 4.82 -19.36 -15.83
C ALA A 150 4.21 -20.49 -15.02
N LEU A 151 3.87 -20.18 -13.79
CA LEU A 151 3.26 -21.09 -12.87
C LEU A 151 1.91 -21.48 -13.39
N THR A 152 1.68 -22.73 -13.35
CA THR A 152 0.48 -23.30 -13.80
C THR A 152 -0.05 -24.31 -12.80
N PRO A 153 -1.35 -24.29 -12.54
CA PRO A 153 -2.27 -23.35 -13.17
C PRO A 153 -2.27 -21.98 -12.46
N THR A 154 -2.40 -20.92 -13.22
CA THR A 154 -2.43 -19.61 -12.65
C THR A 154 -3.88 -19.21 -12.40
N PHE A 155 -4.07 -18.29 -11.51
CA PHE A 155 -5.39 -17.79 -11.17
C PHE A 155 -5.41 -16.30 -11.31
N LEU A 156 -4.36 -15.75 -11.85
CA LEU A 156 -4.26 -14.34 -12.01
C LEU A 156 -4.79 -13.93 -13.35
N THR A 157 -4.89 -12.67 -13.53
CA THR A 157 -5.46 -12.09 -14.71
C THR A 157 -4.41 -11.40 -15.56
N SER A 158 -4.80 -11.01 -16.74
CA SER A 158 -3.92 -10.35 -17.64
C SER A 158 -4.16 -8.83 -17.65
N GLU A 159 -3.23 -8.12 -18.30
CA GLU A 159 -3.20 -6.65 -18.39
C GLU A 159 -4.48 -6.07 -18.99
N ASP A 160 -5.24 -6.92 -19.68
CA ASP A 160 -6.50 -6.52 -20.31
C ASP A 160 -7.41 -5.96 -19.25
N ILE A 161 -7.41 -6.58 -18.10
CA ILE A 161 -8.26 -6.11 -17.03
C ILE A 161 -7.43 -5.35 -16.01
N SER A 162 -6.21 -5.82 -15.80
CA SER A 162 -5.27 -5.17 -14.97
C SER A 162 -4.65 -3.97 -15.70
N GLY A 163 -5.45 -2.93 -15.90
CA GLY A 163 -5.00 -1.74 -16.56
C GLY A 163 -4.37 -0.78 -15.60
N TYR A 164 -3.26 -1.20 -15.04
CA TYR A 164 -2.51 -0.44 -14.07
C TYR A 164 -1.12 -0.97 -14.07
N LEU A 165 -0.19 -0.19 -13.62
CA LEU A 165 1.15 -0.67 -13.43
C LEU A 165 1.24 -1.31 -12.08
N THR A 166 1.77 -2.52 -12.03
CA THR A 166 1.99 -3.20 -10.77
C THR A 166 3.15 -2.54 -10.03
N VAL A 167 4.00 -1.92 -10.82
CA VAL A 167 5.11 -1.14 -10.38
C VAL A 167 4.87 0.31 -10.84
N PRO A 168 4.34 1.15 -9.95
CA PRO A 168 3.98 2.50 -10.28
C PRO A 168 5.14 3.49 -10.22
N GLU A 169 4.79 4.74 -10.24
CA GLU A 169 5.73 5.81 -10.25
C GLU A 169 5.17 6.86 -9.32
N TYR A 170 6.01 7.75 -8.83
CA TYR A 170 5.68 8.76 -7.80
C TYR A 170 4.49 9.60 -8.26
N GLY A 171 4.47 9.87 -9.53
CA GLY A 171 3.43 10.67 -10.09
C GLY A 171 2.48 9.88 -10.94
N ALA A 172 2.49 8.58 -10.76
CA ALA A 172 1.63 7.69 -11.53
C ALA A 172 0.69 6.94 -10.61
N PRO A 173 -0.60 6.96 -10.90
CA PRO A 173 -1.58 6.27 -10.09
C PRO A 173 -1.56 4.77 -10.28
N MET A 174 -1.53 4.06 -9.18
CA MET A 174 -1.65 2.63 -9.21
C MET A 174 -3.09 2.32 -8.84
N ASN A 175 -3.62 1.21 -9.29
CA ASN A 175 -5.03 0.93 -9.06
C ASN A 175 -5.20 -0.01 -7.91
N ALA A 176 -5.25 0.57 -6.72
CA ALA A 176 -5.28 -0.15 -5.45
C ALA A 176 -6.45 -1.10 -5.31
N ALA A 177 -7.64 -0.66 -5.71
CA ALA A 177 -8.86 -1.48 -5.59
C ALA A 177 -8.71 -2.83 -6.30
N LYS A 178 -8.34 -2.77 -7.57
CA LYS A 178 -8.18 -3.96 -8.38
C LYS A 178 -7.01 -4.77 -7.90
N TRP A 179 -5.96 -4.07 -7.55
CA TRP A 179 -4.77 -4.70 -6.99
C TRP A 179 -5.10 -5.51 -5.74
N ALA A 180 -5.79 -4.89 -4.81
CA ALA A 180 -6.18 -5.53 -3.58
C ALA A 180 -7.13 -6.68 -3.85
N LYS A 181 -7.93 -6.55 -4.90
CA LYS A 181 -8.84 -7.61 -5.29
C LYS A 181 -8.07 -8.84 -5.81
N VAL A 182 -7.15 -8.64 -6.73
CA VAL A 182 -6.39 -9.75 -7.30
C VAL A 182 -5.43 -10.37 -6.27
N GLU A 183 -4.83 -9.53 -5.50
CA GLU A 183 -3.96 -9.97 -4.45
C GLU A 183 -4.81 -10.55 -3.30
N GLY A 184 -6.08 -10.16 -3.27
CA GLY A 184 -7.04 -10.75 -2.36
C GLY A 184 -7.29 -12.17 -2.76
N MET A 185 -7.31 -12.44 -4.07
CA MET A 185 -7.40 -13.83 -4.58
C MET A 185 -6.15 -14.59 -4.12
N ILE A 186 -5.01 -13.91 -4.21
CA ILE A 186 -3.72 -14.43 -3.69
C ILE A 186 -3.87 -14.81 -2.21
N HIS A 187 -4.42 -13.91 -1.41
CA HIS A 187 -4.62 -14.18 -0.01
C HIS A 187 -5.62 -15.28 0.17
N GLY A 188 -6.62 -15.29 -0.68
CA GLY A 188 -7.65 -16.33 -0.68
C GLY A 188 -7.04 -17.70 -0.81
N LYS A 189 -6.03 -17.77 -1.62
CA LYS A 189 -5.28 -18.97 -1.81
C LYS A 189 -4.39 -19.23 -0.62
N LEU A 190 -3.68 -18.22 -0.23
CA LEU A 190 -2.73 -18.26 0.86
C LEU A 190 -3.38 -18.49 2.24
N GLU A 191 -4.68 -18.33 2.34
CA GLU A 191 -5.38 -18.58 3.59
C GLU A 191 -6.02 -19.96 3.57
N SER A 192 -5.88 -20.62 2.45
CA SER A 192 -6.42 -21.94 2.27
C SER A 192 -5.32 -22.97 2.50
N SER A 193 -5.69 -24.22 2.66
CA SER A 193 -4.74 -25.28 2.91
C SER A 193 -4.17 -25.88 1.60
N GLU A 194 -4.15 -25.08 0.55
CA GLU A 194 -3.62 -25.48 -0.72
C GLU A 194 -2.10 -25.61 -0.64
N VAL A 195 -1.50 -26.21 -1.65
CA VAL A 195 -0.09 -26.55 -1.60
C VAL A 195 0.84 -25.32 -1.52
N PRO A 196 1.59 -25.22 -0.40
CA PRO A 196 2.50 -24.11 -0.13
C PRO A 196 3.86 -24.28 -0.83
N ALA A 197 3.80 -24.73 -2.06
CA ALA A 197 4.99 -24.98 -2.87
C ALA A 197 5.51 -23.67 -3.49
N ASN A 198 6.01 -23.74 -4.75
CA ASN A 198 6.53 -22.54 -5.46
C ASN A 198 5.55 -21.39 -5.42
N LEU A 199 4.27 -21.70 -5.53
CA LEU A 199 3.19 -20.71 -5.41
C LEU A 199 3.41 -19.85 -4.16
N LYS A 200 3.43 -20.49 -2.98
CA LYS A 200 3.64 -19.78 -1.72
C LYS A 200 4.97 -19.04 -1.74
N ALA A 201 6.00 -19.72 -2.22
CA ALA A 201 7.35 -19.15 -2.25
C ALA A 201 7.40 -17.86 -3.07
N LEU A 202 6.81 -17.89 -4.24
CA LEU A 202 6.76 -16.73 -5.11
C LEU A 202 5.96 -15.64 -4.49
N VAL A 203 4.86 -16.02 -3.88
CA VAL A 203 4.01 -15.07 -3.18
C VAL A 203 4.78 -14.41 -2.05
N ALA A 204 5.45 -15.22 -1.25
CA ALA A 204 6.24 -14.72 -0.13
C ALA A 204 7.33 -13.78 -0.62
N GLU A 205 8.01 -14.14 -1.72
CA GLU A 205 9.04 -13.28 -2.27
C GLU A 205 8.43 -11.96 -2.76
N LEU A 206 7.27 -12.06 -3.42
CA LEU A 206 6.55 -10.91 -3.94
C LEU A 206 6.14 -10.01 -2.79
N ILE A 207 5.71 -10.64 -1.70
CA ILE A 207 5.28 -9.97 -0.48
C ILE A 207 6.39 -9.12 0.04
N GLU A 208 7.46 -9.78 0.33
CA GLU A 208 8.66 -9.18 0.87
C GLU A 208 9.16 -8.06 -0.04
N LEU A 209 9.36 -8.36 -1.31
CA LEU A 209 9.81 -7.38 -2.27
C LEU A 209 8.86 -6.19 -2.36
N ARG A 210 7.57 -6.45 -2.55
CA ARG A 210 6.58 -5.38 -2.68
C ARG A 210 6.54 -4.52 -1.39
N ALA A 211 6.73 -5.17 -0.26
CA ALA A 211 6.74 -4.51 1.02
C ALA A 211 7.92 -3.57 1.11
N GLN A 212 9.10 -4.13 0.89
CA GLN A 212 10.36 -3.41 0.94
C GLN A 212 10.39 -2.31 -0.09
N MET A 213 9.97 -2.65 -1.29
CA MET A 213 10.06 -1.72 -2.41
C MET A 213 9.20 -0.52 -2.17
N MET A 214 8.00 -0.74 -1.68
CA MET A 214 7.14 0.37 -1.31
C MET A 214 7.58 1.03 -0.05
N ALA A 215 8.24 0.33 0.83
CA ALA A 215 8.70 0.95 2.07
C ALA A 215 9.75 1.97 1.77
N LEU A 216 10.55 1.67 0.78
CA LEU A 216 11.54 2.58 0.32
C LEU A 216 10.96 3.61 -0.65
N LEU A 217 10.00 3.17 -1.49
CA LEU A 217 9.28 4.07 -2.41
C LEU A 217 8.53 5.14 -1.61
N TYR A 218 8.09 4.72 -0.47
CA TYR A 218 7.38 5.54 0.47
C TYR A 218 8.24 5.82 1.67
N GLY A 219 9.51 5.85 1.45
CA GLY A 219 10.41 6.23 2.49
C GLY A 219 10.42 7.73 2.60
N PRO A 220 10.63 8.29 3.80
CA PRO A 220 10.72 9.75 3.98
C PRO A 220 11.89 10.33 3.19
N ILE A 221 11.89 11.66 3.02
CA ILE A 221 12.90 12.41 2.23
C ILE A 221 14.33 11.84 2.34
N GLY A 222 14.76 11.50 3.56
CA GLY A 222 16.03 10.86 3.75
C GLY A 222 17.20 11.76 3.47
N HIS A 223 17.04 13.04 3.78
CA HIS A 223 18.09 14.00 3.54
C HIS A 223 19.11 13.95 4.68
N HIS A 224 19.80 12.84 4.74
CA HIS A 224 20.85 12.52 5.66
C HIS A 224 21.19 11.08 5.38
N VAL A 1 22.23 -7.53 8.49
CA VAL A 1 22.12 -8.96 8.25
C VAL A 1 20.67 -9.35 8.47
N LYS A 2 20.03 -9.90 7.48
CA LYS A 2 18.64 -10.20 7.57
C LYS A 2 18.34 -11.60 7.07
N THR A 3 17.80 -12.40 7.92
CA THR A 3 17.35 -13.71 7.58
C THR A 3 15.85 -13.59 7.31
N LEU A 4 15.17 -14.69 6.95
CA LEU A 4 13.72 -14.63 6.80
C LEU A 4 13.09 -14.19 8.10
N ASP A 5 13.66 -14.69 9.18
CA ASP A 5 13.20 -14.39 10.54
C ASP A 5 13.27 -12.92 10.80
N VAL A 6 14.37 -12.34 10.41
CA VAL A 6 14.59 -10.93 10.59
C VAL A 6 13.63 -10.13 9.74
N LEU A 7 13.45 -10.56 8.51
CA LEU A 7 12.50 -9.94 7.60
C LEU A 7 11.08 -10.00 8.19
N ARG A 8 10.73 -11.16 8.73
CA ARG A 8 9.45 -11.34 9.43
C ARG A 8 9.38 -10.38 10.59
N GLY A 9 10.46 -10.30 11.34
CA GLY A 9 10.55 -9.48 12.52
C GLY A 9 10.47 -8.01 12.22
N GLU A 10 11.03 -7.61 11.12
CA GLU A 10 10.99 -6.23 10.68
C GLU A 10 9.58 -5.86 10.26
N LEU A 11 8.95 -6.75 9.51
CA LEU A 11 7.60 -6.55 9.04
C LEU A 11 6.65 -6.47 10.21
N ARG A 12 6.73 -7.49 11.06
CA ARG A 12 5.89 -7.57 12.23
C ARG A 12 6.14 -6.42 13.16
N GLY A 13 7.38 -6.28 13.60
CA GLY A 13 7.73 -5.27 14.57
C GLY A 13 7.39 -3.87 14.14
N GLN A 14 7.66 -3.55 12.89
CA GLN A 14 7.40 -2.22 12.42
C GLN A 14 5.90 -1.99 12.28
N ARG A 15 5.15 -3.01 11.83
CA ARG A 15 3.71 -2.80 11.72
C ARG A 15 3.11 -2.76 13.12
N GLU A 16 3.68 -3.52 14.07
CA GLU A 16 3.23 -3.55 15.45
C GLU A 16 3.29 -2.16 16.05
N ALA A 17 4.45 -1.55 15.94
CA ALA A 17 4.66 -0.20 16.44
C ALA A 17 3.76 0.78 15.72
N PHE A 18 3.69 0.65 14.40
CA PHE A 18 2.91 1.55 13.57
C PHE A 18 1.44 1.45 13.94
N LEU A 19 0.93 0.25 13.98
CA LEU A 19 -0.46 -0.04 14.34
C LEU A 19 -0.77 0.46 15.76
N SER A 20 0.19 0.33 16.66
CA SER A 20 0.03 0.85 18.01
C SER A 20 -0.11 2.36 17.99
N GLU A 21 0.65 3.00 17.12
CA GLU A 21 0.64 4.39 16.95
C GLU A 21 -0.72 4.81 16.45
N ILE A 22 -1.24 4.06 15.50
CA ILE A 22 -2.49 4.39 14.87
C ILE A 22 -3.66 4.25 15.87
N ILE A 23 -3.69 3.14 16.61
CA ILE A 23 -4.74 2.90 17.59
C ILE A 23 -4.64 3.90 18.78
N LYS A 24 -3.44 4.36 19.10
CA LYS A 24 -3.27 5.37 20.16
C LYS A 24 -3.68 6.73 19.65
N SER A 25 -3.46 6.97 18.37
CA SER A 25 -3.77 8.24 17.76
C SER A 25 -5.26 8.52 17.73
N ASP A 26 -5.59 9.76 17.89
CA ASP A 26 -6.97 10.21 17.88
C ASP A 26 -6.97 11.63 17.31
N GLY A 27 -5.94 11.88 16.55
CA GLY A 27 -5.72 13.17 15.98
C GLY A 27 -5.37 13.07 14.51
N PRO A 28 -4.56 14.01 14.00
CA PRO A 28 -4.20 14.08 12.58
C PRO A 28 -3.19 13.00 12.17
N PHE A 29 -3.12 12.76 10.89
CA PHE A 29 -2.20 11.79 10.31
C PHE A 29 -1.47 12.44 9.15
N THR A 30 -0.32 11.91 8.84
CA THR A 30 0.49 12.37 7.73
C THR A 30 0.17 11.45 6.51
N ILE A 31 0.29 11.97 5.28
CA ILE A 31 0.00 11.15 4.06
C ILE A 31 0.90 9.90 4.00
N LEU A 32 2.19 10.08 4.27
CA LEU A 32 3.13 9.00 4.22
C LEU A 32 2.79 8.01 5.34
N GLN A 33 2.26 8.53 6.43
CA GLN A 33 1.87 7.72 7.58
C GLN A 33 0.63 6.90 7.22
N LEU A 34 -0.24 7.48 6.42
CA LEU A 34 -1.45 6.81 5.97
C LEU A 34 -1.04 5.70 4.99
N VAL A 35 -0.07 5.99 4.13
CA VAL A 35 0.47 4.99 3.20
C VAL A 35 1.21 3.89 4.00
N GLY A 36 1.83 4.30 5.09
CA GLY A 36 2.46 3.37 5.99
C GLY A 36 1.44 2.45 6.62
N TYR A 37 0.27 3.00 6.93
CA TYR A 37 -0.82 2.22 7.46
C TYR A 37 -1.34 1.26 6.41
N LEU A 38 -1.31 1.70 5.16
CA LEU A 38 -1.67 0.85 4.04
C LEU A 38 -0.72 -0.35 4.05
N ARG A 39 0.55 -0.07 4.26
CA ARG A 39 1.59 -1.08 4.39
C ARG A 39 1.29 -2.00 5.61
N VAL A 40 0.75 -1.40 6.68
CA VAL A 40 0.32 -2.16 7.85
C VAL A 40 -0.76 -3.16 7.47
N VAL A 41 -1.85 -2.67 6.87
CA VAL A 41 -2.99 -3.52 6.52
C VAL A 41 -2.66 -4.52 5.39
N ASP A 42 -1.75 -4.09 4.51
CA ASP A 42 -1.24 -4.95 3.44
C ASP A 42 -0.58 -6.16 4.05
N THR A 43 0.37 -5.91 4.93
CA THR A 43 1.07 -6.98 5.57
C THR A 43 0.21 -7.66 6.67
N ASP A 44 -0.85 -6.97 7.07
CA ASP A 44 -1.87 -7.51 8.01
C ASP A 44 -2.51 -8.72 7.40
N LEU A 45 -2.99 -8.55 6.19
CA LEU A 45 -3.55 -9.66 5.44
C LEU A 45 -2.49 -10.72 5.28
N LEU A 46 -1.40 -10.35 4.62
CA LEU A 46 -0.32 -11.24 4.23
C LEU A 46 0.28 -12.07 5.38
N LEU A 47 0.38 -11.51 6.56
CA LEU A 47 0.98 -12.22 7.66
C LEU A 47 -0.02 -12.58 8.75
N LYS A 48 -1.33 -12.53 8.42
CA LYS A 48 -2.41 -12.93 9.34
C LYS A 48 -2.39 -12.20 10.66
N VAL A 49 -2.51 -10.92 10.59
CA VAL A 49 -2.57 -10.08 11.76
C VAL A 49 -4.06 -9.91 12.15
N ASP A 50 -4.34 -9.35 13.29
CA ASP A 50 -5.69 -9.22 13.76
C ASP A 50 -6.47 -8.12 13.04
N SER A 51 -7.50 -8.58 12.36
CA SER A 51 -8.37 -7.78 11.54
C SER A 51 -9.09 -6.73 12.39
N THR A 52 -9.37 -7.05 13.62
CA THR A 52 -10.01 -6.10 14.47
C THR A 52 -9.07 -5.02 15.00
N LYS A 53 -7.78 -5.34 15.12
CA LYS A 53 -6.78 -4.35 15.49
C LYS A 53 -6.67 -3.34 14.38
N VAL A 54 -6.57 -3.84 13.16
CA VAL A 54 -6.53 -2.92 12.01
C VAL A 54 -7.88 -2.26 11.77
N ASP A 55 -8.93 -2.91 12.19
CA ASP A 55 -10.28 -2.34 12.11
C ASP A 55 -10.41 -1.16 13.05
N GLU A 56 -10.01 -1.37 14.30
CA GLU A 56 -10.04 -0.29 15.31
C GLU A 56 -9.10 0.85 14.97
N ALA A 57 -7.91 0.53 14.51
CA ALA A 57 -6.99 1.56 14.13
C ALA A 57 -7.49 2.30 12.88
N GLY A 58 -8.07 1.55 11.94
CA GLY A 58 -8.65 2.16 10.76
C GLY A 58 -9.88 2.95 11.11
N LYS A 59 -10.51 2.55 12.18
CA LYS A 59 -11.64 3.24 12.77
C LYS A 59 -11.17 4.61 13.24
N LYS A 60 -9.99 4.66 13.85
CA LYS A 60 -9.38 5.94 14.23
C LYS A 60 -8.99 6.76 13.00
N VAL A 61 -8.63 6.05 11.95
CA VAL A 61 -8.35 6.67 10.66
C VAL A 61 -9.63 7.30 10.08
N LYS A 62 -10.71 6.54 10.11
CA LYS A 62 -11.99 7.00 9.60
C LYS A 62 -12.57 8.08 10.52
N ALA A 63 -12.22 7.99 11.79
CA ALA A 63 -12.55 9.01 12.76
C ALA A 63 -11.92 10.31 12.33
N TYR A 64 -10.62 10.26 12.10
CA TYR A 64 -9.83 11.38 11.60
C TYR A 64 -10.42 11.93 10.31
N LEU A 65 -10.68 11.01 9.42
CA LEU A 65 -11.27 11.29 8.14
C LEU A 65 -12.57 12.11 8.33
N GLU A 66 -13.43 11.65 9.21
CA GLU A 66 -14.68 12.36 9.49
C GLU A 66 -14.43 13.66 10.31
N LYS A 67 -13.29 13.72 10.99
CA LYS A 67 -12.89 14.93 11.73
C LYS A 67 -12.52 16.05 10.75
N ILE A 68 -11.94 15.69 9.60
CA ILE A 68 -11.69 16.72 8.58
C ILE A 68 -13.00 16.94 7.79
N GLY A 69 -13.83 15.92 7.84
CA GLY A 69 -15.19 16.03 7.35
C GLY A 69 -15.47 15.12 6.19
N ILE A 70 -14.85 13.98 6.19
CA ILE A 70 -15.03 13.00 5.16
C ILE A 70 -15.58 11.72 5.75
N ARG A 71 -16.64 11.25 5.20
CA ARG A 71 -17.22 10.01 5.66
C ARG A 71 -17.04 8.92 4.64
N GLY A 72 -16.61 7.80 5.12
CA GLY A 72 -16.38 6.66 4.29
C GLY A 72 -16.99 5.44 4.91
N ASP A 73 -17.06 4.38 4.17
CA ASP A 73 -17.66 3.15 4.67
C ASP A 73 -16.69 2.32 5.49
N SER A 74 -15.69 1.79 4.83
CA SER A 74 -14.73 0.95 5.47
C SER A 74 -13.35 1.56 5.31
N VAL A 75 -12.34 0.94 5.89
CA VAL A 75 -11.00 1.49 5.95
C VAL A 75 -10.27 1.48 4.60
N GLU A 76 -10.41 0.41 3.86
CA GLU A 76 -9.76 0.31 2.56
C GLU A 76 -10.53 1.15 1.54
N ALA A 77 -11.82 1.32 1.81
CA ALA A 77 -12.66 2.15 0.99
C ALA A 77 -12.31 3.60 1.22
N ALA A 78 -12.02 3.92 2.47
CA ALA A 78 -11.56 5.25 2.84
C ALA A 78 -10.24 5.55 2.15
N LEU A 79 -9.34 4.59 2.19
CA LEU A 79 -8.05 4.66 1.55
C LEU A 79 -8.24 4.84 0.04
N ASP A 80 -9.16 4.05 -0.52
CA ASP A 80 -9.53 4.13 -1.94
C ASP A 80 -10.02 5.53 -2.27
N ASN A 81 -10.95 6.04 -1.44
CA ASN A 81 -11.47 7.43 -1.55
C ASN A 81 -10.33 8.42 -1.64
N LEU A 82 -9.37 8.28 -0.72
CA LEU A 82 -8.21 9.17 -0.68
C LEU A 82 -7.46 9.11 -1.98
N MET A 83 -7.13 7.90 -2.38
CA MET A 83 -6.36 7.65 -3.61
C MET A 83 -7.07 8.23 -4.82
N ILE A 84 -8.31 7.82 -5.02
CA ILE A 84 -9.10 8.22 -6.17
C ILE A 84 -9.20 9.74 -6.24
N LYS A 85 -9.47 10.39 -5.12
CA LYS A 85 -9.60 11.83 -5.11
C LYS A 85 -8.26 12.54 -5.33
N VAL A 86 -7.16 11.91 -4.93
CA VAL A 86 -5.85 12.47 -5.25
C VAL A 86 -5.64 12.42 -6.76
N TYR A 87 -5.88 11.23 -7.34
CA TYR A 87 -5.73 11.04 -8.77
C TYR A 87 -6.63 11.95 -9.55
N GLU A 88 -7.82 12.19 -9.05
CA GLU A 88 -8.73 13.15 -9.68
C GLU A 88 -8.13 14.56 -9.74
N ILE A 89 -7.34 14.92 -8.73
CA ILE A 89 -6.67 16.22 -8.72
C ILE A 89 -5.55 16.19 -9.75
N THR A 90 -4.82 15.10 -9.74
CA THR A 90 -3.73 14.84 -10.64
C THR A 90 -4.21 14.83 -12.13
N LYS A 91 -5.37 14.21 -12.38
CA LYS A 91 -5.95 14.18 -13.72
C LYS A 91 -6.54 15.54 -14.07
N GLY A 92 -7.03 16.22 -13.05
CA GLY A 92 -7.66 17.50 -13.25
C GLY A 92 -9.04 17.32 -13.78
N THR A 93 -9.71 16.31 -13.28
CA THR A 93 -11.04 15.98 -13.68
C THR A 93 -11.77 15.43 -12.46
N VAL A 94 -13.01 15.80 -12.29
CA VAL A 94 -13.79 15.23 -11.22
C VAL A 94 -14.61 14.09 -11.79
N GLU A 95 -14.60 12.98 -11.11
CA GLU A 95 -15.32 11.82 -11.58
C GLU A 95 -16.18 11.29 -10.44
N SER A 96 -17.40 10.90 -10.76
CA SER A 96 -18.29 10.31 -9.80
C SER A 96 -17.73 8.96 -9.34
N SER A 97 -17.09 8.96 -8.20
CA SER A 97 -16.47 7.78 -7.66
C SER A 97 -16.44 7.85 -6.17
N ALA A 98 -16.80 6.74 -5.52
CA ALA A 98 -16.76 6.57 -4.08
C ALA A 98 -17.72 7.55 -3.37
N GLN A 99 -17.54 7.69 -2.07
CA GLN A 99 -18.39 8.55 -1.27
C GLN A 99 -18.07 10.02 -1.56
N GLY A 100 -16.79 10.35 -1.56
CA GLY A 100 -16.38 11.71 -1.84
C GLY A 100 -16.61 12.63 -0.66
N THR A 101 -17.79 13.30 -0.64
CA THR A 101 -18.24 14.23 0.42
C THR A 101 -17.16 15.29 0.78
N ASP A 102 -16.48 15.72 -0.26
CA ASP A 102 -15.35 16.66 -0.21
C ASP A 102 -15.76 18.07 0.22
N SER A 103 -14.77 18.92 0.38
CA SER A 103 -14.93 20.29 0.72
C SER A 103 -13.56 20.96 0.55
N GLU A 104 -13.47 22.23 0.90
CA GLU A 104 -12.26 23.02 0.72
C GLU A 104 -11.13 22.46 1.54
N GLU A 105 -11.40 22.24 2.82
CA GLU A 105 -10.40 21.74 3.74
C GLU A 105 -9.92 20.37 3.32
N LEU A 106 -10.79 19.65 2.62
CA LEU A 106 -10.46 18.34 2.15
C LEU A 106 -9.45 18.46 1.07
N LYS A 107 -9.75 19.29 0.09
CA LYS A 107 -8.87 19.46 -1.02
C LYS A 107 -7.58 20.10 -0.60
N THR A 108 -7.63 21.04 0.32
CA THR A 108 -6.42 21.65 0.82
C THR A 108 -5.54 20.60 1.52
N LEU A 109 -6.19 19.69 2.25
CA LEU A 109 -5.46 18.69 2.98
C LEU A 109 -4.93 17.64 2.02
N LEU A 110 -5.74 17.26 1.04
CA LEU A 110 -5.33 16.25 0.07
C LEU A 110 -4.21 16.80 -0.80
N LEU A 111 -4.20 18.10 -0.94
CA LEU A 111 -3.15 18.79 -1.65
C LEU A 111 -1.85 18.76 -0.87
N LYS A 112 -1.90 19.09 0.42
CA LYS A 112 -0.69 19.01 1.25
C LYS A 112 -0.21 17.60 1.26
N PHE A 113 -1.13 16.68 1.34
CA PHE A 113 -0.83 15.29 1.36
C PHE A 113 -0.13 14.85 0.10
N SER A 114 -0.72 15.12 -1.01
CA SER A 114 -0.12 14.73 -2.27
C SER A 114 1.25 15.42 -2.51
N GLU A 115 1.36 16.69 -2.12
CA GLU A 115 2.60 17.42 -2.27
C GLU A 115 3.65 16.99 -1.25
N ASP A 116 3.20 16.69 -0.03
CA ASP A 116 4.11 16.27 1.05
C ASP A 116 4.67 14.90 0.72
N LEU A 117 3.78 14.06 0.18
CA LEU A 117 4.10 12.74 -0.31
C LEU A 117 5.12 12.88 -1.42
N LYS A 118 4.83 13.76 -2.36
CA LYS A 118 5.68 14.06 -3.50
C LYS A 118 7.06 14.54 -3.05
N ALA A 119 7.09 15.26 -1.95
CA ALA A 119 8.33 15.76 -1.40
C ALA A 119 9.20 14.64 -0.85
N GLU A 120 8.62 13.77 -0.03
CA GLU A 120 9.38 12.63 0.49
C GLU A 120 9.75 11.68 -0.64
N GLN A 121 8.87 11.68 -1.64
CA GLN A 121 8.99 10.84 -2.83
C GLN A 121 10.29 11.16 -3.55
N GLU A 122 10.44 12.42 -3.96
CA GLU A 122 11.63 12.87 -4.66
C GLU A 122 12.86 12.82 -3.75
N LEU A 123 12.64 13.11 -2.47
CA LEU A 123 13.70 13.12 -1.46
C LEU A 123 14.46 11.80 -1.44
N HIS A 124 13.74 10.70 -1.29
CA HIS A 124 14.42 9.43 -1.19
C HIS A 124 14.70 8.85 -2.58
N SER A 125 13.88 9.23 -3.57
CA SER A 125 14.09 8.81 -4.94
C SER A 125 15.50 9.16 -5.39
N GLU A 126 15.87 10.42 -5.23
CA GLU A 126 17.19 10.87 -5.63
C GLU A 126 18.27 10.11 -4.87
N ALA A 127 18.07 10.01 -3.55
CA ALA A 127 19.02 9.38 -2.64
C ALA A 127 19.36 7.94 -3.04
N LYS A 128 18.37 7.21 -3.51
CA LYS A 128 18.59 5.82 -3.89
C LYS A 128 18.69 5.60 -5.41
N GLY A 129 18.75 6.67 -6.18
CA GLY A 129 18.78 6.52 -7.64
C GLY A 129 17.41 6.11 -8.15
N GLY A 130 16.54 7.08 -8.25
CA GLY A 130 15.14 6.86 -8.54
C GLY A 130 14.85 6.11 -9.81
N GLU A 131 15.49 6.49 -10.88
CA GLU A 131 15.24 5.87 -12.18
C GLU A 131 15.69 4.41 -12.18
N ALA A 132 16.83 4.17 -11.55
CA ALA A 132 17.37 2.84 -11.44
C ALA A 132 16.51 2.00 -10.52
N LEU A 133 16.08 2.60 -9.42
CA LEU A 133 15.23 1.95 -8.42
C LEU A 133 13.89 1.62 -9.07
N LEU A 134 13.33 2.58 -9.78
CA LEU A 134 12.02 2.41 -10.43
C LEU A 134 12.07 1.29 -11.46
N SER A 135 13.10 1.30 -12.27
CA SER A 135 13.24 0.29 -13.28
C SER A 135 13.53 -1.09 -12.63
N SER A 136 14.29 -1.10 -11.53
CA SER A 136 14.63 -2.34 -10.89
C SER A 136 13.42 -2.90 -10.14
N MET A 137 12.64 -2.01 -9.54
CA MET A 137 11.47 -2.40 -8.78
C MET A 137 10.43 -2.97 -9.72
N LYS A 138 10.29 -2.35 -10.91
CA LYS A 138 9.35 -2.84 -11.87
C LYS A 138 9.78 -4.18 -12.38
N THR A 139 11.06 -4.29 -12.74
CA THR A 139 11.58 -5.53 -13.24
C THR A 139 11.47 -6.65 -12.21
N GLN A 140 11.78 -6.35 -10.96
CA GLN A 140 11.73 -7.33 -9.89
C GLN A 140 10.32 -7.84 -9.69
N HIS A 141 9.40 -6.93 -9.60
CA HIS A 141 8.01 -7.27 -9.36
C HIS A 141 7.41 -7.94 -10.59
N ASP A 142 7.85 -7.52 -11.77
CA ASP A 142 7.35 -8.09 -13.03
C ASP A 142 7.94 -9.48 -13.21
N GLU A 143 9.19 -9.63 -12.80
CA GLU A 143 9.89 -10.91 -12.78
C GLU A 143 9.15 -11.86 -11.89
N LEU A 144 8.75 -11.35 -10.75
CA LEU A 144 7.96 -12.11 -9.84
C LEU A 144 6.67 -12.58 -10.51
N LEU A 145 5.94 -11.67 -11.13
CA LEU A 145 4.70 -12.00 -11.83
C LEU A 145 4.97 -13.02 -12.95
N LYS A 146 6.13 -12.90 -13.56
CA LYS A 146 6.63 -13.84 -14.55
C LYS A 146 6.76 -15.24 -13.91
N LYS A 147 7.30 -15.31 -12.70
CA LYS A 147 7.35 -16.55 -11.92
C LYS A 147 5.95 -17.12 -11.68
N PHE A 148 5.01 -16.26 -11.36
CA PHE A 148 3.62 -16.66 -11.11
C PHE A 148 2.93 -17.10 -12.40
N ALA A 149 3.37 -16.55 -13.51
CA ALA A 149 2.81 -16.86 -14.82
C ALA A 149 3.43 -18.16 -15.33
N ALA A 150 4.60 -18.44 -14.84
CA ALA A 150 5.32 -19.64 -15.16
C ALA A 150 4.83 -20.79 -14.27
N LEU A 151 4.46 -20.44 -13.06
CA LEU A 151 3.99 -21.37 -12.08
C LEU A 151 2.60 -21.82 -12.44
N THR A 152 2.35 -23.06 -12.27
CA THR A 152 1.10 -23.63 -12.54
C THR A 152 0.46 -24.15 -11.24
N PRO A 153 -0.83 -23.91 -11.03
CA PRO A 153 -1.67 -23.19 -11.96
C PRO A 153 -1.58 -21.67 -11.77
N THR A 154 -1.65 -20.95 -12.85
CA THR A 154 -1.61 -19.52 -12.79
C THR A 154 -3.02 -18.99 -12.50
N PHE A 155 -3.26 -18.66 -11.26
CA PHE A 155 -4.56 -18.16 -10.85
C PHE A 155 -4.70 -16.66 -11.10
N LEU A 156 -3.61 -16.04 -11.51
CA LEU A 156 -3.61 -14.64 -11.76
C LEU A 156 -3.83 -14.39 -13.22
N THR A 157 -4.05 -13.17 -13.52
CA THR A 157 -4.28 -12.71 -14.85
C THR A 157 -3.47 -11.46 -15.15
N SER A 158 -3.48 -11.06 -16.39
CA SER A 158 -2.69 -9.97 -16.90
C SER A 158 -3.34 -8.56 -16.67
N GLU A 159 -2.72 -7.56 -17.30
CA GLU A 159 -3.12 -6.15 -17.28
C GLU A 159 -4.62 -5.90 -17.53
N ASP A 160 -5.34 -6.88 -18.07
CA ASP A 160 -6.80 -6.79 -18.22
C ASP A 160 -7.44 -6.60 -16.86
N ILE A 161 -6.76 -7.06 -15.81
CA ILE A 161 -7.26 -6.89 -14.49
C ILE A 161 -6.34 -5.95 -13.78
N SER A 162 -5.06 -6.08 -14.07
CA SER A 162 -4.09 -5.24 -13.52
C SER A 162 -3.96 -3.94 -14.33
N GLY A 163 -5.03 -3.15 -14.33
CA GLY A 163 -5.05 -1.86 -15.01
C GLY A 163 -4.40 -0.78 -14.17
N TYR A 164 -3.19 -1.08 -13.76
CA TYR A 164 -2.40 -0.28 -12.88
C TYR A 164 -0.99 -0.83 -12.94
N LEU A 165 -0.06 -0.16 -12.35
CA LEU A 165 1.28 -0.64 -12.25
C LEU A 165 1.46 -1.15 -10.85
N THR A 166 1.84 -2.42 -10.70
CA THR A 166 1.96 -3.05 -9.38
C THR A 166 2.99 -2.33 -8.54
N VAL A 167 3.98 -1.86 -9.22
CA VAL A 167 4.97 -0.99 -8.69
C VAL A 167 4.99 0.22 -9.61
N PRO A 168 4.21 1.23 -9.24
CA PRO A 168 3.99 2.37 -10.08
C PRO A 168 5.06 3.43 -9.96
N GLU A 169 4.93 4.40 -10.80
CA GLU A 169 5.78 5.52 -10.81
C GLU A 169 5.30 6.48 -9.74
N TYR A 170 6.13 7.43 -9.40
CA TYR A 170 5.92 8.43 -8.36
C TYR A 170 4.56 9.15 -8.49
N GLY A 171 4.04 9.20 -9.70
CA GLY A 171 2.76 9.80 -9.94
C GLY A 171 1.90 8.98 -10.88
N ALA A 172 2.00 7.67 -10.78
CA ALA A 172 1.22 6.79 -11.66
C ALA A 172 0.08 6.18 -10.86
N PRO A 173 -1.03 5.77 -11.53
CA PRO A 173 -2.17 5.19 -10.85
C PRO A 173 -1.94 3.76 -10.34
N MET A 174 -2.22 3.57 -9.08
CA MET A 174 -2.22 2.28 -8.47
C MET A 174 -3.61 2.03 -7.93
N ASN A 175 -4.13 0.85 -8.17
CA ASN A 175 -5.49 0.56 -7.77
C ASN A 175 -5.51 -0.22 -6.48
N ALA A 176 -5.84 0.46 -5.41
CA ALA A 176 -5.81 -0.09 -4.07
C ALA A 176 -6.82 -1.22 -3.87
N ALA A 177 -8.06 -0.98 -4.27
CA ALA A 177 -9.12 -1.96 -4.09
C ALA A 177 -8.86 -3.20 -4.95
N LYS A 178 -8.48 -2.96 -6.20
CA LYS A 178 -8.17 -4.04 -7.14
C LYS A 178 -7.02 -4.87 -6.56
N TRP A 179 -5.98 -4.18 -6.13
CA TRP A 179 -4.81 -4.79 -5.51
C TRP A 179 -5.19 -5.64 -4.32
N ALA A 180 -5.98 -5.10 -3.41
CA ALA A 180 -6.42 -5.83 -2.23
C ALA A 180 -7.17 -7.11 -2.62
N LYS A 181 -7.98 -7.01 -3.65
CA LYS A 181 -8.74 -8.16 -4.11
C LYS A 181 -7.82 -9.22 -4.76
N VAL A 182 -6.91 -8.80 -5.63
CA VAL A 182 -6.01 -9.74 -6.31
C VAL A 182 -4.97 -10.33 -5.38
N GLU A 183 -4.49 -9.52 -4.46
CA GLU A 183 -3.57 -9.99 -3.43
C GLU A 183 -4.34 -10.93 -2.52
N GLY A 184 -5.62 -10.62 -2.31
CA GLY A 184 -6.51 -11.48 -1.56
C GLY A 184 -6.71 -12.81 -2.26
N MET A 185 -6.65 -12.79 -3.59
CA MET A 185 -6.68 -14.03 -4.40
C MET A 185 -5.44 -14.84 -4.11
N ILE A 186 -4.29 -14.18 -4.19
CA ILE A 186 -2.99 -14.77 -3.88
C ILE A 186 -2.98 -15.35 -2.48
N HIS A 187 -3.43 -14.56 -1.56
CA HIS A 187 -3.46 -14.92 -0.19
C HIS A 187 -4.50 -16.00 0.07
N GLY A 188 -5.55 -15.98 -0.72
CA GLY A 188 -6.61 -16.98 -0.64
C GLY A 188 -6.08 -18.34 -1.01
N LYS A 189 -5.24 -18.34 -2.00
CA LYS A 189 -4.55 -19.53 -2.44
C LYS A 189 -3.50 -19.91 -1.44
N LEU A 190 -2.83 -18.92 -0.94
CA LEU A 190 -1.79 -19.06 0.06
C LEU A 190 -2.38 -19.74 1.32
N GLU A 191 -3.66 -19.47 1.60
CA GLU A 191 -4.30 -20.04 2.77
C GLU A 191 -5.18 -21.26 2.43
N SER A 192 -4.93 -21.89 1.28
CA SER A 192 -5.64 -23.11 0.94
C SER A 192 -5.05 -24.30 1.77
N SER A 193 -5.52 -25.52 1.50
CA SER A 193 -5.14 -26.74 2.26
C SER A 193 -3.63 -26.81 2.52
N GLU A 194 -2.83 -26.70 1.48
CA GLU A 194 -1.41 -26.70 1.62
C GLU A 194 -0.79 -25.96 0.47
N VAL A 195 -0.16 -24.89 0.80
CA VAL A 195 0.52 -24.09 -0.16
C VAL A 195 1.86 -24.75 -0.53
N PRO A 196 2.12 -24.95 -1.83
CA PRO A 196 3.39 -25.49 -2.30
C PRO A 196 4.52 -24.56 -1.90
N ALA A 197 5.62 -25.14 -1.44
CA ALA A 197 6.80 -24.40 -1.01
C ALA A 197 7.28 -23.42 -2.09
N ASN A 198 7.16 -23.83 -3.36
CA ASN A 198 7.56 -22.96 -4.47
C ASN A 198 6.67 -21.73 -4.53
N LEU A 199 5.34 -21.95 -4.53
CA LEU A 199 4.37 -20.85 -4.52
C LEU A 199 4.58 -19.97 -3.29
N LYS A 200 4.74 -20.63 -2.15
CA LYS A 200 4.97 -19.97 -0.87
C LYS A 200 6.18 -19.04 -0.95
N ALA A 201 7.22 -19.50 -1.62
CA ALA A 201 8.45 -18.74 -1.76
C ALA A 201 8.23 -17.56 -2.68
N LEU A 202 7.57 -17.79 -3.79
CA LEU A 202 7.30 -16.75 -4.77
C LEU A 202 6.45 -15.65 -4.17
N VAL A 203 5.43 -16.07 -3.45
CA VAL A 203 4.55 -15.14 -2.77
C VAL A 203 5.34 -14.35 -1.74
N ALA A 204 6.14 -15.05 -0.95
CA ALA A 204 6.96 -14.40 0.06
C ALA A 204 7.93 -13.40 -0.56
N GLU A 205 8.55 -13.75 -1.72
CA GLU A 205 9.46 -12.83 -2.38
C GLU A 205 8.68 -11.60 -2.81
N LEU A 206 7.49 -11.81 -3.35
CA LEU A 206 6.64 -10.72 -3.80
C LEU A 206 6.23 -9.85 -2.62
N ILE A 207 5.84 -10.47 -1.52
CA ILE A 207 5.38 -9.79 -0.32
C ILE A 207 6.49 -8.92 0.25
N GLU A 208 7.55 -9.58 0.58
CA GLU A 208 8.71 -8.97 1.18
C GLU A 208 9.32 -7.90 0.29
N LEU A 209 9.49 -8.21 -0.98
CA LEU A 209 10.03 -7.24 -1.90
C LEU A 209 9.07 -6.08 -2.13
N ARG A 210 7.78 -6.34 -2.27
CA ARG A 210 6.80 -5.25 -2.49
C ARG A 210 6.81 -4.29 -1.29
N ALA A 211 6.96 -4.86 -0.11
CA ALA A 211 6.99 -4.10 1.11
C ALA A 211 8.22 -3.21 1.15
N GLN A 212 9.37 -3.82 0.90
CA GLN A 212 10.63 -3.12 0.92
C GLN A 212 10.78 -2.15 -0.22
N MET A 213 10.23 -2.50 -1.37
CA MET A 213 10.31 -1.64 -2.54
C MET A 213 9.52 -0.39 -2.29
N MET A 214 8.33 -0.52 -1.73
CA MET A 214 7.54 0.64 -1.31
C MET A 214 8.17 1.37 -0.14
N ALA A 215 8.82 0.66 0.73
CA ALA A 215 9.47 1.29 1.88
C ALA A 215 10.59 2.19 1.38
N LEU A 216 11.22 1.73 0.34
CA LEU A 216 12.23 2.48 -0.33
C LEU A 216 11.58 3.61 -1.14
N LEU A 217 10.57 3.26 -1.94
CA LEU A 217 9.81 4.20 -2.77
C LEU A 217 9.32 5.39 -1.94
N TYR A 218 8.75 5.08 -0.82
CA TYR A 218 8.16 6.05 0.07
C TYR A 218 9.06 6.38 1.26
N GLY A 219 10.37 6.20 1.11
CA GLY A 219 11.32 6.44 2.23
C GLY A 219 11.29 7.88 2.81
N PRO A 220 10.61 8.10 3.96
CA PRO A 220 10.47 9.41 4.58
C PRO A 220 11.67 9.78 5.46
N ILE A 221 11.68 11.00 5.94
CA ILE A 221 12.63 11.38 6.97
C ILE A 221 12.30 10.64 8.28
N GLY A 222 13.30 10.38 9.07
CA GLY A 222 13.12 9.59 10.29
C GLY A 222 12.68 10.40 11.47
N HIS A 223 11.71 11.26 11.29
CA HIS A 223 11.19 12.09 12.35
C HIS A 223 9.68 11.98 12.35
N HIS A 224 9.12 11.95 13.52
CA HIS A 224 7.69 11.91 13.68
C HIS A 224 7.35 12.70 14.93
N VAL A 1 22.98 -11.88 11.26
CA VAL A 1 22.60 -12.49 10.00
C VAL A 1 21.31 -11.84 9.50
N LYS A 2 21.26 -11.51 8.23
CA LYS A 2 20.10 -10.93 7.68
C LYS A 2 19.61 -11.65 6.46
N THR A 3 18.43 -12.17 6.57
CA THR A 3 17.80 -12.89 5.53
C THR A 3 16.33 -12.51 5.58
N LEU A 4 15.49 -13.15 4.76
CA LEU A 4 14.05 -12.82 4.62
C LEU A 4 13.39 -12.69 5.97
N ASP A 5 13.55 -13.71 6.78
CA ASP A 5 12.95 -13.79 8.13
C ASP A 5 13.36 -12.62 9.01
N VAL A 6 14.59 -12.22 8.89
CA VAL A 6 15.15 -11.17 9.73
C VAL A 6 14.67 -9.83 9.24
N LEU A 7 14.65 -9.68 7.95
CA LEU A 7 14.14 -8.48 7.32
C LEU A 7 12.67 -8.34 7.66
N ARG A 8 11.96 -9.46 7.56
CA ARG A 8 10.57 -9.54 7.95
C ARG A 8 10.40 -9.24 9.43
N GLY A 9 11.38 -9.62 10.23
CA GLY A 9 11.34 -9.35 11.65
C GLY A 9 11.41 -7.87 11.91
N GLU A 10 12.31 -7.21 11.22
CA GLU A 10 12.43 -5.75 11.31
C GLU A 10 11.17 -5.07 10.77
N LEU A 11 10.68 -5.56 9.65
CA LEU A 11 9.47 -5.05 9.02
C LEU A 11 8.29 -5.21 9.96
N ARG A 12 8.24 -6.36 10.60
CA ARG A 12 7.22 -6.71 11.56
C ARG A 12 7.27 -5.71 12.72
N GLY A 13 8.48 -5.38 13.15
CA GLY A 13 8.67 -4.40 14.21
C GLY A 13 8.11 -3.05 13.82
N GLN A 14 8.47 -2.60 12.62
CA GLN A 14 7.99 -1.34 12.06
C GLN A 14 6.46 -1.35 11.98
N ARG A 15 5.92 -2.40 11.37
CA ARG A 15 4.48 -2.59 11.20
C ARG A 15 3.72 -2.53 12.54
N GLU A 16 4.30 -3.11 13.59
CA GLU A 16 3.66 -3.10 14.90
C GLU A 16 3.71 -1.71 15.49
N ALA A 17 4.86 -1.08 15.43
CA ALA A 17 5.04 0.26 15.96
C ALA A 17 4.15 1.25 15.21
N PHE A 18 3.96 0.98 13.93
CA PHE A 18 3.13 1.79 13.07
C PHE A 18 1.69 1.67 13.53
N LEU A 19 1.20 0.45 13.57
CA LEU A 19 -0.15 0.12 14.06
C LEU A 19 -0.37 0.69 15.46
N SER A 20 0.65 0.59 16.30
CA SER A 20 0.65 1.13 17.65
C SER A 20 0.43 2.65 17.63
N GLU A 21 1.12 3.34 16.71
CA GLU A 21 1.05 4.77 16.56
C GLU A 21 -0.38 5.13 16.18
N ILE A 22 -0.93 4.31 15.29
CA ILE A 22 -2.25 4.53 14.78
C ILE A 22 -3.33 4.36 15.86
N ILE A 23 -3.31 3.22 16.56
CA ILE A 23 -4.28 2.94 17.62
C ILE A 23 -4.12 3.93 18.80
N LYS A 24 -2.91 4.42 18.98
CA LYS A 24 -2.62 5.41 19.99
C LYS A 24 -3.22 6.76 19.60
N SER A 25 -3.18 7.05 18.33
CA SER A 25 -3.67 8.31 17.83
C SER A 25 -5.19 8.33 17.65
N ASP A 26 -5.76 9.51 17.77
CA ASP A 26 -7.19 9.75 17.54
C ASP A 26 -7.34 11.15 16.96
N GLY A 27 -6.21 11.66 16.52
CA GLY A 27 -6.14 13.00 16.00
C GLY A 27 -5.60 13.03 14.58
N PRO A 28 -4.93 14.12 14.18
CA PRO A 28 -4.44 14.29 12.80
C PRO A 28 -3.23 13.41 12.46
N PHE A 29 -3.19 12.96 11.21
CA PHE A 29 -2.11 12.15 10.68
C PHE A 29 -1.51 12.87 9.50
N THR A 30 -0.35 12.45 9.06
CA THR A 30 0.26 12.98 7.87
C THR A 30 0.02 12.03 6.69
N ILE A 31 0.28 12.47 5.45
CA ILE A 31 -0.02 11.64 4.28
C ILE A 31 0.81 10.35 4.21
N LEU A 32 2.12 10.44 4.41
CA LEU A 32 2.96 9.28 4.30
C LEU A 32 2.69 8.33 5.48
N GLN A 33 2.18 8.91 6.56
CA GLN A 33 1.78 8.17 7.75
C GLN A 33 0.48 7.39 7.44
N LEU A 34 -0.42 8.04 6.75
CA LEU A 34 -1.72 7.47 6.38
C LEU A 34 -1.50 6.36 5.32
N VAL A 35 -0.71 6.68 4.31
CA VAL A 35 -0.38 5.72 3.26
C VAL A 35 0.51 4.60 3.85
N GLY A 36 1.24 4.95 4.89
CA GLY A 36 2.01 4.00 5.62
C GLY A 36 1.09 3.01 6.31
N TYR A 37 -0.03 3.51 6.82
CA TYR A 37 -1.05 2.66 7.41
C TYR A 37 -1.65 1.76 6.36
N LEU A 38 -1.79 2.29 5.16
CA LEU A 38 -2.24 1.48 4.03
C LEU A 38 -1.25 0.31 3.86
N ARG A 39 0.02 0.61 4.01
CA ARG A 39 1.06 -0.39 3.95
C ARG A 39 0.89 -1.39 5.10
N VAL A 40 0.52 -0.86 6.28
CA VAL A 40 0.22 -1.69 7.44
C VAL A 40 -0.91 -2.66 7.12
N VAL A 41 -2.06 -2.15 6.69
CA VAL A 41 -3.21 -3.01 6.43
C VAL A 41 -2.93 -4.07 5.37
N ASP A 42 -2.15 -3.71 4.35
CA ASP A 42 -1.72 -4.71 3.35
C ASP A 42 -0.91 -5.82 4.00
N THR A 43 0.08 -5.46 4.81
CA THR A 43 0.90 -6.48 5.43
C THR A 43 0.13 -7.19 6.60
N ASP A 44 -0.80 -6.49 7.22
CA ASP A 44 -1.64 -7.05 8.27
C ASP A 44 -2.63 -8.04 7.69
N LEU A 45 -2.96 -7.85 6.43
CA LEU A 45 -3.76 -8.81 5.70
C LEU A 45 -2.93 -10.06 5.47
N LEU A 46 -1.75 -9.86 4.91
CA LEU A 46 -0.82 -10.93 4.59
C LEU A 46 -0.45 -11.77 5.82
N LEU A 47 -0.22 -11.12 6.94
CA LEU A 47 0.16 -11.83 8.15
C LEU A 47 -1.04 -12.17 9.03
N LYS A 48 -2.27 -12.05 8.45
CA LYS A 48 -3.55 -12.36 9.14
C LYS A 48 -3.59 -11.87 10.57
N VAL A 49 -3.45 -10.59 10.72
CA VAL A 49 -3.39 -9.97 12.01
C VAL A 49 -4.80 -9.75 12.58
N ASP A 50 -4.86 -9.62 13.91
CA ASP A 50 -6.05 -9.36 14.71
C ASP A 50 -6.99 -8.36 14.05
N SER A 51 -8.14 -8.86 13.71
CA SER A 51 -9.18 -8.15 13.01
C SER A 51 -9.61 -6.90 13.75
N THR A 52 -9.80 -7.00 15.04
CA THR A 52 -10.27 -5.88 15.78
C THR A 52 -9.16 -4.85 16.00
N LYS A 53 -7.92 -5.28 16.04
CA LYS A 53 -6.81 -4.34 16.22
C LYS A 53 -6.67 -3.47 14.98
N VAL A 54 -6.69 -4.11 13.83
CA VAL A 54 -6.59 -3.40 12.57
C VAL A 54 -7.86 -2.56 12.36
N ASP A 55 -8.97 -3.08 12.85
CA ASP A 55 -10.26 -2.39 12.79
C ASP A 55 -10.24 -1.12 13.58
N GLU A 56 -9.86 -1.22 14.85
CA GLU A 56 -9.83 -0.09 15.76
C GLU A 56 -8.86 0.97 15.31
N ALA A 57 -7.68 0.56 14.90
CA ALA A 57 -6.70 1.52 14.42
C ALA A 57 -7.22 2.23 13.16
N GLY A 58 -7.83 1.46 12.26
CA GLY A 58 -8.39 2.03 11.07
C GLY A 58 -9.63 2.87 11.37
N LYS A 59 -10.29 2.53 12.45
CA LYS A 59 -11.44 3.26 12.92
C LYS A 59 -11.00 4.63 13.42
N LYS A 60 -9.82 4.69 14.03
CA LYS A 60 -9.20 5.96 14.46
C LYS A 60 -8.83 6.77 13.22
N VAL A 61 -8.34 6.08 12.22
CA VAL A 61 -8.02 6.67 10.93
C VAL A 61 -9.26 7.30 10.31
N LYS A 62 -10.32 6.51 10.22
CA LYS A 62 -11.53 7.01 9.62
C LYS A 62 -12.18 8.05 10.52
N ALA A 63 -11.94 7.96 11.82
CA ALA A 63 -12.42 8.94 12.79
C ALA A 63 -11.90 10.31 12.39
N TYR A 64 -10.59 10.40 12.24
CA TYR A 64 -9.94 11.61 11.78
C TYR A 64 -10.48 12.05 10.41
N LEU A 65 -10.50 11.11 9.52
CA LEU A 65 -10.96 11.31 8.19
C LEU A 65 -12.41 11.85 8.14
N GLU A 66 -13.32 11.26 8.89
CA GLU A 66 -14.70 11.74 8.93
C GLU A 66 -14.79 13.03 9.73
N LYS A 67 -13.79 13.27 10.58
CA LYS A 67 -13.70 14.53 11.32
C LYS A 67 -13.48 15.68 10.35
N ILE A 68 -12.63 15.48 9.35
CA ILE A 68 -12.48 16.51 8.33
C ILE A 68 -13.69 16.48 7.41
N GLY A 69 -14.27 15.30 7.30
CA GLY A 69 -15.52 15.12 6.61
C GLY A 69 -15.39 14.23 5.43
N ILE A 70 -14.53 13.28 5.53
CA ILE A 70 -14.37 12.32 4.51
C ILE A 70 -14.82 10.97 5.00
N ARG A 71 -15.94 10.57 4.48
CA ARG A 71 -16.59 9.34 4.84
C ARG A 71 -16.07 8.20 4.00
N GLY A 72 -16.29 6.98 4.45
CA GLY A 72 -15.83 5.83 3.74
C GLY A 72 -16.43 4.57 4.30
N ASP A 73 -16.71 3.62 3.43
CA ASP A 73 -17.33 2.32 3.80
C ASP A 73 -16.55 1.65 4.92
N SER A 74 -15.39 1.17 4.56
CA SER A 74 -14.53 0.51 5.47
C SER A 74 -13.16 1.18 5.36
N VAL A 75 -12.17 0.68 6.03
CA VAL A 75 -10.85 1.32 6.08
C VAL A 75 -10.10 1.30 4.74
N GLU A 76 -10.17 0.20 4.01
CA GLU A 76 -9.46 0.14 2.74
C GLU A 76 -10.22 0.94 1.71
N ALA A 77 -11.54 1.05 1.90
CA ALA A 77 -12.38 1.86 1.04
C ALA A 77 -12.09 3.31 1.28
N ALA A 78 -11.79 3.63 2.52
CA ALA A 78 -11.42 4.97 2.90
C ALA A 78 -10.13 5.34 2.19
N LEU A 79 -9.16 4.44 2.24
CA LEU A 79 -7.89 4.62 1.53
C LEU A 79 -8.10 4.72 0.04
N ASP A 80 -8.90 3.81 -0.48
CA ASP A 80 -9.30 3.79 -1.90
C ASP A 80 -9.88 5.11 -2.32
N ASN A 81 -10.77 5.58 -1.48
CA ASN A 81 -11.45 6.87 -1.62
C ASN A 81 -10.43 7.98 -1.71
N LEU A 82 -9.53 7.98 -0.76
CA LEU A 82 -8.45 8.97 -0.69
C LEU A 82 -7.58 8.92 -1.94
N MET A 83 -7.15 7.72 -2.28
CA MET A 83 -6.28 7.51 -3.45
C MET A 83 -6.94 8.02 -4.70
N ILE A 84 -8.17 7.62 -4.95
CA ILE A 84 -8.89 8.04 -6.11
C ILE A 84 -9.07 9.55 -6.10
N LYS A 85 -9.44 10.11 -4.95
CA LYS A 85 -9.62 11.56 -4.82
C LYS A 85 -8.33 12.33 -5.10
N VAL A 86 -7.22 11.81 -4.65
CA VAL A 86 -5.94 12.45 -4.87
C VAL A 86 -5.55 12.40 -6.34
N TYR A 87 -5.47 11.21 -6.90
CA TYR A 87 -4.99 11.05 -8.25
C TYR A 87 -5.97 11.59 -9.27
N GLU A 88 -7.23 11.71 -8.86
CA GLU A 88 -8.24 12.39 -9.66
C GLU A 88 -7.78 13.81 -9.93
N ILE A 89 -7.22 14.44 -8.90
CA ILE A 89 -6.73 15.80 -8.98
C ILE A 89 -5.45 15.82 -9.79
N THR A 90 -4.57 14.91 -9.44
CA THR A 90 -3.28 14.76 -10.07
C THR A 90 -3.40 14.58 -11.61
N LYS A 91 -4.36 13.78 -12.05
CA LYS A 91 -4.53 13.55 -13.48
C LYS A 91 -5.61 14.48 -14.06
N GLY A 92 -6.36 15.14 -13.18
CA GLY A 92 -7.34 16.13 -13.58
C GLY A 92 -8.45 15.56 -14.41
N THR A 93 -8.93 14.42 -14.01
CA THR A 93 -9.98 13.71 -14.72
C THR A 93 -10.74 12.81 -13.74
N VAL A 94 -12.05 12.95 -13.74
CA VAL A 94 -12.87 12.25 -12.78
C VAL A 94 -13.18 10.81 -13.17
N GLU A 95 -13.33 10.02 -12.14
CA GLU A 95 -13.77 8.63 -12.13
C GLU A 95 -13.81 8.31 -10.66
N SER A 96 -14.58 9.12 -10.01
CA SER A 96 -14.66 9.23 -8.60
C SER A 96 -15.19 7.97 -7.92
N SER A 97 -14.45 7.52 -6.99
CA SER A 97 -14.85 6.48 -6.09
C SER A 97 -14.94 7.14 -4.70
N ALA A 98 -15.30 8.42 -4.75
CA ALA A 98 -15.36 9.29 -3.61
C ALA A 98 -16.57 9.01 -2.75
N GLN A 99 -16.31 8.66 -1.53
CA GLN A 99 -17.34 8.35 -0.56
C GLN A 99 -17.43 9.46 0.48
N GLY A 100 -16.70 10.52 0.23
CA GLY A 100 -16.68 11.63 1.14
C GLY A 100 -17.15 12.88 0.45
N THR A 101 -17.18 13.96 1.16
CA THR A 101 -17.60 15.20 0.58
C THR A 101 -16.39 16.14 0.49
N ASP A 102 -15.74 16.13 -0.64
CA ASP A 102 -14.55 16.93 -0.81
C ASP A 102 -14.86 18.36 -1.13
N SER A 103 -15.03 19.12 -0.09
CA SER A 103 -15.21 20.53 -0.16
C SER A 103 -13.82 21.18 -0.28
N GLU A 104 -13.79 22.50 -0.30
CA GLU A 104 -12.55 23.26 -0.49
C GLU A 104 -11.49 22.88 0.53
N GLU A 105 -11.84 22.91 1.79
CA GLU A 105 -10.93 22.57 2.85
C GLU A 105 -10.50 21.11 2.78
N LEU A 106 -11.34 20.28 2.17
CA LEU A 106 -11.03 18.87 2.04
C LEU A 106 -10.02 18.70 0.95
N LYS A 107 -10.25 19.42 -0.14
CA LYS A 107 -9.34 19.41 -1.23
C LYS A 107 -8.01 19.96 -0.78
N THR A 108 -8.02 21.06 -0.03
CA THR A 108 -6.81 21.66 0.48
C THR A 108 -5.99 20.64 1.32
N LEU A 109 -6.68 19.86 2.14
CA LEU A 109 -6.00 18.89 2.95
C LEU A 109 -5.45 17.76 2.07
N LEU A 110 -6.25 17.31 1.11
CA LEU A 110 -5.85 16.21 0.23
C LEU A 110 -4.73 16.66 -0.69
N LEU A 111 -4.76 17.90 -1.05
CA LEU A 111 -3.74 18.50 -1.89
C LEU A 111 -2.44 18.66 -1.18
N LYS A 112 -2.49 19.07 0.08
CA LYS A 112 -1.30 19.13 0.89
C LYS A 112 -0.72 17.76 0.95
N PHE A 113 -1.56 16.81 1.23
CA PHE A 113 -1.15 15.43 1.34
C PHE A 113 -0.53 14.94 0.06
N SER A 114 -1.18 15.24 -1.02
CA SER A 114 -0.72 14.87 -2.32
C SER A 114 0.67 15.46 -2.60
N GLU A 115 0.78 16.77 -2.49
CA GLU A 115 2.00 17.47 -2.82
C GLU A 115 3.09 17.22 -1.79
N ASP A 116 2.68 16.97 -0.56
CA ASP A 116 3.60 16.69 0.53
C ASP A 116 4.25 15.36 0.31
N LEU A 117 3.42 14.34 0.03
CA LEU A 117 3.89 13.00 -0.25
C LEU A 117 4.83 13.07 -1.42
N LYS A 118 4.37 13.72 -2.47
CA LYS A 118 5.13 13.88 -3.72
C LYS A 118 6.52 14.48 -3.45
N ALA A 119 6.58 15.50 -2.60
CA ALA A 119 7.85 16.16 -2.29
C ALA A 119 8.76 15.26 -1.49
N GLU A 120 8.22 14.68 -0.43
CA GLU A 120 8.98 13.76 0.40
C GLU A 120 9.45 12.59 -0.44
N GLN A 121 8.63 12.18 -1.36
CA GLN A 121 8.87 10.98 -2.10
C GLN A 121 9.92 11.19 -3.18
N GLU A 122 9.94 12.36 -3.80
CA GLU A 122 10.98 12.62 -4.77
C GLU A 122 12.30 12.85 -4.03
N LEU A 123 12.19 13.43 -2.83
CA LEU A 123 13.34 13.65 -1.97
C LEU A 123 13.93 12.28 -1.59
N HIS A 124 13.03 11.33 -1.32
CA HIS A 124 13.42 9.94 -1.05
C HIS A 124 14.07 9.35 -2.27
N SER A 125 13.47 9.58 -3.44
CA SER A 125 13.98 9.09 -4.72
C SER A 125 15.43 9.44 -4.89
N GLU A 126 15.76 10.68 -4.58
CA GLU A 126 17.13 11.14 -4.70
C GLU A 126 18.07 10.28 -3.83
N ALA A 127 17.81 10.27 -2.54
CA ALA A 127 18.67 9.57 -1.57
C ALA A 127 18.64 8.04 -1.74
N LYS A 128 17.58 7.54 -2.33
CA LYS A 128 17.44 6.11 -2.56
C LYS A 128 18.00 5.67 -3.90
N GLY A 129 18.43 6.61 -4.71
CA GLY A 129 18.93 6.27 -6.04
C GLY A 129 17.79 5.76 -6.89
N GLY A 130 16.81 6.64 -7.03
CA GLY A 130 15.54 6.37 -7.68
C GLY A 130 15.59 5.60 -8.96
N GLU A 131 16.42 6.02 -9.91
CA GLU A 131 16.47 5.35 -11.23
C GLU A 131 16.77 3.85 -11.10
N ALA A 132 17.76 3.53 -10.29
CA ALA A 132 18.22 2.17 -10.12
C ALA A 132 17.21 1.39 -9.33
N LEU A 133 16.71 2.01 -8.27
CA LEU A 133 15.78 1.35 -7.39
C LEU A 133 14.45 1.10 -8.10
N LEU A 134 13.99 2.08 -8.86
CA LEU A 134 12.75 1.98 -9.63
C LEU A 134 12.86 0.90 -10.71
N SER A 135 14.01 0.84 -11.35
CA SER A 135 14.23 -0.16 -12.36
C SER A 135 14.29 -1.56 -11.75
N SER A 136 14.96 -1.70 -10.59
CA SER A 136 15.02 -2.97 -9.91
C SER A 136 13.61 -3.34 -9.41
N MET A 137 12.92 -2.36 -8.87
CA MET A 137 11.55 -2.46 -8.38
C MET A 137 10.67 -3.15 -9.42
N LYS A 138 10.57 -2.53 -10.58
CA LYS A 138 9.75 -3.03 -11.63
C LYS A 138 10.28 -4.34 -12.19
N THR A 139 11.58 -4.48 -12.32
CA THR A 139 12.15 -5.67 -12.91
C THR A 139 11.92 -6.91 -12.05
N GLN A 140 12.26 -6.82 -10.79
CA GLN A 140 12.11 -7.93 -9.88
C GLN A 140 10.64 -8.26 -9.64
N HIS A 141 9.79 -7.24 -9.56
CA HIS A 141 8.37 -7.47 -9.40
C HIS A 141 7.81 -8.11 -10.67
N ASP A 142 8.31 -7.65 -11.82
CA ASP A 142 7.86 -8.19 -13.10
C ASP A 142 8.26 -9.63 -13.23
N GLU A 143 9.48 -9.92 -12.81
CA GLU A 143 10.05 -11.25 -12.77
C GLU A 143 9.15 -12.19 -11.98
N LEU A 144 8.77 -11.73 -10.81
CA LEU A 144 7.86 -12.45 -9.97
C LEU A 144 6.55 -12.75 -10.70
N LEU A 145 5.86 -11.71 -11.17
CA LEU A 145 4.56 -11.89 -11.85
C LEU A 145 4.71 -12.77 -13.09
N LYS A 146 5.84 -12.66 -13.74
CA LYS A 146 6.22 -13.49 -14.86
C LYS A 146 6.16 -14.95 -14.45
N LYS A 147 6.78 -15.26 -13.33
CA LYS A 147 6.77 -16.60 -12.78
C LYS A 147 5.37 -17.06 -12.38
N PHE A 148 4.56 -16.15 -11.88
CA PHE A 148 3.16 -16.45 -11.51
C PHE A 148 2.33 -16.79 -12.75
N ALA A 149 2.65 -16.14 -13.85
CA ALA A 149 1.94 -16.38 -15.10
C ALA A 149 2.55 -17.54 -15.85
N ALA A 150 3.78 -17.84 -15.53
CA ALA A 150 4.49 -18.92 -16.15
C ALA A 150 4.20 -20.21 -15.43
N LEU A 151 3.80 -20.10 -14.20
CA LEU A 151 3.45 -21.23 -13.41
C LEU A 151 1.96 -21.44 -13.45
N THR A 152 1.56 -22.65 -13.53
CA THR A 152 0.19 -23.00 -13.51
C THR A 152 -0.14 -23.67 -12.17
N PRO A 153 -1.35 -23.48 -11.66
CA PRO A 153 -2.35 -22.64 -12.29
C PRO A 153 -2.15 -21.17 -11.93
N THR A 154 -2.21 -20.32 -12.93
CA THR A 154 -2.05 -18.92 -12.72
C THR A 154 -3.33 -18.36 -12.09
N PHE A 155 -3.27 -18.06 -10.82
CA PHE A 155 -4.42 -17.54 -10.11
C PHE A 155 -4.53 -16.03 -10.23
N LEU A 156 -3.56 -15.43 -10.87
CA LEU A 156 -3.59 -14.02 -11.04
C LEU A 156 -4.13 -13.70 -12.41
N THR A 157 -4.36 -12.47 -12.62
CA THR A 157 -4.90 -12.00 -13.87
C THR A 157 -3.82 -11.18 -14.60
N SER A 158 -3.83 -11.23 -15.93
CA SER A 158 -2.78 -10.68 -16.77
C SER A 158 -2.63 -9.13 -16.67
N GLU A 159 -1.56 -8.65 -17.32
CA GLU A 159 -1.15 -7.22 -17.38
C GLU A 159 -2.25 -6.33 -17.92
N ASP A 160 -3.21 -6.93 -18.60
CA ASP A 160 -4.37 -6.24 -19.14
C ASP A 160 -5.06 -5.50 -18.01
N ILE A 161 -5.22 -6.17 -16.88
CA ILE A 161 -5.88 -5.58 -15.75
C ILE A 161 -4.82 -5.09 -14.75
N SER A 162 -3.75 -5.87 -14.65
CA SER A 162 -2.62 -5.56 -13.79
C SER A 162 -1.66 -4.60 -14.52
N GLY A 163 -2.24 -3.60 -15.17
CA GLY A 163 -1.46 -2.63 -15.92
C GLY A 163 -1.11 -1.45 -15.06
N TYR A 164 -1.43 -1.58 -13.80
CA TYR A 164 -1.14 -0.61 -12.82
C TYR A 164 0.19 -0.93 -12.19
N LEU A 165 0.80 0.04 -11.61
CA LEU A 165 2.06 -0.13 -10.97
C LEU A 165 1.84 -0.59 -9.56
N THR A 166 2.10 -1.85 -9.35
CA THR A 166 1.90 -2.55 -8.11
C THR A 166 2.71 -1.92 -7.00
N VAL A 167 3.91 -1.68 -7.34
CA VAL A 167 4.78 -0.90 -6.58
C VAL A 167 5.13 0.26 -7.49
N PRO A 168 4.57 1.43 -7.21
CA PRO A 168 4.60 2.54 -8.11
C PRO A 168 5.81 3.42 -7.98
N GLU A 169 5.87 4.33 -8.90
CA GLU A 169 6.88 5.31 -8.99
C GLU A 169 6.59 6.37 -7.94
N TYR A 170 7.60 7.10 -7.58
CA TYR A 170 7.58 8.15 -6.55
C TYR A 170 6.49 9.23 -6.78
N GLY A 171 5.88 9.25 -7.97
CA GLY A 171 4.81 10.15 -8.23
C GLY A 171 3.76 9.52 -9.15
N ALA A 172 3.55 8.23 -9.00
CA ALA A 172 2.61 7.51 -9.87
C ALA A 172 1.41 7.02 -9.10
N PRO A 173 0.24 6.81 -9.78
CA PRO A 173 -0.97 6.31 -9.13
C PRO A 173 -0.92 4.79 -8.91
N MET A 174 -1.87 4.30 -8.13
CA MET A 174 -2.01 2.89 -7.84
C MET A 174 -3.48 2.60 -7.61
N ASN A 175 -3.97 1.48 -8.10
CA ASN A 175 -5.38 1.16 -7.99
C ASN A 175 -5.62 0.20 -6.84
N ALA A 176 -6.03 0.75 -5.72
CA ALA A 176 -6.18 0.02 -4.48
C ALA A 176 -7.30 -1.02 -4.54
N ALA A 177 -8.34 -0.75 -5.30
CA ALA A 177 -9.48 -1.66 -5.40
C ALA A 177 -9.08 -2.97 -6.10
N LYS A 178 -8.45 -2.82 -7.26
CA LYS A 178 -8.04 -3.97 -8.05
C LYS A 178 -6.94 -4.71 -7.30
N TRP A 179 -6.09 -3.93 -6.66
CA TRP A 179 -5.06 -4.47 -5.80
C TRP A 179 -5.66 -5.31 -4.67
N ALA A 180 -6.66 -4.76 -3.98
CA ALA A 180 -7.35 -5.47 -2.89
C ALA A 180 -7.91 -6.80 -3.38
N LYS A 181 -8.39 -6.80 -4.61
CA LYS A 181 -8.88 -8.02 -5.22
C LYS A 181 -7.74 -9.06 -5.37
N VAL A 182 -6.67 -8.68 -6.05
CA VAL A 182 -5.57 -9.62 -6.30
C VAL A 182 -4.81 -10.01 -5.04
N GLU A 183 -4.58 -9.05 -4.17
CA GLU A 183 -3.93 -9.30 -2.89
C GLU A 183 -4.84 -10.18 -2.03
N GLY A 184 -6.15 -9.97 -2.19
CA GLY A 184 -7.13 -10.80 -1.52
C GLY A 184 -7.05 -12.23 -2.00
N MET A 185 -6.79 -12.42 -3.29
CA MET A 185 -6.59 -13.76 -3.84
C MET A 185 -5.31 -14.39 -3.28
N ILE A 186 -4.27 -13.57 -3.17
CA ILE A 186 -3.01 -14.02 -2.58
C ILE A 186 -3.20 -14.40 -1.11
N HIS A 187 -3.90 -13.58 -0.37
CA HIS A 187 -4.26 -13.87 1.02
C HIS A 187 -5.06 -15.17 1.07
N GLY A 188 -5.95 -15.32 0.10
CA GLY A 188 -6.78 -16.51 -0.05
C GLY A 188 -5.96 -17.75 -0.25
N LYS A 189 -4.90 -17.60 -1.00
CA LYS A 189 -3.97 -18.66 -1.26
C LYS A 189 -3.07 -18.92 -0.08
N LEU A 190 -2.72 -17.85 0.58
CA LEU A 190 -1.84 -17.89 1.72
C LEU A 190 -2.54 -18.54 2.92
N GLU A 191 -3.86 -18.52 2.91
CA GLU A 191 -4.65 -19.17 3.95
C GLU A 191 -5.21 -20.51 3.46
N SER A 192 -4.79 -20.93 2.28
CA SER A 192 -5.38 -22.07 1.63
C SER A 192 -4.80 -23.40 2.14
N SER A 193 -5.57 -24.46 1.94
CA SER A 193 -5.22 -25.80 2.32
C SER A 193 -4.53 -26.53 1.16
N GLU A 194 -4.12 -25.75 0.18
CA GLU A 194 -3.38 -26.26 -0.96
C GLU A 194 -1.95 -26.55 -0.54
N VAL A 195 -1.33 -27.51 -1.18
CA VAL A 195 -0.03 -27.97 -0.80
C VAL A 195 1.05 -27.04 -1.39
N PRO A 196 1.90 -26.46 -0.52
CA PRO A 196 3.00 -25.58 -0.93
C PRO A 196 3.97 -26.23 -1.92
N ALA A 197 4.63 -25.37 -2.67
CA ALA A 197 5.60 -25.72 -3.70
C ALA A 197 6.06 -24.42 -4.32
N ASN A 198 6.35 -24.45 -5.63
CA ASN A 198 6.81 -23.27 -6.38
C ASN A 198 5.93 -22.06 -6.13
N LEU A 199 4.61 -22.23 -6.19
CA LEU A 199 3.70 -21.11 -5.96
C LEU A 199 3.87 -20.48 -4.58
N LYS A 200 4.14 -21.30 -3.56
CA LYS A 200 4.35 -20.79 -2.20
C LYS A 200 5.59 -19.96 -2.21
N ALA A 201 6.65 -20.52 -2.76
CA ALA A 201 7.94 -19.85 -2.86
C ALA A 201 7.82 -18.52 -3.59
N LEU A 202 7.08 -18.51 -4.70
CA LEU A 202 6.89 -17.32 -5.49
C LEU A 202 6.11 -16.29 -4.71
N VAL A 203 5.06 -16.74 -4.06
CA VAL A 203 4.24 -15.88 -3.21
C VAL A 203 5.10 -15.26 -2.14
N ALA A 204 5.84 -16.07 -1.42
CA ALA A 204 6.70 -15.61 -0.35
C ALA A 204 7.76 -14.63 -0.86
N GLU A 205 8.31 -14.89 -2.07
CA GLU A 205 9.29 -13.97 -2.64
C GLU A 205 8.63 -12.65 -2.94
N LEU A 206 7.42 -12.71 -3.48
CA LEU A 206 6.67 -11.51 -3.86
C LEU A 206 6.32 -10.71 -2.59
N ILE A 207 5.88 -11.42 -1.57
CA ILE A 207 5.51 -10.85 -0.29
C ILE A 207 6.68 -10.11 0.32
N GLU A 208 7.76 -10.80 0.37
CA GLU A 208 8.98 -10.31 0.96
C GLU A 208 9.55 -9.16 0.13
N LEU A 209 9.57 -9.33 -1.19
CA LEU A 209 10.08 -8.33 -2.12
C LEU A 209 9.25 -7.06 -2.00
N ARG A 210 7.92 -7.18 -2.07
CA ARG A 210 7.09 -5.99 -1.98
C ARG A 210 7.25 -5.30 -0.66
N ALA A 211 7.33 -6.05 0.42
CA ALA A 211 7.44 -5.46 1.74
C ALA A 211 8.71 -4.64 1.86
N GLN A 212 9.81 -5.22 1.45
CA GLN A 212 11.10 -4.54 1.46
C GLN A 212 11.12 -3.38 0.50
N MET A 213 10.45 -3.56 -0.60
CA MET A 213 10.48 -2.59 -1.68
C MET A 213 9.77 -1.35 -1.21
N MET A 214 8.63 -1.56 -0.59
CA MET A 214 7.86 -0.49 -0.03
C MET A 214 8.58 0.07 1.20
N ALA A 215 9.24 -0.78 1.98
CA ALA A 215 9.99 -0.35 3.18
C ALA A 215 11.04 0.68 2.80
N LEU A 216 11.68 0.41 1.69
CA LEU A 216 12.65 1.31 1.13
C LEU A 216 11.96 2.50 0.45
N LEU A 217 10.81 2.24 -0.17
CA LEU A 217 10.02 3.25 -0.87
C LEU A 217 9.48 4.31 0.10
N TYR A 218 9.11 3.86 1.28
CA TYR A 218 8.63 4.75 2.35
C TYR A 218 9.80 5.14 3.25
N GLY A 219 11.02 4.74 2.86
CA GLY A 219 12.19 4.97 3.67
C GLY A 219 12.57 6.43 3.74
N PRO A 220 12.39 7.11 4.90
CA PRO A 220 12.65 8.54 5.04
C PRO A 220 14.08 8.88 4.74
N ILE A 221 14.26 9.78 3.75
CA ILE A 221 15.53 10.25 3.22
C ILE A 221 16.66 9.19 3.19
N GLY A 222 17.47 9.10 4.24
CA GLY A 222 18.50 8.12 4.28
C GLY A 222 18.01 6.89 5.00
N HIS A 223 17.93 7.00 6.31
CA HIS A 223 17.45 5.94 7.17
C HIS A 223 16.63 6.58 8.26
N HIS A 224 15.74 5.83 8.86
CA HIS A 224 14.96 6.37 9.94
C HIS A 224 15.69 6.09 11.25
#